data_9KHI
#
_entry.id   9KHI
#
_cell.length_a   1.00
_cell.length_b   1.00
_cell.length_c   1.00
_cell.angle_alpha   90.00
_cell.angle_beta   90.00
_cell.angle_gamma   90.00
#
_symmetry.space_group_name_H-M   'P 1'
#
loop_
_entity.id
_entity.type
_entity.pdbx_description
1 polymer 'Short transient receptor potential channel 1'
2 polymer 'Short transient receptor potential channel 5'
3 non-polymer 'CALCIUM ION'
4 non-polymer '(2S)-2-(hexadecanoyloxy)-3-hydroxypropyl (9Z)-octadec-9-enoate'
5 non-polymer 'CHOLESTEROL HEMISUCCINATE'
6 non-polymer 'ZINC ION'
#
loop_
_entity_poly.entity_id
_entity_poly.type
_entity_poly.pdbx_seq_one_letter_code
_entity_poly.pdbx_strand_id
1 'polypeptide(L)'
;GPVDMMAALYPSTDLSGASSSSLPSSPSSSSPNEVMALKDVREVKEENTLNEKLFLLACDKGDYYMVKKILEENSSGDLN
INCVDVLGRNAVTITIENENLDILQLLLDYGCQSADALLVAIDSEVVGAVDILLNHRPKRSSRPTIVKLMERIQNPEYST
TMDVAPVILAAHRNNYEILTMLLKQDVSLPKPHAVGCECTLCSAKNKKDSLRHSRFRLDIYRCLASPALIMLTEEDPILR
AFELSADLKELSLVEVEFRNDYEELARQCKMFAKDLLAQARNSRELEVILNHTSSDEPLDKRGLLEERMNLSRLKLAIKY
NQKEFVSQSNCQQFLNTVWFGQMSGYRRKPTCKKIMTVLTVGIFWPVLSLCYLIAPKSQFGRIIHTPFMKFIIHGASYFT
FLLLLNLYSLVYNEDKKNTMGPALERIDYLLILWIIGMIWSDIKRLWYEGLEDFLEESRNQLSFVMNSLYLATFALKVVA
HNKFHDFADRKDWDAFHPTLVAEGLFAFANVLSYLRLFFMYTTSSILGPLQISMGQMLQDFGKFLGMFLLVLFSFTIGLT
QLYDKGYTSKEQKDCVGIFCEQQSNDTFHSFIGTCFALFWYIFSLAHVAIFVTRFSYGEELQSFVGAVIVGTYNVVVVIV
LTKLLVAMLHKSFQLIANHEDKEWKFARAKLWLSYFDDKCTLPPPFNIIPSPKTICYMISSLSKWICSHTSKGKVKRQNS
LKEWRNLKQKRDENYQKVMCCLVHRYLTSMRQKMQSTDQATVENLNELRQDLSKFRNEIRDLLGFRTSKYAMFYPRN
;
A
2 'polypeptide(L)'
;MAQLYYKKVNYSPYRDRIPLQIVRAETELSAEEKAFLNAVEKGDYATVKQALQEAEIYYNVNINCMDPLGRSALLIAIEN
ENLEIMELLLNHSVYVGDALLYAIRKEVVGAVELLLSYRRPSGEKQVPTLMMDTQFSEFTPDITPIMLAAHTNNYEIIKL
LVQKRVTIPRPHQIRCNCVECVSSSEVDSLRHSRSRLNIYKALASPSLIALSSEDPILTAFRLGWELKELSKVENEFKAE
YEELSQQCKLFAKDLLDQARSSRELEIILNHRDDHSEELDPQKYHDLAKLKVAIKYHQKEFVAQPNCQQLLATLWYDGFP
GWRRKHWVVKLLTCMTIGFLFPMLSIAYLISPRSNLGLFIKKPFIKFICHTASYLTFLFMLLLASQHIVRTDLHVQGPPP
TVVEWMILPWVLGFIWGEIKEMWDGGFTEYIHDWWNLMDFAMNSLYLATISLKIVAYVKYNGSRPREEWEMWHPTLIAEA
LFAISNILSSLRLISLFTANSHLGPLQISLGRMLLDILKFLFIYCLVLLAFANGLNQLYFYYETRAIDEPNNCKGIRCEK
QNNAFSTLFETLQSLFWSVFGLLNLYVTNVKARHEFTEFVGATMFGTYNVISLVVLLNMLIAMMNNSYQLIADHADIEWK
FARTKLWMSYFDEGGTLPPPFNIIPSPKSFLYLGNWFNNTFCPKRDPDGRRRRRNLRSFTERNADSLIQNQHYQEVIRNL
VKRYVAAMIRNSKTHEGLTEENFKELKQDISSFRYEVLDLLGNRKSRLEVLFQ
;
D,C,B
#
# COMPACT_ATOMS: atom_id res chain seq x y z
N VAL A 35 -28.69 -5.04 -39.99
CA VAL A 35 -27.32 -5.11 -40.51
C VAL A 35 -26.92 -3.73 -41.02
N MET A 36 -25.65 -3.38 -40.87
CA MET A 36 -25.13 -2.09 -41.30
C MET A 36 -23.93 -2.31 -42.22
N ALA A 37 -23.94 -1.64 -43.37
CA ALA A 37 -22.90 -1.81 -44.39
C ALA A 37 -21.80 -0.77 -44.17
N LEU A 38 -20.58 -1.25 -43.92
CA LEU A 38 -19.46 -0.33 -43.71
C LEU A 38 -19.14 0.42 -44.99
N LYS A 39 -18.73 1.68 -44.84
CA LYS A 39 -18.43 2.55 -45.96
C LYS A 39 -17.45 3.62 -45.51
N ASP A 40 -16.54 3.99 -46.41
CA ASP A 40 -15.53 5.00 -46.11
C ASP A 40 -16.15 6.38 -46.31
N VAL A 41 -16.43 7.07 -45.20
CA VAL A 41 -17.03 8.39 -45.25
C VAL A 41 -15.95 9.46 -45.21
N LEU A 50 0.26 7.24 -63.19
CA LEU A 50 0.95 5.95 -63.12
C LEU A 50 2.45 6.16 -62.87
N ASN A 51 3.03 7.14 -63.56
CA ASN A 51 4.43 7.47 -63.33
C ASN A 51 4.65 7.98 -61.91
N GLU A 52 3.68 8.71 -61.37
CA GLU A 52 3.78 9.19 -59.99
C GLU A 52 3.81 8.02 -59.00
N LYS A 53 2.94 7.03 -59.21
CA LYS A 53 2.95 5.85 -58.35
C LYS A 53 4.25 5.07 -58.50
N LEU A 54 4.76 4.95 -59.73
CA LEU A 54 6.06 4.33 -59.94
C LEU A 54 7.15 5.13 -59.25
N PHE A 55 7.03 6.47 -59.24
CA PHE A 55 8.01 7.31 -58.57
C PHE A 55 7.92 7.18 -57.06
N LEU A 56 6.69 7.12 -56.52
CA LEU A 56 6.52 7.00 -55.08
C LEU A 56 7.01 5.65 -54.57
N LEU A 57 6.66 4.58 -55.26
CA LEU A 57 7.08 3.24 -54.83
C LEU A 57 8.59 3.08 -54.94
N ALA A 58 9.21 3.75 -55.91
CA ALA A 58 10.66 3.66 -56.07
C ALA A 58 11.39 4.35 -54.93
N CYS A 59 10.95 5.56 -54.57
CA CYS A 59 11.63 6.29 -53.50
C CYS A 59 11.45 5.63 -52.14
N ASP A 60 10.50 4.72 -52.02
CA ASP A 60 10.20 4.12 -50.71
C ASP A 60 11.34 3.21 -50.23
N LYS A 61 11.82 2.32 -51.10
CA LYS A 61 12.71 1.23 -50.68
C LYS A 61 14.01 1.24 -51.47
N GLY A 62 14.97 2.06 -51.02
CA GLY A 62 16.34 2.04 -51.50
C GLY A 62 16.55 1.86 -52.98
N ASP A 63 15.92 2.72 -53.79
CA ASP A 63 16.01 2.67 -55.25
C ASP A 63 16.59 4.00 -55.72
N TYR A 64 17.79 3.96 -56.28
CA TYR A 64 18.47 5.21 -56.63
C TYR A 64 18.64 5.37 -58.15
N TYR A 65 19.20 4.35 -58.81
CA TYR A 65 19.48 4.47 -60.25
C TYR A 65 18.21 4.56 -61.07
N MET A 66 17.21 3.75 -60.76
CA MET A 66 15.99 3.77 -61.57
C MET A 66 15.06 4.91 -61.16
N VAL A 67 15.34 5.56 -60.03
CA VAL A 67 14.77 6.89 -59.80
C VAL A 67 15.46 7.91 -60.71
N LYS A 68 16.79 7.81 -60.84
CA LYS A 68 17.50 8.58 -61.85
C LYS A 68 16.93 8.29 -63.23
N LYS A 69 16.51 7.04 -63.47
CA LYS A 69 15.81 6.72 -64.71
C LYS A 69 14.45 7.41 -64.79
N ILE A 70 13.70 7.41 -63.68
CA ILE A 70 12.40 8.09 -63.67
C ILE A 70 12.60 9.59 -63.91
N LEU A 71 13.66 10.16 -63.34
CA LEU A 71 13.98 11.56 -63.63
C LEU A 71 14.28 11.75 -65.11
N GLU A 72 14.98 10.79 -65.72
CA GLU A 72 15.22 10.84 -67.16
C GLU A 72 13.91 10.75 -67.94
N GLU A 73 13.00 9.86 -67.52
CA GLU A 73 11.71 9.75 -68.19
C GLU A 73 10.91 11.03 -68.08
N ASN A 74 10.88 11.64 -66.90
CA ASN A 74 10.13 12.88 -66.71
C ASN A 74 10.75 14.03 -67.49
N SER A 75 12.06 13.97 -67.75
CA SER A 75 12.70 15.01 -68.55
C SER A 75 12.17 15.00 -69.99
N SER A 76 11.96 13.81 -70.55
CA SER A 76 11.44 13.69 -71.90
C SER A 76 9.92 13.83 -71.92
N ASN A 82 5.31 15.66 -55.70
CA ASN A 82 4.21 16.34 -55.02
C ASN A 82 3.04 15.38 -54.80
N CYS A 83 3.21 14.14 -55.23
CA CYS A 83 2.16 13.14 -55.05
C CYS A 83 1.97 12.83 -53.58
N VAL A 84 0.73 12.56 -53.19
CA VAL A 84 0.35 12.30 -51.81
C VAL A 84 -0.22 10.89 -51.73
N ASP A 85 0.29 10.11 -50.78
CA ASP A 85 -0.19 8.74 -50.57
C ASP A 85 -1.66 8.74 -50.13
N ARG A 89 2.37 14.93 -48.85
CA ARG A 89 3.72 14.44 -49.10
C ARG A 89 4.31 15.06 -50.36
N ASN A 90 5.59 15.44 -50.28
CA ASN A 90 6.29 16.03 -51.41
C ASN A 90 7.10 15.01 -52.21
N ALA A 91 6.95 13.72 -51.92
CA ALA A 91 7.74 12.60 -52.43
C ALA A 91 9.19 12.72 -51.97
N VAL A 92 9.51 13.71 -51.14
CA VAL A 92 10.84 13.85 -50.57
C VAL A 92 10.87 13.52 -49.08
N THR A 93 9.76 13.70 -48.37
CA THR A 93 9.73 13.42 -46.93
C THR A 93 9.92 11.94 -46.65
N ILE A 94 9.41 11.07 -47.54
CA ILE A 94 9.60 9.63 -47.37
C ILE A 94 11.09 9.29 -47.41
N THR A 95 11.82 9.93 -48.33
CA THR A 95 13.26 9.70 -48.41
C THR A 95 14.00 10.31 -47.23
N ILE A 96 13.47 11.41 -46.68
CA ILE A 96 14.09 12.03 -45.50
C ILE A 96 14.03 11.09 -44.31
N GLU A 97 12.86 10.47 -44.09
CA GLU A 97 12.68 9.58 -42.95
C GLU A 97 13.44 8.26 -43.12
N ASN A 98 13.83 7.91 -44.33
CA ASN A 98 14.54 6.66 -44.59
C ASN A 98 16.05 6.81 -44.53
N GLU A 99 16.56 8.02 -44.28
CA GLU A 99 18.00 8.28 -44.16
C GLU A 99 18.75 7.86 -45.42
N ASN A 100 18.08 7.96 -46.56
CA ASN A 100 18.65 7.60 -47.86
C ASN A 100 19.26 8.82 -48.56
N LEU A 101 20.27 9.38 -47.90
CA LEU A 101 20.84 10.68 -48.31
C LEU A 101 21.24 10.70 -49.78
N ASP A 102 21.78 9.59 -50.29
CA ASP A 102 22.13 9.52 -51.70
C ASP A 102 20.90 9.68 -52.59
N ILE A 103 19.82 8.98 -52.24
CA ILE A 103 18.56 9.15 -52.95
C ILE A 103 18.02 10.56 -52.74
N LEU A 104 18.10 11.05 -51.50
CA LEU A 104 17.65 12.41 -51.20
C LEU A 104 18.43 13.43 -52.01
N GLN A 105 19.75 13.31 -52.05
CA GLN A 105 20.56 14.26 -52.80
C GLN A 105 20.22 14.22 -54.28
N LEU A 106 19.95 13.03 -54.82
CA LEU A 106 19.52 12.92 -56.21
C LEU A 106 18.20 13.63 -56.45
N LEU A 107 17.25 13.46 -55.52
CA LEU A 107 15.96 14.14 -55.65
C LEU A 107 16.10 15.64 -55.46
N LEU A 108 16.98 16.06 -54.55
CA LEU A 108 17.15 17.47 -54.29
C LEU A 108 17.67 18.21 -55.53
N ASP A 109 18.58 17.60 -56.26
CA ASP A 109 19.08 18.19 -57.50
C ASP A 109 18.00 18.20 -58.58
N ALA A 117 8.84 19.21 -44.21
CA ALA A 117 10.02 18.43 -44.56
C ALA A 117 11.15 18.65 -43.56
N LEU A 118 11.55 19.92 -43.41
CA LEU A 118 12.60 20.25 -42.44
C LEU A 118 12.16 19.93 -41.03
N LEU A 119 10.92 20.29 -40.67
CA LEU A 119 10.41 19.98 -39.35
C LEU A 119 10.24 18.48 -39.15
N VAL A 120 9.98 17.73 -40.21
CA VAL A 120 9.89 16.28 -40.11
C VAL A 120 11.25 15.68 -39.81
N ALA A 121 12.31 16.23 -40.38
CA ALA A 121 13.65 15.70 -40.17
C ALA A 121 14.07 15.85 -38.71
N ILE A 122 13.79 17.00 -38.10
CA ILE A 122 14.12 17.19 -36.70
C ILE A 122 13.27 16.28 -35.82
N ASP A 123 12.01 16.06 -36.22
CA ASP A 123 11.14 15.15 -35.46
C ASP A 123 11.71 13.74 -35.46
N SER A 124 12.43 13.35 -36.50
CA SER A 124 13.08 12.06 -36.57
C SER A 124 14.51 12.10 -36.03
N GLU A 125 15.00 13.28 -35.63
CA GLU A 125 16.34 13.44 -35.07
C GLU A 125 17.42 12.91 -36.02
N VAL A 126 17.25 13.18 -37.32
CA VAL A 126 18.22 12.77 -38.32
C VAL A 126 19.13 13.95 -38.58
N VAL A 127 20.36 13.88 -38.06
CA VAL A 127 21.32 14.96 -38.24
C VAL A 127 21.73 15.07 -39.71
N GLY A 128 21.91 13.92 -40.37
CA GLY A 128 22.32 13.95 -41.77
C GLY A 128 21.29 14.61 -42.67
N ALA A 129 20.02 14.27 -42.48
CA ALA A 129 18.97 14.89 -43.29
C ALA A 129 18.89 16.38 -43.06
N VAL A 130 18.95 16.80 -41.78
CA VAL A 130 18.88 18.23 -41.48
C VAL A 130 20.08 18.96 -42.06
N ASP A 131 21.28 18.39 -41.92
CA ASP A 131 22.48 19.02 -42.46
C ASP A 131 22.39 19.17 -43.97
N ILE A 132 21.91 18.13 -44.66
CA ILE A 132 21.74 18.22 -46.10
C ILE A 132 20.65 19.23 -46.45
N LEU A 133 19.53 19.18 -45.71
CA LEU A 133 18.46 20.15 -45.94
C LEU A 133 18.94 21.58 -45.68
N LEU A 134 19.70 21.78 -44.60
CA LEU A 134 20.27 23.09 -44.34
C LEU A 134 21.26 23.48 -45.43
N ASN A 135 22.09 22.54 -45.87
CA ASN A 135 23.00 22.80 -46.99
C ASN A 135 22.24 23.04 -48.28
N HIS A 136 21.19 22.26 -48.53
CA HIS A 136 20.38 22.43 -49.73
C HIS A 136 19.20 23.36 -49.47
N ALA A 165 8.95 27.93 -35.34
CA ALA A 165 10.34 27.99 -35.76
C ALA A 165 11.01 26.64 -35.65
N PRO A 166 11.91 26.32 -36.60
CA PRO A 166 12.62 25.05 -36.53
C PRO A 166 13.46 24.89 -35.26
N VAL A 167 14.01 26.00 -34.75
CA VAL A 167 14.82 25.94 -33.54
C VAL A 167 13.96 25.54 -32.34
N ILE A 168 12.73 26.06 -32.28
CA ILE A 168 11.84 25.74 -31.16
C ILE A 168 11.54 24.26 -31.12
N LEU A 169 11.26 23.66 -32.28
CA LEU A 169 10.99 22.23 -32.32
C LEU A 169 12.24 21.42 -32.02
N ALA A 170 13.41 21.93 -32.42
CA ALA A 170 14.66 21.25 -32.12
C ALA A 170 14.92 21.20 -30.62
N ALA A 171 14.63 22.31 -29.92
CA ALA A 171 14.81 22.33 -28.47
C ALA A 171 13.81 21.43 -27.77
N HIS A 172 12.66 21.19 -28.38
CA HIS A 172 11.71 20.23 -27.82
C HIS A 172 12.30 18.84 -27.79
N ARG A 173 13.03 18.46 -28.84
CA ARG A 173 13.68 17.16 -28.88
C ARG A 173 14.85 17.06 -27.90
N ASN A 174 15.42 18.21 -27.50
CA ASN A 174 16.43 18.28 -26.45
C ASN A 174 17.66 17.43 -26.78
N ASN A 175 18.35 17.83 -27.85
CA ASN A 175 19.60 17.19 -28.22
C ASN A 175 20.56 18.22 -28.81
N TYR A 176 21.86 17.89 -28.76
CA TYR A 176 22.90 18.91 -28.85
C TYR A 176 23.34 19.19 -30.28
N GLU A 177 23.45 18.15 -31.11
CA GLU A 177 24.14 18.29 -32.40
C GLU A 177 23.41 19.25 -33.34
N ILE A 178 22.12 19.04 -33.55
CA ILE A 178 21.37 19.93 -34.44
C ILE A 178 21.18 21.29 -33.80
N LEU A 179 21.00 21.34 -32.48
CA LEU A 179 20.82 22.61 -31.81
C LEU A 179 22.04 23.51 -31.98
N THR A 180 23.24 22.93 -31.88
CA THR A 180 24.46 23.71 -32.10
C THR A 180 24.54 24.20 -33.54
N MET A 181 24.24 23.33 -34.50
CA MET A 181 24.33 23.71 -35.91
C MET A 181 23.28 24.76 -36.26
N LEU A 182 22.04 24.57 -35.80
CA LEU A 182 20.98 25.50 -36.13
C LEU A 182 21.23 26.88 -35.52
N LEU A 183 21.74 26.91 -34.28
CA LEU A 183 21.98 28.19 -33.62
C LEU A 183 23.22 28.90 -34.17
N LYS A 184 24.03 28.23 -34.98
CA LYS A 184 25.22 28.88 -35.53
C LYS A 184 24.85 30.11 -36.35
N GLN A 185 23.80 30.01 -37.16
CA GLN A 185 23.19 31.19 -37.74
C GLN A 185 22.42 31.96 -36.66
N ASP A 186 22.45 33.28 -36.75
CA ASP A 186 21.83 34.11 -35.71
C ASP A 186 20.33 33.86 -35.65
N VAL A 187 19.86 33.49 -34.45
CA VAL A 187 18.46 33.13 -34.23
C VAL A 187 17.97 33.84 -32.97
N SER A 188 16.79 34.44 -33.06
CA SER A 188 16.16 35.10 -31.92
C SER A 188 14.86 34.38 -31.58
N LEU A 189 14.39 34.60 -30.34
CA LEU A 189 13.15 34.00 -29.87
C LEU A 189 12.40 35.06 -29.06
N PRO A 190 11.18 35.41 -29.44
CA PRO A 190 10.45 36.46 -28.72
C PRO A 190 10.13 36.04 -27.28
N LYS A 191 10.30 36.98 -26.36
CA LYS A 191 10.00 36.70 -24.96
C LYS A 191 8.50 36.77 -24.70
N PRO A 192 8.00 35.99 -23.74
CA PRO A 192 6.57 36.02 -23.43
C PRO A 192 6.23 37.05 -22.36
N HIS A 193 4.98 37.50 -22.40
CA HIS A 193 4.48 38.47 -21.44
C HIS A 193 4.44 37.89 -20.04
N CYS A 199 -0.01 42.66 -22.46
CA CYS A 199 -0.21 44.02 -22.95
C CYS A 199 -1.57 44.16 -23.64
N THR A 200 -1.83 45.36 -24.18
CA THR A 200 -3.09 45.59 -24.87
C THR A 200 -3.17 44.79 -26.17
N LEU A 201 -2.05 44.68 -26.89
CA LEU A 201 -2.05 43.93 -28.14
C LEU A 201 -2.30 42.46 -27.91
N CYS A 202 -1.69 41.89 -26.87
CA CYS A 202 -1.88 40.47 -26.58
C CYS A 202 -3.32 40.18 -26.20
N SER A 203 -3.99 41.11 -25.53
CA SER A 203 -5.40 40.93 -25.19
C SER A 203 -6.26 40.84 -26.45
N ALA A 204 -5.92 41.62 -27.48
CA ALA A 204 -6.66 41.55 -28.73
C ALA A 204 -6.54 40.18 -29.38
N LYS A 205 -5.34 39.60 -29.38
CA LYS A 205 -5.16 38.26 -29.93
C LYS A 205 -5.95 37.23 -29.14
N ASN A 206 -5.97 37.35 -27.82
CA ASN A 206 -6.66 36.37 -26.99
C ASN A 206 -8.16 36.38 -27.27
N LYS A 207 -8.71 37.53 -27.67
CA LYS A 207 -10.13 37.58 -28.03
C LYS A 207 -10.40 36.78 -29.29
N LYS A 208 -9.49 36.86 -30.28
CA LYS A 208 -9.69 36.16 -31.54
C LYS A 208 -9.52 34.65 -31.38
N ASP A 209 -8.47 34.23 -30.68
CA ASP A 209 -8.20 32.81 -30.49
C ASP A 209 -7.37 32.64 -29.22
N SER A 210 -8.00 32.12 -28.16
CA SER A 210 -7.31 31.92 -26.89
C SER A 210 -6.61 30.57 -26.79
N LEU A 211 -7.16 29.54 -27.44
CA LEU A 211 -6.51 28.23 -27.42
C LEU A 211 -5.16 28.28 -28.14
N ARG A 212 -5.11 28.98 -29.27
CA ARG A 212 -3.85 29.12 -29.99
C ARG A 212 -2.86 29.97 -29.21
N HIS A 213 -3.34 31.04 -28.56
CA HIS A 213 -2.45 31.92 -27.81
C HIS A 213 -1.81 31.20 -26.65
N SER A 214 -2.59 30.41 -25.90
CA SER A 214 -2.05 29.67 -24.77
C SER A 214 -1.04 28.61 -25.23
N ARG A 215 -1.34 27.93 -26.32
CA ARG A 215 -0.45 26.87 -26.80
C ARG A 215 0.90 27.42 -27.22
N PHE A 216 0.91 28.60 -27.85
CA PHE A 216 2.18 29.19 -28.29
C PHE A 216 3.06 29.54 -27.09
N ARG A 217 2.47 30.08 -26.03
CA ARG A 217 3.25 30.45 -24.85
C ARG A 217 3.89 29.22 -24.21
N LEU A 218 3.13 28.13 -24.09
CA LEU A 218 3.68 26.91 -23.52
C LEU A 218 4.76 26.32 -24.43
N ASP A 219 4.62 26.48 -25.74
CA ASP A 219 5.64 25.99 -26.67
C ASP A 219 6.96 26.72 -26.47
N ILE A 220 6.92 28.02 -26.24
CA ILE A 220 8.15 28.80 -26.05
C ILE A 220 8.83 28.39 -24.76
N TYR A 221 8.07 28.27 -23.67
CA TYR A 221 8.66 27.98 -22.36
C TYR A 221 9.26 26.58 -22.33
N ARG A 222 8.65 25.62 -23.04
CA ARG A 222 9.23 24.30 -23.14
C ARG A 222 10.54 24.31 -23.92
N CYS A 223 10.67 25.21 -24.90
CA CYS A 223 11.93 25.38 -25.61
C CYS A 223 13.00 26.00 -24.70
N LEU A 224 12.61 26.98 -23.88
CA LEU A 224 13.57 27.66 -23.02
C LEU A 224 14.08 26.76 -21.91
N ALA A 225 13.28 25.78 -21.48
CA ALA A 225 13.66 24.93 -20.36
C ALA A 225 14.40 23.68 -20.84
N SER A 226 15.05 23.77 -21.99
CA SER A 226 15.79 22.64 -22.54
C SER A 226 17.18 22.61 -21.92
N PRO A 227 17.60 21.49 -21.31
CA PRO A 227 18.96 21.45 -20.74
C PRO A 227 20.06 21.69 -21.76
N ALA A 228 19.86 21.24 -23.00
CA ALA A 228 20.87 21.46 -24.03
C ALA A 228 20.96 22.93 -24.42
N LEU A 229 19.82 23.63 -24.45
CA LEU A 229 19.83 25.03 -24.87
C LEU A 229 20.45 25.92 -23.81
N ILE A 230 20.21 25.63 -22.53
CA ILE A 230 20.76 26.46 -21.46
C ILE A 230 22.27 26.34 -21.42
N MET A 231 22.79 25.11 -21.57
CA MET A 231 24.23 24.90 -21.52
C MET A 231 24.97 25.61 -22.65
N LEU A 232 24.33 25.74 -23.81
CA LEU A 232 24.97 26.29 -25.00
C LEU A 232 24.78 27.79 -25.14
N THR A 233 23.85 28.40 -24.40
CA THR A 233 23.49 29.78 -24.66
C THR A 233 23.65 30.67 -23.44
N GLU A 234 23.60 30.09 -22.25
CA GLU A 234 23.64 30.85 -21.02
C GLU A 234 25.03 30.84 -20.40
N GLU A 235 25.40 31.98 -19.81
CA GLU A 235 26.70 32.11 -19.16
C GLU A 235 26.75 31.41 -17.81
N ASP A 236 25.64 31.41 -17.07
CA ASP A 236 25.57 30.82 -15.73
C ASP A 236 24.42 29.83 -15.72
N PRO A 237 24.65 28.60 -16.21
CA PRO A 237 23.54 27.63 -16.30
C PRO A 237 22.91 27.28 -14.97
N ILE A 238 23.68 27.30 -13.87
CA ILE A 238 23.11 26.96 -12.57
C ILE A 238 22.12 28.03 -12.12
N LEU A 239 22.50 29.31 -12.28
CA LEU A 239 21.59 30.38 -11.90
C LEU A 239 20.38 30.46 -12.82
N ARG A 240 20.56 30.15 -14.10
CA ARG A 240 19.44 30.18 -15.03
C ARG A 240 18.39 29.12 -14.68
N ALA A 241 18.85 27.93 -14.27
CA ALA A 241 17.91 26.89 -13.88
C ALA A 241 17.15 27.27 -12.60
N PHE A 242 17.80 27.99 -11.69
CA PHE A 242 17.14 28.42 -10.47
C PHE A 242 16.02 29.40 -10.77
N GLU A 243 16.31 30.42 -11.59
CA GLU A 243 15.33 31.46 -11.85
C GLU A 243 14.18 30.95 -12.72
N LEU A 244 14.48 30.14 -13.72
CA LEU A 244 13.42 29.59 -14.58
C LEU A 244 12.50 28.66 -13.81
N SER A 245 13.06 27.86 -12.90
CA SER A 245 12.23 26.93 -12.13
C SER A 245 11.23 27.68 -11.26
N ALA A 246 11.65 28.78 -10.64
CA ALA A 246 10.71 29.60 -9.88
C ALA A 246 9.74 30.32 -10.80
N ASP A 247 10.16 30.65 -12.02
CA ASP A 247 9.28 31.31 -12.97
C ASP A 247 8.17 30.36 -13.42
N LEU A 248 8.52 29.10 -13.73
CA LEU A 248 7.54 28.16 -14.26
C LEU A 248 6.55 27.71 -13.20
N LYS A 249 6.95 27.70 -11.93
CA LYS A 249 6.04 27.30 -10.87
C LYS A 249 4.90 28.30 -10.71
N GLU A 250 5.20 29.60 -10.83
CA GLU A 250 4.17 30.62 -10.74
C GLU A 250 3.18 30.51 -11.89
N LEU A 251 3.67 30.21 -13.09
CA LEU A 251 2.79 30.11 -14.25
C LEU A 251 1.79 28.99 -14.10
N SER A 252 2.15 27.93 -13.37
CA SER A 252 1.23 26.83 -13.14
C SER A 252 0.01 27.27 -12.33
N LEU A 253 0.22 28.18 -11.38
CA LEU A 253 -0.88 28.63 -10.53
C LEU A 253 -1.88 29.46 -11.34
N VAL A 254 -1.39 30.40 -12.15
CA VAL A 254 -2.28 31.23 -12.94
C VAL A 254 -2.98 30.42 -14.02
N GLU A 255 -2.20 29.62 -14.76
CA GLU A 255 -2.75 28.75 -15.80
C GLU A 255 -3.21 27.45 -15.15
N VAL A 256 -4.43 27.48 -14.61
CA VAL A 256 -4.93 26.34 -13.86
C VAL A 256 -5.11 25.13 -14.77
N GLU A 257 -5.53 25.37 -16.02
CA GLU A 257 -5.80 24.26 -16.93
C GLU A 257 -4.50 23.65 -17.46
N PHE A 258 -3.44 24.45 -17.59
CA PHE A 258 -2.11 23.96 -17.92
C PHE A 258 -1.26 23.65 -16.68
N ARG A 259 -1.89 23.28 -15.56
CA ARG A 259 -1.14 23.04 -14.33
C ARG A 259 -0.15 21.89 -14.47
N ASN A 260 -0.58 20.78 -15.07
CA ASN A 260 0.27 19.60 -15.15
C ASN A 260 1.49 19.82 -16.02
N ASP A 261 1.31 20.49 -17.16
CA ASP A 261 2.42 20.68 -18.09
C ASP A 261 3.51 21.59 -17.50
N TYR A 262 3.09 22.63 -16.77
CA TYR A 262 4.07 23.60 -16.28
C TYR A 262 4.90 23.02 -15.14
N GLU A 263 4.27 22.30 -14.20
CA GLU A 263 5.03 21.74 -13.09
C GLU A 263 5.91 20.57 -13.52
N GLU A 264 5.69 20.02 -14.72
CA GLU A 264 6.63 19.07 -15.27
C GLU A 264 7.87 19.78 -15.83
N LEU A 265 7.70 20.99 -16.35
CA LEU A 265 8.83 21.75 -16.84
C LEU A 265 9.69 22.28 -15.70
N ALA A 266 9.05 22.66 -14.59
CA ALA A 266 9.80 23.13 -13.42
C ALA A 266 10.62 22.00 -12.80
N ARG A 267 10.05 20.80 -12.76
CA ARG A 267 10.79 19.66 -12.22
C ARG A 267 11.99 19.32 -13.08
N GLN A 268 11.85 19.47 -14.40
CA GLN A 268 12.97 19.20 -15.30
C GLN A 268 14.11 20.19 -15.07
N CYS A 269 13.78 21.46 -14.82
CA CYS A 269 14.81 22.46 -14.56
C CYS A 269 15.54 22.17 -13.25
N LYS A 270 14.82 21.75 -12.21
CA LYS A 270 15.45 21.47 -10.92
C LYS A 270 16.43 20.31 -11.02
N MET A 271 16.05 19.25 -11.73
CA MET A 271 16.91 18.08 -11.84
C MET A 271 18.17 18.35 -12.67
N PHE A 272 18.14 19.36 -13.53
CA PHE A 272 19.31 19.67 -14.35
C PHE A 272 20.41 20.30 -13.51
N ALA A 273 20.06 21.27 -12.67
CA ALA A 273 21.06 21.95 -11.85
C ALA A 273 21.66 21.02 -10.81
N LYS A 274 20.88 20.05 -10.32
CA LYS A 274 21.41 19.08 -9.37
C LYS A 274 22.43 18.16 -10.03
N ASP A 275 22.17 17.75 -11.27
CA ASP A 275 23.11 16.90 -11.99
C ASP A 275 24.40 17.64 -12.33
N LEU A 276 24.32 18.95 -12.56
CA LEU A 276 25.52 19.73 -12.83
C LEU A 276 26.43 19.78 -11.61
N LEU A 277 25.85 19.86 -10.41
CA LEU A 277 26.63 19.91 -9.18
C LEU A 277 27.28 18.57 -8.85
N ALA A 278 26.70 17.46 -9.32
CA ALA A 278 27.23 16.14 -9.01
C ALA A 278 28.55 15.85 -9.70
N GLN A 279 28.99 16.69 -10.64
CA GLN A 279 30.23 16.47 -11.37
C GLN A 279 31.44 17.09 -10.68
N ALA A 280 31.24 17.78 -9.56
CA ALA A 280 32.37 18.32 -8.81
C ALA A 280 33.22 17.19 -8.23
N ARG A 281 34.53 17.35 -8.29
CA ARG A 281 35.45 16.28 -7.94
C ARG A 281 36.25 16.55 -6.67
N ASN A 282 36.61 17.80 -6.38
CA ASN A 282 37.38 18.13 -5.19
C ASN A 282 36.73 19.32 -4.49
N SER A 283 37.28 19.65 -3.31
CA SER A 283 36.71 20.71 -2.50
C SER A 283 36.98 22.10 -3.07
N ARG A 284 38.05 22.23 -3.86
CA ARG A 284 38.34 23.53 -4.48
C ARG A 284 37.25 23.94 -5.45
N GLU A 285 36.77 22.99 -6.27
CA GLU A 285 35.67 23.28 -7.18
C GLU A 285 34.37 23.49 -6.43
N LEU A 286 34.16 22.74 -5.35
CA LEU A 286 32.93 22.87 -4.57
C LEU A 286 32.83 24.25 -3.94
N GLU A 287 33.94 24.78 -3.41
CA GLU A 287 33.90 26.09 -2.78
C GLU A 287 33.68 27.21 -3.80
N VAL A 288 34.22 27.03 -5.01
CA VAL A 288 34.05 28.04 -6.05
C VAL A 288 32.58 28.15 -6.45
N ILE A 289 31.91 27.01 -6.61
CA ILE A 289 30.54 27.01 -7.09
C ILE A 289 29.59 27.57 -6.04
N LEU A 290 29.76 27.18 -4.78
CA LEU A 290 28.79 27.48 -3.73
C LEU A 290 29.02 28.83 -3.06
N ASN A 291 30.03 29.59 -3.48
CA ASN A 291 30.31 30.90 -2.91
C ASN A 291 30.20 32.03 -3.92
N HIS A 292 29.84 31.75 -5.16
CA HIS A 292 29.80 32.79 -6.19
C HIS A 292 28.63 33.74 -5.94
N THR A 293 28.83 35.00 -6.34
CA THR A 293 27.82 36.03 -6.24
C THR A 293 27.59 36.64 -7.61
N SER A 294 26.32 36.79 -7.99
CA SER A 294 25.98 37.37 -9.29
C SER A 294 25.88 38.88 -9.21
N LEU A 311 28.42 32.24 0.91
CA LEU A 311 27.55 31.17 0.44
C LEU A 311 26.32 31.74 -0.26
N SER A 312 26.55 32.61 -1.24
CA SER A 312 25.43 33.24 -1.93
C SER A 312 24.64 32.23 -2.75
N ARG A 313 25.34 31.32 -3.43
CA ARG A 313 24.64 30.30 -4.21
C ARG A 313 23.89 29.34 -3.30
N LEU A 314 24.45 29.03 -2.13
CA LEU A 314 23.78 28.13 -1.20
C LEU A 314 22.54 28.78 -0.61
N LYS A 315 22.60 30.08 -0.32
CA LYS A 315 21.43 30.79 0.17
C LYS A 315 20.39 30.98 -0.93
N LEU A 316 20.84 31.12 -2.18
CA LEU A 316 19.91 31.30 -3.29
C LEU A 316 19.09 30.03 -3.53
N ALA A 317 19.69 28.86 -3.32
CA ALA A 317 18.97 27.61 -3.49
C ALA A 317 17.87 27.46 -2.44
N ILE A 318 18.14 27.91 -1.22
CA ILE A 318 17.13 27.82 -0.16
C ILE A 318 15.96 28.76 -0.45
N LYS A 319 16.25 29.94 -0.99
CA LYS A 319 15.20 30.89 -1.33
C LYS A 319 14.32 30.36 -2.46
N TYR A 320 14.90 29.62 -3.41
CA TYR A 320 14.16 29.11 -4.56
C TYR A 320 13.62 27.71 -4.35
N ASN A 321 13.74 27.16 -3.15
CA ASN A 321 13.17 25.85 -2.81
C ASN A 321 13.74 24.74 -3.70
N GLN A 322 15.06 24.66 -3.75
CA GLN A 322 15.75 23.62 -4.52
C GLN A 322 16.11 22.49 -3.57
N LYS A 323 15.11 21.63 -3.30
CA LYS A 323 15.30 20.56 -2.32
C LYS A 323 16.21 19.47 -2.85
N GLU A 324 16.12 19.17 -4.15
CA GLU A 324 17.01 18.16 -4.72
C GLU A 324 18.45 18.63 -4.75
N PHE A 325 18.67 19.91 -5.03
CA PHE A 325 20.02 20.46 -5.06
C PHE A 325 20.67 20.38 -3.68
N VAL A 326 19.92 20.70 -2.63
CA VAL A 326 20.45 20.68 -1.27
C VAL A 326 20.77 19.27 -0.79
N SER A 327 19.96 18.29 -1.15
CA SER A 327 20.11 16.92 -0.65
C SER A 327 21.25 16.17 -1.33
N GLN A 328 21.91 16.77 -2.31
CA GLN A 328 23.03 16.11 -2.98
C GLN A 328 24.19 15.89 -2.02
N SER A 329 24.94 14.81 -2.26
CA SER A 329 26.04 14.45 -1.36
C SER A 329 27.12 15.51 -1.34
N ASN A 330 27.43 16.11 -2.49
CA ASN A 330 28.42 17.16 -2.54
C ASN A 330 27.98 18.36 -1.71
N CYS A 331 26.70 18.73 -1.78
CA CYS A 331 26.19 19.84 -0.98
C CYS A 331 26.12 19.47 0.49
N GLN A 332 25.79 18.22 0.80
CA GLN A 332 25.70 17.80 2.20
C GLN A 332 27.08 17.74 2.85
N GLN A 333 28.08 17.28 2.10
CA GLN A 333 29.44 17.22 2.65
C GLN A 333 29.98 18.61 2.94
N PHE A 334 29.69 19.57 2.06
CA PHE A 334 30.15 20.93 2.27
C PHE A 334 29.52 21.55 3.50
N LEU A 335 28.23 21.27 3.73
CA LEU A 335 27.54 21.82 4.90
C LEU A 335 28.15 21.33 6.20
N ASN A 336 28.51 20.04 6.26
CA ASN A 336 29.01 19.47 7.51
C ASN A 336 30.33 20.12 7.93
N THR A 337 31.20 20.42 6.98
CA THR A 337 32.49 21.03 7.32
C THR A 337 32.29 22.43 7.92
N VAL A 338 31.41 23.23 7.33
CA VAL A 338 31.18 24.58 7.82
C VAL A 338 30.46 24.54 9.16
N TRP A 339 29.50 23.62 9.31
CA TRP A 339 28.70 23.55 10.54
C TRP A 339 29.57 23.23 11.75
N PHE A 340 30.49 22.27 11.60
CA PHE A 340 31.36 21.90 12.71
C PHE A 340 32.60 22.77 12.80
N GLY A 341 33.05 23.34 11.69
CA GLY A 341 34.16 24.29 11.72
C GLY A 341 35.44 23.64 12.19
N GLN A 342 36.12 24.31 13.13
CA GLN A 342 37.42 23.87 13.62
C GLN A 342 37.33 22.65 14.52
N MET A 343 36.12 22.22 14.89
CA MET A 343 35.92 21.08 15.79
C MET A 343 35.61 19.82 15.00
N SER A 344 36.29 19.63 13.86
CA SER A 344 36.08 18.42 13.06
C SER A 344 36.42 17.16 13.84
N GLY A 345 37.25 17.27 14.88
CA GLY A 345 37.53 16.16 15.75
C GLY A 345 36.33 15.67 16.55
N TYR A 346 35.26 16.47 16.61
CA TYR A 346 34.03 16.04 17.27
C TYR A 346 33.47 14.78 16.62
N ARG A 347 33.60 14.67 15.30
CA ARG A 347 33.03 13.52 14.60
C ARG A 347 33.85 12.25 14.86
N ARG A 348 35.10 12.40 15.28
CA ARG A 348 35.92 11.23 15.59
C ARG A 348 35.66 10.72 17.00
N LYS A 349 35.12 11.57 17.86
CA LYS A 349 34.88 11.16 19.23
C LYS A 349 33.79 10.09 19.30
N PRO A 350 33.85 9.17 20.25
CA PRO A 350 32.76 8.21 20.42
C PRO A 350 31.51 8.88 20.98
N THR A 351 30.42 8.12 20.98
CA THR A 351 29.14 8.65 21.44
C THR A 351 29.22 9.08 22.90
N CYS A 352 29.90 8.28 23.74
CA CYS A 352 30.03 8.62 25.15
C CYS A 352 30.83 9.90 25.35
N LYS A 353 31.78 10.18 24.44
CA LYS A 353 32.58 11.38 24.58
C LYS A 353 31.87 12.60 23.99
N LYS A 354 30.95 12.40 23.05
CA LYS A 354 30.25 13.53 22.45
C LYS A 354 29.31 14.21 23.44
N ILE A 355 28.58 13.41 24.23
CA ILE A 355 27.59 13.97 25.14
C ILE A 355 28.27 14.82 26.22
N MET A 356 29.42 14.36 26.72
CA MET A 356 30.13 15.12 27.75
C MET A 356 30.62 16.46 27.21
N THR A 357 30.87 16.56 25.91
CA THR A 357 31.28 17.83 25.33
C THR A 357 30.12 18.80 25.20
N VAL A 358 28.94 18.29 24.83
CA VAL A 358 27.77 19.15 24.68
C VAL A 358 27.29 19.64 26.05
N LEU A 359 27.28 18.76 27.05
CA LEU A 359 26.84 19.16 28.37
C LEU A 359 27.76 20.19 28.99
N THR A 360 29.07 20.02 28.80
CA THR A 360 30.03 20.97 29.37
C THR A 360 29.87 22.35 28.74
N VAL A 361 29.73 22.40 27.41
CA VAL A 361 29.56 23.69 26.74
C VAL A 361 28.26 24.35 27.16
N GLY A 362 27.18 23.57 27.26
CA GLY A 362 25.90 24.14 27.64
C GLY A 362 25.86 24.66 29.06
N ILE A 363 26.46 23.93 29.99
CA ILE A 363 26.40 24.30 31.41
C ILE A 363 27.15 25.61 31.65
N PHE A 364 28.33 25.75 31.07
CA PHE A 364 29.13 26.96 31.22
C PHE A 364 28.80 28.02 30.19
N TRP A 365 27.57 28.03 29.67
CA TRP A 365 27.19 29.05 28.68
C TRP A 365 27.33 30.49 29.16
N PRO A 366 27.01 30.85 30.42
CA PRO A 366 27.23 32.25 30.81
C PRO A 366 28.68 32.68 30.75
N VAL A 367 29.62 31.78 31.04
CA VAL A 367 31.04 32.13 31.02
C VAL A 367 31.50 32.35 29.59
N LEU A 368 31.14 31.45 28.67
CA LEU A 368 31.57 31.57 27.29
C LEU A 368 30.98 32.81 26.63
N SER A 369 29.72 33.11 26.92
CA SER A 369 29.11 34.33 26.37
C SER A 369 29.75 35.58 26.94
N LEU A 370 30.22 35.52 28.18
CA LEU A 370 30.89 36.67 28.79
C LEU A 370 32.30 36.84 28.26
N CYS A 371 33.00 35.73 28.00
CA CYS A 371 34.37 35.81 27.51
C CYS A 371 34.44 36.49 26.15
N TYR A 372 33.49 36.18 25.26
CA TYR A 372 33.45 36.83 23.96
C TYR A 372 33.18 38.33 24.09
N LEU A 373 32.55 38.74 25.19
CA LEU A 373 32.22 40.16 25.35
C LEU A 373 33.45 40.99 25.70
N ILE A 374 34.36 40.44 26.51
CA ILE A 374 35.53 41.19 26.95
C ILE A 374 36.74 40.91 26.06
N ALA A 375 36.94 39.65 25.66
CA ALA A 375 38.09 39.26 24.83
C ALA A 375 37.58 38.47 23.64
N PRO A 376 37.01 39.15 22.64
CA PRO A 376 36.48 38.42 21.47
C PRO A 376 37.52 37.64 20.71
N LYS A 377 38.78 38.09 20.71
CA LYS A 377 39.83 37.46 19.92
C LYS A 377 40.60 36.40 20.69
N SER A 378 40.23 36.12 21.94
CA SER A 378 40.91 35.10 22.72
C SER A 378 40.48 33.71 22.27
N GLN A 379 41.10 32.69 22.86
CA GLN A 379 40.77 31.31 22.52
C GLN A 379 39.33 30.99 22.91
N PHE A 380 38.90 31.43 24.09
CA PHE A 380 37.51 31.23 24.50
C PHE A 380 36.56 32.17 23.77
N GLY A 381 37.08 33.29 23.27
CA GLY A 381 36.23 34.21 22.53
C GLY A 381 35.78 33.66 21.19
N ARG A 382 36.66 32.93 20.51
CA ARG A 382 36.35 32.42 19.17
C ARG A 382 35.54 31.14 19.21
N ILE A 383 35.24 30.60 20.39
CA ILE A 383 34.45 29.38 20.49
C ILE A 383 33.06 29.59 19.93
N ILE A 384 32.45 30.74 20.24
CA ILE A 384 31.10 31.04 19.77
C ILE A 384 31.06 31.13 18.24
N HIS A 385 32.14 31.61 17.63
CA HIS A 385 32.15 31.86 16.19
C HIS A 385 31.82 30.61 15.37
N THR A 386 32.19 29.43 15.84
CA THR A 386 31.82 28.22 15.11
C THR A 386 30.32 27.96 15.27
N PRO A 387 29.62 27.61 14.20
CA PRO A 387 28.14 27.52 14.28
C PRO A 387 27.63 26.50 15.28
N PHE A 388 28.31 25.36 15.44
CA PHE A 388 27.76 24.28 16.25
C PHE A 388 27.69 24.66 17.72
N MET A 389 28.73 25.32 18.23
CA MET A 389 28.71 25.73 19.63
C MET A 389 27.75 26.90 19.86
N LYS A 390 27.58 27.74 18.84
CA LYS A 390 26.60 28.84 18.96
C LYS A 390 25.19 28.29 19.12
N PHE A 391 24.87 27.22 18.39
CA PHE A 391 23.55 26.59 18.53
C PHE A 391 23.35 26.03 19.93
N ILE A 392 24.39 25.44 20.51
CA ILE A 392 24.29 24.87 21.85
C ILE A 392 24.14 25.97 22.90
N ILE A 393 24.91 27.04 22.76
CA ILE A 393 24.85 28.13 23.73
C ILE A 393 23.48 28.80 23.70
N HIS A 394 22.94 29.04 22.50
CA HIS A 394 21.60 29.60 22.40
C HIS A 394 20.55 28.63 22.94
N GLY A 395 20.76 27.33 22.73
CA GLY A 395 19.82 26.36 23.26
C GLY A 395 19.83 26.28 24.78
N ALA A 396 21.02 26.36 25.38
CA ALA A 396 21.09 26.31 26.84
C ALA A 396 20.58 27.60 27.47
N SER A 397 20.69 28.72 26.75
CA SER A 397 20.14 29.98 27.25
C SER A 397 18.62 29.90 27.36
N TYR A 398 17.97 29.30 26.37
CA TYR A 398 16.51 29.18 26.40
C TYR A 398 16.05 28.20 27.48
N PHE A 399 16.85 27.16 27.73
CA PHE A 399 16.46 26.18 28.73
C PHE A 399 16.46 26.76 30.15
N THR A 400 17.30 27.77 30.39
CA THR A 400 17.28 28.44 31.69
C THR A 400 16.08 29.37 31.83
N PHE A 401 15.63 29.96 30.72
CA PHE A 401 14.43 30.79 30.76
C PHE A 401 13.21 29.96 31.16
N LEU A 402 13.09 28.75 30.61
CA LEU A 402 12.00 27.86 30.99
C LEU A 402 12.14 27.40 32.44
N LEU A 403 13.37 27.31 32.94
CA LEU A 403 13.56 26.92 34.34
C LEU A 403 13.11 28.02 35.29
N LEU A 404 13.33 29.29 34.91
CA LEU A 404 12.87 30.40 35.74
C LEU A 404 11.34 30.40 35.85
N LEU A 405 10.65 30.10 34.75
CA LEU A 405 9.19 30.05 34.78
C LEU A 405 8.70 28.96 35.71
N ASN A 406 9.37 27.81 35.71
CA ASN A 406 8.97 26.72 36.60
C ASN A 406 9.19 27.08 38.06
N LEU A 407 10.24 27.83 38.36
CA LEU A 407 10.55 28.25 39.71
C LEU A 407 9.73 29.45 40.16
N TYR A 408 8.95 30.06 39.26
CA TYR A 408 8.19 31.25 39.63
C TYR A 408 7.15 30.95 40.69
N SER A 409 6.46 29.81 40.56
CA SER A 409 5.43 29.45 41.53
C SER A 409 6.04 28.93 42.82
N LEU A 410 7.20 28.27 42.74
CA LEU A 410 7.80 27.68 43.93
C LEU A 410 8.26 28.75 44.92
N VAL A 411 8.83 29.86 44.41
CA VAL A 411 9.29 30.94 45.27
C VAL A 411 8.20 31.97 45.52
N TYR A 412 6.96 31.69 45.13
CA TYR A 412 5.86 32.61 45.37
C TYR A 412 5.46 32.57 46.83
N ASN A 413 5.51 33.72 47.49
CA ASN A 413 5.11 33.81 48.89
C ASN A 413 3.61 33.59 49.00
N GLU A 414 3.21 32.74 49.96
CA GLU A 414 1.80 32.42 50.12
C GLU A 414 0.99 33.63 50.58
N ASP A 415 1.63 34.58 51.27
CA ASP A 415 0.93 35.77 51.72
C ASP A 415 0.54 36.68 50.57
N LYS A 416 1.15 36.51 49.39
CA LYS A 416 0.81 37.30 48.23
C LYS A 416 -0.39 36.77 47.46
N LYS A 417 -0.86 35.56 47.77
CA LYS A 417 -2.05 35.03 47.11
C LYS A 417 -3.30 35.81 47.47
N ASN A 418 -3.32 36.46 48.64
CA ASN A 418 -4.43 37.33 49.04
C ASN A 418 -4.10 38.80 48.85
N THR A 419 -3.00 39.10 48.17
CA THR A 419 -2.58 40.48 47.92
C THR A 419 -3.08 40.91 46.54
N MET A 420 -3.72 42.07 46.48
CA MET A 420 -4.31 42.54 45.24
C MET A 420 -3.34 43.40 44.43
N GLY A 421 -2.37 44.03 45.07
CA GLY A 421 -1.42 44.88 44.39
C GLY A 421 0.03 44.46 44.54
N PRO A 422 0.35 43.17 44.37
CA PRO A 422 1.69 42.70 44.71
C PRO A 422 2.75 43.38 43.84
N ALA A 423 3.90 43.66 44.46
CA ALA A 423 5.00 44.31 43.79
C ALA A 423 5.84 43.30 43.01
N LEU A 424 6.68 43.81 42.12
CA LEU A 424 7.53 42.95 41.32
C LEU A 424 8.69 42.41 42.15
N GLU A 425 8.88 41.10 42.12
CA GLU A 425 9.97 40.46 42.84
C GLU A 425 11.25 40.54 42.02
N ARG A 426 12.36 40.05 42.59
CA ARG A 426 13.62 40.03 41.85
C ARG A 426 13.55 39.07 40.68
N ILE A 427 12.84 37.94 40.84
CA ILE A 427 12.70 36.99 39.74
C ILE A 427 11.92 37.62 38.60
N ASP A 428 11.01 38.55 38.91
CA ASP A 428 10.25 39.21 37.86
C ASP A 428 11.14 40.09 36.99
N TYR A 429 12.15 40.72 37.60
CA TYR A 429 13.07 41.54 36.82
C TYR A 429 13.93 40.68 35.90
N LEU A 430 14.27 39.46 36.34
CA LEU A 430 15.03 38.56 35.49
C LEU A 430 14.26 38.19 34.22
N LEU A 431 12.97 37.88 34.38
CA LEU A 431 12.15 37.53 33.21
C LEU A 431 11.98 38.71 32.28
N ILE A 432 11.91 39.92 32.82
CA ILE A 432 11.79 41.11 31.98
C ILE A 432 13.04 41.28 31.12
N LEU A 433 14.21 41.00 31.70
CA LEU A 433 15.46 41.12 30.94
C LEU A 433 15.50 40.13 29.79
N TRP A 434 15.07 38.89 30.02
CA TRP A 434 15.05 37.90 28.94
C TRP A 434 14.07 38.31 27.84
N ILE A 435 12.88 38.79 28.22
CA ILE A 435 11.85 39.09 27.22
C ILE A 435 12.30 40.21 26.29
N ILE A 436 12.93 41.25 26.84
CA ILE A 436 13.50 42.30 26.00
C ILE A 436 14.58 41.72 25.10
N GLY A 437 15.39 40.79 25.63
CA GLY A 437 16.42 40.17 24.81
C GLY A 437 15.85 39.37 23.66
N MET A 438 14.82 38.57 23.93
CA MET A 438 14.17 37.82 22.86
C MET A 438 13.51 38.75 21.85
N ILE A 439 12.86 39.81 22.33
CA ILE A 439 12.23 40.76 21.43
C ILE A 439 13.29 41.45 20.57
N TRP A 440 14.38 41.90 21.19
CA TRP A 440 15.40 42.66 20.46
C TRP A 440 15.96 41.84 19.30
N SER A 441 16.17 40.54 19.51
CA SER A 441 16.64 39.69 18.42
C SER A 441 15.60 39.56 17.32
N ASP A 442 14.32 39.77 17.65
CA ASP A 442 13.26 39.54 16.68
C ASP A 442 13.20 40.65 15.63
N ILE A 443 13.34 41.91 16.06
CA ILE A 443 13.40 43.00 15.08
C ILE A 443 14.63 42.86 14.20
N LYS A 444 15.77 42.48 14.78
CA LYS A 444 16.99 42.35 14.00
C LYS A 444 16.82 41.33 12.87
N ARG A 445 16.24 40.17 13.18
CA ARG A 445 15.99 39.17 12.15
C ARG A 445 15.00 39.68 11.12
N LEU A 446 13.94 40.36 11.58
CA LEU A 446 12.94 40.88 10.65
C LEU A 446 13.51 42.01 9.80
N TRP A 447 14.31 42.88 10.40
CA TRP A 447 14.85 44.03 9.67
C TRP A 447 15.84 43.59 8.59
N TYR A 448 16.68 42.60 8.91
CA TYR A 448 17.70 42.16 7.95
C TYR A 448 17.12 41.33 6.81
N GLU A 449 15.96 40.69 7.01
CA GLU A 449 15.39 39.79 6.02
C GLU A 449 14.16 40.33 5.32
N GLY A 450 13.20 40.84 6.06
CA GLY A 450 11.95 41.29 5.50
C GLY A 450 10.75 40.61 6.14
N LEU A 451 9.57 41.18 5.89
CA LEU A 451 8.36 40.71 6.55
C LEU A 451 7.95 39.33 6.04
N GLU A 452 7.91 39.16 4.72
CA GLU A 452 7.40 37.91 4.16
C GLU A 452 8.29 36.72 4.49
N ASP A 453 9.61 36.91 4.43
CA ASP A 453 10.52 35.82 4.77
C ASP A 453 10.44 35.48 6.26
N PHE A 454 10.32 36.51 7.11
CA PHE A 454 10.28 36.26 8.55
C PHE A 454 8.97 35.63 8.97
N LEU A 455 7.85 36.08 8.39
CA LEU A 455 6.54 35.57 8.79
C LEU A 455 6.30 34.13 8.32
N GLU A 456 7.10 33.64 7.39
CA GLU A 456 6.85 32.33 6.80
C GLU A 456 7.11 31.18 7.76
N GLU A 457 8.11 31.31 8.64
CA GLU A 457 8.50 30.24 9.54
C GLU A 457 7.53 30.15 10.72
N SER A 458 7.16 28.92 11.08
CA SER A 458 6.19 28.73 12.16
C SER A 458 6.78 29.13 13.51
N ARG A 459 8.08 28.90 13.71
CA ARG A 459 8.71 29.26 14.97
C ARG A 459 8.66 30.77 15.21
N ASN A 460 8.80 31.56 14.15
CA ASN A 460 8.72 33.01 14.29
C ASN A 460 7.32 33.46 14.67
N GLN A 461 6.30 32.82 14.09
CA GLN A 461 4.92 33.19 14.40
C GLN A 461 4.59 32.93 15.87
N LEU A 462 5.05 31.81 16.41
CA LEU A 462 4.79 31.49 17.81
C LEU A 462 5.49 32.47 18.74
N SER A 463 6.57 33.09 18.28
CA SER A 463 7.26 34.10 19.10
C SER A 463 6.52 35.43 19.10
N PHE A 464 5.76 35.72 18.04
CA PHE A 464 5.01 36.96 17.99
C PHE A 464 3.94 36.99 19.07
N VAL A 465 3.11 35.94 19.14
CA VAL A 465 1.98 35.94 20.06
C VAL A 465 2.47 35.91 21.51
N MET A 466 3.46 35.06 21.80
CA MET A 466 3.90 34.91 23.19
C MET A 466 4.62 36.15 23.70
N ASN A 467 5.23 36.94 22.81
CA ASN A 467 5.89 38.16 23.24
C ASN A 467 4.90 39.26 23.55
N SER A 468 3.79 39.33 22.81
CA SER A 468 2.74 40.29 23.13
C SER A 468 2.03 39.91 24.43
N LEU A 469 1.85 38.62 24.67
CA LEU A 469 1.20 38.18 25.90
C LEU A 469 2.07 38.45 27.12
N TYR A 470 3.40 38.41 26.96
CA TYR A 470 4.28 38.69 28.09
C TYR A 470 4.34 40.18 28.39
N LEU A 471 4.17 41.02 27.38
CA LEU A 471 4.13 42.46 27.63
C LEU A 471 2.81 42.88 28.27
N ALA A 472 1.72 42.22 27.89
CA ALA A 472 0.41 42.58 28.42
C ALA A 472 0.31 42.25 29.91
N THR A 473 0.86 41.10 30.33
CA THR A 473 0.72 40.70 31.72
C THR A 473 1.58 41.58 32.64
N PHE A 474 2.70 42.08 32.13
CA PHE A 474 3.54 42.96 32.93
C PHE A 474 3.05 44.41 32.90
N ALA A 475 2.44 44.83 31.79
CA ALA A 475 1.81 46.15 31.77
C ALA A 475 0.61 46.20 32.71
N LEU A 476 -0.18 45.14 32.74
CA LEU A 476 -1.31 45.08 33.67
C LEU A 476 -0.84 44.95 35.11
N LYS A 477 0.29 44.28 35.34
CA LYS A 477 0.78 44.09 36.69
C LYS A 477 1.26 45.39 37.31
N VAL A 478 1.90 46.26 36.52
CA VAL A 478 2.36 47.54 37.03
C VAL A 478 1.18 48.46 37.31
N VAL A 479 0.21 48.51 36.40
CA VAL A 479 -0.96 49.37 36.59
C VAL A 479 -1.75 48.92 37.81
N ALA A 480 -1.91 47.61 37.99
CA ALA A 480 -2.66 47.10 39.13
C ALA A 480 -2.02 47.50 40.46
N HIS A 481 -0.68 47.43 40.52
CA HIS A 481 0.01 47.79 41.76
C HIS A 481 -0.17 49.27 42.10
N ASN A 482 -0.37 50.12 41.09
CA ASN A 482 -0.54 51.54 41.32
C ASN A 482 -1.98 51.97 41.54
N LYS A 483 -2.95 51.19 41.04
CA LYS A 483 -4.37 51.49 41.23
C LYS A 483 -4.99 50.68 42.35
N PHE A 484 -4.91 49.35 42.30
CA PHE A 484 -5.61 48.48 43.24
C PHE A 484 -4.59 47.83 44.16
N HIS A 485 -4.52 48.30 45.41
CA HIS A 485 -3.59 47.78 46.39
C HIS A 485 -4.29 47.28 47.66
N ASP A 486 -5.61 47.13 47.62
CA ASP A 486 -6.35 46.77 48.82
C ASP A 486 -6.00 45.35 49.27
N PHE A 487 -6.09 45.11 50.57
CA PHE A 487 -5.83 43.79 51.17
C PHE A 487 -7.18 43.13 51.41
N ALA A 488 -7.54 42.20 50.54
CA ALA A 488 -8.78 41.45 50.65
C ALA A 488 -8.55 40.01 50.21
N ASP A 489 -9.41 39.11 50.67
CA ASP A 489 -9.29 37.71 50.31
C ASP A 489 -9.54 37.51 48.82
N ARG A 490 -9.01 36.40 48.30
CA ARG A 490 -9.13 36.13 46.87
C ARG A 490 -10.57 35.89 46.44
N LYS A 491 -11.39 35.31 47.32
CA LYS A 491 -12.77 34.96 46.97
C LYS A 491 -13.67 36.17 46.79
N ASP A 492 -13.23 37.36 47.17
CA ASP A 492 -14.08 38.54 47.15
C ASP A 492 -13.76 39.50 46.00
N TRP A 493 -12.75 39.22 45.19
CA TRP A 493 -12.40 40.11 44.10
C TRP A 493 -13.44 40.03 42.99
N ASP A 494 -13.42 41.04 42.12
CA ASP A 494 -14.23 41.02 40.91
C ASP A 494 -13.74 39.94 39.96
N ALA A 495 -14.66 39.45 39.12
CA ALA A 495 -14.31 38.42 38.15
C ALA A 495 -13.28 38.94 37.16
N PHE A 496 -13.43 40.18 36.70
CA PHE A 496 -12.54 40.77 35.71
C PHE A 496 -11.56 41.77 36.32
N HIS A 497 -11.09 41.49 37.54
CA HIS A 497 -10.09 42.33 38.15
C HIS A 497 -8.77 42.24 37.36
N PRO A 498 -8.03 43.34 37.26
CA PRO A 498 -6.78 43.30 36.47
C PRO A 498 -5.78 42.26 36.95
N THR A 499 -5.71 41.99 38.25
CA THR A 499 -4.80 40.95 38.74
C THR A 499 -5.18 39.57 38.22
N LEU A 500 -6.48 39.27 38.17
CA LEU A 500 -6.90 37.97 37.64
C LEU A 500 -6.70 37.90 36.13
N VAL A 501 -6.89 39.01 35.42
CA VAL A 501 -6.64 39.03 33.99
C VAL A 501 -5.15 38.87 33.70
N ALA A 502 -4.29 39.43 34.55
CA ALA A 502 -2.85 39.31 34.32
C ALA A 502 -2.39 37.86 34.45
N GLU A 503 -2.96 37.11 35.39
CA GLU A 503 -2.55 35.72 35.59
C GLU A 503 -3.09 34.83 34.48
N GLY A 504 -4.22 35.19 33.89
CA GLY A 504 -4.75 34.40 32.78
C GLY A 504 -3.87 34.49 31.55
N LEU A 505 -3.32 35.67 31.27
CA LEU A 505 -2.47 35.84 30.10
C LEU A 505 -1.09 35.22 30.33
N PHE A 506 -0.60 35.26 31.57
CA PHE A 506 0.69 34.67 31.88
C PHE A 506 0.67 33.16 31.69
N ALA A 507 -0.41 32.50 32.12
CA ALA A 507 -0.51 31.05 31.96
C ALA A 507 -0.59 30.66 30.49
N PHE A 508 -1.32 31.44 29.69
CA PHE A 508 -1.45 31.14 28.27
C PHE A 508 -0.10 31.25 27.57
N ALA A 509 0.70 32.26 27.91
CA ALA A 509 1.99 32.44 27.26
C ALA A 509 3.00 31.37 27.65
N ASN A 510 2.80 30.69 28.79
CA ASN A 510 3.72 29.62 29.18
C ASN A 510 3.56 28.40 28.29
N VAL A 511 2.35 28.15 27.78
CA VAL A 511 2.14 27.03 26.86
C VAL A 511 2.88 27.29 25.56
N LEU A 512 2.80 28.52 25.04
CA LEU A 512 3.46 28.84 23.78
C LEU A 512 4.98 28.91 23.92
N SER A 513 5.50 29.08 25.14
CA SER A 513 6.94 29.08 25.32
C SER A 513 7.51 27.68 25.21
N TYR A 514 6.83 26.69 25.78
CA TYR A 514 7.28 25.30 25.71
C TYR A 514 7.06 24.69 24.34
N LEU A 515 6.10 25.18 23.57
CA LEU A 515 5.80 24.65 22.24
C LEU A 515 6.77 25.14 21.18
N ARG A 516 7.67 26.07 21.51
CA ARG A 516 8.67 26.53 20.57
C ARG A 516 9.81 25.54 20.40
N LEU A 517 9.93 24.56 21.30
CA LEU A 517 11.01 23.58 21.25
C LEU A 517 10.85 22.55 20.14
N PHE A 518 9.84 22.69 19.27
CA PHE A 518 9.63 21.70 18.23
C PHE A 518 10.71 21.81 17.15
N PHE A 519 11.21 23.01 16.91
CA PHE A 519 12.24 23.21 15.88
C PHE A 519 13.55 22.52 16.26
N MET A 520 13.77 22.25 17.53
CA MET A 520 15.01 21.60 17.97
C MET A 520 15.04 20.12 17.64
N TYR A 521 13.90 19.52 17.23
CA TYR A 521 13.88 18.14 16.80
C TYR A 521 14.44 17.96 15.41
N THR A 522 14.56 19.04 14.63
CA THR A 522 15.03 18.92 13.25
C THR A 522 16.49 18.52 13.19
N THR A 523 17.29 18.92 14.19
CA THR A 523 18.71 18.58 14.18
C THR A 523 18.94 17.09 14.32
N SER A 524 18.13 16.42 15.14
CA SER A 524 18.29 14.99 15.35
C SER A 524 17.98 14.21 14.08
N SER A 525 18.75 13.14 13.84
CA SER A 525 18.54 12.29 12.69
C SER A 525 17.59 11.13 12.98
N ILE A 526 17.07 11.04 14.21
CA ILE A 526 16.12 10.01 14.58
C ILE A 526 14.70 10.57 14.69
N LEU A 527 14.54 11.69 15.41
CA LEU A 527 13.25 12.35 15.54
C LEU A 527 13.04 13.44 14.51
N GLY A 528 14.02 13.70 13.65
CA GLY A 528 13.92 14.73 12.64
C GLY A 528 12.95 14.40 11.53
N PRO A 529 13.16 13.28 10.83
CA PRO A 529 12.22 12.92 9.75
C PRO A 529 10.79 12.73 10.23
N LEU A 530 10.61 12.21 11.45
CA LEU A 530 9.26 12.00 11.97
C LEU A 530 8.53 13.31 12.20
N GLN A 531 9.23 14.31 12.77
CA GLN A 531 8.59 15.59 13.05
C GLN A 531 8.18 16.31 11.77
N ILE A 532 9.01 16.23 10.73
CA ILE A 532 8.67 16.86 9.46
C ILE A 532 7.47 16.17 8.82
N SER A 533 7.35 14.84 8.99
CA SER A 533 6.21 14.12 8.45
C SER A 533 4.92 14.56 9.11
N MET A 534 4.94 14.77 10.43
CA MET A 534 3.74 15.23 11.13
C MET A 534 3.36 16.65 10.74
N GLY A 535 4.35 17.47 10.39
CA GLY A 535 4.05 18.83 9.96
C GLY A 535 3.28 18.90 8.66
N GLN A 536 3.57 17.99 7.73
CA GLN A 536 2.92 18.00 6.43
C GLN A 536 1.52 17.39 6.47
N MET A 537 1.20 16.61 7.50
CA MET A 537 -0.15 16.06 7.64
C MET A 537 -1.11 17.02 8.35
N LEU A 538 -0.62 18.17 8.81
CA LEU A 538 -1.51 19.14 9.43
C LEU A 538 -2.36 19.87 8.41
N GLN A 539 -1.94 19.86 7.14
CA GLN A 539 -2.72 20.54 6.11
C GLN A 539 -4.00 19.79 5.78
N ASP A 540 -4.01 18.46 5.95
CA ASP A 540 -5.22 17.69 5.71
C ASP A 540 -6.23 17.85 6.84
N PHE A 541 -5.76 18.27 8.02
CA PHE A 541 -6.68 18.48 9.14
C PHE A 541 -7.51 19.75 8.94
N GLY A 542 -6.95 20.74 8.25
CA GLY A 542 -7.68 21.98 8.04
C GLY A 542 -8.90 21.81 7.17
N LYS A 543 -8.85 20.92 6.18
CA LYS A 543 -9.99 20.70 5.31
C LYS A 543 -11.14 20.04 6.06
N PHE A 544 -10.85 19.15 7.01
CA PHE A 544 -11.90 18.51 7.78
C PHE A 544 -12.52 19.49 8.78
N LEU A 545 -11.77 20.51 9.18
CA LEU A 545 -12.33 21.51 10.10
C LEU A 545 -13.47 22.28 9.47
N GLY A 546 -13.37 22.56 8.16
CA GLY A 546 -14.44 23.31 7.51
C GLY A 546 -15.75 22.57 7.45
N MET A 547 -15.70 21.26 7.14
CA MET A 547 -16.94 20.48 7.05
C MET A 547 -17.52 20.21 8.44
N PHE A 548 -16.67 19.87 9.41
CA PHE A 548 -17.17 19.61 10.75
C PHE A 548 -17.75 20.85 11.39
N LEU A 549 -17.22 22.03 11.06
CA LEU A 549 -17.70 23.26 11.68
C LEU A 549 -19.13 23.57 11.29
N LEU A 550 -19.54 23.19 10.07
CA LEU A 550 -20.92 23.42 9.65
C LEU A 550 -21.86 22.40 10.28
N VAL A 551 -21.41 21.17 10.47
CA VAL A 551 -22.24 20.16 11.11
C VAL A 551 -22.52 20.53 12.57
N LEU A 552 -21.51 21.03 13.27
CA LEU A 552 -21.69 21.46 14.65
C LEU A 552 -22.64 22.65 14.74
N PHE A 553 -22.60 23.55 13.76
CA PHE A 553 -23.49 24.71 13.76
C PHE A 553 -24.92 24.33 13.41
N SER A 554 -25.11 23.29 12.61
CA SER A 554 -26.45 22.89 12.20
C SER A 554 -27.22 22.27 13.36
N PHE A 555 -26.58 21.38 14.12
CA PHE A 555 -27.26 20.74 15.24
C PHE A 555 -27.42 21.68 16.42
N THR A 556 -26.58 22.73 16.50
CA THR A 556 -26.74 23.71 17.55
C THR A 556 -28.00 24.53 17.37
N ILE A 557 -28.36 24.82 16.11
CA ILE A 557 -29.57 25.59 15.83
C ILE A 557 -30.81 24.85 16.28
N GLY A 558 -30.94 23.58 15.88
CA GLY A 558 -32.14 22.83 16.22
C GLY A 558 -32.26 22.52 17.70
N LEU A 559 -31.13 22.20 18.36
CA LEU A 559 -31.18 21.80 19.76
C LEU A 559 -31.56 22.96 20.66
N THR A 560 -31.06 24.16 20.37
CA THR A 560 -31.41 25.32 21.19
C THR A 560 -32.82 25.82 20.88
N GLN A 561 -33.37 25.45 19.72
CA GLN A 561 -34.76 25.80 19.41
C GLN A 561 -35.72 24.95 20.24
N LEU A 562 -35.40 23.68 20.43
CA LEU A 562 -36.29 22.75 21.12
C LEU A 562 -36.28 22.95 22.63
N TYR A 563 -35.12 23.31 23.21
CA TYR A 563 -35.02 23.35 24.69
C TYR A 563 -35.19 24.75 25.29
N ASP A 564 -34.80 25.81 24.58
CA ASP A 564 -34.84 27.16 25.18
C ASP A 564 -36.27 27.53 25.56
N LYS A 565 -37.25 27.15 24.75
CA LYS A 565 -38.68 27.49 25.02
C LYS A 565 -39.11 26.86 26.34
N GLY A 566 -38.71 25.61 26.60
CA GLY A 566 -39.08 24.92 27.85
C GLY A 566 -38.51 25.62 29.07
N GLY A 577 -23.89 24.20 33.75
CA GLY A 577 -24.27 23.24 32.73
C GLY A 577 -23.58 21.91 32.85
N ILE A 578 -22.67 21.62 31.91
CA ILE A 578 -21.97 20.35 31.91
C ILE A 578 -20.80 20.36 32.91
N PHE A 579 -20.41 21.53 33.41
CA PHE A 579 -19.28 21.63 34.31
C PHE A 579 -19.66 21.46 35.77
N CYS A 580 -20.91 21.16 36.06
CA CYS A 580 -21.32 20.85 37.42
C CYS A 580 -21.17 19.36 37.70
N GLU A 581 -21.14 19.01 38.99
CA GLU A 581 -21.05 17.60 39.36
C GLU A 581 -22.28 16.83 38.89
N GLN A 582 -23.46 17.44 39.03
CA GLN A 582 -24.70 16.88 38.50
C GLN A 582 -25.06 17.71 37.27
N GLN A 583 -24.72 17.18 36.09
CA GLN A 583 -25.02 17.87 34.85
C GLN A 583 -26.52 17.93 34.61
N SER A 584 -27.01 19.08 34.14
CA SER A 584 -28.43 19.33 34.00
C SER A 584 -28.73 19.77 32.57
N ASN A 585 -30.03 19.99 32.31
CA ASN A 585 -30.51 20.38 30.99
C ASN A 585 -30.18 21.83 30.64
N ASP A 586 -29.66 22.60 31.58
CA ASP A 586 -29.44 24.03 31.36
C ASP A 586 -28.35 24.30 30.31
N THR A 587 -27.58 23.28 29.92
CA THR A 587 -26.57 23.50 28.90
C THR A 587 -27.17 23.79 27.53
N PHE A 588 -28.44 23.45 27.32
CA PHE A 588 -29.10 23.66 26.04
C PHE A 588 -29.91 24.95 26.00
N HIS A 589 -29.80 25.79 27.02
CA HIS A 589 -30.57 27.02 27.12
C HIS A 589 -29.85 28.22 26.51
N SER A 590 -28.70 28.01 25.88
CA SER A 590 -27.96 29.10 25.26
C SER A 590 -27.20 28.57 24.06
N PHE A 591 -26.86 29.49 23.15
CA PHE A 591 -26.06 29.11 21.98
C PHE A 591 -24.65 28.69 22.39
N ILE A 592 -24.05 29.41 23.33
CA ILE A 592 -22.70 29.07 23.77
C ILE A 592 -22.70 27.76 24.53
N GLY A 593 -23.69 27.55 25.40
CA GLY A 593 -23.76 26.30 26.14
C GLY A 593 -24.02 25.09 25.26
N THR A 594 -24.83 25.26 24.22
CA THR A 594 -25.10 24.15 23.32
C THR A 594 -23.87 23.75 22.52
N CYS A 595 -23.08 24.74 22.09
CA CYS A 595 -21.86 24.44 21.34
C CYS A 595 -20.86 23.68 22.20
N PHE A 596 -20.78 24.02 23.49
CA PHE A 596 -19.82 23.35 24.37
C PHE A 596 -20.22 21.90 24.61
N ALA A 597 -21.52 21.64 24.79
CA ALA A 597 -21.98 20.28 25.06
C ALA A 597 -21.73 19.38 23.86
N LEU A 598 -22.00 19.86 22.64
CA LEU A 598 -21.76 19.05 21.45
C LEU A 598 -20.28 18.85 21.21
N PHE A 599 -19.44 19.79 21.66
CA PHE A 599 -18.00 19.68 21.45
C PHE A 599 -17.43 18.49 22.22
N TRP A 600 -17.91 18.26 23.45
CA TRP A 600 -17.37 17.22 24.29
C TRP A 600 -17.89 15.83 23.94
N TYR A 601 -18.84 15.73 23.01
CA TYR A 601 -19.31 14.43 22.54
C TYR A 601 -18.38 13.81 21.51
N ILE A 602 -17.45 14.58 20.93
CA ILE A 602 -16.60 14.07 19.81
C ILE A 602 -15.65 12.98 20.31
N PHE A 603 -15.16 13.10 21.54
CA PHE A 603 -14.14 12.16 22.07
C PHE A 603 -14.67 10.73 22.21
N SER A 604 -15.95 10.53 22.53
CA SER A 604 -16.55 9.19 22.77
C SER A 604 -16.06 8.63 24.10
N LEU A 605 -15.68 9.52 25.03
CA LEU A 605 -15.18 9.11 26.36
C LEU A 605 -16.27 9.30 27.43
N ALA A 606 -17.52 9.51 27.02
CA ALA A 606 -18.66 9.68 27.95
C ALA A 606 -18.51 10.91 28.85
N HIS A 607 -17.99 12.02 28.33
CA HIS A 607 -17.88 13.28 29.13
C HIS A 607 -19.27 13.79 29.51
N VAL A 608 -20.25 13.71 28.60
CA VAL A 608 -21.63 14.22 28.87
C VAL A 608 -22.61 13.05 28.93
N ALA A 609 -23.52 13.03 29.90
CA ALA A 609 -24.50 11.97 30.11
C ALA A 609 -25.77 12.20 29.29
N ILE A 610 -26.53 11.13 29.12
CA ILE A 610 -27.78 11.21 28.37
C ILE A 610 -28.88 11.89 29.15
N PHE A 611 -28.79 11.90 30.49
CA PHE A 611 -29.81 12.52 31.32
C PHE A 611 -29.97 14.01 31.02
N VAL A 612 -28.94 14.63 30.44
CA VAL A 612 -29.01 16.04 30.09
C VAL A 612 -30.12 16.33 29.09
N THR A 613 -30.39 15.42 28.16
CA THR A 613 -31.40 15.64 27.14
C THR A 613 -32.82 15.63 27.68
N ARG A 614 -33.02 15.15 28.91
CA ARG A 614 -34.41 15.03 29.46
C ARG A 614 -34.91 16.38 30.00
N PHE A 615 -36.14 16.78 29.63
CA PHE A 615 -36.75 18.04 30.13
C PHE A 615 -37.00 17.93 31.64
N SER A 616 -36.79 19.01 32.38
CA SER A 616 -36.92 18.96 33.87
C SER A 616 -38.35 18.66 34.33
N TYR A 617 -39.37 19.30 33.74
CA TYR A 617 -40.75 19.12 34.28
C TYR A 617 -41.48 17.92 33.63
N GLY A 618 -41.48 17.83 32.30
CA GLY A 618 -42.12 16.69 31.63
C GLY A 618 -41.79 16.63 30.15
N GLU A 619 -42.71 17.11 29.30
CA GLU A 619 -42.47 17.15 27.82
C GLU A 619 -42.03 15.77 27.33
N GLU A 620 -42.72 14.71 27.74
CA GLU A 620 -42.32 13.32 27.38
C GLU A 620 -41.95 13.22 25.91
N LEU A 621 -42.76 13.80 25.01
CA LEU A 621 -42.47 13.66 23.58
C LEU A 621 -41.24 14.47 23.18
N GLN A 622 -41.13 15.70 23.69
CA GLN A 622 -40.00 16.55 23.30
C GLN A 622 -38.68 16.04 23.88
N SER A 623 -38.73 15.33 25.01
CA SER A 623 -37.52 14.73 25.56
C SER A 623 -37.01 13.61 24.65
N PHE A 624 -37.92 12.84 24.06
CA PHE A 624 -37.50 11.76 23.17
C PHE A 624 -36.94 12.30 21.87
N VAL A 625 -37.53 13.36 21.33
CA VAL A 625 -37.03 13.94 20.08
C VAL A 625 -35.64 14.51 20.27
N GLY A 626 -35.39 15.16 21.41
CA GLY A 626 -34.06 15.68 21.68
C GLY A 626 -33.02 14.59 21.79
N ALA A 627 -33.39 13.43 22.33
CA ALA A 627 -32.46 12.32 22.41
C ALA A 627 -32.15 11.74 21.04
N VAL A 628 -33.14 11.72 20.14
CA VAL A 628 -32.89 11.23 18.79
C VAL A 628 -31.98 12.16 18.03
N ILE A 629 -32.12 13.47 18.24
CA ILE A 629 -31.27 14.45 17.56
C ILE A 629 -29.82 14.27 18.00
N VAL A 630 -29.59 14.06 19.29
CA VAL A 630 -28.22 13.88 19.79
C VAL A 630 -27.64 12.57 19.28
N GLY A 631 -28.47 11.52 19.21
CA GLY A 631 -27.98 10.25 18.71
C GLY A 631 -27.56 10.30 17.24
N THR A 632 -28.29 11.08 16.44
CA THR A 632 -27.92 11.26 15.04
C THR A 632 -26.60 12.03 14.93
N TYR A 633 -26.38 13.00 15.82
CA TYR A 633 -25.12 13.74 15.81
C TYR A 633 -23.94 12.83 16.11
N ASN A 634 -24.10 11.91 17.06
CA ASN A 634 -23.00 11.01 17.43
C ASN A 634 -22.61 10.11 16.27
N VAL A 635 -23.60 9.56 15.56
CA VAL A 635 -23.30 8.66 14.45
C VAL A 635 -22.61 9.41 13.31
N VAL A 636 -23.08 10.63 13.01
CA VAL A 636 -22.54 11.39 11.89
C VAL A 636 -21.08 11.75 12.15
N VAL A 637 -20.77 12.17 13.37
CA VAL A 637 -19.46 12.71 13.71
C VAL A 637 -18.49 11.64 14.21
N VAL A 638 -18.91 10.87 15.22
CA VAL A 638 -17.99 9.94 15.85
C VAL A 638 -17.75 8.69 15.02
N ILE A 639 -18.67 8.33 14.13
CA ILE A 639 -18.60 7.04 13.45
C ILE A 639 -18.31 7.23 11.96
N VAL A 640 -18.77 8.34 11.40
CA VAL A 640 -18.63 8.61 9.96
C VAL A 640 -17.51 9.60 9.68
N LEU A 641 -17.54 10.76 10.32
CA LEU A 641 -16.53 11.78 10.04
C LEU A 641 -15.16 11.38 10.56
N THR A 642 -15.12 10.70 11.71
CA THR A 642 -13.83 10.31 12.28
C THR A 642 -13.15 9.23 11.45
N LYS A 643 -13.92 8.24 10.97
CA LYS A 643 -13.33 7.18 10.16
C LYS A 643 -12.88 7.71 8.81
N LEU A 644 -13.60 8.70 8.26
CA LEU A 644 -13.18 9.30 7.01
C LEU A 644 -11.86 10.06 7.18
N LEU A 645 -11.65 10.68 8.34
CA LEU A 645 -10.41 11.39 8.59
C LEU A 645 -9.22 10.44 8.63
N VAL A 646 -9.39 9.27 9.26
CA VAL A 646 -8.33 8.28 9.31
C VAL A 646 -8.03 7.72 7.92
N ALA A 647 -9.01 7.71 7.03
CA ALA A 647 -8.80 7.12 5.71
C ALA A 647 -7.83 7.96 4.87
N MET A 648 -7.91 9.28 4.98
CA MET A 648 -7.03 10.14 4.19
C MET A 648 -5.64 10.20 4.77
N LEU A 649 -5.52 10.17 6.11
CA LEU A 649 -4.21 10.16 6.73
C LEU A 649 -3.44 8.90 6.36
N HIS A 650 -4.14 7.78 6.18
CA HIS A 650 -3.52 6.57 5.64
C HIS A 650 -3.05 6.80 4.21
N LYS A 651 -3.87 7.49 3.40
CA LYS A 651 -3.51 7.68 1.96
C LYS A 651 -2.39 8.72 1.84
N SER A 652 -2.55 9.88 2.48
CA SER A 652 -1.55 10.99 2.36
C SER A 652 -0.18 10.57 2.91
N PHE A 653 -0.15 9.85 4.03
CA PHE A 653 1.16 9.51 4.66
C PHE A 653 1.98 8.66 3.69
N GLN A 654 1.35 7.74 2.96
CA GLN A 654 2.11 6.85 2.06
C GLN A 654 2.84 7.70 1.01
N LEU A 655 2.15 8.70 0.45
CA LEU A 655 2.79 9.60 -0.55
C LEU A 655 3.92 10.40 0.11
N ILE A 656 3.70 10.90 1.33
CA ILE A 656 4.72 11.72 2.05
C ILE A 656 5.94 10.84 2.37
N ALA A 657 5.71 9.59 2.79
CA ALA A 657 6.82 8.72 3.21
C ALA A 657 7.87 8.59 2.10
N ASN A 658 7.48 8.82 0.85
CA ASN A 658 8.43 8.63 -0.25
C ASN A 658 9.55 9.66 -0.18
N HIS A 659 9.22 10.91 0.11
CA HIS A 659 10.19 12.00 0.14
C HIS A 659 10.60 12.38 1.56
N GLU A 660 10.60 11.42 2.48
CA GLU A 660 10.89 11.74 3.88
C GLU A 660 12.31 12.24 4.07
N ASP A 661 13.28 11.61 3.39
CA ASP A 661 14.67 12.00 3.58
C ASP A 661 14.98 13.33 2.90
N LYS A 662 14.42 13.56 1.71
CA LYS A 662 14.70 14.81 1.00
C LYS A 662 14.08 16.00 1.71
N GLU A 663 12.90 15.83 2.31
CA GLU A 663 12.25 16.95 2.99
C GLU A 663 12.96 17.30 4.30
N TRP A 664 13.41 16.29 5.04
CA TRP A 664 14.08 16.55 6.31
C TRP A 664 15.42 17.24 6.11
N LYS A 665 16.18 16.82 5.09
CA LYS A 665 17.48 17.41 4.85
C LYS A 665 17.37 18.88 4.44
N PHE A 666 16.33 19.22 3.68
CA PHE A 666 16.11 20.62 3.32
C PHE A 666 15.76 21.45 4.54
N ALA A 667 14.99 20.88 5.47
CA ALA A 667 14.62 21.62 6.67
C ALA A 667 15.80 21.80 7.61
N ARG A 668 16.66 20.78 7.71
CA ARG A 668 17.83 20.88 8.58
C ARG A 668 18.84 21.88 8.04
N ALA A 669 19.04 21.91 6.72
CA ALA A 669 19.97 22.86 6.13
C ALA A 669 19.46 24.29 6.27
N LYS A 670 18.13 24.48 6.18
CA LYS A 670 17.56 25.80 6.40
C LYS A 670 17.81 26.29 7.81
N LEU A 671 17.70 25.38 8.79
CA LEU A 671 17.93 25.76 10.19
C LEU A 671 19.40 26.04 10.45
N TRP A 672 20.29 25.24 9.86
CA TRP A 672 21.73 25.46 10.07
C TRP A 672 22.18 26.80 9.50
N LEU A 673 21.66 27.18 8.32
CA LEU A 673 22.12 28.38 7.65
C LEU A 673 21.83 29.64 8.45
N SER A 674 20.84 29.59 9.34
CA SER A 674 20.52 30.76 10.17
C SER A 674 21.60 31.05 11.20
N TYR A 675 22.40 30.06 11.57
CA TYR A 675 23.48 30.23 12.54
C TYR A 675 24.81 30.54 11.90
N PHE A 676 24.89 30.55 10.57
CA PHE A 676 26.14 30.90 9.89
C PHE A 676 26.40 32.40 9.94
N ASP A 677 25.35 33.21 9.90
CA ASP A 677 25.50 34.66 9.96
C ASP A 677 25.97 35.09 11.34
N ASP A 678 26.89 36.06 11.36
CA ASP A 678 27.40 36.63 12.60
C ASP A 678 26.57 37.80 13.10
N LYS A 679 25.44 38.09 12.46
CA LYS A 679 24.60 39.21 12.88
C LYS A 679 24.10 39.03 14.30
N CYS A 680 23.65 37.82 14.65
CA CYS A 680 23.15 37.50 15.98
C CYS A 680 24.06 36.42 16.58
N THR A 681 24.97 36.83 17.47
CA THR A 681 25.93 35.87 18.08
C THR A 681 25.66 35.68 19.57
N LEU A 682 25.34 36.76 20.30
CA LEU A 682 25.16 36.65 21.77
C LEU A 682 23.80 36.04 22.11
N PRO A 683 23.67 35.32 23.24
CA PRO A 683 22.38 34.76 23.67
C PRO A 683 21.45 35.90 24.08
N PRO A 684 20.12 35.70 24.21
CA PRO A 684 19.19 36.82 24.47
C PRO A 684 19.42 37.70 25.71
N PRO A 685 19.74 37.24 26.94
CA PRO A 685 20.00 38.17 28.04
C PRO A 685 21.22 39.04 27.73
N PHE A 686 22.27 38.47 27.12
CA PHE A 686 23.51 39.24 26.86
C PHE A 686 23.39 40.12 25.60
N ASN A 687 22.46 39.80 24.69
CA ASN A 687 22.38 40.56 23.40
C ASN A 687 22.04 42.04 23.65
N ILE A 688 21.15 42.32 24.61
CA ILE A 688 20.69 43.72 24.85
C ILE A 688 21.89 44.59 25.25
N ILE A 689 22.81 44.05 26.04
CA ILE A 689 23.99 44.84 26.52
C ILE A 689 24.79 45.26 25.28
N PRO A 690 25.19 46.55 25.16
CA PRO A 690 26.01 46.99 24.03
C PRO A 690 27.36 46.28 24.00
N GLN A 729 36.06 40.04 -11.48
CA GLN A 729 36.72 39.61 -12.71
C GLN A 729 37.72 38.49 -12.46
N LYS A 730 38.37 38.54 -11.30
CA LYS A 730 39.30 37.47 -10.94
C LYS A 730 38.55 36.21 -10.51
N ARG A 731 37.42 36.38 -9.83
CA ARG A 731 36.62 35.25 -9.41
C ARG A 731 35.62 34.82 -10.48
N ASP A 732 35.23 35.73 -11.36
CA ASP A 732 34.35 35.36 -12.47
C ASP A 732 35.08 34.48 -13.48
N GLU A 733 36.36 34.76 -13.71
CA GLU A 733 37.14 33.93 -14.63
C GLU A 733 37.37 32.55 -14.07
N ASN A 734 37.61 32.45 -12.76
CA ASN A 734 37.73 31.15 -12.12
C ASN A 734 36.42 30.38 -12.17
N TYR A 735 35.30 31.07 -12.00
CA TYR A 735 34.00 30.41 -12.05
C TYR A 735 33.71 29.86 -13.44
N GLN A 736 34.12 30.59 -14.49
CA GLN A 736 33.89 30.11 -15.85
C GLN A 736 34.70 28.85 -16.14
N LYS A 737 35.94 28.79 -15.64
CA LYS A 737 36.77 27.61 -15.87
C LYS A 737 36.13 26.37 -15.26
N VAL A 738 35.59 26.50 -14.05
CA VAL A 738 34.91 25.37 -13.42
C VAL A 738 33.61 25.05 -14.17
N MET A 739 32.92 26.08 -14.65
CA MET A 739 31.66 25.86 -15.34
C MET A 739 31.84 25.04 -16.62
N CYS A 740 32.87 25.35 -17.41
CA CYS A 740 33.11 24.59 -18.63
C CYS A 740 33.45 23.14 -18.33
N CYS A 741 34.20 22.90 -17.25
CA CYS A 741 34.51 21.53 -16.85
C CYS A 741 33.24 20.78 -16.46
N LEU A 742 32.37 21.42 -15.66
CA LEU A 742 31.14 20.77 -15.22
C LEU A 742 30.20 20.51 -16.40
N VAL A 743 30.12 21.46 -17.33
CA VAL A 743 29.24 21.30 -18.49
C VAL A 743 29.72 20.15 -19.37
N HIS A 744 31.03 20.09 -19.62
CA HIS A 744 31.54 19.08 -20.54
C HIS A 744 31.52 17.69 -19.90
N ARG A 745 31.72 17.61 -18.58
CA ARG A 745 31.55 16.34 -17.89
C ARG A 745 30.12 15.84 -17.98
N TYR A 746 29.15 16.75 -17.86
CA TYR A 746 27.74 16.36 -17.88
C TYR A 746 27.35 15.79 -19.24
N LEU A 747 27.84 16.39 -20.32
CA LEU A 747 27.54 15.88 -21.66
C LEU A 747 28.10 14.48 -21.84
N THR A 748 29.35 14.26 -21.38
CA THR A 748 29.96 12.93 -21.50
C THR A 748 29.22 11.92 -20.65
N SER A 749 28.84 12.29 -19.42
CA SER A 749 28.18 11.35 -18.53
C SER A 749 26.78 11.02 -19.01
N MET A 750 26.05 12.02 -19.52
CA MET A 750 24.67 11.80 -19.93
C MET A 750 24.56 10.87 -21.12
N ARG A 751 25.57 10.87 -22.00
CA ARG A 751 25.52 10.01 -23.19
C ARG A 751 25.55 8.55 -22.80
N GLN A 752 26.35 8.19 -21.80
CA GLN A 752 26.37 6.81 -21.33
C GLN A 752 25.08 6.42 -20.62
N LYS A 753 24.32 7.40 -20.14
CA LYS A 753 23.10 7.10 -19.41
C LYS A 753 22.07 6.44 -20.31
N MET A 754 21.95 6.90 -21.56
CA MET A 754 20.95 6.39 -22.49
C MET A 754 21.54 5.57 -23.63
N GLN A 755 22.81 5.78 -23.98
CA GLN A 755 23.45 5.03 -25.06
C GLN A 755 24.24 3.88 -24.45
N SER A 756 23.52 2.82 -24.10
CA SER A 756 24.12 1.64 -23.49
C SER A 756 23.80 0.34 -24.21
N THR A 757 22.59 0.21 -24.78
CA THR A 757 22.24 -1.02 -25.48
C THR A 757 23.01 -1.17 -26.79
N ASP A 758 23.39 -0.05 -27.41
CA ASP A 758 24.18 -0.04 -28.64
C ASP A 758 23.49 -0.78 -29.79
N GLN A 759 22.16 -0.77 -29.81
CA GLN A 759 21.43 -1.42 -30.90
C GLN A 759 21.67 -0.70 -32.23
N ALA A 760 21.72 0.63 -32.19
CA ALA A 760 21.95 1.42 -33.40
C ALA A 760 23.39 1.34 -33.89
N THR A 761 24.24 0.58 -33.21
CA THR A 761 25.62 0.36 -33.74
C THR A 761 25.56 -0.83 -34.70
N VAL A 762 25.08 -1.97 -34.21
CA VAL A 762 24.91 -3.18 -35.08
C VAL A 762 23.86 -2.87 -36.17
N GLU A 763 22.80 -2.12 -35.82
CA GLU A 763 21.77 -1.72 -36.81
C GLU A 763 22.42 -0.85 -37.89
N ASN A 764 23.31 0.07 -37.49
CA ASN A 764 24.03 0.93 -38.48
C ASN A 764 24.91 0.04 -39.37
N LEU A 765 25.56 -0.97 -38.79
CA LEU A 765 26.38 -1.91 -39.60
C LEU A 765 25.48 -2.61 -40.61
N ASN A 766 24.29 -3.04 -40.18
CA ASN A 766 23.33 -3.73 -41.09
C ASN A 766 22.90 -2.78 -42.20
N GLU A 767 22.70 -1.49 -41.86
CA GLU A 767 22.31 -0.46 -42.86
C GLU A 767 23.43 -0.30 -43.90
N LEU A 768 24.69 -0.27 -43.44
CA LEU A 768 25.81 -0.18 -44.42
C LEU A 768 25.76 -1.42 -45.31
N ARG A 769 25.49 -2.59 -44.70
CA ARG A 769 25.47 -3.86 -45.48
C ARG A 769 24.39 -3.76 -46.55
N GLN A 770 23.21 -3.27 -46.18
CA GLN A 770 22.07 -3.22 -47.14
C GLN A 770 22.39 -2.22 -48.25
N ASP A 771 23.03 -1.09 -47.90
CA ASP A 771 23.40 -0.10 -48.95
C ASP A 771 24.35 -0.78 -49.94
N LEU A 772 25.33 -1.52 -49.42
CA LEU A 772 26.31 -2.18 -50.31
C LEU A 772 25.56 -3.18 -51.21
N SER A 773 24.63 -3.94 -50.62
CA SER A 773 23.92 -4.99 -51.40
C SER A 773 23.09 -4.33 -52.50
N LYS A 774 22.40 -3.22 -52.18
CA LYS A 774 21.55 -2.54 -53.18
C LYS A 774 22.45 -2.01 -54.31
N PHE A 775 23.62 -1.48 -53.95
CA PHE A 775 24.56 -0.95 -54.97
C PHE A 775 24.97 -2.11 -55.87
N ARG A 776 25.30 -3.28 -55.29
CA ARG A 776 25.81 -4.43 -56.09
C ARG A 776 24.93 -4.71 -57.32
N ASN A 777 23.69 -5.14 -57.11
CA ASN A 777 22.83 -5.53 -58.26
C ASN A 777 22.57 -4.29 -59.15
N GLU A 778 22.43 -3.11 -58.55
CA GLU A 778 22.14 -1.87 -59.32
C GLU A 778 23.28 -1.60 -60.31
N ILE A 779 24.54 -1.83 -59.92
CA ILE A 779 25.68 -1.63 -60.86
C ILE A 779 25.86 -2.92 -61.68
N ASP B 16 7.82 -49.15 -9.14
CA ASP B 16 8.75 -48.11 -8.73
C ASP B 16 9.10 -47.16 -9.88
N ARG B 17 8.49 -47.40 -11.03
CA ARG B 17 8.72 -46.58 -12.22
C ARG B 17 7.39 -46.25 -12.86
N ILE B 18 7.31 -45.06 -13.45
CA ILE B 18 6.11 -44.59 -14.14
C ILE B 18 6.39 -44.62 -15.64
N PRO B 19 5.75 -45.50 -16.42
CA PRO B 19 5.94 -45.48 -17.86
C PRO B 19 5.33 -44.24 -18.48
N LEU B 20 5.90 -43.82 -19.60
CA LEU B 20 5.44 -42.62 -20.32
C LEU B 20 5.17 -42.98 -21.76
N GLN B 21 3.90 -42.88 -22.17
CA GLN B 21 3.49 -43.18 -23.52
C GLN B 21 2.59 -42.06 -24.04
N ILE B 22 2.43 -42.01 -25.35
CA ILE B 22 1.56 -41.04 -26.00
C ILE B 22 0.15 -41.64 -26.03
N VAL B 23 -0.75 -41.06 -25.24
CA VAL B 23 -2.10 -41.62 -25.11
C VAL B 23 -2.90 -41.41 -26.38
N ARG B 24 -2.85 -40.21 -26.96
CA ARG B 24 -3.58 -39.88 -28.18
C ARG B 24 -2.56 -39.53 -29.27
N ALA B 25 -2.38 -40.45 -30.21
CA ALA B 25 -1.37 -40.31 -31.25
C ALA B 25 -2.03 -39.93 -32.56
N GLU B 26 -1.44 -38.96 -33.26
CA GLU B 26 -1.92 -38.55 -34.57
C GLU B 26 -1.35 -39.46 -35.65
N THR B 27 -1.75 -39.19 -36.89
CA THR B 27 -1.21 -39.93 -38.03
C THR B 27 0.23 -39.49 -38.29
N GLU B 28 1.13 -40.46 -38.39
CA GLU B 28 2.54 -40.15 -38.60
C GLU B 28 2.77 -39.65 -40.03
N LEU B 29 3.59 -38.61 -40.16
CA LEU B 29 3.95 -38.10 -41.46
C LEU B 29 5.09 -38.90 -42.08
N SER B 30 5.01 -39.12 -43.38
CA SER B 30 6.04 -39.86 -44.09
C SER B 30 7.34 -39.05 -44.14
N ALA B 31 8.44 -39.75 -44.45
CA ALA B 31 9.74 -39.09 -44.49
C ALA B 31 9.78 -38.00 -45.57
N GLU B 32 9.21 -38.27 -46.74
CA GLU B 32 9.18 -37.28 -47.80
C GLU B 32 8.38 -36.04 -47.37
N GLU B 33 7.26 -36.25 -46.70
CA GLU B 33 6.46 -35.12 -46.22
C GLU B 33 7.21 -34.34 -45.14
N LYS B 34 7.94 -35.05 -44.27
CA LYS B 34 8.74 -34.37 -43.26
C LYS B 34 9.82 -33.51 -43.90
N ALA B 35 10.50 -34.04 -44.91
CA ALA B 35 11.50 -33.26 -45.63
C ALA B 35 10.87 -32.07 -46.34
N PHE B 36 9.68 -32.27 -46.91
CA PHE B 36 8.94 -31.18 -47.56
C PHE B 36 8.66 -30.07 -46.58
N LEU B 37 8.17 -30.42 -45.39
CA LEU B 37 7.81 -29.40 -44.40
C LEU B 37 9.06 -28.71 -43.86
N ASN B 38 10.16 -29.45 -43.67
CA ASN B 38 11.40 -28.83 -43.23
C ASN B 38 11.93 -27.86 -44.28
N ALA B 39 11.82 -28.24 -45.57
CA ALA B 39 12.24 -27.33 -46.64
C ALA B 39 11.38 -26.08 -46.67
N VAL B 40 10.07 -26.23 -46.48
CA VAL B 40 9.19 -25.07 -46.46
C VAL B 40 9.53 -24.15 -45.29
N GLU B 41 9.77 -24.73 -44.11
CA GLU B 41 10.15 -23.93 -42.96
C GLU B 41 11.48 -23.21 -43.16
N LYS B 42 12.45 -23.90 -43.78
CA LYS B 42 13.77 -23.33 -44.02
C LYS B 42 13.76 -22.22 -45.06
N GLY B 43 12.67 -22.04 -45.79
CA GLY B 43 12.62 -21.01 -46.82
C GLY B 43 13.54 -21.26 -47.98
N ASP B 44 13.63 -22.52 -48.43
CA ASP B 44 14.47 -22.90 -49.56
C ASP B 44 13.57 -23.04 -50.78
N TYR B 45 13.59 -22.02 -51.65
CA TYR B 45 12.67 -21.99 -52.78
C TYR B 45 12.95 -23.13 -53.76
N ALA B 46 14.23 -23.41 -54.03
CA ALA B 46 14.57 -24.43 -55.02
C ALA B 46 14.09 -25.81 -54.60
N THR B 47 14.40 -26.20 -53.35
CA THR B 47 14.02 -27.52 -52.88
C THR B 47 12.50 -27.68 -52.82
N VAL B 48 11.80 -26.64 -52.35
CA VAL B 48 10.35 -26.72 -52.26
C VAL B 48 9.73 -26.79 -53.66
N LYS B 49 10.24 -26.01 -54.61
CA LYS B 49 9.73 -26.05 -55.97
C LYS B 49 9.95 -27.43 -56.60
N GLN B 50 11.14 -28.00 -56.40
CA GLN B 50 11.41 -29.33 -56.94
C GLN B 50 10.53 -30.38 -56.29
N ALA B 51 10.31 -30.28 -54.98
CA ALA B 51 9.44 -31.22 -54.29
C ALA B 51 8.01 -31.12 -54.80
N LEU B 52 7.51 -29.89 -55.00
CA LEU B 52 6.17 -29.72 -55.53
C LEU B 52 6.05 -30.30 -56.94
N GLN B 53 7.07 -30.06 -57.78
CA GLN B 53 7.01 -30.60 -59.14
C GLN B 53 7.03 -32.12 -59.14
N GLU B 54 7.90 -32.73 -58.33
CA GLU B 54 7.98 -34.19 -58.32
C GLU B 54 6.71 -34.80 -57.70
N ALA B 55 6.10 -34.10 -56.74
CA ALA B 55 4.82 -34.56 -56.23
C ALA B 55 3.73 -34.47 -57.28
N GLU B 56 3.74 -33.40 -58.08
CA GLU B 56 2.74 -33.26 -59.13
C GLU B 56 2.87 -34.33 -60.19
N ILE B 57 4.12 -34.65 -60.59
CA ILE B 57 4.32 -35.62 -61.66
C ILE B 57 4.54 -37.05 -61.15
N TYR B 58 4.48 -37.27 -59.83
CA TYR B 58 4.74 -38.59 -59.29
C TYR B 58 3.66 -39.02 -58.31
N TYR B 59 3.02 -38.06 -57.65
CA TYR B 59 1.98 -38.32 -56.65
C TYR B 59 2.47 -39.27 -55.56
N ASN B 62 1.59 -35.59 -49.49
CA ASN B 62 0.37 -34.90 -49.89
C ASN B 62 0.53 -33.40 -49.78
N ILE B 63 -0.02 -32.66 -50.75
CA ILE B 63 0.10 -31.21 -50.75
C ILE B 63 -0.63 -30.61 -49.56
N ASN B 64 -1.75 -31.22 -49.16
CA ASN B 64 -2.57 -30.73 -48.06
C ASN B 64 -2.31 -31.46 -46.76
N CYS B 65 -1.06 -31.84 -46.48
CA CYS B 65 -0.73 -32.50 -45.23
C CYS B 65 -0.55 -31.48 -44.11
N MET B 66 -0.80 -31.94 -42.87
CA MET B 66 -0.62 -31.11 -41.69
C MET B 66 0.52 -31.68 -40.84
N ASP B 67 1.29 -30.78 -40.24
CA ASP B 67 2.24 -31.16 -39.21
C ASP B 67 1.46 -31.48 -37.95
N PRO B 68 2.11 -32.11 -36.96
CA PRO B 68 1.40 -32.39 -35.69
C PRO B 68 0.78 -31.16 -35.06
N LEU B 69 1.41 -29.99 -35.20
CA LEU B 69 0.84 -28.75 -34.70
C LEU B 69 -0.41 -28.33 -35.47
N GLY B 70 -0.64 -28.89 -36.66
CA GLY B 70 -1.84 -28.62 -37.41
C GLY B 70 -1.72 -27.59 -38.51
N ARG B 71 -0.51 -27.10 -38.80
CA ARG B 71 -0.31 -26.06 -39.80
C ARG B 71 0.03 -26.69 -41.14
N SER B 72 -0.84 -26.46 -42.14
CA SER B 72 -0.50 -26.87 -43.49
C SER B 72 0.59 -25.95 -44.05
N ALA B 73 1.19 -26.38 -45.16
CA ALA B 73 2.35 -25.67 -45.71
C ALA B 73 2.05 -24.20 -45.97
N LEU B 74 0.82 -23.91 -46.41
CA LEU B 74 0.42 -22.52 -46.60
C LEU B 74 0.48 -21.74 -45.29
N LEU B 75 0.14 -22.38 -44.17
CA LEU B 75 0.18 -21.70 -42.89
C LEU B 75 1.61 -21.33 -42.50
N ILE B 76 2.56 -22.25 -42.70
CA ILE B 76 3.96 -21.92 -42.40
C ILE B 76 4.49 -20.87 -43.36
N ALA B 77 4.02 -20.90 -44.62
CA ALA B 77 4.40 -19.84 -45.55
C ALA B 77 3.90 -18.48 -45.08
N ILE B 78 2.67 -18.44 -44.56
CA ILE B 78 2.13 -17.20 -44.01
C ILE B 78 2.94 -16.74 -42.80
N GLU B 79 3.26 -17.69 -41.90
CA GLU B 79 3.97 -17.34 -40.68
C GLU B 79 5.39 -16.87 -40.96
N ASN B 80 5.99 -17.36 -42.06
CA ASN B 80 7.37 -16.99 -42.37
C ASN B 80 7.48 -15.66 -43.09
N GLU B 81 6.34 -15.00 -43.38
CA GLU B 81 6.31 -13.72 -44.07
C GLU B 81 7.01 -13.79 -45.44
N ASN B 82 6.80 -14.88 -46.17
CA ASN B 82 7.37 -15.04 -47.49
C ASN B 82 6.25 -15.06 -48.52
N LEU B 83 6.38 -14.21 -49.56
CA LEU B 83 5.34 -14.12 -50.57
C LEU B 83 5.57 -15.07 -51.73
N GLU B 84 6.83 -15.40 -52.05
CA GLU B 84 7.13 -16.14 -53.26
C GLU B 84 6.57 -17.56 -53.21
N ILE B 85 7.00 -18.34 -52.22
CA ILE B 85 6.44 -19.69 -52.10
C ILE B 85 4.96 -19.64 -51.78
N MET B 86 4.48 -18.57 -51.15
CA MET B 86 3.04 -18.45 -50.91
C MET B 86 2.28 -18.44 -52.23
N GLU B 87 2.71 -17.61 -53.18
CA GLU B 87 2.13 -17.64 -54.52
C GLU B 87 2.37 -18.99 -55.19
N LEU B 88 3.51 -19.63 -54.89
CA LEU B 88 3.81 -20.93 -55.52
C LEU B 88 2.78 -21.98 -55.13
N LEU B 89 2.50 -22.12 -53.84
CA LEU B 89 1.42 -23.03 -53.41
C LEU B 89 0.06 -22.57 -53.93
N LEU B 90 -0.21 -21.26 -53.86
CA LEU B 90 -1.53 -20.79 -54.29
C LEU B 90 -1.79 -21.12 -55.75
N ASN B 91 -0.74 -21.16 -56.57
CA ASN B 91 -0.93 -21.48 -57.97
C ASN B 91 -1.23 -22.97 -58.17
N HIS B 92 -0.60 -23.82 -57.38
CA HIS B 92 -0.75 -25.27 -57.55
C HIS B 92 -1.74 -25.91 -56.58
N SER B 93 -1.81 -25.42 -55.35
CA SER B 93 -2.60 -26.06 -54.31
C SER B 93 -4.01 -25.48 -54.24
N VAL B 94 -4.83 -26.12 -53.41
CA VAL B 94 -6.20 -25.72 -53.14
C VAL B 94 -6.38 -25.65 -51.63
N TYR B 95 -7.64 -25.51 -51.20
CA TYR B 95 -8.00 -25.52 -49.77
C TYR B 95 -7.31 -24.36 -49.04
N VAL B 96 -7.66 -23.14 -49.43
CA VAL B 96 -7.15 -21.96 -48.72
C VAL B 96 -7.61 -21.99 -47.27
N GLY B 97 -8.88 -22.30 -47.06
CA GLY B 97 -9.40 -22.41 -45.70
C GLY B 97 -9.38 -21.08 -44.97
N ASP B 98 -8.85 -21.10 -43.76
CA ASP B 98 -8.78 -19.92 -42.90
C ASP B 98 -7.49 -19.13 -43.06
N ALA B 99 -6.80 -19.30 -44.20
CA ALA B 99 -5.53 -18.61 -44.39
C ALA B 99 -5.68 -17.10 -44.32
N LEU B 100 -6.83 -16.58 -44.76
CA LEU B 100 -7.07 -15.14 -44.67
C LEU B 100 -7.08 -14.67 -43.23
N LEU B 101 -7.73 -15.43 -42.34
CA LEU B 101 -7.77 -15.06 -40.93
C LEU B 101 -6.39 -15.07 -40.30
N TYR B 102 -5.58 -16.08 -40.63
CA TYR B 102 -4.23 -16.15 -40.09
C TYR B 102 -3.37 -15.01 -40.62
N ALA B 103 -3.55 -14.64 -41.89
CA ALA B 103 -2.82 -13.49 -42.43
C ALA B 103 -3.25 -12.19 -41.75
N ILE B 104 -4.54 -12.03 -41.49
CA ILE B 104 -5.04 -10.82 -40.85
C ILE B 104 -4.54 -10.72 -39.42
N ARG B 105 -4.51 -11.84 -38.70
CA ARG B 105 -4.08 -11.80 -37.30
C ARG B 105 -2.63 -11.37 -37.18
N LYS B 106 -1.77 -11.85 -38.08
CA LYS B 106 -0.36 -11.47 -38.07
C LYS B 106 -0.14 -10.04 -38.54
N GLU B 107 -1.15 -9.43 -39.18
CA GLU B 107 -1.09 -8.04 -39.65
C GLU B 107 -0.03 -7.86 -40.73
N VAL B 108 -0.14 -8.68 -41.78
CA VAL B 108 0.74 -8.61 -42.94
C VAL B 108 -0.10 -8.11 -44.12
N VAL B 109 0.24 -6.93 -44.62
CA VAL B 109 -0.59 -6.30 -45.65
C VAL B 109 -0.47 -7.05 -46.98
N GLY B 110 0.75 -7.40 -47.37
CA GLY B 110 0.95 -8.02 -48.67
C GLY B 110 0.28 -9.38 -48.78
N ALA B 111 0.41 -10.21 -47.75
CA ALA B 111 -0.22 -11.53 -47.77
C ALA B 111 -1.75 -11.41 -47.79
N VAL B 112 -2.30 -10.48 -47.03
CA VAL B 112 -3.75 -10.28 -47.03
C VAL B 112 -4.22 -9.84 -48.41
N GLU B 113 -3.49 -8.90 -49.03
CA GLU B 113 -3.87 -8.45 -50.36
C GLU B 113 -3.78 -9.58 -51.38
N LEU B 114 -2.74 -10.40 -51.29
CA LEU B 114 -2.58 -11.52 -52.23
C LEU B 114 -3.70 -12.54 -52.05
N LEU B 115 -4.05 -12.84 -50.79
CA LEU B 115 -5.13 -13.80 -50.54
C LEU B 115 -6.47 -13.25 -51.03
N LEU B 116 -6.70 -11.95 -50.84
CA LEU B 116 -7.92 -11.34 -51.37
C LEU B 116 -7.96 -11.40 -52.89
N SER B 117 -6.82 -11.17 -53.53
CA SER B 117 -6.72 -11.25 -54.99
C SER B 117 -6.46 -12.68 -55.45
N PHE B 136 -9.06 -28.84 -37.88
CA PHE B 136 -8.67 -28.03 -36.74
C PHE B 136 -8.43 -26.58 -37.12
N SER B 137 -9.05 -25.67 -36.38
CA SER B 137 -8.87 -24.24 -36.59
C SER B 137 -8.64 -23.55 -35.26
N GLU B 138 -7.84 -22.49 -35.29
CA GLU B 138 -7.59 -21.69 -34.10
C GLU B 138 -8.67 -20.66 -33.84
N PHE B 139 -9.63 -20.53 -34.75
CA PHE B 139 -10.67 -19.51 -34.65
C PHE B 139 -12.04 -20.16 -34.48
N THR B 140 -12.85 -19.55 -33.61
CA THR B 140 -14.23 -19.99 -33.46
C THR B 140 -14.99 -19.77 -34.77
N PRO B 141 -15.87 -20.71 -35.15
CA PRO B 141 -16.46 -20.66 -36.50
C PRO B 141 -17.27 -19.40 -36.81
N ASP B 142 -17.74 -18.65 -35.82
CA ASP B 142 -18.55 -17.47 -36.13
C ASP B 142 -17.70 -16.28 -36.54
N ILE B 143 -16.38 -16.37 -36.46
CA ILE B 143 -15.52 -15.24 -36.80
C ILE B 143 -15.55 -14.99 -38.30
N THR B 144 -15.66 -13.72 -38.67
CA THR B 144 -15.60 -13.27 -40.05
C THR B 144 -14.39 -12.37 -40.22
N PRO B 145 -13.84 -12.26 -41.44
CA PRO B 145 -12.63 -11.47 -41.62
C PRO B 145 -12.76 -10.02 -41.17
N ILE B 146 -13.91 -9.39 -41.39
CA ILE B 146 -14.06 -7.98 -41.03
C ILE B 146 -14.03 -7.81 -39.51
N MET B 147 -14.70 -8.71 -38.78
CA MET B 147 -14.71 -8.59 -37.33
C MET B 147 -13.33 -8.89 -36.75
N LEU B 148 -12.58 -9.81 -37.35
CA LEU B 148 -11.21 -10.06 -36.89
C LEU B 148 -10.32 -8.85 -37.16
N ALA B 149 -10.47 -8.23 -38.32
CA ALA B 149 -9.69 -7.03 -38.62
C ALA B 149 -10.04 -5.91 -37.65
N ALA B 150 -11.31 -5.77 -37.28
CA ALA B 150 -11.71 -4.80 -36.28
C ALA B 150 -11.11 -5.14 -34.91
N HIS B 151 -11.04 -6.43 -34.58
CA HIS B 151 -10.43 -6.85 -33.32
C HIS B 151 -8.96 -6.47 -33.27
N THR B 152 -8.25 -6.66 -34.38
CA THR B 152 -6.83 -6.30 -34.42
C THR B 152 -6.61 -4.79 -34.38
N ASN B 153 -7.64 -4.00 -34.65
CA ASN B 153 -7.56 -2.54 -34.63
C ASN B 153 -6.48 -2.02 -35.58
N ASN B 154 -6.40 -2.63 -36.77
CA ASN B 154 -5.46 -2.19 -37.80
C ASN B 154 -6.24 -1.38 -38.82
N TYR B 155 -5.92 -0.08 -38.90
CA TYR B 155 -6.68 0.81 -39.76
C TYR B 155 -6.51 0.45 -41.23
N GLU B 156 -5.29 0.09 -41.64
CA GLU B 156 -5.03 -0.19 -43.04
C GLU B 156 -5.78 -1.42 -43.52
N ILE B 157 -5.74 -2.50 -42.75
CA ILE B 157 -6.43 -3.73 -43.16
C ILE B 157 -7.94 -3.53 -43.15
N ILE B 158 -8.45 -2.80 -42.14
CA ILE B 158 -9.88 -2.52 -42.09
C ILE B 158 -10.31 -1.71 -43.31
N LYS B 159 -9.53 -0.69 -43.67
CA LYS B 159 -9.83 0.11 -44.85
C LYS B 159 -9.77 -0.74 -46.11
N LEU B 160 -8.81 -1.67 -46.18
CA LEU B 160 -8.70 -2.55 -47.34
C LEU B 160 -9.92 -3.45 -47.47
N LEU B 161 -10.40 -4.00 -46.35
CA LEU B 161 -11.54 -4.92 -46.41
C LEU B 161 -12.85 -4.18 -46.60
N VAL B 162 -12.99 -2.99 -46.03
CA VAL B 162 -14.26 -2.25 -46.10
C VAL B 162 -14.59 -1.90 -47.54
N GLN B 163 -13.57 -1.60 -48.36
CA GLN B 163 -13.80 -1.24 -49.75
C GLN B 163 -14.44 -2.36 -50.56
N LYS B 164 -14.41 -3.60 -50.05
CA LYS B 164 -14.99 -4.74 -50.74
C LYS B 164 -16.46 -4.95 -50.39
N ARG B 165 -17.14 -3.91 -49.88
CA ARG B 165 -18.56 -3.96 -49.57
C ARG B 165 -18.90 -5.07 -48.57
N VAL B 166 -18.15 -5.12 -47.47
CA VAL B 166 -18.49 -6.05 -46.40
C VAL B 166 -19.50 -5.41 -45.46
N THR B 167 -20.15 -6.23 -44.64
CA THR B 167 -21.14 -5.77 -43.69
C THR B 167 -21.11 -6.65 -42.45
N ILE B 168 -21.53 -6.08 -41.32
CA ILE B 168 -21.51 -6.75 -40.03
C ILE B 168 -22.92 -6.73 -39.45
N PRO B 169 -23.41 -7.84 -38.90
CA PRO B 169 -24.78 -7.86 -38.40
C PRO B 169 -24.98 -6.94 -37.21
N ARG B 170 -26.20 -6.46 -37.04
CA ARG B 170 -26.55 -5.61 -35.91
C ARG B 170 -27.14 -6.46 -34.79
N PRO B 171 -26.51 -6.52 -33.62
CA PRO B 171 -27.05 -7.35 -32.54
C PRO B 171 -28.36 -6.78 -31.99
N HIS B 172 -29.22 -7.71 -31.59
CA HIS B 172 -30.54 -7.30 -31.05
C HIS B 172 -30.42 -7.02 -29.56
N GLN B 173 -31.40 -6.31 -29.01
CA GLN B 173 -31.44 -5.97 -27.59
C GLN B 173 -32.40 -6.90 -26.85
N ASN B 177 -34.36 -9.60 -27.75
CA ASN B 177 -35.36 -10.19 -26.81
C ASN B 177 -36.57 -10.69 -27.62
N CYS B 178 -36.32 -11.33 -28.77
CA CYS B 178 -37.43 -11.79 -29.63
C CYS B 178 -37.50 -13.33 -29.59
N VAL B 179 -38.26 -13.93 -30.51
CA VAL B 179 -38.43 -15.38 -30.52
C VAL B 179 -37.14 -16.07 -30.96
N GLU B 180 -36.49 -15.51 -31.98
CA GLU B 180 -35.21 -16.08 -32.47
C GLU B 180 -34.18 -16.06 -31.34
N CYS B 181 -34.03 -14.92 -30.66
CA CYS B 181 -33.04 -14.80 -29.55
C CYS B 181 -33.30 -15.89 -28.52
N VAL B 182 -34.57 -16.16 -28.19
CA VAL B 182 -34.91 -17.15 -27.19
C VAL B 182 -34.55 -18.56 -27.68
N SER B 183 -34.92 -18.87 -28.92
CA SER B 183 -34.64 -20.19 -29.48
C SER B 183 -33.14 -20.45 -29.54
N SER B 184 -32.37 -19.45 -29.98
CA SER B 184 -30.92 -19.61 -30.02
C SER B 184 -30.35 -19.81 -28.62
N SER B 185 -30.90 -19.09 -27.63
CA SER B 185 -30.42 -19.26 -26.26
C SER B 185 -30.68 -20.68 -25.76
N GLU B 186 -31.84 -21.25 -26.06
CA GLU B 186 -32.09 -22.64 -25.68
C GLU B 186 -31.17 -23.60 -26.42
N VAL B 187 -30.94 -23.37 -27.71
CA VAL B 187 -30.16 -24.31 -28.51
C VAL B 187 -28.72 -24.37 -28.02
N ASP B 188 -28.07 -23.21 -27.87
CA ASP B 188 -26.66 -23.17 -27.47
C ASP B 188 -26.40 -21.81 -26.83
N SER B 189 -26.32 -21.80 -25.50
CA SER B 189 -26.11 -20.54 -24.78
C SER B 189 -24.68 -20.04 -24.91
N LEU B 190 -23.70 -20.95 -24.84
CA LEU B 190 -22.30 -20.56 -24.89
C LEU B 190 -21.98 -19.88 -26.21
N ARG B 191 -22.39 -20.50 -27.33
CA ARG B 191 -22.14 -19.92 -28.64
C ARG B 191 -22.84 -18.58 -28.80
N HIS B 192 -24.08 -18.48 -28.30
CA HIS B 192 -24.82 -17.23 -28.41
C HIS B 192 -24.12 -16.09 -27.68
N SER B 193 -23.72 -16.33 -26.43
CA SER B 193 -23.03 -15.30 -25.65
C SER B 193 -21.70 -14.93 -26.29
N ARG B 194 -20.94 -15.93 -26.76
CA ARG B 194 -19.65 -15.64 -27.37
C ARG B 194 -19.81 -14.84 -28.66
N SER B 195 -20.82 -15.18 -29.47
CA SER B 195 -21.06 -14.43 -30.70
C SER B 195 -21.44 -12.99 -30.41
N ARG B 196 -22.30 -12.77 -29.40
CA ARG B 196 -22.65 -11.41 -29.02
C ARG B 196 -21.42 -10.64 -28.57
N LEU B 197 -20.56 -11.27 -27.76
CA LEU B 197 -19.35 -10.61 -27.29
C LEU B 197 -18.42 -10.27 -28.45
N ASN B 198 -18.28 -11.18 -29.42
CA ASN B 198 -17.42 -10.92 -30.57
C ASN B 198 -17.95 -9.77 -31.41
N ILE B 199 -19.27 -9.73 -31.63
CA ILE B 199 -19.86 -8.63 -32.40
C ILE B 199 -19.63 -7.31 -31.70
N TYR B 200 -19.83 -7.27 -30.38
CA TYR B 200 -19.68 -6.01 -29.66
C TYR B 200 -18.22 -5.58 -29.56
N LYS B 201 -17.29 -6.54 -29.53
CA LYS B 201 -15.87 -6.16 -29.60
C LYS B 201 -15.51 -5.63 -30.98
N ALA B 202 -16.10 -6.18 -32.03
CA ALA B 202 -15.87 -5.66 -33.37
C ALA B 202 -16.40 -4.25 -33.52
N LEU B 203 -17.58 -3.97 -32.95
CA LEU B 203 -18.19 -2.67 -33.11
C LEU B 203 -17.47 -1.57 -32.32
N ALA B 204 -16.72 -1.93 -31.27
CA ALA B 204 -16.12 -0.95 -30.38
C ALA B 204 -14.67 -0.64 -30.72
N SER B 205 -14.23 -0.96 -31.93
CA SER B 205 -12.86 -0.64 -32.32
C SER B 205 -12.77 0.82 -32.77
N PRO B 206 -11.82 1.60 -32.25
CA PRO B 206 -11.71 3.01 -32.66
C PRO B 206 -11.50 3.19 -34.16
N SER B 207 -10.77 2.28 -34.81
CA SER B 207 -10.54 2.41 -36.25
C SER B 207 -11.83 2.27 -37.04
N LEU B 208 -12.67 1.29 -36.68
CA LEU B 208 -13.92 1.10 -37.40
C LEU B 208 -14.85 2.29 -37.23
N ILE B 209 -14.93 2.84 -36.01
CA ILE B 209 -15.76 4.02 -35.78
C ILE B 209 -15.22 5.21 -36.56
N ALA B 210 -13.90 5.40 -36.53
CA ALA B 210 -13.28 6.49 -37.26
C ALA B 210 -13.46 6.37 -38.77
N LEU B 211 -13.62 5.15 -39.28
CA LEU B 211 -13.69 4.92 -40.72
C LEU B 211 -15.12 4.91 -41.26
N SER B 212 -16.08 4.35 -40.53
CA SER B 212 -17.40 4.07 -41.08
C SER B 212 -18.54 4.67 -40.27
N SER B 213 -18.31 5.79 -39.59
CA SER B 213 -19.35 6.47 -38.83
C SER B 213 -19.44 7.92 -39.27
N GLU B 214 -20.68 8.44 -39.31
CA GLU B 214 -20.89 9.82 -39.74
C GLU B 214 -20.25 10.80 -38.75
N ASP B 215 -20.53 10.63 -37.47
CA ASP B 215 -19.87 11.39 -36.41
C ASP B 215 -19.40 10.42 -35.34
N PRO B 216 -18.09 10.16 -35.23
CA PRO B 216 -17.63 9.17 -34.25
C PRO B 216 -17.90 9.54 -32.80
N ILE B 217 -18.09 10.83 -32.49
CA ILE B 217 -18.27 11.22 -31.10
C ILE B 217 -19.61 10.73 -30.55
N LEU B 218 -20.70 10.96 -31.30
CA LEU B 218 -22.01 10.53 -30.85
C LEU B 218 -22.11 9.01 -30.84
N THR B 219 -21.54 8.35 -31.86
CA THR B 219 -21.52 6.90 -31.89
C THR B 219 -20.77 6.34 -30.70
N ALA B 220 -19.63 6.95 -30.35
CA ALA B 220 -18.88 6.50 -29.19
C ALA B 220 -19.68 6.69 -27.91
N PHE B 221 -20.35 7.84 -27.76
CA PHE B 221 -21.18 8.07 -26.57
C PHE B 221 -22.25 6.99 -26.43
N ARG B 222 -23.03 6.78 -27.50
CA ARG B 222 -24.13 5.83 -27.45
C ARG B 222 -23.62 4.41 -27.22
N LEU B 223 -22.56 4.01 -27.92
CA LEU B 223 -22.03 2.67 -27.78
C LEU B 223 -21.48 2.43 -26.37
N GLY B 224 -20.78 3.42 -25.81
CA GLY B 224 -20.28 3.28 -24.46
C GLY B 224 -21.40 3.15 -23.44
N TRP B 225 -22.45 3.97 -23.57
CA TRP B 225 -23.58 3.85 -22.67
C TRP B 225 -24.25 2.48 -22.79
N GLU B 226 -24.45 2.01 -24.03
CA GLU B 226 -25.11 0.73 -24.25
C GLU B 226 -24.28 -0.42 -23.68
N LEU B 227 -22.96 -0.38 -23.88
CA LEU B 227 -22.10 -1.42 -23.33
C LEU B 227 -22.07 -1.37 -21.81
N LYS B 228 -22.13 -0.17 -21.23
CA LYS B 228 -22.19 -0.05 -19.78
C LYS B 228 -23.46 -0.68 -19.24
N GLU B 229 -24.59 -0.45 -19.91
CA GLU B 229 -25.83 -1.07 -19.47
C GLU B 229 -25.83 -2.59 -19.62
N LEU B 230 -25.00 -3.12 -20.53
CA LEU B 230 -24.98 -4.56 -20.77
C LEU B 230 -24.25 -5.33 -19.67
N SER B 231 -23.27 -4.70 -19.02
CA SER B 231 -22.53 -5.40 -17.97
C SER B 231 -23.42 -5.73 -16.79
N LYS B 232 -24.44 -4.92 -16.55
CA LYS B 232 -25.35 -5.16 -15.44
C LYS B 232 -26.31 -6.31 -15.71
N VAL B 233 -26.50 -6.64 -17.00
CA VAL B 233 -27.40 -7.77 -17.37
C VAL B 233 -26.56 -9.05 -17.48
N GLU B 234 -25.46 -9.01 -18.22
CA GLU B 234 -24.57 -10.20 -18.35
C GLU B 234 -23.58 -10.19 -17.18
N ASN B 235 -23.98 -10.78 -16.04
CA ASN B 235 -23.13 -10.75 -14.82
C ASN B 235 -21.81 -11.50 -15.05
N GLU B 236 -21.86 -12.63 -15.77
CA GLU B 236 -20.64 -13.46 -15.95
C GLU B 236 -19.54 -12.72 -16.71
N PHE B 237 -19.90 -11.90 -17.71
CA PHE B 237 -18.87 -11.24 -18.57
C PHE B 237 -18.78 -9.74 -18.29
N LYS B 238 -19.02 -9.29 -17.06
CA LYS B 238 -19.06 -7.83 -16.78
C LYS B 238 -17.72 -7.16 -17.12
N ALA B 239 -16.59 -7.76 -16.75
CA ALA B 239 -15.27 -7.11 -16.96
C ALA B 239 -15.10 -6.67 -18.41
N GLU B 240 -15.32 -7.57 -19.37
CA GLU B 240 -15.14 -7.28 -20.79
C GLU B 240 -15.99 -6.09 -21.22
N TYR B 241 -17.24 -6.03 -20.76
CA TYR B 241 -18.11 -4.93 -21.16
C TYR B 241 -17.66 -3.60 -20.55
N GLU B 242 -17.22 -3.62 -19.29
CA GLU B 242 -16.68 -2.39 -18.72
C GLU B 242 -15.42 -1.94 -19.46
N GLU B 243 -14.56 -2.88 -19.85
CA GLU B 243 -13.37 -2.52 -20.61
C GLU B 243 -13.75 -1.92 -21.95
N LEU B 244 -14.75 -2.47 -22.62
CA LEU B 244 -15.17 -1.92 -23.91
C LEU B 244 -15.75 -0.52 -23.75
N SER B 245 -16.56 -0.30 -22.71
CA SER B 245 -17.10 1.04 -22.48
C SER B 245 -15.99 2.05 -22.18
N GLN B 246 -15.00 1.64 -21.38
CA GLN B 246 -13.86 2.50 -21.11
C GLN B 246 -13.10 2.81 -22.39
N GLN B 247 -12.97 1.81 -23.27
CA GLN B 247 -12.31 2.04 -24.56
C GLN B 247 -13.05 3.08 -25.38
N CYS B 248 -14.38 2.99 -25.43
CA CYS B 248 -15.15 3.97 -26.18
C CYS B 248 -15.00 5.37 -25.60
N LYS B 249 -15.07 5.49 -24.27
CA LYS B 249 -14.90 6.80 -23.64
C LYS B 249 -13.51 7.38 -23.91
N LEU B 250 -12.48 6.54 -23.83
CA LEU B 250 -11.13 7.00 -24.11
C LEU B 250 -10.98 7.45 -25.56
N PHE B 251 -11.61 6.72 -26.49
CA PHE B 251 -11.56 7.15 -27.88
C PHE B 251 -12.21 8.50 -28.08
N ALA B 252 -13.37 8.73 -27.44
CA ALA B 252 -14.03 10.02 -27.57
C ALA B 252 -13.16 11.14 -27.01
N LYS B 253 -12.56 10.93 -25.84
CA LYS B 253 -11.71 11.95 -25.25
C LYS B 253 -10.49 12.23 -26.12
N ASP B 254 -9.86 11.18 -26.65
CA ASP B 254 -8.68 11.35 -27.49
C ASP B 254 -9.03 12.08 -28.78
N LEU B 255 -10.20 11.79 -29.36
CA LEU B 255 -10.65 12.53 -30.53
C LEU B 255 -10.85 14.00 -30.21
N LEU B 256 -11.42 14.30 -29.03
CA LEU B 256 -11.55 15.70 -28.62
C LEU B 256 -10.18 16.36 -28.43
N ASP B 257 -9.17 15.59 -28.02
CA ASP B 257 -7.86 16.15 -27.69
C ASP B 257 -7.12 16.74 -28.89
N GLN B 258 -7.56 16.48 -30.12
CA GLN B 258 -6.79 16.87 -31.29
C GLN B 258 -7.14 18.27 -31.81
N ALA B 259 -7.97 19.02 -31.12
CA ALA B 259 -8.31 20.37 -31.56
C ALA B 259 -7.12 21.29 -31.40
N ARG B 260 -6.91 22.17 -32.39
CA ARG B 260 -5.78 23.10 -32.40
C ARG B 260 -6.18 24.56 -32.31
N SER B 261 -7.44 24.91 -32.54
CA SER B 261 -7.89 26.29 -32.48
C SER B 261 -9.20 26.36 -31.72
N SER B 262 -9.52 27.58 -31.25
CA SER B 262 -10.75 27.76 -30.49
C SER B 262 -11.99 27.64 -31.37
N ARG B 263 -11.89 28.02 -32.65
CA ARG B 263 -13.03 27.92 -33.55
C ARG B 263 -13.47 26.47 -33.72
N GLU B 264 -12.51 25.56 -33.88
CA GLU B 264 -12.83 24.15 -33.98
C GLU B 264 -13.49 23.63 -32.71
N LEU B 265 -13.00 24.08 -31.55
CA LEU B 265 -13.59 23.67 -30.29
C LEU B 265 -15.04 24.14 -30.18
N GLU B 266 -15.31 25.40 -30.56
CA GLU B 266 -16.67 25.90 -30.53
C GLU B 266 -17.56 25.13 -31.49
N ILE B 267 -17.05 24.83 -32.69
CA ILE B 267 -17.84 24.08 -33.67
C ILE B 267 -18.19 22.71 -33.13
N ILE B 268 -17.23 22.02 -32.52
CA ILE B 268 -17.49 20.68 -32.00
C ILE B 268 -18.46 20.73 -30.83
N LEU B 269 -18.27 21.66 -29.89
CA LEU B 269 -19.07 21.69 -28.68
C LEU B 269 -20.48 22.22 -28.92
N ASN B 270 -20.66 23.08 -29.92
CA ASN B 270 -21.95 23.71 -30.16
C ASN B 270 -22.78 23.00 -31.23
N HIS B 271 -22.31 21.87 -31.76
CA HIS B 271 -23.04 21.19 -32.82
C HIS B 271 -24.32 20.57 -32.29
N ARG B 272 -25.41 20.76 -33.04
CA ARG B 272 -26.71 20.21 -32.71
C ARG B 272 -27.20 19.36 -33.86
N ASP B 273 -27.69 18.16 -33.55
CA ASP B 273 -28.11 17.21 -34.58
C ASP B 273 -29.31 17.70 -35.39
N ASP B 286 -25.45 27.33 -26.90
CA ASP B 286 -26.30 26.45 -26.12
C ASP B 286 -25.51 25.25 -25.60
N LEU B 287 -24.40 24.93 -26.29
CA LEU B 287 -23.52 23.82 -25.93
C LEU B 287 -24.30 22.50 -25.86
N ALA B 288 -24.89 22.13 -27.01
CA ALA B 288 -25.70 20.93 -27.07
C ALA B 288 -24.86 19.67 -26.89
N LYS B 289 -23.67 19.64 -27.49
CA LYS B 289 -22.80 18.47 -27.37
C LYS B 289 -22.36 18.26 -25.94
N LEU B 290 -22.07 19.35 -25.23
CA LEU B 290 -21.69 19.24 -23.82
C LEU B 290 -22.83 18.67 -22.99
N LYS B 291 -24.06 19.10 -23.25
CA LYS B 291 -25.21 18.56 -22.52
C LYS B 291 -25.42 17.08 -22.84
N VAL B 292 -25.23 16.69 -24.09
CA VAL B 292 -25.35 15.29 -24.47
C VAL B 292 -24.29 14.45 -23.76
N ALA B 293 -23.06 14.97 -23.69
CA ALA B 293 -22.00 14.27 -22.97
C ALA B 293 -22.33 14.14 -21.49
N ILE B 294 -22.88 15.20 -20.89
CA ILE B 294 -23.26 15.15 -19.48
C ILE B 294 -24.35 14.10 -19.26
N LYS B 295 -25.31 14.02 -20.18
CA LYS B 295 -26.37 13.04 -20.05
C LYS B 295 -25.84 11.61 -20.04
N TYR B 296 -24.78 11.34 -20.80
CA TYR B 296 -24.22 10.01 -20.91
C TYR B 296 -23.08 9.75 -19.93
N HIS B 297 -22.85 10.67 -18.99
CA HIS B 297 -21.81 10.52 -17.97
C HIS B 297 -20.42 10.37 -18.58
N GLN B 298 -20.11 11.22 -19.56
CA GLN B 298 -18.79 11.24 -20.18
C GLN B 298 -17.90 12.18 -19.37
N LYS B 299 -17.37 11.64 -18.27
CA LYS B 299 -16.64 12.48 -17.31
C LYS B 299 -15.28 12.87 -17.84
N GLU B 300 -14.57 11.93 -18.48
CA GLU B 300 -13.26 12.24 -19.02
C GLU B 300 -13.36 13.25 -20.17
N PHE B 301 -14.39 13.10 -21.00
CA PHE B 301 -14.60 14.05 -22.10
C PHE B 301 -14.87 15.45 -21.58
N VAL B 302 -15.72 15.56 -20.55
CA VAL B 302 -16.13 16.88 -20.07
C VAL B 302 -14.98 17.59 -19.37
N ALA B 303 -14.20 16.85 -18.58
CA ALA B 303 -13.14 17.43 -17.77
C ALA B 303 -11.89 17.78 -18.56
N GLN B 304 -11.97 17.83 -19.89
CA GLN B 304 -10.80 18.17 -20.69
C GLN B 304 -10.40 19.63 -20.43
N PRO B 305 -9.10 19.93 -20.41
CA PRO B 305 -8.67 21.30 -20.06
C PRO B 305 -9.21 22.40 -20.96
N ASN B 306 -9.36 22.13 -22.26
CA ASN B 306 -9.85 23.18 -23.16
C ASN B 306 -11.33 23.48 -22.90
N CYS B 307 -12.14 22.45 -22.71
CA CYS B 307 -13.55 22.65 -22.37
C CYS B 307 -13.68 23.38 -21.05
N GLN B 308 -12.84 23.02 -20.06
CA GLN B 308 -12.88 23.71 -18.78
C GLN B 308 -12.49 25.18 -18.92
N GLN B 309 -11.50 25.47 -19.78
CA GLN B 309 -11.12 26.86 -20.02
C GLN B 309 -12.28 27.64 -20.63
N LEU B 310 -12.94 27.07 -21.63
CA LEU B 310 -14.08 27.74 -22.25
C LEU B 310 -15.22 27.96 -21.24
N LEU B 311 -15.50 26.93 -20.43
CA LEU B 311 -16.56 27.05 -19.44
C LEU B 311 -16.23 28.10 -18.38
N ALA B 312 -14.96 28.18 -17.98
CA ALA B 312 -14.55 29.20 -17.02
C ALA B 312 -14.64 30.59 -17.63
N THR B 313 -14.33 30.71 -18.91
CA THR B 313 -14.50 31.99 -19.59
C THR B 313 -15.96 32.42 -19.60
N LEU B 314 -16.86 31.47 -19.88
CA LEU B 314 -18.29 31.79 -19.85
C LEU B 314 -18.77 32.12 -18.43
N TRP B 315 -18.22 31.42 -17.43
CA TRP B 315 -18.69 31.55 -16.06
C TRP B 315 -18.27 32.88 -15.45
N TYR B 316 -16.99 33.27 -15.59
CA TYR B 316 -16.52 34.50 -14.89
C TYR B 316 -16.66 35.71 -15.81
N ASP B 317 -17.77 35.80 -16.56
CA ASP B 317 -18.01 36.97 -17.43
C ASP B 317 -18.20 38.23 -16.56
N GLY B 318 -17.61 39.35 -16.97
CA GLY B 318 -17.72 40.60 -16.19
C GLY B 318 -16.73 40.65 -15.04
N PHE B 319 -15.85 39.65 -14.93
CA PHE B 319 -14.82 39.63 -13.86
C PHE B 319 -13.45 39.31 -14.46
N PRO B 320 -12.79 40.24 -15.18
CA PRO B 320 -11.51 39.95 -15.82
C PRO B 320 -10.39 39.73 -14.79
N GLY B 321 -9.55 38.72 -15.01
CA GLY B 321 -8.46 38.45 -14.08
C GLY B 321 -8.93 38.12 -12.67
N TRP B 322 -9.98 37.31 -12.56
CA TRP B 322 -10.50 36.97 -11.23
C TRP B 322 -9.51 36.11 -10.46
N HIS B 326 -5.54 38.90 -5.05
CA HIS B 326 -5.39 38.13 -3.83
C HIS B 326 -6.77 37.73 -3.31
N TRP B 327 -6.83 36.68 -2.51
CA TRP B 327 -8.13 36.12 -2.11
C TRP B 327 -8.92 37.08 -1.24
N VAL B 328 -8.24 38.01 -0.54
CA VAL B 328 -8.96 38.97 0.28
C VAL B 328 -9.79 39.91 -0.58
N VAL B 329 -9.26 40.31 -1.75
CA VAL B 329 -10.02 41.16 -2.65
C VAL B 329 -11.23 40.42 -3.20
N LYS B 330 -11.06 39.13 -3.53
CA LYS B 330 -12.19 38.33 -3.98
C LYS B 330 -13.26 38.23 -2.89
N LEU B 331 -12.84 38.01 -1.65
CA LEU B 331 -13.80 37.93 -0.54
C LEU B 331 -14.54 39.26 -0.37
N LEU B 332 -13.81 40.37 -0.45
CA LEU B 332 -14.46 41.67 -0.31
C LEU B 332 -15.46 41.91 -1.43
N THR B 333 -15.11 41.56 -2.67
CA THR B 333 -16.02 41.74 -3.79
C THR B 333 -17.25 40.86 -3.63
N CYS B 334 -17.06 39.61 -3.21
CA CYS B 334 -18.20 38.71 -3.02
C CYS B 334 -19.14 39.22 -1.94
N MET B 335 -18.58 39.69 -0.81
CA MET B 335 -19.43 40.23 0.25
C MET B 335 -20.16 41.49 -0.20
N THR B 336 -19.48 42.36 -0.95
CA THR B 336 -20.12 43.57 -1.43
C THR B 336 -21.26 43.27 -2.39
N ILE B 337 -21.06 42.29 -3.28
CA ILE B 337 -22.12 41.93 -4.21
C ILE B 337 -23.28 41.26 -3.47
N GLY B 338 -22.96 40.43 -2.47
CA GLY B 338 -24.00 39.76 -1.72
C GLY B 338 -24.85 40.73 -0.90
N PHE B 339 -24.22 41.76 -0.33
CA PHE B 339 -24.97 42.73 0.47
C PHE B 339 -25.98 43.50 -0.37
N LEU B 340 -25.76 43.59 -1.67
CA LEU B 340 -26.60 44.37 -2.56
C LEU B 340 -27.58 43.52 -3.36
N PHE B 341 -27.76 42.25 -2.99
CA PHE B 341 -28.65 41.37 -3.75
C PHE B 341 -30.10 41.85 -3.80
N PRO B 342 -30.71 42.39 -2.73
CA PRO B 342 -32.11 42.84 -2.88
C PRO B 342 -32.28 43.94 -3.90
N MET B 343 -31.36 44.91 -3.93
CA MET B 343 -31.47 45.99 -4.90
C MET B 343 -31.34 45.47 -6.32
N LEU B 344 -30.42 44.53 -6.54
CA LEU B 344 -30.29 43.92 -7.86
C LEU B 344 -31.55 43.16 -8.24
N SER B 345 -32.17 42.49 -7.28
CA SER B 345 -33.40 41.76 -7.56
C SER B 345 -34.53 42.70 -7.98
N ILE B 346 -34.71 43.81 -7.25
CA ILE B 346 -35.75 44.76 -7.62
C ILE B 346 -35.42 45.43 -8.96
N ALA B 347 -34.14 45.69 -9.21
CA ALA B 347 -33.75 46.28 -10.49
C ALA B 347 -34.07 45.35 -11.65
N TYR B 348 -33.81 44.06 -11.49
CA TYR B 348 -34.19 43.09 -12.51
C TYR B 348 -35.70 43.01 -12.66
N LEU B 349 -36.43 43.08 -11.54
CA LEU B 349 -37.88 42.99 -11.59
C LEU B 349 -38.49 44.17 -12.36
N ILE B 350 -37.99 45.38 -12.10
CA ILE B 350 -38.60 46.56 -12.69
C ILE B 350 -38.31 46.63 -14.19
N SER B 351 -37.05 46.45 -14.58
CA SER B 351 -36.67 46.66 -15.97
C SER B 351 -35.46 45.82 -16.36
N PRO B 352 -35.66 44.68 -17.02
CA PRO B 352 -34.51 43.92 -17.53
C PRO B 352 -33.71 44.67 -18.58
N ARG B 353 -34.32 45.63 -19.27
CA ARG B 353 -33.61 46.39 -20.29
C ARG B 353 -32.54 47.30 -19.68
N SER B 354 -32.73 47.72 -18.44
CA SER B 354 -31.76 48.59 -17.79
C SER B 354 -30.45 47.81 -17.53
N ASN B 355 -29.37 48.57 -17.36
CA ASN B 355 -28.08 47.95 -17.11
C ASN B 355 -28.07 47.18 -15.80
N LEU B 356 -28.75 47.70 -14.77
CA LEU B 356 -28.85 46.98 -13.51
C LEU B 356 -29.57 45.64 -13.68
N GLY B 357 -30.62 45.62 -14.48
CA GLY B 357 -31.30 44.36 -14.77
C GLY B 357 -30.39 43.37 -15.48
N LEU B 358 -29.59 43.86 -16.42
CA LEU B 358 -28.65 42.99 -17.12
C LEU B 358 -27.52 42.53 -16.21
N PHE B 359 -27.27 43.26 -15.12
CA PHE B 359 -26.13 42.95 -14.25
C PHE B 359 -26.30 41.61 -13.56
N ILE B 360 -27.54 41.26 -13.19
CA ILE B 360 -27.77 39.99 -12.50
C ILE B 360 -27.76 38.80 -13.44
N LYS B 361 -27.84 39.04 -14.75
CA LYS B 361 -27.90 37.93 -15.71
C LYS B 361 -26.60 37.15 -15.79
N LYS B 362 -25.50 37.71 -15.30
CA LYS B 362 -24.24 36.98 -15.28
C LYS B 362 -24.35 35.78 -14.33
N PRO B 363 -23.94 34.58 -14.75
CA PRO B 363 -24.13 33.40 -13.90
C PRO B 363 -23.44 33.50 -12.55
N PHE B 364 -22.26 34.10 -12.50
CA PHE B 364 -21.50 34.16 -11.24
C PHE B 364 -22.19 35.08 -10.25
N ILE B 365 -22.65 36.24 -10.71
CA ILE B 365 -23.38 37.17 -9.83
C ILE B 365 -24.69 36.55 -9.39
N LYS B 366 -25.34 35.80 -10.28
CA LYS B 366 -26.59 35.13 -9.93
C LYS B 366 -26.38 34.08 -8.85
N PHE B 367 -25.29 33.31 -8.96
CA PHE B 367 -24.95 32.35 -7.92
C PHE B 367 -24.66 33.04 -6.59
N ILE B 368 -23.94 34.17 -6.64
CA ILE B 368 -23.66 34.92 -5.43
C ILE B 368 -24.95 35.41 -4.79
N CYS B 369 -25.88 35.92 -5.60
CA CYS B 369 -27.15 36.40 -5.07
C CYS B 369 -27.96 35.28 -4.43
N HIS B 370 -28.02 34.11 -5.08
CA HIS B 370 -28.74 32.99 -4.49
C HIS B 370 -28.11 32.56 -3.17
N THR B 371 -26.78 32.49 -3.11
CA THR B 371 -26.11 32.13 -1.86
C THR B 371 -26.39 33.15 -0.77
N ALA B 372 -26.38 34.44 -1.12
CA ALA B 372 -26.66 35.48 -0.14
C ALA B 372 -28.08 35.38 0.38
N SER B 373 -29.04 35.09 -0.49
CA SER B 373 -30.42 34.93 -0.06
C SER B 373 -30.57 33.76 0.90
N TYR B 374 -29.93 32.63 0.58
CA TYR B 374 -30.02 31.48 1.48
C TYR B 374 -29.34 31.76 2.81
N LEU B 375 -28.22 32.50 2.79
CA LEU B 375 -27.55 32.85 4.03
C LEU B 375 -28.41 33.79 4.87
N THR B 376 -29.12 34.71 4.23
CA THR B 376 -30.04 35.57 4.97
C THR B 376 -31.16 34.76 5.60
N PHE B 377 -31.71 33.79 4.86
CA PHE B 377 -32.74 32.92 5.43
C PHE B 377 -32.20 32.16 6.65
N LEU B 378 -30.98 31.63 6.55
CA LEU B 378 -30.41 30.91 7.69
C LEU B 378 -30.15 31.83 8.87
N PHE B 379 -29.68 33.06 8.62
CA PHE B 379 -29.45 34.00 9.71
C PHE B 379 -30.75 34.34 10.41
N MET B 380 -31.81 34.56 9.64
CA MET B 380 -33.10 34.84 10.27
C MET B 380 -33.68 33.60 10.95
N LEU B 381 -33.26 32.41 10.54
CA LEU B 381 -33.57 31.21 11.31
C LEU B 381 -32.84 31.23 12.64
N LEU B 382 -31.61 31.74 12.66
CA LEU B 382 -30.87 31.89 13.91
C LEU B 382 -31.61 32.76 14.90
N LEU B 383 -32.26 33.82 14.41
CA LEU B 383 -32.95 34.75 15.29
C LEU B 383 -34.10 34.08 16.04
N ALA B 384 -34.84 33.21 15.35
CA ALA B 384 -35.96 32.52 16.00
C ALA B 384 -35.48 31.62 17.13
N SER B 385 -34.34 30.95 16.94
CA SER B 385 -33.82 30.05 17.97
C SER B 385 -33.48 30.80 19.25
N GLN B 386 -33.10 32.07 19.15
CA GLN B 386 -32.79 32.87 20.33
C GLN B 386 -34.03 33.32 21.08
N HIS B 387 -35.21 33.23 20.46
CA HIS B 387 -36.49 33.60 21.10
C HIS B 387 -36.44 35.02 21.64
N ILE B 388 -36.03 35.96 20.78
CA ILE B 388 -36.01 37.37 21.18
C ILE B 388 -37.43 37.86 21.45
N VAL B 389 -38.37 37.51 20.57
CA VAL B 389 -39.76 37.91 20.76
C VAL B 389 -40.38 37.15 21.93
N ARG B 390 -40.05 35.87 22.08
CA ARG B 390 -40.54 35.01 23.15
C ARG B 390 -42.04 34.80 23.06
N THR B 391 -42.59 33.93 23.90
CA THR B 391 -44.02 33.64 23.91
C THR B 391 -44.44 33.36 25.34
N ASP B 392 -45.74 33.51 25.60
CA ASP B 392 -46.27 33.28 26.94
C ASP B 392 -46.09 31.83 27.37
N LEU B 393 -45.92 30.94 26.39
CA LEU B 393 -45.71 29.48 26.64
C LEU B 393 -47.00 28.80 27.12
N HIS B 394 -47.97 29.56 27.62
CA HIS B 394 -49.20 28.95 28.13
C HIS B 394 -50.37 29.10 27.17
N VAL B 395 -50.19 29.83 26.07
CA VAL B 395 -51.25 29.93 25.07
C VAL B 395 -51.27 28.64 24.27
N GLN B 396 -52.40 27.94 24.31
CA GLN B 396 -52.50 26.65 23.63
C GLN B 396 -52.34 26.81 22.13
N GLY B 397 -52.98 27.82 21.55
CA GLY B 397 -52.73 28.19 20.18
C GLY B 397 -52.29 29.64 20.07
N PRO B 398 -51.02 29.86 19.76
CA PRO B 398 -50.49 31.22 19.69
C PRO B 398 -50.50 31.74 18.26
N PRO B 399 -50.78 33.03 18.06
CA PRO B 399 -50.58 33.61 16.74
C PRO B 399 -49.10 33.65 16.40
N PRO B 400 -48.74 33.56 15.12
CA PRO B 400 -47.33 33.60 14.75
C PRO B 400 -46.68 34.92 15.15
N THR B 401 -45.43 34.85 15.58
CA THR B 401 -44.69 36.05 15.95
C THR B 401 -44.18 36.76 14.69
N VAL B 402 -43.45 37.86 14.89
CA VAL B 402 -42.97 38.65 13.78
C VAL B 402 -42.00 37.83 12.93
N VAL B 403 -41.07 37.14 13.59
CA VAL B 403 -40.02 36.42 12.87
C VAL B 403 -40.63 35.34 11.98
N GLU B 404 -41.68 34.67 12.45
CA GLU B 404 -42.33 33.66 11.63
C GLU B 404 -42.97 34.29 10.40
N TRP B 405 -43.59 35.47 10.56
CA TRP B 405 -44.18 36.16 9.42
C TRP B 405 -43.12 36.53 8.39
N MET B 406 -41.96 37.01 8.84
CA MET B 406 -40.89 37.33 7.90
C MET B 406 -40.32 36.08 7.25
N ILE B 407 -40.29 34.96 7.98
CA ILE B 407 -39.79 33.70 7.44
C ILE B 407 -40.73 33.17 6.35
N LEU B 408 -42.03 33.39 6.51
CA LEU B 408 -43.04 32.74 5.66
C LEU B 408 -42.79 32.88 4.16
N PRO B 409 -42.44 34.06 3.62
CA PRO B 409 -42.22 34.13 2.15
C PRO B 409 -41.12 33.20 1.65
N TRP B 410 -40.06 32.99 2.43
CA TRP B 410 -38.96 32.14 1.98
C TRP B 410 -39.41 30.70 1.78
N VAL B 411 -40.22 30.17 2.69
CA VAL B 411 -40.69 28.79 2.56
C VAL B 411 -41.56 28.64 1.32
N LEU B 412 -42.45 29.61 1.08
CA LEU B 412 -43.29 29.57 -0.11
C LEU B 412 -42.45 29.64 -1.38
N GLY B 413 -41.43 30.50 -1.39
CA GLY B 413 -40.55 30.57 -2.55
C GLY B 413 -39.81 29.27 -2.80
N PHE B 414 -39.32 28.64 -1.73
CA PHE B 414 -38.64 27.36 -1.89
C PHE B 414 -39.59 26.30 -2.43
N ILE B 415 -40.81 26.25 -1.92
CA ILE B 415 -41.79 25.26 -2.39
C ILE B 415 -42.10 25.50 -3.87
N TRP B 416 -42.31 26.77 -4.25
CA TRP B 416 -42.61 27.08 -5.63
C TRP B 416 -41.45 26.70 -6.55
N GLY B 417 -40.23 27.03 -6.16
CA GLY B 417 -39.08 26.66 -6.97
C GLY B 417 -38.94 25.16 -7.14
N GLU B 418 -39.10 24.43 -6.03
CA GLU B 418 -38.94 22.95 -6.08
C GLU B 418 -40.03 22.34 -6.96
N ILE B 419 -41.28 22.79 -6.81
CA ILE B 419 -42.37 22.19 -7.57
C ILE B 419 -42.24 22.55 -9.05
N LYS B 420 -41.80 23.77 -9.36
CA LYS B 420 -41.59 24.13 -10.76
C LYS B 420 -40.48 23.30 -11.39
N GLU B 421 -39.38 23.13 -10.64
CA GLU B 421 -38.24 22.31 -11.12
C GLU B 421 -38.74 20.89 -11.40
N MET B 422 -39.46 20.30 -10.46
CA MET B 422 -39.95 18.93 -10.62
C MET B 422 -40.91 18.82 -11.81
N TRP B 423 -41.81 19.80 -11.95
CA TRP B 423 -42.77 19.77 -13.05
C TRP B 423 -42.07 19.85 -14.40
N ASP B 424 -41.06 20.71 -14.50
CA ASP B 424 -40.35 20.86 -15.77
C ASP B 424 -39.51 19.62 -16.07
N GLY B 425 -38.74 19.14 -15.09
CA GLY B 425 -37.85 18.02 -15.35
C GLY B 425 -38.58 16.70 -15.58
N GLY B 426 -39.64 16.46 -14.82
CA GLY B 426 -40.29 15.17 -14.83
C GLY B 426 -39.96 14.36 -13.59
N PHE B 427 -40.73 13.28 -13.39
CA PHE B 427 -40.54 12.45 -12.20
C PHE B 427 -39.16 11.80 -12.18
N THR B 428 -38.72 11.28 -13.33
CA THR B 428 -37.46 10.54 -13.39
C THR B 428 -36.28 11.45 -13.05
N GLU B 429 -36.24 12.64 -13.63
CA GLU B 429 -35.14 13.56 -13.35
C GLU B 429 -35.14 13.99 -11.89
N TYR B 430 -36.34 14.18 -11.31
CA TYR B 430 -36.43 14.52 -9.89
C TYR B 430 -35.88 13.40 -9.02
N ILE B 431 -36.18 12.15 -9.39
CA ILE B 431 -35.70 10.97 -8.59
C ILE B 431 -34.19 10.85 -8.76
N HIS B 432 -33.65 11.25 -9.91
CA HIS B 432 -32.19 11.06 -10.17
C HIS B 432 -31.34 11.85 -9.15
N ASP B 433 -31.76 13.07 -8.81
CA ASP B 433 -30.91 13.91 -7.91
C ASP B 433 -31.16 13.52 -6.45
N TRP B 434 -30.11 13.16 -5.71
CA TRP B 434 -30.27 12.80 -4.28
C TRP B 434 -30.58 14.06 -3.46
N TRP B 435 -30.06 15.22 -3.89
CA TRP B 435 -30.34 16.50 -3.18
C TRP B 435 -31.83 16.85 -3.30
N ASN B 436 -32.45 16.54 -4.44
CA ASN B 436 -33.89 16.85 -4.65
C ASN B 436 -34.73 16.12 -3.60
N LEU B 437 -34.36 14.87 -3.29
CA LEU B 437 -35.07 14.10 -2.23
C LEU B 437 -34.99 14.87 -0.90
N MET B 438 -33.81 15.36 -0.55
CA MET B 438 -33.63 16.12 0.69
C MET B 438 -34.51 17.37 0.71
N ASP B 439 -34.57 18.07 -0.43
CA ASP B 439 -35.41 19.29 -0.54
C ASP B 439 -36.87 18.90 -0.33
N PHE B 440 -37.30 17.80 -0.96
CA PHE B 440 -38.69 17.35 -0.81
C PHE B 440 -39.01 17.06 0.65
N ALA B 441 -38.11 16.38 1.35
CA ALA B 441 -38.34 16.07 2.76
C ALA B 441 -38.46 17.34 3.59
N MET B 442 -37.55 18.30 3.37
CA MET B 442 -37.58 19.52 4.17
C MET B 442 -38.83 20.35 3.87
N ASN B 443 -39.26 20.39 2.61
CA ASN B 443 -40.46 21.13 2.26
C ASN B 443 -41.71 20.47 2.84
N SER B 444 -41.74 19.13 2.84
CA SER B 444 -42.85 18.42 3.47
C SER B 444 -42.90 18.71 4.97
N LEU B 445 -41.74 18.74 5.63
CA LEU B 445 -41.72 19.07 7.05
C LEU B 445 -42.23 20.49 7.30
N TYR B 446 -41.81 21.44 6.47
CA TYR B 446 -42.29 22.81 6.61
C TYR B 446 -43.81 22.89 6.43
N LEU B 447 -44.33 22.19 5.41
CA LEU B 447 -45.76 22.20 5.16
C LEU B 447 -46.52 21.60 6.33
N ALA B 448 -46.00 20.50 6.90
CA ALA B 448 -46.65 19.89 8.06
C ALA B 448 -46.67 20.85 9.24
N THR B 449 -45.57 21.57 9.47
CA THR B 449 -45.54 22.54 10.56
C THR B 449 -46.58 23.64 10.35
N ILE B 450 -46.66 24.17 9.12
CA ILE B 450 -47.62 25.23 8.85
C ILE B 450 -49.05 24.75 9.05
N SER B 451 -49.36 23.54 8.58
CA SER B 451 -50.71 23.01 8.76
C SER B 451 -51.02 22.77 10.23
N LEU B 452 -50.06 22.24 10.98
CA LEU B 452 -50.30 21.94 12.40
C LEU B 452 -50.51 23.20 13.21
N LYS B 453 -49.79 24.27 12.91
CA LYS B 453 -50.02 25.52 13.62
C LYS B 453 -51.44 26.03 13.41
N ILE B 454 -51.94 25.98 12.17
CA ILE B 454 -53.29 26.43 11.88
C ILE B 454 -54.31 25.55 12.59
N VAL B 455 -54.09 24.23 12.58
CA VAL B 455 -55.01 23.32 13.26
C VAL B 455 -55.06 23.62 14.75
N ALA B 456 -53.89 23.84 15.37
CA ALA B 456 -53.85 24.14 16.80
C ALA B 456 -54.53 25.47 17.10
N TYR B 457 -54.33 26.47 16.24
CA TYR B 457 -54.98 27.76 16.45
C TYR B 457 -56.50 27.65 16.35
N VAL B 458 -56.98 26.86 15.39
CA VAL B 458 -58.43 26.71 15.22
C VAL B 458 -59.04 25.93 16.37
N LYS B 459 -58.38 24.84 16.80
CA LYS B 459 -58.99 23.94 17.77
C LYS B 459 -59.12 24.58 19.15
N TYR B 460 -58.11 25.32 19.59
CA TYR B 460 -58.05 25.83 20.94
C TYR B 460 -58.21 27.34 20.96
N ASN B 461 -58.95 27.84 21.94
CA ASN B 461 -59.13 29.28 22.15
C ASN B 461 -58.62 29.77 23.49
N GLY B 462 -58.67 28.95 24.54
CA GLY B 462 -58.23 29.36 25.86
C GLY B 462 -56.76 29.06 26.12
N SER B 463 -56.33 29.39 27.32
CA SER B 463 -54.96 29.19 27.77
C SER B 463 -54.92 28.15 28.88
N ARG B 464 -53.79 27.46 28.98
CA ARG B 464 -53.64 26.35 29.93
C ARG B 464 -52.16 26.19 30.25
N PRO B 465 -51.82 25.81 31.48
CA PRO B 465 -50.42 25.54 31.80
C PRO B 465 -49.88 24.37 31.00
N ARG B 466 -48.57 24.44 30.69
CA ARG B 466 -47.96 23.45 29.80
C ARG B 466 -47.92 22.07 30.43
N GLU B 467 -47.76 21.99 31.74
CA GLU B 467 -47.58 20.72 32.42
C GLU B 467 -48.82 19.83 32.37
N GLU B 468 -49.97 20.36 31.96
CA GLU B 468 -51.21 19.59 31.95
C GLU B 468 -51.55 19.02 30.57
N TRP B 469 -50.91 19.52 29.51
CA TRP B 469 -51.25 19.08 28.16
C TRP B 469 -50.86 17.62 27.95
N GLU B 470 -51.61 16.95 27.09
CA GLU B 470 -51.28 15.58 26.69
C GLU B 470 -50.04 15.58 25.79
N MET B 471 -49.42 14.41 25.68
CA MET B 471 -48.13 14.32 24.99
C MET B 471 -48.29 14.55 23.49
N TRP B 472 -49.45 14.22 22.92
CA TRP B 472 -49.68 14.38 21.50
C TRP B 472 -50.38 15.68 21.15
N HIS B 473 -50.15 16.74 21.93
CA HIS B 473 -50.73 18.04 21.62
C HIS B 473 -50.18 18.55 20.30
N PRO B 474 -51.00 19.18 19.46
CA PRO B 474 -50.50 19.65 18.15
C PRO B 474 -49.35 20.65 18.25
N THR B 475 -49.37 21.50 19.27
CA THR B 475 -48.33 22.51 19.41
C THR B 475 -46.96 21.88 19.59
N LEU B 476 -46.87 20.86 20.44
CA LEU B 476 -45.59 20.21 20.69
C LEU B 476 -45.03 19.57 19.42
N ILE B 477 -45.90 18.91 18.65
CA ILE B 477 -45.47 18.32 17.39
C ILE B 477 -45.00 19.41 16.43
N ALA B 478 -45.70 20.55 16.42
CA ALA B 478 -45.29 21.65 15.55
C ALA B 478 -43.89 22.14 15.91
N GLU B 479 -43.62 22.31 17.20
CA GLU B 479 -42.29 22.79 17.63
C GLU B 479 -41.21 21.77 17.28
N ALA B 480 -41.48 20.48 17.51
CA ALA B 480 -40.49 19.45 17.19
C ALA B 480 -40.19 19.42 15.70
N LEU B 481 -41.24 19.50 14.87
CA LEU B 481 -41.04 19.50 13.43
C LEU B 481 -40.28 20.75 12.98
N PHE B 482 -40.55 21.89 13.61
CA PHE B 482 -39.82 23.10 13.26
C PHE B 482 -38.33 22.97 13.58
N ALA B 483 -38.01 22.40 14.74
CA ALA B 483 -36.60 22.20 15.10
C ALA B 483 -35.92 21.24 14.12
N ILE B 484 -36.59 20.14 13.78
CA ILE B 484 -36.00 19.19 12.83
C ILE B 484 -35.81 19.84 11.47
N SER B 485 -36.76 20.67 11.05
CA SER B 485 -36.64 21.36 9.78
C SER B 485 -35.49 22.35 9.79
N ASN B 486 -35.26 23.03 10.93
CA ASN B 486 -34.10 23.90 11.04
C ASN B 486 -32.81 23.12 10.87
N ILE B 487 -32.71 21.96 11.54
CA ILE B 487 -31.51 21.14 11.41
C ILE B 487 -31.29 20.71 9.98
N LEU B 488 -32.36 20.27 9.31
CA LEU B 488 -32.22 19.83 7.91
C LEU B 488 -31.87 20.99 6.99
N SER B 489 -32.45 22.17 7.22
CA SER B 489 -32.18 23.32 6.37
C SER B 489 -30.74 23.78 6.49
N SER B 490 -30.17 23.74 7.70
CA SER B 490 -28.79 24.17 7.86
C SER B 490 -27.82 23.25 7.13
N LEU B 491 -28.15 21.97 7.01
CA LEU B 491 -27.26 21.00 6.36
C LEU B 491 -27.25 21.11 4.85
N ARG B 492 -28.15 21.90 4.25
CA ARG B 492 -28.21 22.01 2.80
C ARG B 492 -26.99 22.72 2.21
N LEU B 493 -26.24 23.46 3.02
CA LEU B 493 -25.09 24.20 2.52
C LEU B 493 -23.95 23.30 2.05
N ILE B 494 -24.00 22.00 2.35
CA ILE B 494 -22.95 21.09 1.90
C ILE B 494 -22.90 21.02 0.38
N SER B 495 -24.03 21.19 -0.30
CA SER B 495 -24.08 21.13 -1.75
C SER B 495 -23.35 22.28 -2.42
N LEU B 496 -23.00 23.33 -1.68
CA LEU B 496 -22.24 24.44 -2.23
C LEU B 496 -20.73 24.25 -2.13
N PHE B 497 -20.28 23.16 -1.50
CA PHE B 497 -18.85 22.90 -1.40
C PHE B 497 -18.22 22.59 -2.75
N THR B 498 -19.04 22.20 -3.74
CA THR B 498 -18.52 21.79 -5.04
C THR B 498 -17.83 22.93 -5.78
N ALA B 499 -18.16 24.19 -5.46
CA ALA B 499 -17.57 25.32 -6.15
C ALA B 499 -16.18 25.67 -5.66
N ASN B 500 -15.71 25.05 -4.58
CA ASN B 500 -14.41 25.34 -4.00
C ASN B 500 -13.40 24.26 -4.39
N SER B 501 -12.17 24.70 -4.71
CA SER B 501 -11.13 23.76 -5.12
C SER B 501 -10.65 22.90 -3.96
N HIS B 502 -10.66 23.46 -2.75
CA HIS B 502 -10.25 22.68 -1.55
C HIS B 502 -11.37 21.76 -1.06
N LEU B 503 -12.51 22.33 -0.64
CA LEU B 503 -13.63 21.54 -0.06
C LEU B 503 -14.31 20.60 -1.05
N GLY B 504 -14.46 20.99 -2.32
CA GLY B 504 -15.26 20.17 -3.27
C GLY B 504 -14.80 18.74 -3.51
N PRO B 505 -13.50 18.41 -3.72
CA PRO B 505 -13.09 17.02 -3.88
C PRO B 505 -13.42 16.17 -2.64
N LEU B 506 -13.25 16.73 -1.44
CA LEU B 506 -13.55 16.00 -0.19
C LEU B 506 -15.05 15.66 -0.15
N GLN B 507 -15.90 16.60 -0.56
CA GLN B 507 -17.37 16.38 -0.55
C GLN B 507 -17.71 15.23 -1.52
N ILE B 508 -17.09 15.21 -2.70
CA ILE B 508 -17.39 14.16 -3.72
C ILE B 508 -16.92 12.81 -3.18
N SER B 509 -15.72 12.75 -2.62
CA SER B 509 -15.19 11.50 -2.09
C SER B 509 -16.08 10.96 -0.97
N LEU B 510 -16.54 11.84 -0.07
CA LEU B 510 -17.44 11.38 0.98
C LEU B 510 -18.72 10.80 0.40
N GLY B 511 -19.28 11.46 -0.61
CA GLY B 511 -20.49 10.94 -1.23
C GLY B 511 -20.28 9.59 -1.89
N ARG B 512 -19.07 9.37 -2.44
CA ARG B 512 -18.81 8.11 -3.13
C ARG B 512 -18.68 6.93 -2.15
N MET B 513 -18.23 7.18 -0.92
CA MET B 513 -17.99 6.11 0.04
C MET B 513 -19.22 5.74 0.87
N LEU B 514 -20.37 6.37 0.64
CA LEU B 514 -21.53 6.14 1.49
C LEU B 514 -22.21 4.80 1.21
N LEU B 515 -21.93 4.17 0.07
CA LEU B 515 -22.60 2.91 -0.25
C LEU B 515 -22.17 1.79 0.69
N ASP B 516 -20.87 1.72 1.02
CA ASP B 516 -20.35 0.64 1.86
C ASP B 516 -20.74 0.79 3.32
N ILE B 517 -20.92 2.03 3.78
CA ILE B 517 -21.27 2.26 5.18
C ILE B 517 -22.62 1.64 5.50
N LEU B 518 -23.59 1.78 4.58
CA LEU B 518 -24.88 1.12 4.77
C LEU B 518 -24.73 -0.40 4.73
N LYS B 519 -23.83 -0.88 3.89
CA LYS B 519 -23.55 -2.32 3.83
C LYS B 519 -23.08 -2.84 5.19
N PHE B 520 -22.28 -2.05 5.90
CA PHE B 520 -21.87 -2.45 7.25
C PHE B 520 -22.98 -2.25 8.28
N LEU B 521 -23.78 -1.19 8.11
CA LEU B 521 -24.86 -0.95 9.07
C LEU B 521 -25.89 -2.07 9.03
N PHE B 522 -26.04 -2.74 7.88
CA PHE B 522 -26.92 -3.90 7.82
C PHE B 522 -26.45 -5.00 8.78
N ILE B 523 -25.17 -5.36 8.72
CA ILE B 523 -24.63 -6.39 9.60
C ILE B 523 -24.72 -5.96 11.06
N TYR B 524 -24.41 -4.69 11.33
CA TYR B 524 -24.51 -4.21 12.70
C TYR B 524 -25.93 -4.31 13.22
N CYS B 525 -26.92 -3.97 12.39
CA CYS B 525 -28.31 -4.06 12.81
C CYS B 525 -28.70 -5.51 13.09
N LEU B 526 -28.23 -6.44 12.27
CA LEU B 526 -28.51 -7.86 12.53
C LEU B 526 -27.95 -8.30 13.88
N VAL B 527 -26.68 -7.96 14.15
CA VAL B 527 -26.06 -8.37 15.41
C VAL B 527 -26.78 -7.71 16.59
N LEU B 528 -27.11 -6.43 16.46
CA LEU B 528 -27.81 -5.72 17.53
C LEU B 528 -29.17 -6.34 17.81
N LEU B 529 -29.91 -6.72 16.75
CA LEU B 529 -31.20 -7.34 16.95
C LEU B 529 -31.07 -8.68 17.68
N ALA B 530 -30.07 -9.48 17.29
CA ALA B 530 -29.86 -10.77 17.96
C ALA B 530 -29.59 -10.58 19.45
N PHE B 531 -28.65 -9.70 19.79
CA PHE B 531 -28.28 -9.54 21.19
C PHE B 531 -29.40 -8.88 22.00
N ALA B 532 -30.14 -7.94 21.38
CA ALA B 532 -31.28 -7.34 22.06
C ALA B 532 -32.35 -8.38 22.36
N ASN B 533 -32.64 -9.26 21.41
CA ASN B 533 -33.59 -10.34 21.65
C ASN B 533 -33.16 -11.18 22.83
N GLY B 534 -31.89 -11.60 22.85
CA GLY B 534 -31.43 -12.43 23.95
C GLY B 534 -31.51 -11.73 25.31
N LEU B 535 -31.04 -10.49 25.37
CA LEU B 535 -31.02 -9.77 26.64
C LEU B 535 -32.44 -9.49 27.15
N ASN B 536 -33.35 -9.12 26.25
CA ASN B 536 -34.72 -8.88 26.66
C ASN B 536 -35.41 -10.16 27.11
N GLN B 537 -35.08 -11.28 26.46
CA GLN B 537 -35.60 -12.56 26.93
C GLN B 537 -35.12 -12.87 28.33
N LEU B 538 -33.86 -12.56 28.62
CA LEU B 538 -33.32 -12.88 29.94
C LEU B 538 -33.88 -11.97 31.03
N TYR B 539 -33.98 -10.67 30.77
CA TYR B 539 -34.15 -9.68 31.83
C TYR B 539 -35.57 -9.17 31.99
N PHE B 540 -36.57 -9.77 31.35
CA PHE B 540 -37.91 -9.20 31.37
C PHE B 540 -38.74 -9.65 32.56
N TYR B 541 -38.25 -10.58 33.38
CA TYR B 541 -39.01 -11.05 34.54
C TYR B 541 -38.95 -10.10 35.73
N TYR B 542 -38.12 -9.04 35.67
CA TYR B 542 -37.90 -8.18 36.82
C TYR B 542 -38.22 -6.72 36.51
N GLU B 543 -39.25 -6.48 35.70
CA GLU B 543 -39.65 -5.12 35.41
C GLU B 543 -40.30 -4.48 36.62
N THR B 544 -39.93 -3.24 36.90
CA THR B 544 -40.48 -2.46 38.01
C THR B 544 -41.39 -1.37 37.47
N ARG B 545 -41.97 -0.61 38.39
CA ARG B 545 -42.89 0.47 38.04
C ARG B 545 -42.19 1.82 38.23
N ALA B 546 -42.71 2.84 37.53
CA ALA B 546 -42.10 4.16 37.60
C ALA B 546 -42.21 4.76 39.00
N ILE B 547 -43.33 4.52 39.69
CA ILE B 547 -43.52 5.07 41.02
C ILE B 547 -42.61 4.43 42.05
N ASP B 548 -42.04 3.25 41.74
CA ASP B 548 -41.14 2.58 42.67
C ASP B 548 -39.71 3.08 42.57
N GLU B 549 -39.42 4.00 41.65
CA GLU B 549 -38.08 4.54 41.44
C GLU B 549 -37.98 5.95 42.02
N PRO B 550 -36.79 6.35 42.46
CA PRO B 550 -36.61 7.74 42.88
C PRO B 550 -36.86 8.70 41.73
N ASN B 551 -37.46 9.85 42.05
CA ASN B 551 -37.84 10.91 41.12
C ASN B 551 -38.94 10.44 40.16
N ASN B 552 -39.42 9.20 40.31
CA ASN B 552 -40.45 8.63 39.44
C ASN B 552 -40.01 8.61 37.98
N CYS B 553 -38.74 8.29 37.75
CA CYS B 553 -38.18 8.19 36.41
C CYS B 553 -37.87 6.73 36.11
N LYS B 554 -38.31 6.26 34.94
CA LYS B 554 -38.09 4.89 34.50
C LYS B 554 -37.35 4.88 33.17
N GLY B 555 -36.25 4.16 33.11
CA GLY B 555 -35.48 4.06 31.88
C GLY B 555 -34.01 4.39 32.07
N ILE B 556 -33.30 4.60 30.96
CA ILE B 556 -31.87 4.88 31.00
C ILE B 556 -31.56 6.37 30.82
N ARG B 557 -32.59 7.20 30.62
CA ARG B 557 -32.41 8.64 30.54
C ARG B 557 -32.68 9.33 31.88
N CYS B 558 -32.45 8.65 32.99
CA CYS B 558 -32.63 9.19 34.32
C CYS B 558 -31.26 9.41 34.97
N GLU B 559 -31.29 10.05 36.15
CA GLU B 559 -30.05 10.29 36.89
C GLU B 559 -29.39 8.97 37.29
N LYS B 560 -30.18 8.01 37.77
CA LYS B 560 -29.72 6.65 38.01
C LYS B 560 -30.44 5.73 37.03
N GLN B 561 -29.69 5.10 36.14
CA GLN B 561 -30.29 4.28 35.10
C GLN B 561 -30.92 3.02 35.69
N ASN B 562 -32.08 2.65 35.16
CA ASN B 562 -32.79 1.46 35.61
C ASN B 562 -33.68 0.96 34.50
N ASN B 563 -34.11 -0.30 34.62
CA ASN B 563 -34.99 -0.95 33.65
C ASN B 563 -34.39 -0.87 32.24
N ALA B 564 -33.09 -1.16 32.15
CA ALA B 564 -32.38 -1.03 30.89
C ALA B 564 -32.78 -2.11 29.88
N PHE B 565 -33.09 -3.31 30.35
CA PHE B 565 -33.39 -4.45 29.48
C PHE B 565 -34.76 -5.03 29.79
N SER B 566 -35.73 -4.17 30.12
CA SER B 566 -37.06 -4.63 30.49
C SER B 566 -37.98 -4.79 29.29
N THR B 567 -37.86 -3.93 28.28
CA THR B 567 -38.67 -4.01 27.07
C THR B 567 -37.75 -4.02 25.86
N LEU B 568 -38.28 -4.52 24.74
CA LEU B 568 -37.48 -4.63 23.52
C LEU B 568 -37.05 -3.26 23.01
N PHE B 569 -37.95 -2.28 23.03
CA PHE B 569 -37.60 -0.93 22.61
C PHE B 569 -36.52 -0.36 23.52
N GLU B 570 -36.68 -0.52 24.84
CA GLU B 570 -35.68 -0.03 25.78
C GLU B 570 -34.37 -0.79 25.64
N THR B 571 -34.43 -2.09 25.34
CA THR B 571 -33.21 -2.86 25.12
C THR B 571 -32.45 -2.35 23.90
N LEU B 572 -33.17 -2.05 22.83
CA LEU B 572 -32.53 -1.49 21.63
C LEU B 572 -31.90 -0.14 21.94
N GLN B 573 -32.62 0.71 22.69
CA GLN B 573 -32.06 2.02 23.05
C GLN B 573 -30.81 1.87 23.91
N SER B 574 -30.84 0.94 24.87
CA SER B 574 -29.69 0.73 25.74
C SER B 574 -28.49 0.20 24.97
N LEU B 575 -28.71 -0.74 24.06
CA LEU B 575 -27.59 -1.28 23.30
C LEU B 575 -27.04 -0.27 22.30
N PHE B 576 -27.88 0.65 21.82
CA PHE B 576 -27.36 1.70 20.94
C PHE B 576 -26.41 2.63 21.67
N TRP B 577 -26.77 3.05 22.89
CA TRP B 577 -25.99 4.04 23.61
C TRP B 577 -24.72 3.46 24.22
N SER B 578 -24.63 2.14 24.35
CA SER B 578 -23.42 1.52 24.89
C SER B 578 -22.26 1.57 23.89
N VAL B 579 -22.52 1.89 22.63
CA VAL B 579 -21.45 2.05 21.66
C VAL B 579 -20.58 3.24 22.00
N PHE B 580 -21.15 4.30 22.57
CA PHE B 580 -20.42 5.49 22.94
C PHE B 580 -20.05 5.51 24.42
N GLY B 581 -20.26 4.40 25.11
CA GLY B 581 -19.91 4.28 26.54
C GLY B 581 -20.82 5.10 27.44
N LEU B 582 -22.08 5.25 27.07
CA LEU B 582 -23.01 6.11 27.84
C LEU B 582 -23.94 5.25 28.70
N LEU B 583 -23.74 3.93 28.69
CA LEU B 583 -24.53 3.04 29.54
C LEU B 583 -23.66 2.52 30.66
N ASN B 584 -24.13 2.68 31.90
CA ASN B 584 -23.36 2.28 33.07
C ASN B 584 -23.42 0.77 33.26
N LEU B 585 -22.59 0.27 34.17
CA LEU B 585 -22.42 -1.16 34.36
C LEU B 585 -23.34 -1.74 35.42
N TYR B 586 -23.92 -0.93 36.30
CA TYR B 586 -24.79 -1.44 37.34
C TYR B 586 -26.19 -1.75 36.86
N VAL B 587 -26.51 -1.45 35.59
CA VAL B 587 -27.84 -1.74 35.07
C VAL B 587 -28.06 -3.23 34.91
N THR B 588 -27.01 -4.04 34.96
CA THR B 588 -27.13 -5.49 34.86
C THR B 588 -27.48 -6.13 36.20
N ASN B 589 -27.56 -5.35 37.27
CA ASN B 589 -27.93 -5.89 38.57
C ASN B 589 -29.44 -5.98 38.70
N VAL B 590 -29.89 -6.84 39.62
CA VAL B 590 -31.31 -7.06 39.85
C VAL B 590 -31.57 -6.93 41.35
N LYS B 591 -32.82 -6.57 41.69
CA LYS B 591 -33.17 -6.34 43.09
C LYS B 591 -33.17 -7.63 43.89
N ALA B 592 -33.62 -8.73 43.28
CA ALA B 592 -33.68 -10.01 43.97
C ALA B 592 -32.30 -10.59 44.25
N ARG B 593 -31.26 -10.09 43.57
CA ARG B 593 -29.87 -10.55 43.74
C ARG B 593 -29.75 -12.05 43.46
N HIS B 594 -30.04 -12.40 42.21
CA HIS B 594 -29.79 -13.73 41.67
C HIS B 594 -28.48 -13.67 40.91
N GLU B 595 -27.42 -14.23 41.51
CA GLU B 595 -26.07 -14.00 40.99
C GLU B 595 -25.86 -14.66 39.63
N PHE B 596 -26.46 -15.82 39.41
CA PHE B 596 -26.29 -16.51 38.13
C PHE B 596 -26.86 -15.68 36.98
N THR B 597 -28.07 -15.15 37.16
CA THR B 597 -28.70 -14.35 36.12
C THR B 597 -27.90 -13.08 35.83
N GLU B 598 -27.43 -12.41 36.89
CA GLU B 598 -26.65 -11.20 36.70
C GLU B 598 -25.33 -11.49 35.99
N PHE B 599 -24.67 -12.60 36.36
CA PHE B 599 -23.43 -12.96 35.68
C PHE B 599 -23.68 -13.27 34.20
N VAL B 600 -24.76 -13.98 33.89
CA VAL B 600 -25.06 -14.29 32.50
C VAL B 600 -25.36 -13.02 31.71
N GLY B 601 -26.12 -12.09 32.31
CA GLY B 601 -26.41 -10.84 31.63
C GLY B 601 -25.16 -10.00 31.39
N ALA B 602 -24.29 -9.93 32.40
CA ALA B 602 -23.03 -9.21 32.23
C ALA B 602 -22.16 -9.84 31.15
N THR B 603 -22.15 -11.17 31.07
CA THR B 603 -21.39 -11.85 30.02
C THR B 603 -21.98 -11.55 28.64
N MET B 604 -23.30 -11.52 28.52
CA MET B 604 -23.92 -11.15 27.25
C MET B 604 -23.54 -9.74 26.85
N PHE B 605 -23.60 -8.81 27.81
CA PHE B 605 -23.24 -7.42 27.52
C PHE B 605 -21.78 -7.30 27.11
N GLY B 606 -20.89 -8.03 27.79
CA GLY B 606 -19.48 -7.99 27.43
C GLY B 606 -19.20 -8.58 26.06
N THR B 607 -19.86 -9.69 25.72
CA THR B 607 -19.70 -10.27 24.40
C THR B 607 -20.17 -9.30 23.32
N TYR B 608 -21.31 -8.65 23.54
CA TYR B 608 -21.78 -7.65 22.59
C TYR B 608 -20.78 -6.50 22.46
N ASN B 609 -20.23 -6.04 23.59
CA ASN B 609 -19.26 -4.95 23.55
C ASN B 609 -18.03 -5.35 22.74
N VAL B 610 -17.51 -6.55 22.98
CA VAL B 610 -16.31 -7.00 22.27
C VAL B 610 -16.59 -7.09 20.77
N ILE B 611 -17.71 -7.73 20.41
CA ILE B 611 -18.02 -7.92 18.99
C ILE B 611 -18.21 -6.56 18.30
N SER B 612 -18.92 -5.64 18.95
CA SER B 612 -19.27 -4.38 18.29
C SER B 612 -18.08 -3.42 18.22
N LEU B 613 -17.25 -3.36 19.26
CA LEU B 613 -16.24 -2.32 19.34
C LEU B 613 -14.84 -2.79 18.98
N VAL B 614 -14.50 -4.06 19.22
CA VAL B 614 -13.16 -4.55 18.91
C VAL B 614 -13.06 -5.15 17.51
N VAL B 615 -14.18 -5.49 16.89
CA VAL B 615 -14.18 -6.22 15.63
C VAL B 615 -14.77 -5.38 14.50
N LEU B 616 -16.07 -5.04 14.64
CA LEU B 616 -16.79 -4.43 13.54
C LEU B 616 -16.28 -3.03 13.22
N LEU B 617 -15.99 -2.23 14.25
CA LEU B 617 -15.49 -0.88 14.01
C LEU B 617 -14.16 -0.92 13.26
N ASN B 618 -13.27 -1.84 13.64
CA ASN B 618 -11.97 -1.91 12.99
C ASN B 618 -12.08 -2.46 11.57
N MET B 619 -12.99 -3.40 11.33
CA MET B 619 -13.23 -3.84 9.96
C MET B 619 -13.78 -2.70 9.11
N LEU B 620 -14.65 -1.87 9.69
CA LEU B 620 -15.14 -0.69 8.97
C LEU B 620 -13.99 0.24 8.63
N ILE B 621 -13.07 0.45 9.58
CA ILE B 621 -11.89 1.27 9.32
C ILE B 621 -11.10 0.71 8.14
N ALA B 622 -10.85 -0.60 8.15
CA ALA B 622 -10.06 -1.20 7.09
C ALA B 622 -10.73 -1.08 5.73
N MET B 623 -12.04 -1.35 5.67
CA MET B 623 -12.73 -1.27 4.39
C MET B 623 -12.79 0.16 3.88
N MET B 624 -12.97 1.13 4.78
CA MET B 624 -12.96 2.53 4.36
C MET B 624 -11.58 2.92 3.83
N ASN B 625 -10.52 2.43 4.47
CA ASN B 625 -9.17 2.66 3.96
C ASN B 625 -9.03 2.15 2.53
N ASN B 626 -9.44 0.90 2.29
CA ASN B 626 -9.27 0.30 0.94
C ASN B 626 -10.10 1.06 -0.09
N SER B 627 -11.37 1.34 0.22
CA SER B 627 -12.26 1.99 -0.77
C SER B 627 -11.73 3.37 -1.14
N TYR B 628 -11.23 4.13 -0.16
CA TYR B 628 -10.77 5.52 -0.44
C TYR B 628 -9.60 5.49 -1.42
N GLN B 629 -8.69 4.51 -1.28
CA GLN B 629 -7.48 4.50 -2.15
C GLN B 629 -7.90 4.37 -3.61
N LEU B 630 -8.84 3.47 -3.91
CA LEU B 630 -9.33 3.29 -5.30
C LEU B 630 -10.04 4.57 -5.77
N ILE B 631 -10.87 5.16 -4.90
CA ILE B 631 -11.65 6.38 -5.25
C ILE B 631 -10.71 7.56 -5.49
N ALA B 632 -9.64 7.69 -4.69
CA ALA B 632 -8.74 8.87 -4.77
C ALA B 632 -8.12 9.07 -6.16
N ASP B 633 -7.90 8.01 -6.93
CA ASP B 633 -7.19 8.20 -8.19
C ASP B 633 -8.00 9.00 -9.21
N HIS B 634 -9.31 9.16 -9.01
CA HIS B 634 -10.16 9.85 -9.98
C HIS B 634 -10.88 11.05 -9.38
N ALA B 635 -10.42 11.54 -8.22
CA ALA B 635 -11.16 12.57 -7.50
C ALA B 635 -11.29 13.85 -8.31
N ASP B 636 -10.23 14.25 -9.02
CA ASP B 636 -10.24 15.50 -9.76
C ASP B 636 -11.29 15.47 -10.87
N ILE B 637 -11.37 14.36 -11.62
CA ILE B 637 -12.30 14.27 -12.74
C ILE B 637 -13.74 14.32 -12.25
N GLU B 638 -14.06 13.56 -11.20
CA GLU B 638 -15.41 13.56 -10.67
C GLU B 638 -15.77 14.93 -10.10
N TRP B 639 -14.83 15.57 -9.40
CA TRP B 639 -15.11 16.90 -8.86
C TRP B 639 -15.38 17.90 -9.97
N LYS B 640 -14.59 17.84 -11.05
CA LYS B 640 -14.81 18.76 -12.16
C LYS B 640 -16.13 18.48 -12.88
N PHE B 641 -16.51 17.21 -12.98
CA PHE B 641 -17.82 16.88 -13.56
C PHE B 641 -18.95 17.46 -12.71
N ALA B 642 -18.86 17.31 -11.39
CA ALA B 642 -19.86 17.89 -10.51
C ALA B 642 -19.87 19.42 -10.60
N ARG B 643 -18.69 20.03 -10.69
CA ARG B 643 -18.62 21.49 -10.75
C ARG B 643 -19.21 22.01 -12.05
N THR B 644 -18.96 21.34 -13.18
CA THR B 644 -19.54 21.81 -14.43
C THR B 644 -21.03 21.50 -14.49
N LYS B 645 -21.50 20.48 -13.78
CA LYS B 645 -22.94 20.31 -13.59
C LYS B 645 -23.53 21.50 -12.82
N LEU B 646 -22.84 21.92 -11.77
CA LEU B 646 -23.31 23.06 -10.98
C LEU B 646 -23.31 24.35 -11.79
N TRP B 647 -22.26 24.57 -12.59
CA TRP B 647 -22.16 25.82 -13.35
C TRP B 647 -23.28 25.95 -14.38
N MET B 648 -23.61 24.85 -15.07
CA MET B 648 -24.60 24.90 -16.13
C MET B 648 -26.01 25.18 -15.62
N SER B 649 -26.27 24.95 -14.33
CA SER B 649 -27.60 25.20 -13.79
C SER B 649 -27.89 26.69 -13.62
N TYR B 650 -26.86 27.53 -13.65
CA TYR B 650 -27.03 28.98 -13.57
C TYR B 650 -26.89 29.67 -14.91
N PHE B 651 -26.69 28.92 -15.99
CA PHE B 651 -26.53 29.52 -17.31
C PHE B 651 -27.85 30.00 -17.88
N ASP B 652 -28.95 29.31 -17.59
CA ASP B 652 -30.25 29.67 -18.14
C ASP B 652 -30.80 30.92 -17.46
N GLU B 653 -31.82 31.51 -18.07
CA GLU B 653 -32.48 32.70 -17.55
C GLU B 653 -33.82 32.39 -16.91
N GLY B 654 -34.15 31.11 -16.74
CA GLY B 654 -35.46 30.76 -16.19
C GLY B 654 -35.62 31.14 -14.72
N GLY B 655 -34.57 30.94 -13.93
CA GLY B 655 -34.67 31.16 -12.50
C GLY B 655 -33.77 32.26 -11.98
N THR B 656 -33.72 33.39 -12.72
CA THR B 656 -32.80 34.50 -12.35
C THR B 656 -33.17 35.03 -10.96
N LEU B 657 -34.46 35.21 -10.67
CA LEU B 657 -34.90 35.81 -9.38
C LEU B 657 -34.53 34.89 -8.21
N PRO B 658 -34.05 35.43 -7.07
CA PRO B 658 -33.79 34.62 -5.87
C PRO B 658 -35.12 34.19 -5.25
N PRO B 659 -35.18 33.15 -4.41
CA PRO B 659 -36.46 32.64 -3.88
C PRO B 659 -37.40 33.60 -3.12
N PRO B 660 -36.96 34.53 -2.24
CA PRO B 660 -37.89 35.45 -1.59
C PRO B 660 -38.61 36.32 -2.62
N PHE B 661 -37.89 36.79 -3.65
CA PHE B 661 -38.49 37.67 -4.68
C PHE B 661 -39.13 36.85 -5.80
N ASN B 662 -38.94 35.53 -5.79
CA ASN B 662 -39.47 34.69 -6.90
C ASN B 662 -40.99 34.73 -6.90
N ILE B 663 -41.60 35.00 -5.74
CA ILE B 663 -43.09 35.01 -5.63
C ILE B 663 -43.67 36.28 -6.26
N ILE B 664 -42.96 37.42 -6.17
CA ILE B 664 -43.49 38.67 -6.69
C ILE B 664 -43.55 38.64 -8.21
N SER B 706 -29.32 25.67 -40.83
CA SER B 706 -29.01 24.41 -40.18
C SER B 706 -28.07 23.58 -41.06
N LEU B 707 -28.11 23.81 -42.36
CA LEU B 707 -27.25 23.07 -43.28
C LEU B 707 -25.79 23.46 -43.10
N ILE B 708 -25.52 24.74 -42.83
CA ILE B 708 -24.14 25.20 -42.72
C ILE B 708 -23.50 24.72 -41.43
N GLN B 709 -24.31 24.33 -40.45
CA GLN B 709 -23.76 23.74 -39.23
C GLN B 709 -23.20 22.35 -39.50
N ASN B 710 -23.92 21.54 -40.28
CA ASN B 710 -23.47 20.18 -40.56
C ASN B 710 -22.23 20.19 -41.45
N GLN B 711 -22.18 21.11 -42.42
CA GLN B 711 -21.02 21.17 -43.31
C GLN B 711 -19.76 21.55 -42.54
N HIS B 712 -19.86 22.51 -41.61
CA HIS B 712 -18.70 22.89 -40.81
C HIS B 712 -18.31 21.77 -39.86
N TYR B 713 -19.28 21.07 -39.28
CA TYR B 713 -18.98 19.99 -38.34
C TYR B 713 -18.25 18.85 -39.05
N GLN B 714 -18.64 18.55 -40.29
CA GLN B 714 -17.96 17.50 -41.04
C GLN B 714 -16.51 17.86 -41.34
N GLU B 715 -16.25 19.12 -41.67
CA GLU B 715 -14.90 19.55 -41.99
C GLU B 715 -13.96 19.40 -40.79
N VAL B 716 -14.44 19.77 -39.60
CA VAL B 716 -13.61 19.62 -38.40
C VAL B 716 -13.41 18.15 -38.07
N ILE B 717 -14.46 17.34 -38.24
CA ILE B 717 -14.34 15.91 -37.97
C ILE B 717 -13.38 15.25 -38.95
N ARG B 718 -13.36 15.71 -40.21
CA ARG B 718 -12.44 15.15 -41.19
C ARG B 718 -10.99 15.35 -40.77
N ASN B 719 -10.69 16.49 -40.12
CA ASN B 719 -9.32 16.76 -39.72
C ASN B 719 -8.97 16.11 -38.38
N LEU B 720 -9.93 16.04 -37.46
CA LEU B 720 -9.67 15.42 -36.17
C LEU B 720 -9.34 13.94 -36.32
N VAL B 721 -10.05 13.24 -37.19
CA VAL B 721 -9.78 11.82 -37.42
C VAL B 721 -8.42 11.64 -38.09
N LYS B 722 -8.04 12.57 -38.98
CA LYS B 722 -6.78 12.45 -39.68
C LYS B 722 -5.59 12.55 -38.73
N ARG B 723 -5.65 13.48 -37.77
CA ARG B 723 -4.58 13.60 -36.81
C ARG B 723 -4.57 12.44 -35.82
N TYR B 724 -5.72 11.83 -35.56
CA TYR B 724 -5.79 10.75 -34.58
C TYR B 724 -5.07 9.50 -35.07
N VAL B 725 -5.30 9.11 -36.33
CA VAL B 725 -4.63 7.92 -36.87
C VAL B 725 -3.13 8.16 -36.99
N ALA B 726 -2.74 9.38 -37.33
CA ALA B 726 -1.32 9.70 -37.38
C ALA B 726 -0.70 9.67 -35.98
N ALA B 727 -1.44 10.14 -34.97
CA ALA B 727 -0.87 10.33 -33.65
C ALA B 727 -0.52 9.00 -32.98
N MET B 728 -1.46 8.06 -32.94
CA MET B 728 -1.22 6.84 -32.18
C MET B 728 -0.30 5.88 -32.91
N ILE B 729 -0.09 6.06 -34.21
CA ILE B 729 0.93 5.29 -34.91
C ILE B 729 2.32 5.72 -34.44
N ARG B 730 2.57 7.02 -34.37
CA ARG B 730 3.85 7.51 -33.87
C ARG B 730 4.01 7.22 -32.38
N ASN B 731 2.91 7.30 -31.62
CA ASN B 731 2.96 6.89 -30.22
C ASN B 731 3.16 5.39 -30.08
N SER B 732 2.82 4.62 -31.11
CA SER B 732 3.15 3.20 -31.13
C SER B 732 4.54 2.93 -31.68
N LYS B 733 5.25 3.96 -32.15
CA LYS B 733 6.62 3.79 -32.59
C LYS B 733 7.60 3.71 -31.42
N THR B 734 7.09 3.86 -30.19
CA THR B 734 7.99 3.64 -29.03
C THR B 734 8.41 2.16 -29.07
N HIS B 735 7.70 1.35 -29.86
CA HIS B 735 8.00 -0.11 -29.96
C HIS B 735 8.41 -0.50 -31.38
N GLU B 736 8.78 0.45 -32.24
CA GLU B 736 9.04 0.09 -33.67
C GLU B 736 10.54 -0.01 -33.99
N GLY B 737 11.13 -1.20 -33.81
CA GLY B 737 12.55 -1.44 -34.16
C GLY B 737 12.59 -2.36 -35.37
N LEU B 738 11.53 -2.39 -36.16
CA LEU B 738 11.42 -3.35 -37.29
C LEU B 738 11.99 -2.75 -38.58
N THR B 739 12.70 -1.62 -38.47
CA THR B 739 13.26 -0.94 -39.68
C THR B 739 14.22 -1.90 -40.39
N GLU B 740 15.00 -2.67 -39.63
CA GLU B 740 16.00 -3.61 -40.24
C GLU B 740 15.29 -4.69 -41.07
N GLU B 741 14.15 -5.19 -40.61
CA GLU B 741 13.41 -6.25 -41.35
C GLU B 741 12.98 -5.69 -42.70
N ASN B 742 12.55 -4.42 -42.74
CA ASN B 742 12.18 -3.78 -44.02
C ASN B 742 13.43 -3.65 -44.89
N PHE B 743 14.57 -3.32 -44.27
CA PHE B 743 15.87 -3.27 -45.02
C PHE B 743 16.10 -4.59 -45.79
N LYS B 744 15.74 -5.73 -45.18
CA LYS B 744 15.87 -7.06 -45.85
C LYS B 744 14.89 -7.11 -47.02
N GLU B 745 13.72 -6.48 -46.86
CA GLU B 745 12.73 -6.40 -47.96
C GLU B 745 13.37 -5.60 -49.10
N LEU B 746 14.15 -4.57 -48.79
CA LEU B 746 14.90 -3.79 -49.80
C LEU B 746 15.92 -4.69 -50.49
N LYS B 747 16.63 -5.53 -49.72
CA LYS B 747 17.55 -6.46 -50.42
C LYS B 747 16.73 -7.36 -51.36
N GLN B 748 15.55 -7.83 -50.91
CA GLN B 748 14.72 -8.74 -51.74
C GLN B 748 14.26 -8.01 -53.01
N ASP B 749 13.88 -6.74 -52.91
CA ASP B 749 13.44 -5.93 -54.07
C ASP B 749 14.62 -5.77 -55.04
N ILE B 750 15.82 -5.56 -54.51
CA ILE B 750 17.04 -5.46 -55.38
C ILE B 750 17.24 -6.79 -56.10
N SER B 751 17.05 -7.92 -55.41
CA SER B 751 17.17 -9.26 -56.05
C SER B 751 16.12 -9.41 -57.15
N SER B 752 14.90 -8.93 -56.90
CA SER B 752 13.81 -8.99 -57.91
C SER B 752 14.19 -8.14 -59.13
N PHE B 753 14.77 -6.96 -58.91
CA PHE B 753 15.21 -6.10 -60.04
C PHE B 753 16.27 -6.87 -60.82
N ARG B 754 17.15 -7.58 -60.10
CA ARG B 754 18.22 -8.39 -60.74
C ARG B 754 17.60 -9.48 -61.63
N TYR B 755 16.56 -10.19 -61.16
CA TYR B 755 16.09 -11.31 -62.02
C TYR B 755 14.69 -11.09 -62.63
N ASP C 16 50.67 -1.26 4.29
CA ASP C 16 50.05 -0.11 3.64
C ASP C 16 49.51 -0.49 2.26
N ARG C 17 49.62 -1.77 1.91
CA ARG C 17 49.11 -2.27 0.65
C ARG C 17 48.59 -3.69 0.84
N ILE C 18 47.64 -4.08 -0.02
CA ILE C 18 47.06 -5.41 0.00
C ILE C 18 47.57 -6.15 -1.24
N PRO C 19 48.40 -7.18 -1.10
CA PRO C 19 48.82 -7.96 -2.26
C PRO C 19 47.67 -8.84 -2.77
N LEU C 20 47.52 -8.87 -4.09
CA LEU C 20 46.48 -9.67 -4.74
C LEU C 20 47.15 -10.78 -5.54
N GLN C 21 46.77 -12.02 -5.28
CA GLN C 21 47.37 -13.17 -5.92
C GLN C 21 46.35 -14.30 -5.96
N ILE C 22 46.36 -15.06 -7.05
CA ILE C 22 45.44 -16.17 -7.21
C ILE C 22 45.76 -17.25 -6.18
N VAL C 23 44.75 -17.65 -5.41
CA VAL C 23 44.98 -18.60 -4.32
C VAL C 23 44.81 -20.03 -4.82
N ARG C 24 43.71 -20.31 -5.52
CA ARG C 24 43.43 -21.64 -6.07
C ARG C 24 43.74 -21.59 -7.56
N ALA C 25 44.83 -22.25 -7.94
CA ALA C 25 45.34 -22.19 -9.31
C ALA C 25 44.95 -23.45 -10.07
N GLU C 26 44.58 -23.27 -11.34
CA GLU C 26 44.23 -24.36 -12.24
C GLU C 26 45.21 -24.39 -13.41
N THR C 27 45.54 -25.59 -13.87
CA THR C 27 46.50 -25.73 -14.96
C THR C 27 45.98 -25.06 -16.22
N GLU C 28 46.86 -24.28 -16.85
CA GLU C 28 46.48 -23.51 -18.06
C GLU C 28 46.63 -24.39 -19.30
N LEU C 29 45.78 -24.17 -20.30
CA LEU C 29 45.83 -24.91 -21.55
C LEU C 29 47.04 -24.51 -22.38
N SER C 30 47.42 -25.41 -23.29
CA SER C 30 48.54 -25.14 -24.18
C SER C 30 48.12 -24.18 -25.30
N ALA C 31 49.12 -23.66 -26.01
CA ALA C 31 48.84 -22.71 -27.09
C ALA C 31 48.05 -23.37 -28.21
N GLU C 32 48.40 -24.62 -28.54
CA GLU C 32 47.71 -25.34 -29.64
C GLU C 32 46.24 -25.59 -29.24
N GLU C 33 46.00 -25.93 -27.96
CA GLU C 33 44.63 -26.14 -27.51
C GLU C 33 43.82 -24.85 -27.52
N LYS C 34 44.44 -23.74 -27.13
CA LYS C 34 43.75 -22.45 -27.18
C LYS C 34 43.42 -22.05 -28.62
N ALA C 35 44.36 -22.31 -29.54
CA ALA C 35 44.09 -22.02 -30.95
C ALA C 35 42.95 -22.88 -31.48
N PHE C 36 42.93 -24.16 -31.09
CA PHE C 36 41.81 -25.03 -31.48
C PHE C 36 40.50 -24.52 -30.91
N LEU C 37 40.51 -24.06 -29.66
CA LEU C 37 39.31 -23.49 -29.05
C LEU C 37 38.83 -22.26 -29.81
N ASN C 38 39.74 -21.37 -30.17
CA ASN C 38 39.37 -20.17 -30.91
C ASN C 38 38.84 -20.51 -32.29
N ALA C 39 39.43 -21.52 -32.94
CA ALA C 39 38.92 -21.96 -34.24
C ALA C 39 37.51 -22.53 -34.11
N VAL C 40 37.26 -23.30 -33.05
CA VAL C 40 35.93 -23.84 -32.81
C VAL C 40 34.94 -22.69 -32.59
N GLU C 41 35.31 -21.71 -31.78
CA GLU C 41 34.43 -20.58 -31.51
C GLU C 41 34.21 -19.74 -32.77
N LYS C 42 35.25 -19.57 -33.59
CA LYS C 42 35.15 -18.77 -34.81
C LYS C 42 34.31 -19.44 -35.89
N GLY C 43 34.00 -20.73 -35.74
CA GLY C 43 33.19 -21.42 -36.73
C GLY C 43 33.85 -21.59 -38.08
N ASP C 44 35.14 -21.95 -38.09
CA ASP C 44 35.85 -22.26 -39.32
C ASP C 44 36.07 -23.77 -39.36
N TYR C 45 35.26 -24.46 -40.18
CA TYR C 45 35.31 -25.92 -40.20
C TYR C 45 36.63 -26.43 -40.77
N ALA C 46 37.19 -25.73 -41.76
CA ALA C 46 38.43 -26.18 -42.36
C ALA C 46 39.59 -26.15 -41.36
N THR C 47 39.68 -25.08 -40.57
CA THR C 47 40.74 -24.97 -39.58
C THR C 47 40.64 -26.08 -38.53
N VAL C 48 39.42 -26.33 -38.05
CA VAL C 48 39.19 -27.41 -37.09
C VAL C 48 39.51 -28.77 -37.68
N LYS C 49 39.13 -29.01 -38.94
CA LYS C 49 39.45 -30.27 -39.59
C LYS C 49 40.96 -30.47 -39.70
N GLN C 50 41.68 -29.42 -40.09
CA GLN C 50 43.13 -29.51 -40.19
C GLN C 50 43.76 -29.75 -38.82
N ALA C 51 43.28 -29.06 -37.79
CA ALA C 51 43.81 -29.25 -36.44
C ALA C 51 43.58 -30.67 -35.95
N LEU C 52 42.38 -31.22 -36.20
CA LEU C 52 42.08 -32.57 -35.76
C LEU C 52 42.90 -33.59 -36.54
N GLN C 53 43.11 -33.36 -37.84
CA GLN C 53 43.95 -34.25 -38.63
C GLN C 53 45.39 -34.24 -38.10
N GLU C 54 45.91 -33.05 -37.76
CA GLU C 54 47.25 -32.97 -37.19
C GLU C 54 47.31 -33.66 -35.84
N ALA C 55 46.24 -33.54 -35.04
CA ALA C 55 46.20 -34.24 -33.75
C ALA C 55 46.22 -35.75 -33.94
N GLU C 56 45.49 -36.26 -34.93
CA GLU C 56 45.53 -37.69 -35.22
C GLU C 56 46.92 -38.11 -35.69
N ILE C 57 47.57 -37.26 -36.50
CA ILE C 57 48.92 -37.58 -36.97
C ILE C 57 49.89 -37.66 -35.80
N TYR C 58 49.81 -36.69 -34.89
CA TYR C 58 50.72 -36.66 -33.74
C TYR C 58 50.24 -37.50 -32.57
N TYR C 59 49.01 -38.00 -32.63
CA TYR C 59 48.42 -38.81 -31.56
C TYR C 59 48.48 -38.09 -30.21
N ASN C 62 44.02 -30.95 -28.02
CA ASN C 62 43.27 -32.14 -27.70
C ASN C 62 41.77 -31.87 -27.73
N ILE C 63 41.01 -32.80 -28.32
CA ILE C 63 39.56 -32.61 -28.41
C ILE C 63 38.90 -32.84 -27.04
N ASN C 64 39.57 -33.57 -26.16
CA ASN C 64 39.01 -33.81 -24.83
C ASN C 64 39.36 -32.69 -23.85
N CYS C 65 40.19 -31.73 -24.25
CA CYS C 65 40.58 -30.66 -23.35
C CYS C 65 39.39 -29.77 -23.03
N MET C 66 39.37 -29.25 -21.80
CA MET C 66 38.33 -28.34 -21.35
C MET C 66 38.96 -27.11 -20.70
N ASP C 67 38.20 -26.03 -20.69
CA ASP C 67 38.68 -24.77 -20.15
C ASP C 67 38.73 -24.82 -18.64
N PRO C 68 39.42 -23.86 -18.00
CA PRO C 68 39.25 -23.71 -16.55
C PRO C 68 37.80 -23.46 -16.17
N LEU C 69 37.02 -22.84 -17.05
CA LEU C 69 35.58 -22.72 -16.88
C LEU C 69 34.86 -24.03 -17.12
N GLY C 70 35.45 -24.96 -17.87
CA GLY C 70 34.85 -26.24 -18.14
C GLY C 70 34.10 -26.35 -19.44
N ARG C 71 34.24 -25.39 -20.34
CA ARG C 71 33.52 -25.38 -21.61
C ARG C 71 34.35 -26.08 -22.66
N SER C 72 33.98 -27.31 -23.00
CA SER C 72 34.69 -28.09 -23.99
C SER C 72 34.30 -27.66 -25.40
N ALA C 73 35.00 -28.22 -26.40
CA ALA C 73 34.73 -27.86 -27.79
C ALA C 73 33.32 -28.22 -28.19
N LEU C 74 32.85 -29.40 -27.77
CA LEU C 74 31.47 -29.79 -28.07
C LEU C 74 30.47 -28.85 -27.42
N LEU C 75 30.74 -28.44 -26.17
CA LEU C 75 29.83 -27.53 -25.48
C LEU C 75 29.78 -26.17 -26.18
N ILE C 76 30.93 -25.66 -26.64
CA ILE C 76 30.93 -24.39 -27.36
C ILE C 76 30.22 -24.53 -28.69
N ALA C 77 30.40 -25.67 -29.38
CA ALA C 77 29.71 -25.89 -30.64
C ALA C 77 28.20 -25.92 -30.45
N ILE C 78 27.74 -26.56 -29.37
CA ILE C 78 26.32 -26.54 -29.05
C ILE C 78 25.87 -25.12 -28.73
N GLU C 79 26.68 -24.40 -27.95
CA GLU C 79 26.31 -23.04 -27.55
C GLU C 79 26.22 -22.11 -28.75
N ASN C 80 27.05 -22.33 -29.77
CA ASN C 80 26.98 -21.49 -30.97
C ASN C 80 25.89 -21.93 -31.93
N GLU C 81 25.22 -23.06 -31.64
CA GLU C 81 24.12 -23.58 -32.45
C GLU C 81 24.52 -23.90 -33.89
N ASN C 82 25.78 -24.26 -34.12
CA ASN C 82 26.24 -24.60 -35.46
C ASN C 82 26.21 -26.11 -35.61
N LEU C 83 25.28 -26.61 -36.43
CA LEU C 83 25.07 -28.04 -36.55
C LEU C 83 26.20 -28.72 -37.31
N GLU C 84 26.86 -28.00 -38.22
CA GLU C 84 27.90 -28.63 -39.04
C GLU C 84 29.12 -29.01 -38.20
N ILE C 85 29.61 -28.09 -37.38
CA ILE C 85 30.77 -28.39 -36.53
C ILE C 85 30.42 -29.49 -35.53
N MET C 86 29.22 -29.44 -34.96
CA MET C 86 28.81 -30.47 -34.01
C MET C 86 28.74 -31.83 -34.68
N GLU C 87 28.21 -31.89 -35.90
CA GLU C 87 28.14 -33.15 -36.63
C GLU C 87 29.53 -33.68 -36.95
N LEU C 88 30.43 -32.80 -37.40
CA LEU C 88 31.78 -33.25 -37.74
C LEU C 88 32.55 -33.72 -36.51
N LEU C 89 32.41 -32.99 -35.39
CA LEU C 89 33.10 -33.38 -34.16
C LEU C 89 32.61 -34.72 -33.65
N LEU C 90 31.30 -34.95 -33.71
CA LEU C 90 30.76 -36.24 -33.27
C LEU C 90 31.27 -37.38 -34.14
N ASN C 91 31.55 -37.10 -35.41
CA ASN C 91 32.07 -38.13 -36.30
C ASN C 91 33.47 -38.58 -35.91
N HIS C 92 34.20 -37.78 -35.16
CA HIS C 92 35.57 -38.10 -34.76
C HIS C 92 35.66 -38.68 -33.35
N SER C 93 34.55 -39.18 -32.81
CA SER C 93 34.52 -39.86 -31.51
C SER C 93 34.95 -38.95 -30.38
N VAL C 94 34.48 -37.69 -30.40
CA VAL C 94 34.74 -36.78 -29.29
C VAL C 94 33.91 -37.21 -28.09
N TYR C 95 34.43 -36.93 -26.89
CA TYR C 95 33.73 -37.29 -25.67
C TYR C 95 32.39 -36.56 -25.59
N VAL C 96 31.35 -37.30 -25.21
CA VAL C 96 29.99 -36.75 -25.18
C VAL C 96 29.69 -36.21 -23.79
N GLY C 97 29.71 -37.08 -22.79
CA GLY C 97 29.40 -36.65 -21.44
C GLY C 97 27.94 -36.26 -21.31
N ASP C 98 27.71 -35.03 -20.82
CA ASP C 98 26.36 -34.51 -20.59
C ASP C 98 25.94 -33.54 -21.67
N ALA C 99 26.36 -33.76 -22.91
CA ALA C 99 26.02 -32.82 -23.98
C ALA C 99 24.53 -32.79 -24.26
N LEU C 100 23.83 -33.91 -24.03
CA LEU C 100 22.39 -33.94 -24.26
C LEU C 100 21.66 -32.97 -23.35
N LEU C 101 22.06 -32.90 -22.08
CA LEU C 101 21.42 -31.97 -21.15
C LEU C 101 21.64 -30.53 -21.57
N TYR C 102 22.86 -30.20 -21.99
CA TYR C 102 23.15 -28.84 -22.43
C TYR C 102 22.37 -28.49 -23.69
N ALA C 103 22.21 -29.44 -24.61
CA ALA C 103 21.40 -29.20 -25.79
C ALA C 103 19.93 -29.00 -25.43
N ILE C 104 19.43 -29.80 -24.49
CA ILE C 104 18.02 -29.69 -24.08
C ILE C 104 17.76 -28.35 -23.41
N ARG C 105 18.68 -27.90 -22.56
CA ARG C 105 18.44 -26.68 -21.78
C ARG C 105 18.29 -25.47 -22.69
N LYS C 106 19.03 -25.42 -23.79
CA LYS C 106 18.89 -24.31 -24.74
C LYS C 106 17.58 -24.38 -25.51
N GLU C 107 16.98 -25.57 -25.63
CA GLU C 107 15.73 -25.77 -26.37
C GLU C 107 15.95 -25.59 -27.88
N VAL C 108 16.94 -26.28 -28.42
CA VAL C 108 17.16 -26.35 -29.86
C VAL C 108 16.92 -27.80 -30.29
N VAL C 109 15.98 -27.98 -31.22
CA VAL C 109 15.55 -29.33 -31.57
C VAL C 109 16.62 -30.06 -32.37
N GLY C 110 17.25 -29.37 -33.33
CA GLY C 110 18.16 -30.03 -34.24
C GLY C 110 19.34 -30.68 -33.53
N ALA C 111 19.93 -29.95 -32.59
CA ALA C 111 21.03 -30.52 -31.81
C ALA C 111 20.56 -31.72 -31.00
N VAL C 112 19.33 -31.67 -30.49
CA VAL C 112 18.80 -32.78 -29.70
C VAL C 112 18.67 -34.03 -30.56
N GLU C 113 18.09 -33.90 -31.76
CA GLU C 113 17.94 -35.08 -32.62
C GLU C 113 19.29 -35.58 -33.12
N LEU C 114 20.23 -34.65 -33.36
CA LEU C 114 21.57 -35.07 -33.77
C LEU C 114 22.25 -35.88 -32.66
N LEU C 115 22.14 -35.41 -31.42
CA LEU C 115 22.74 -36.12 -30.30
C LEU C 115 22.07 -37.48 -30.08
N LEU C 116 20.75 -37.54 -30.24
CA LEU C 116 20.04 -38.80 -30.05
C LEU C 116 20.38 -39.79 -31.17
N SER C 117 20.62 -39.29 -32.37
CA SER C 117 20.97 -40.14 -33.49
C SER C 117 22.49 -40.30 -33.63
N PHE C 136 33.45 -31.81 -14.03
CA PHE C 136 32.61 -30.66 -13.71
C PHE C 136 31.35 -30.64 -14.57
N SER C 137 30.24 -30.23 -13.95
CA SER C 137 28.97 -30.16 -14.67
C SER C 137 28.10 -29.07 -14.05
N GLU C 138 27.14 -28.60 -14.83
CA GLU C 138 26.17 -27.60 -14.37
C GLU C 138 24.89 -28.23 -13.86
N PHE C 139 24.80 -29.56 -13.82
CA PHE C 139 23.60 -30.26 -13.41
C PHE C 139 23.93 -31.26 -12.30
N THR C 140 23.00 -31.42 -11.37
CA THR C 140 23.15 -32.42 -10.32
C THR C 140 23.11 -33.82 -10.92
N PRO C 141 23.76 -34.79 -10.27
CA PRO C 141 23.87 -36.13 -10.89
C PRO C 141 22.56 -36.90 -10.95
N ASP C 142 21.48 -36.40 -10.35
CA ASP C 142 20.21 -37.11 -10.34
C ASP C 142 19.28 -36.69 -11.48
N ILE C 143 19.73 -35.84 -12.38
CA ILE C 143 18.87 -35.31 -13.44
C ILE C 143 19.03 -36.14 -14.70
N THR C 144 17.90 -36.54 -15.29
CA THR C 144 17.84 -37.30 -16.53
C THR C 144 17.33 -36.40 -17.64
N PRO C 145 17.55 -36.75 -18.91
CA PRO C 145 17.06 -35.88 -20.00
C PRO C 145 15.57 -35.62 -19.97
N ILE C 146 14.76 -36.63 -19.61
CA ILE C 146 13.32 -36.43 -19.56
C ILE C 146 12.94 -35.46 -18.45
N MET C 147 13.63 -35.52 -17.32
CA MET C 147 13.37 -34.59 -16.23
C MET C 147 13.64 -33.16 -16.65
N LEU C 148 14.78 -32.91 -17.31
CA LEU C 148 15.11 -31.57 -17.76
C LEU C 148 14.15 -31.10 -18.84
N ALA C 149 13.75 -32.00 -19.75
CA ALA C 149 12.78 -31.63 -20.79
C ALA C 149 11.45 -31.23 -20.17
N ALA C 150 11.00 -31.97 -19.15
CA ALA C 150 9.77 -31.60 -18.46
C ALA C 150 9.94 -30.26 -17.73
N HIS C 151 11.11 -30.04 -17.13
CA HIS C 151 11.35 -28.77 -16.44
C HIS C 151 11.27 -27.58 -17.40
N THR C 152 11.87 -27.72 -18.59
CA THR C 152 11.82 -26.63 -19.56
C THR C 152 10.44 -26.43 -20.16
N ASN C 153 9.57 -27.44 -20.07
CA ASN C 153 8.20 -27.37 -20.59
C ASN C 153 8.19 -27.04 -22.08
N ASN C 154 8.90 -27.85 -22.86
CA ASN C 154 8.94 -27.74 -24.31
C ASN C 154 8.18 -28.93 -24.88
N TYR C 155 7.07 -28.66 -25.56
CA TYR C 155 6.21 -29.75 -26.04
C TYR C 155 6.93 -30.60 -27.08
N GLU C 156 7.65 -29.96 -28.02
CA GLU C 156 8.28 -30.71 -29.10
C GLU C 156 9.36 -31.65 -28.58
N ILE C 157 10.23 -31.16 -27.69
CA ILE C 157 11.32 -31.98 -27.18
C ILE C 157 10.78 -33.09 -26.28
N ILE C 158 9.79 -32.78 -25.46
CA ILE C 158 9.18 -33.80 -24.60
C ILE C 158 8.57 -34.90 -25.46
N LYS C 159 7.84 -34.51 -26.51
CA LYS C 159 7.26 -35.51 -27.41
C LYS C 159 8.35 -36.33 -28.09
N LEU C 160 9.44 -35.68 -28.51
CA LEU C 160 10.51 -36.39 -29.18
C LEU C 160 11.16 -37.41 -28.26
N LEU C 161 11.27 -37.08 -26.97
CA LEU C 161 11.91 -38.00 -26.03
C LEU C 161 10.98 -39.15 -25.64
N VAL C 162 9.68 -38.90 -25.56
CA VAL C 162 8.74 -39.93 -25.11
C VAL C 162 8.66 -41.11 -26.08
N GLN C 163 8.80 -40.87 -27.38
CA GLN C 163 8.71 -41.95 -28.35
C GLN C 163 9.74 -43.05 -28.12
N LYS C 164 10.83 -42.74 -27.41
CA LYS C 164 11.87 -43.71 -27.11
C LYS C 164 11.60 -44.50 -25.84
N ARG C 165 10.39 -44.41 -25.29
CA ARG C 165 9.96 -45.19 -24.12
C ARG C 165 10.83 -44.88 -22.90
N VAL C 166 10.80 -43.61 -22.46
CA VAL C 166 11.49 -43.23 -21.24
C VAL C 166 10.59 -43.48 -20.03
N THR C 167 11.20 -43.49 -18.84
CA THR C 167 10.48 -43.76 -17.61
C THR C 167 10.89 -42.75 -16.54
N ILE C 168 9.98 -42.50 -15.61
CA ILE C 168 10.23 -41.62 -14.47
C ILE C 168 9.90 -42.39 -13.19
N PRO C 169 10.76 -42.38 -12.18
CA PRO C 169 10.43 -43.07 -10.93
C PRO C 169 9.23 -42.43 -10.24
N ARG C 170 8.44 -43.31 -9.62
CA ARG C 170 7.25 -42.84 -8.87
C ARG C 170 7.70 -42.47 -7.44
N PRO C 171 7.43 -41.25 -6.92
CA PRO C 171 7.79 -40.92 -5.55
C PRO C 171 6.89 -41.64 -4.55
N HIS C 172 7.50 -41.98 -3.41
CA HIS C 172 6.75 -42.68 -2.34
C HIS C 172 5.85 -41.70 -1.61
N GLN C 173 4.81 -42.20 -0.96
CA GLN C 173 3.86 -41.38 -0.22
C GLN C 173 4.53 -40.68 0.95
N CYS C 176 6.03 -41.78 4.95
CA CYS C 176 6.41 -43.18 4.59
C CYS C 176 7.48 -43.68 5.57
N ASN C 177 7.31 -44.89 6.10
CA ASN C 177 8.26 -45.44 7.06
C ASN C 177 9.03 -46.64 6.51
N CYS C 178 9.08 -46.74 5.17
CA CYS C 178 9.78 -47.89 4.53
C CYS C 178 11.28 -47.79 4.78
N VAL C 179 11.98 -48.93 4.80
CA VAL C 179 13.40 -48.95 5.12
C VAL C 179 14.22 -48.19 4.10
N GLU C 180 13.83 -48.26 2.82
CA GLU C 180 14.59 -47.58 1.77
C GLU C 180 14.57 -46.06 1.97
N CYS C 181 13.37 -45.50 2.20
CA CYS C 181 13.25 -44.04 2.42
C CYS C 181 14.02 -43.64 3.69
N VAL C 182 13.91 -44.45 4.75
CA VAL C 182 14.59 -44.15 6.00
C VAL C 182 16.10 -44.10 5.81
N SER C 183 16.65 -45.13 5.16
CA SER C 183 18.10 -45.18 4.94
C SER C 183 18.56 -44.05 4.03
N SER C 184 17.78 -43.75 2.98
CA SER C 184 18.15 -42.65 2.10
C SER C 184 18.14 -41.32 2.84
N SER C 185 17.18 -41.14 3.75
CA SER C 185 17.10 -39.90 4.51
C SER C 185 18.28 -39.75 5.46
N GLU C 186 18.67 -40.83 6.14
CA GLU C 186 19.81 -40.72 7.05
C GLU C 186 21.13 -40.54 6.29
N VAL C 187 21.33 -41.27 5.19
CA VAL C 187 22.62 -41.23 4.52
C VAL C 187 22.90 -39.83 3.95
N ASP C 188 21.92 -39.24 3.26
CA ASP C 188 22.11 -37.93 2.65
C ASP C 188 20.73 -37.30 2.50
N SER C 189 20.43 -36.33 3.37
CA SER C 189 19.12 -35.68 3.34
C SER C 189 19.01 -34.68 2.20
N LEU C 190 20.09 -33.94 1.92
CA LEU C 190 20.04 -32.92 0.88
C LEU C 190 19.76 -33.52 -0.49
N ARG C 191 20.47 -34.60 -0.83
CA ARG C 191 20.25 -35.26 -2.11
C ARG C 191 18.85 -35.83 -2.20
N HIS C 192 18.35 -36.43 -1.11
CA HIS C 192 17.02 -37.00 -1.11
C HIS C 192 15.96 -35.92 -1.35
N SER C 193 16.06 -34.81 -0.63
CA SER C 193 15.08 -33.73 -0.79
C SER C 193 15.14 -33.13 -2.18
N ARG C 194 16.35 -32.89 -2.69
CA ARG C 194 16.51 -32.34 -4.06
C ARG C 194 15.85 -33.28 -5.05
N SER C 195 16.17 -34.57 -4.96
CA SER C 195 15.63 -35.54 -5.91
C SER C 195 14.10 -35.57 -5.86
N ARG C 196 13.53 -35.54 -4.67
CA ARG C 196 12.07 -35.52 -4.54
C ARG C 196 11.48 -34.28 -5.20
N LEU C 197 12.10 -33.11 -4.96
CA LEU C 197 11.61 -31.88 -5.57
C LEU C 197 11.74 -31.92 -7.08
N ASN C 198 12.84 -32.48 -7.59
CA ASN C 198 13.02 -32.58 -9.04
C ASN C 198 11.98 -33.50 -9.67
N ILE C 199 11.69 -34.63 -9.01
CA ILE C 199 10.67 -35.54 -9.54
C ILE C 199 9.31 -34.86 -9.58
N TYR C 200 8.95 -34.15 -8.50
CA TYR C 200 7.65 -33.50 -8.48
C TYR C 200 7.57 -32.33 -9.46
N LYS C 201 8.69 -31.65 -9.71
CA LYS C 201 8.71 -30.62 -10.74
C LYS C 201 8.51 -31.22 -12.12
N ALA C 202 9.14 -32.38 -12.37
CA ALA C 202 8.97 -33.04 -13.66
C ALA C 202 7.53 -33.50 -13.87
N LEU C 203 6.91 -34.06 -12.82
CA LEU C 203 5.56 -34.60 -12.96
C LEU C 203 4.54 -33.51 -13.22
N ALA C 204 4.74 -32.32 -12.64
CA ALA C 204 3.75 -31.25 -12.69
C ALA C 204 3.90 -30.35 -13.92
N SER C 205 4.49 -30.86 -14.99
CA SER C 205 4.64 -30.07 -16.21
C SER C 205 3.35 -30.12 -17.01
N PRO C 206 2.75 -28.97 -17.36
CA PRO C 206 1.49 -29.01 -18.14
C PRO C 206 1.62 -29.75 -19.45
N SER C 207 2.74 -29.57 -20.16
CA SER C 207 2.91 -30.25 -21.44
C SER C 207 3.01 -31.75 -21.27
N LEU C 208 3.75 -32.20 -20.25
CA LEU C 208 3.86 -33.64 -20.00
C LEU C 208 2.51 -34.23 -19.61
N ILE C 209 1.74 -33.52 -18.79
CA ILE C 209 0.43 -34.00 -18.38
C ILE C 209 -0.49 -34.11 -19.60
N ALA C 210 -0.47 -33.09 -20.46
CA ALA C 210 -1.31 -33.12 -21.66
C ALA C 210 -0.90 -34.25 -22.59
N LEU C 211 0.40 -34.51 -22.70
CA LEU C 211 0.91 -35.47 -23.68
C LEU C 211 0.76 -36.91 -23.22
N SER C 212 0.93 -37.19 -21.92
CA SER C 212 1.09 -38.56 -21.45
C SER C 212 0.05 -39.02 -20.45
N SER C 213 -1.01 -38.26 -20.21
CA SER C 213 -2.03 -38.62 -19.24
C SER C 213 -3.35 -38.90 -19.95
N GLU C 214 -4.04 -39.95 -19.50
CA GLU C 214 -5.34 -40.29 -20.09
C GLU C 214 -6.42 -39.30 -19.67
N ASP C 215 -6.36 -38.82 -18.43
CA ASP C 215 -7.32 -37.86 -17.89
C ASP C 215 -6.54 -36.67 -17.35
N PRO C 216 -6.19 -35.69 -18.19
CA PRO C 216 -5.38 -34.56 -17.71
C PRO C 216 -6.03 -33.75 -16.60
N ILE C 217 -7.36 -33.58 -16.62
CA ILE C 217 -8.02 -32.74 -15.62
C ILE C 217 -7.97 -33.41 -14.24
N LEU C 218 -8.31 -34.69 -14.18
CA LEU C 218 -8.26 -35.42 -12.92
C LEU C 218 -6.83 -35.52 -12.40
N THR C 219 -5.87 -35.73 -13.31
CA THR C 219 -4.47 -35.76 -12.92
C THR C 219 -4.04 -34.42 -12.33
N ALA C 220 -4.46 -33.31 -12.95
CA ALA C 220 -4.14 -32.00 -12.42
C ALA C 220 -4.76 -31.78 -11.04
N PHE C 221 -6.01 -32.19 -10.87
CA PHE C 221 -6.66 -32.06 -9.57
C PHE C 221 -5.89 -32.81 -8.49
N ARG C 222 -5.61 -34.09 -8.73
CA ARG C 222 -4.95 -34.90 -7.71
C ARG C 222 -3.52 -34.42 -7.45
N LEU C 223 -2.80 -34.03 -8.51
CA LEU C 223 -1.44 -33.53 -8.33
C LEU C 223 -1.44 -32.23 -7.54
N GLY C 224 -2.38 -31.33 -7.81
CA GLY C 224 -2.46 -30.11 -7.04
C GLY C 224 -2.73 -30.36 -5.57
N TRP C 225 -3.67 -31.26 -5.28
CA TRP C 225 -3.96 -31.59 -3.90
C TRP C 225 -2.74 -32.20 -3.21
N GLU C 226 -2.07 -33.15 -3.87
CA GLU C 226 -0.92 -33.81 -3.26
C GLU C 226 0.22 -32.83 -3.04
N LEU C 227 0.46 -31.94 -4.01
CA LEU C 227 1.52 -30.95 -3.85
C LEU C 227 1.20 -29.97 -2.72
N LYS C 228 -0.08 -29.61 -2.58
CA LYS C 228 -0.46 -28.74 -1.48
C LYS C 228 -0.26 -29.42 -0.13
N GLU C 229 -0.50 -30.73 -0.06
CA GLU C 229 -0.26 -31.46 1.19
C GLU C 229 1.22 -31.51 1.54
N LEU C 230 2.10 -31.46 0.54
CA LEU C 230 3.52 -31.61 0.79
C LEU C 230 4.12 -30.38 1.46
N SER C 231 3.64 -29.19 1.09
CA SER C 231 4.22 -27.97 1.64
C SER C 231 4.05 -27.89 3.16
N LYS C 232 3.02 -28.55 3.70
CA LYS C 232 2.84 -28.57 5.14
C LYS C 232 3.82 -29.52 5.82
N VAL C 233 4.14 -30.65 5.19
CA VAL C 233 5.07 -31.60 5.78
C VAL C 233 6.49 -31.09 5.71
N GLU C 234 6.91 -30.60 4.54
CA GLU C 234 8.26 -30.08 4.35
C GLU C 234 8.20 -28.56 4.51
N ASN C 235 8.47 -28.10 5.72
CA ASN C 235 8.35 -26.67 6.02
C ASN C 235 9.41 -25.84 5.31
N GLU C 236 10.61 -26.40 5.12
CA GLU C 236 11.70 -25.62 4.54
C GLU C 236 11.43 -25.28 3.07
N PHE C 237 10.84 -26.20 2.33
CA PHE C 237 10.61 -26.03 0.89
C PHE C 237 9.16 -25.72 0.57
N LYS C 238 8.51 -24.90 1.41
CA LYS C 238 7.09 -24.61 1.25
C LYS C 238 6.80 -23.90 -0.07
N ALA C 239 7.59 -22.88 -0.40
CA ALA C 239 7.25 -21.98 -1.50
C ALA C 239 7.22 -22.70 -2.84
N GLU C 240 8.20 -23.56 -3.10
CA GLU C 240 8.24 -24.27 -4.38
C GLU C 240 7.04 -25.20 -4.54
N TYR C 241 6.66 -25.90 -3.48
CA TYR C 241 5.51 -26.79 -3.56
C TYR C 241 4.22 -26.01 -3.77
N GLU C 242 4.06 -24.88 -3.09
CA GLU C 242 2.88 -24.05 -3.34
C GLU C 242 2.85 -23.52 -4.76
N GLU C 243 4.02 -23.14 -5.29
CA GLU C 243 4.08 -22.67 -6.67
C GLU C 243 3.69 -23.76 -7.65
N LEU C 244 4.16 -24.99 -7.43
CA LEU C 244 3.79 -26.10 -8.30
C LEU C 244 2.29 -26.38 -8.23
N SER C 245 1.72 -26.33 -7.01
CA SER C 245 0.28 -26.53 -6.87
C SER C 245 -0.51 -25.46 -7.61
N GLN C 246 -0.07 -24.21 -7.51
CA GLN C 246 -0.72 -23.13 -8.24
C GLN C 246 -0.63 -23.33 -9.74
N GLN C 247 0.53 -23.83 -10.21
CA GLN C 247 0.69 -24.12 -11.63
C GLN C 247 -0.29 -25.20 -12.09
N CYS C 248 -0.45 -26.25 -11.30
CA CYS C 248 -1.40 -27.30 -11.65
C CYS C 248 -2.83 -26.76 -11.68
N LYS C 249 -3.19 -25.93 -10.70
CA LYS C 249 -4.53 -25.34 -10.69
C LYS C 249 -4.76 -24.48 -11.93
N LEU C 250 -3.76 -23.68 -12.30
CA LEU C 250 -3.90 -22.82 -13.47
C LEU C 250 -4.04 -23.64 -14.74
N PHE C 251 -3.28 -24.72 -14.87
CA PHE C 251 -3.41 -25.58 -16.05
C PHE C 251 -4.82 -26.17 -16.12
N ALA C 252 -5.32 -26.69 -15.00
CA ALA C 252 -6.66 -27.27 -15.00
C ALA C 252 -7.72 -26.25 -15.37
N LYS C 253 -7.59 -25.03 -14.85
CA LYS C 253 -8.55 -23.98 -15.20
C LYS C 253 -8.44 -23.60 -16.68
N ASP C 254 -7.22 -23.51 -17.20
CA ASP C 254 -7.04 -23.04 -18.58
C ASP C 254 -7.48 -24.07 -19.61
N LEU C 255 -7.46 -25.36 -19.25
CA LEU C 255 -7.94 -26.38 -20.18
C LEU C 255 -9.43 -26.20 -20.48
N LEU C 256 -10.22 -25.85 -19.45
CA LEU C 256 -11.66 -25.72 -19.63
C LEU C 256 -12.05 -24.52 -20.49
N ASP C 257 -11.16 -23.54 -20.64
CA ASP C 257 -11.50 -22.33 -21.39
C ASP C 257 -11.60 -22.57 -22.89
N GLN C 258 -11.22 -23.75 -23.38
CA GLN C 258 -11.21 -24.03 -24.81
C GLN C 258 -12.52 -24.60 -25.32
N ALA C 259 -13.51 -24.81 -24.45
CA ALA C 259 -14.80 -25.32 -24.90
C ALA C 259 -15.52 -24.28 -25.75
N ARG C 260 -16.05 -24.72 -26.89
CA ARG C 260 -16.72 -23.84 -27.83
C ARG C 260 -18.23 -24.05 -27.92
N SER C 261 -18.77 -25.07 -27.28
CA SER C 261 -20.19 -25.36 -27.34
C SER C 261 -20.66 -25.87 -25.99
N SER C 262 -21.98 -25.82 -25.77
CA SER C 262 -22.55 -26.27 -24.51
C SER C 262 -22.52 -27.79 -24.40
N ARG C 263 -22.58 -28.50 -25.52
CA ARG C 263 -22.50 -29.96 -25.49
C ARG C 263 -21.16 -30.43 -24.93
N GLU C 264 -20.06 -29.80 -25.38
CA GLU C 264 -18.74 -30.13 -24.85
C GLU C 264 -18.66 -29.84 -23.35
N LEU C 265 -19.22 -28.70 -22.92
CA LEU C 265 -19.18 -28.35 -21.51
C LEU C 265 -19.95 -29.36 -20.67
N GLU C 266 -21.13 -29.77 -21.14
CA GLU C 266 -21.90 -30.75 -20.37
C GLU C 266 -21.21 -32.11 -20.36
N ILE C 267 -20.54 -32.48 -21.45
CA ILE C 267 -19.79 -33.73 -21.48
C ILE C 267 -18.66 -33.69 -20.47
N ILE C 268 -17.93 -32.56 -20.41
CA ILE C 268 -16.82 -32.44 -19.48
C ILE C 268 -17.32 -32.48 -18.04
N LEU C 269 -18.39 -31.73 -17.75
CA LEU C 269 -18.84 -31.58 -16.37
C LEU C 269 -19.59 -32.79 -15.85
N ASN C 270 -20.21 -33.57 -16.74
CA ASN C 270 -21.01 -34.72 -16.31
C ASN C 270 -20.25 -36.04 -16.35
N HIS C 271 -18.96 -36.03 -16.68
CA HIS C 271 -18.21 -37.27 -16.80
C HIS C 271 -17.99 -37.89 -15.43
N ARG C 272 -18.26 -39.19 -15.32
CA ARG C 272 -18.08 -39.94 -14.09
C ARG C 272 -16.97 -40.97 -14.28
N ASP C 273 -15.98 -40.94 -13.39
CA ASP C 273 -14.84 -41.84 -13.50
C ASP C 273 -15.18 -43.23 -12.96
N ASP C 286 -25.82 -34.90 -13.50
CA ASP C 286 -25.46 -35.25 -12.14
C ASP C 286 -24.28 -34.40 -11.65
N LEU C 287 -23.47 -33.95 -12.59
CA LEU C 287 -22.32 -33.06 -12.32
C LEU C 287 -21.33 -33.72 -11.35
N ALA C 288 -20.80 -34.87 -11.77
CA ALA C 288 -19.79 -35.55 -10.97
C ALA C 288 -18.46 -34.82 -10.99
N LYS C 289 -18.06 -34.31 -12.15
CA LYS C 289 -16.80 -33.59 -12.25
C LYS C 289 -16.80 -32.32 -11.41
N LEU C 290 -17.93 -31.61 -11.38
CA LEU C 290 -18.02 -30.40 -10.57
C LEU C 290 -17.90 -30.72 -9.09
N LYS C 291 -18.53 -31.82 -8.64
CA LYS C 291 -18.41 -32.22 -7.24
C LYS C 291 -16.99 -32.63 -6.92
N VAL C 292 -16.31 -33.31 -7.83
CA VAL C 292 -14.91 -33.68 -7.61
C VAL C 292 -14.05 -32.43 -7.50
N ALA C 293 -14.28 -31.44 -8.37
CA ALA C 293 -13.54 -30.19 -8.30
C ALA C 293 -13.80 -29.46 -6.99
N ILE C 294 -15.05 -29.49 -6.51
CA ILE C 294 -15.38 -28.88 -5.23
C ILE C 294 -14.65 -29.59 -4.11
N LYS C 295 -14.52 -30.91 -4.19
CA LYS C 295 -13.84 -31.68 -3.15
C LYS C 295 -12.36 -31.29 -3.04
N TYR C 296 -11.73 -30.91 -4.15
CA TYR C 296 -10.31 -30.61 -4.18
C TYR C 296 -10.01 -29.12 -4.09
N HIS C 297 -11.02 -28.29 -3.80
CA HIS C 297 -10.84 -26.85 -3.60
C HIS C 297 -10.27 -26.17 -4.85
N GLN C 298 -10.93 -26.40 -5.99
CA GLN C 298 -10.54 -25.77 -7.25
C GLN C 298 -11.46 -24.58 -7.49
N LYS C 299 -11.12 -23.45 -6.87
CA LYS C 299 -11.99 -22.27 -6.93
C LYS C 299 -12.04 -21.70 -8.34
N GLU C 300 -10.90 -21.64 -9.04
CA GLU C 300 -10.87 -21.02 -10.36
C GLU C 300 -11.62 -21.88 -11.38
N PHE C 301 -11.51 -23.20 -11.29
CA PHE C 301 -12.24 -24.07 -12.19
C PHE C 301 -13.75 -23.92 -11.98
N VAL C 302 -14.19 -23.81 -10.73
CA VAL C 302 -15.62 -23.67 -10.45
C VAL C 302 -16.13 -22.30 -10.88
N ALA C 303 -15.34 -21.25 -10.69
CA ALA C 303 -15.78 -19.88 -10.91
C ALA C 303 -15.66 -19.43 -12.36
N GLN C 304 -15.47 -20.35 -13.29
CA GLN C 304 -15.41 -19.98 -14.70
C GLN C 304 -16.78 -19.49 -15.16
N PRO C 305 -16.85 -18.47 -16.02
CA PRO C 305 -18.16 -17.90 -16.38
C PRO C 305 -19.12 -18.88 -17.02
N ASN C 306 -18.62 -19.76 -17.89
CA ASN C 306 -19.49 -20.71 -18.62
C ASN C 306 -20.03 -21.75 -17.64
N CYS C 307 -19.19 -22.21 -16.71
CA CYS C 307 -19.66 -23.18 -15.68
C CYS C 307 -20.74 -22.50 -14.82
N GLN C 308 -20.52 -21.22 -14.46
CA GLN C 308 -21.51 -20.48 -13.65
C GLN C 308 -22.82 -20.31 -14.43
N GLN C 309 -22.73 -20.07 -15.74
CA GLN C 309 -23.95 -19.88 -16.58
C GLN C 309 -24.79 -21.16 -16.57
N LEU C 310 -24.13 -22.32 -16.68
CA LEU C 310 -24.85 -23.61 -16.66
C LEU C 310 -25.53 -23.79 -15.30
N LEU C 311 -24.82 -23.45 -14.22
CA LEU C 311 -25.39 -23.57 -12.85
C LEU C 311 -26.57 -22.61 -12.67
N ALA C 312 -26.45 -21.38 -13.19
CA ALA C 312 -27.53 -20.38 -13.05
C ALA C 312 -28.76 -20.89 -13.81
N THR C 313 -28.54 -21.48 -14.99
CA THR C 313 -29.65 -22.07 -15.72
C THR C 313 -30.32 -23.18 -14.92
N LEU C 314 -29.52 -24.01 -14.25
CA LEU C 314 -30.09 -25.05 -13.41
C LEU C 314 -30.82 -24.47 -12.20
N TRP C 315 -30.27 -23.40 -11.61
CA TRP C 315 -30.80 -22.85 -10.37
C TRP C 315 -32.18 -22.23 -10.59
N TYR C 316 -32.31 -21.36 -11.59
CA TYR C 316 -33.58 -20.70 -11.89
C TYR C 316 -34.47 -21.57 -12.75
N ASP C 317 -34.71 -22.79 -12.26
CA ASP C 317 -35.63 -23.71 -12.93
C ASP C 317 -37.05 -23.22 -12.74
N GLY C 318 -37.80 -23.13 -13.84
CA GLY C 318 -39.15 -22.62 -13.78
C GLY C 318 -39.27 -21.11 -13.79
N PHE C 319 -38.13 -20.41 -13.93
CA PHE C 319 -38.14 -18.93 -13.98
C PHE C 319 -37.43 -18.45 -15.24
N PRO C 320 -38.03 -18.45 -16.47
CA PRO C 320 -37.34 -17.93 -17.64
C PRO C 320 -37.12 -16.41 -17.55
N GLY C 321 -35.96 -15.94 -18.00
CA GLY C 321 -35.68 -14.49 -17.99
C GLY C 321 -35.78 -13.88 -16.60
N TRP C 322 -35.31 -14.60 -15.57
CA TRP C 322 -35.30 -14.02 -14.20
C TRP C 322 -34.39 -12.79 -14.18
N ARG C 323 -33.25 -12.87 -14.86
CA ARG C 323 -32.30 -11.72 -14.90
C ARG C 323 -32.97 -10.52 -15.56
N ARG C 324 -33.76 -10.76 -16.61
CA ARG C 324 -34.47 -9.66 -17.31
C ARG C 324 -35.78 -9.35 -16.59
N LYS C 325 -35.70 -8.84 -15.35
CA LYS C 325 -36.92 -8.45 -14.59
C LYS C 325 -36.61 -7.18 -13.81
N HIS C 326 -37.62 -6.37 -13.50
CA HIS C 326 -37.39 -5.16 -12.67
C HIS C 326 -37.21 -5.60 -11.21
N TRP C 327 -36.39 -4.88 -10.45
CA TRP C 327 -36.09 -5.31 -9.05
C TRP C 327 -37.40 -5.42 -8.26
N VAL C 328 -38.34 -4.50 -8.50
CA VAL C 328 -39.67 -4.57 -7.82
C VAL C 328 -40.31 -5.94 -8.11
N VAL C 329 -40.33 -6.36 -9.37
CA VAL C 329 -41.05 -7.62 -9.72
C VAL C 329 -40.38 -8.77 -8.94
N LYS C 330 -39.05 -8.78 -8.88
CA LYS C 330 -38.32 -9.85 -8.16
C LYS C 330 -38.70 -9.82 -6.68
N LEU C 331 -38.76 -8.63 -6.08
CA LEU C 331 -39.08 -8.51 -4.64
C LEU C 331 -40.50 -9.03 -4.38
N LEU C 332 -41.45 -8.65 -5.25
CA LEU C 332 -42.85 -9.11 -5.09
C LEU C 332 -42.91 -10.62 -5.26
N THR C 333 -42.15 -11.17 -6.23
CA THR C 333 -42.14 -12.62 -6.48
C THR C 333 -41.60 -13.35 -5.25
N CYS C 334 -40.54 -12.81 -4.64
CA CYS C 334 -39.94 -13.46 -3.45
C CYS C 334 -40.91 -13.41 -2.28
N MET C 335 -41.64 -12.29 -2.12
CA MET C 335 -42.56 -12.15 -0.97
C MET C 335 -43.72 -13.14 -1.07
N THR C 336 -44.39 -13.21 -2.23
CA THR C 336 -45.60 -14.08 -2.34
C THR C 336 -45.25 -15.56 -2.11
N ILE C 337 -44.12 -16.03 -2.65
CA ILE C 337 -43.75 -17.47 -2.51
C ILE C 337 -43.53 -17.77 -1.02
N GLY C 338 -42.91 -16.85 -0.29
CA GLY C 338 -42.69 -17.03 1.16
C GLY C 338 -44.01 -17.11 1.91
N PHE C 339 -44.98 -16.25 1.54
CA PHE C 339 -46.33 -16.27 2.18
C PHE C 339 -47.02 -17.61 1.89
N LEU C 340 -46.82 -18.16 0.69
CA LEU C 340 -47.54 -19.41 0.28
C LEU C 340 -46.73 -20.65 0.67
N PHE C 341 -45.66 -20.49 1.45
CA PHE C 341 -44.79 -21.64 1.77
C PHE C 341 -45.56 -22.78 2.47
N PRO C 342 -46.47 -22.56 3.46
CA PRO C 342 -47.15 -23.69 4.10
C PRO C 342 -47.99 -24.47 3.08
N MET C 343 -48.67 -23.77 2.18
CA MET C 343 -49.54 -24.43 1.17
C MET C 343 -48.69 -25.32 0.26
N LEU C 344 -47.53 -24.83 -0.18
CA LEU C 344 -46.67 -25.61 -1.11
C LEU C 344 -46.19 -26.88 -0.40
N SER C 345 -45.76 -26.74 0.86
CA SER C 345 -45.25 -27.92 1.62
C SER C 345 -46.36 -28.95 1.82
N ILE C 346 -47.54 -28.49 2.21
CA ILE C 346 -48.68 -29.43 2.48
C ILE C 346 -49.08 -30.11 1.16
N ALA C 347 -49.07 -29.36 0.05
CA ALA C 347 -49.49 -29.93 -1.26
C ALA C 347 -48.54 -31.07 -1.64
N TYR C 348 -47.25 -30.88 -1.40
CA TYR C 348 -46.24 -31.92 -1.75
C TYR C 348 -46.54 -33.20 -0.95
N LEU C 349 -46.85 -33.04 0.35
CA LEU C 349 -47.19 -34.22 1.18
C LEU C 349 -48.47 -34.89 0.69
N ILE C 350 -49.52 -34.10 0.41
CA ILE C 350 -50.83 -34.70 0.00
C ILE C 350 -50.70 -35.35 -1.38
N SER C 351 -50.08 -34.66 -2.34
CA SER C 351 -49.95 -35.19 -3.71
C SER C 351 -48.64 -34.71 -4.34
N PRO C 352 -47.57 -35.53 -4.39
CA PRO C 352 -46.33 -35.15 -5.07
C PRO C 352 -46.53 -34.97 -6.57
N ARG C 353 -47.35 -35.82 -7.21
CA ARG C 353 -47.52 -35.80 -8.69
C ARG C 353 -48.14 -34.48 -9.16
N SER C 354 -48.98 -33.83 -8.35
CA SER C 354 -49.66 -32.63 -8.82
C SER C 354 -48.66 -31.51 -9.09
N ASN C 355 -49.12 -30.48 -9.80
CA ASN C 355 -48.26 -29.35 -10.14
C ASN C 355 -47.77 -28.63 -8.88
N LEU C 356 -48.67 -28.42 -7.91
CA LEU C 356 -48.26 -27.81 -6.65
C LEU C 356 -47.28 -28.71 -5.89
N GLY C 357 -47.40 -30.03 -6.07
CA GLY C 357 -46.42 -30.93 -5.49
C GLY C 357 -45.06 -30.79 -6.13
N LEU C 358 -45.02 -30.57 -7.45
CA LEU C 358 -43.76 -30.41 -8.16
C LEU C 358 -43.17 -29.01 -8.03
N PHE C 359 -43.96 -28.04 -7.56
CA PHE C 359 -43.46 -26.67 -7.46
C PHE C 359 -42.32 -26.56 -6.44
N ILE C 360 -42.41 -27.32 -5.34
CA ILE C 360 -41.37 -27.26 -4.31
C ILE C 360 -40.08 -27.93 -4.74
N LYS C 361 -40.10 -28.74 -5.81
CA LYS C 361 -38.92 -29.46 -6.24
C LYS C 361 -37.85 -28.56 -6.85
N LYS C 362 -38.22 -27.35 -7.27
CA LYS C 362 -37.24 -26.45 -7.88
C LYS C 362 -36.35 -25.84 -6.81
N PRO C 363 -35.03 -25.79 -7.02
CA PRO C 363 -34.12 -25.38 -5.93
C PRO C 363 -34.38 -23.99 -5.39
N PHE C 364 -34.73 -23.03 -6.24
CA PHE C 364 -34.96 -21.67 -5.76
C PHE C 364 -36.18 -21.61 -4.86
N ILE C 365 -37.24 -22.36 -5.19
CA ILE C 365 -38.41 -22.42 -4.34
C ILE C 365 -38.07 -23.09 -3.02
N LYS C 366 -37.23 -24.13 -3.06
CA LYS C 366 -36.74 -24.75 -1.82
C LYS C 366 -36.06 -23.73 -0.93
N PHE C 367 -35.16 -22.94 -1.51
CA PHE C 367 -34.44 -21.93 -0.73
C PHE C 367 -35.39 -20.90 -0.14
N ILE C 368 -36.33 -20.41 -0.94
CA ILE C 368 -37.27 -19.41 -0.46
C ILE C 368 -38.12 -19.96 0.68
N CYS C 369 -38.61 -21.19 0.53
CA CYS C 369 -39.45 -21.78 1.57
C CYS C 369 -38.68 -22.01 2.86
N HIS C 370 -37.44 -22.49 2.76
CA HIS C 370 -36.64 -22.69 3.96
C HIS C 370 -36.36 -21.36 4.66
N THR C 371 -36.03 -20.32 3.88
CA THR C 371 -35.79 -19.01 4.46
C THR C 371 -37.04 -18.48 5.16
N ALA C 372 -38.20 -18.64 4.53
CA ALA C 372 -39.44 -18.16 5.13
C ALA C 372 -39.76 -18.91 6.41
N SER C 373 -39.54 -20.23 6.43
CA SER C 373 -39.78 -21.00 7.65
C SER C 373 -38.86 -20.54 8.77
N TYR C 374 -37.58 -20.32 8.47
CA TYR C 374 -36.66 -19.86 9.51
C TYR C 374 -37.05 -18.46 10.02
N LEU C 375 -37.47 -17.58 9.11
CA LEU C 375 -37.91 -16.26 9.53
C LEU C 375 -39.14 -16.33 10.43
N THR C 376 -40.08 -17.21 10.11
CA THR C 376 -41.25 -17.40 10.96
C THR C 376 -40.84 -17.91 12.34
N PHE C 377 -39.91 -18.86 12.38
CA PHE C 377 -39.43 -19.35 13.67
C PHE C 377 -38.78 -18.25 14.50
N LEU C 378 -37.96 -17.42 13.85
CA LEU C 378 -37.32 -16.32 14.57
C LEU C 378 -38.35 -15.32 15.08
N PHE C 379 -39.37 -15.02 14.27
CA PHE C 379 -40.40 -14.08 14.71
C PHE C 379 -41.17 -14.64 15.89
N MET C 380 -41.47 -15.94 15.88
CA MET C 380 -42.13 -16.56 17.03
C MET C 380 -41.24 -16.53 18.26
N LEU C 381 -39.93 -16.69 18.09
CA LEU C 381 -39.01 -16.56 19.22
C LEU C 381 -39.04 -15.15 19.79
N LEU C 382 -39.10 -14.14 18.91
CA LEU C 382 -39.12 -12.75 19.36
C LEU C 382 -40.36 -12.45 20.20
N LEU C 383 -41.44 -13.20 20.00
CA LEU C 383 -42.73 -12.92 20.62
C LEU C 383 -42.90 -13.63 21.97
N ALA C 384 -41.95 -14.49 22.35
CA ALA C 384 -42.08 -15.22 23.60
C ALA C 384 -41.71 -14.39 24.82
N SER C 385 -41.06 -13.24 24.64
CA SER C 385 -40.67 -12.39 25.75
C SER C 385 -41.70 -11.31 26.08
N GLN C 386 -42.83 -11.29 25.38
CA GLN C 386 -43.87 -10.31 25.67
C GLN C 386 -44.61 -10.71 26.95
N HIS C 387 -44.80 -9.75 27.84
CA HIS C 387 -45.48 -10.03 29.11
C HIS C 387 -46.96 -10.30 28.92
N ILE C 388 -47.51 -10.04 27.74
CA ILE C 388 -48.92 -10.31 27.49
C ILE C 388 -49.18 -11.81 27.48
N VAL C 389 -48.27 -12.58 26.91
CA VAL C 389 -48.46 -14.03 26.82
C VAL C 389 -48.38 -14.67 28.20
N ARG C 390 -47.38 -14.30 28.99
CA ARG C 390 -47.15 -14.91 30.30
C ARG C 390 -47.77 -14.04 31.38
N THR C 391 -48.72 -14.62 32.12
CA THR C 391 -49.48 -13.86 33.11
C THR C 391 -48.83 -13.87 34.50
N ASP C 392 -48.36 -15.03 34.95
CA ASP C 392 -47.80 -15.17 36.30
C ASP C 392 -46.32 -15.51 36.20
N LEU C 393 -45.55 -15.06 37.20
CA LEU C 393 -44.11 -15.24 37.22
C LEU C 393 -43.62 -15.85 38.53
N HIS C 394 -44.54 -16.23 39.42
CA HIS C 394 -44.18 -16.75 40.74
C HIS C 394 -44.47 -18.23 40.87
N VAL C 395 -44.55 -18.96 39.76
CA VAL C 395 -44.81 -20.40 39.77
C VAL C 395 -43.48 -21.13 39.63
N GLN C 396 -43.19 -22.03 40.57
CA GLN C 396 -41.90 -22.72 40.57
C GLN C 396 -41.76 -23.61 39.34
N GLY C 397 -42.73 -24.48 39.09
CA GLY C 397 -42.73 -25.28 37.88
C GLY C 397 -43.86 -24.89 36.95
N PRO C 398 -43.52 -24.20 35.86
CA PRO C 398 -44.55 -23.75 34.93
C PRO C 398 -44.75 -24.75 33.80
N PRO C 399 -46.01 -25.14 33.54
CA PRO C 399 -46.29 -25.83 32.29
C PRO C 399 -46.03 -24.92 31.11
N PRO C 400 -45.69 -25.48 29.95
CA PRO C 400 -45.41 -24.63 28.78
C PRO C 400 -46.61 -23.80 28.37
N THR C 401 -46.32 -22.60 27.88
CA THR C 401 -47.36 -21.69 27.39
C THR C 401 -47.68 -22.01 25.94
N VAL C 402 -48.51 -21.17 25.31
CA VAL C 402 -48.91 -21.41 23.93
C VAL C 402 -47.71 -21.27 22.99
N VAL C 403 -46.90 -20.22 23.20
CA VAL C 403 -45.80 -19.94 22.29
C VAL C 403 -44.78 -21.07 22.32
N GLU C 404 -44.47 -21.59 23.51
CA GLU C 404 -43.52 -22.70 23.60
C GLU C 404 -44.08 -23.96 22.95
N TRP C 405 -45.39 -24.20 23.09
CA TRP C 405 -46.01 -25.33 22.42
C TRP C 405 -45.88 -25.21 20.91
N MET C 406 -46.08 -24.01 20.38
CA MET C 406 -45.90 -23.81 18.94
C MET C 406 -44.43 -23.96 18.54
N ILE C 407 -43.51 -23.52 19.40
CA ILE C 407 -42.10 -23.51 19.07
C ILE C 407 -41.53 -24.93 19.01
N LEU C 408 -41.97 -25.80 19.92
CA LEU C 408 -41.36 -27.12 20.07
C LEU C 408 -41.23 -27.92 18.79
N PRO C 409 -42.24 -27.97 17.89
CA PRO C 409 -42.03 -28.70 16.63
C PRO C 409 -40.84 -28.20 15.81
N TRP C 410 -40.60 -26.89 15.81
CA TRP C 410 -39.44 -26.37 15.08
C TRP C 410 -38.13 -26.88 15.66
N VAL C 411 -38.02 -26.91 16.99
CA VAL C 411 -36.81 -27.41 17.63
C VAL C 411 -36.61 -28.88 17.32
N LEU C 412 -37.70 -29.67 17.38
CA LEU C 412 -37.60 -31.09 17.06
C LEU C 412 -37.16 -31.28 15.61
N GLY C 413 -37.71 -30.49 14.69
CA GLY C 413 -37.32 -30.59 13.30
C GLY C 413 -35.86 -30.24 13.09
N PHE C 414 -35.39 -29.19 13.73
CA PHE C 414 -33.98 -28.81 13.61
C PHE C 414 -33.07 -29.94 14.12
N ILE C 415 -33.41 -30.51 15.28
CA ILE C 415 -32.59 -31.59 15.84
C ILE C 415 -32.58 -32.79 14.90
N TRP C 416 -33.75 -33.19 14.42
CA TRP C 416 -33.84 -34.36 13.55
C TRP C 416 -33.05 -34.14 12.26
N GLY C 417 -33.21 -32.97 11.64
CA GLY C 417 -32.49 -32.68 10.42
C GLY C 417 -30.98 -32.66 10.62
N GLU C 418 -30.55 -32.09 11.77
CA GLU C 418 -29.10 -31.99 12.05
C GLU C 418 -28.52 -33.39 12.21
N ILE C 419 -29.16 -34.25 13.01
CA ILE C 419 -28.62 -35.59 13.23
C ILE C 419 -28.68 -36.41 11.94
N LYS C 420 -29.72 -36.21 11.12
CA LYS C 420 -29.79 -36.94 9.85
C LYS C 420 -28.66 -36.53 8.92
N GLU C 421 -28.44 -35.21 8.82
CA GLU C 421 -27.34 -34.69 7.95
C GLU C 421 -26.01 -35.25 8.44
N MET C 422 -25.75 -35.17 9.75
CA MET C 422 -24.48 -35.64 10.28
C MET C 422 -24.28 -37.12 10.02
N TRP C 423 -25.34 -37.93 10.24
CA TRP C 423 -25.22 -39.36 10.00
C TRP C 423 -24.96 -39.66 8.52
N ASP C 424 -25.64 -38.94 7.63
CA ASP C 424 -25.45 -39.19 6.20
C ASP C 424 -24.05 -38.78 5.75
N GLY C 425 -23.63 -37.56 6.09
CA GLY C 425 -22.36 -37.07 5.58
C GLY C 425 -21.16 -37.75 6.22
N GLY C 426 -21.17 -37.89 7.54
CA GLY C 426 -20.00 -38.35 8.25
C GLY C 426 -19.42 -37.27 9.15
N PHE C 427 -18.47 -37.67 9.97
CA PHE C 427 -17.94 -36.76 10.99
C PHE C 427 -17.07 -35.68 10.38
N THR C 428 -16.23 -36.03 9.41
CA THR C 428 -15.25 -35.08 8.87
C THR C 428 -15.93 -33.93 8.16
N GLU C 429 -16.88 -34.23 7.26
CA GLU C 429 -17.55 -33.17 6.51
C GLU C 429 -18.35 -32.26 7.45
N TYR C 430 -18.94 -32.85 8.50
CA TYR C 430 -19.62 -32.04 9.51
C TYR C 430 -18.64 -31.12 10.23
N ILE C 431 -17.44 -31.63 10.54
CA ILE C 431 -16.44 -30.82 11.29
C ILE C 431 -15.86 -29.76 10.35
N HIS C 432 -15.86 -30.01 9.04
CA HIS C 432 -15.23 -29.06 8.08
C HIS C 432 -15.90 -27.68 8.11
N ASP C 433 -17.24 -27.62 8.18
CA ASP C 433 -17.91 -26.30 8.09
C ASP C 433 -18.14 -25.72 9.49
N TRP C 434 -17.74 -24.45 9.69
CA TRP C 434 -17.89 -23.77 11.00
C TRP C 434 -19.36 -23.63 11.39
N TRP C 435 -20.23 -23.37 10.41
CA TRP C 435 -21.66 -23.12 10.71
C TRP C 435 -22.30 -24.34 11.38
N ASN C 436 -21.89 -25.55 11.00
CA ASN C 436 -22.47 -26.79 11.57
C ASN C 436 -22.16 -26.86 13.06
N LEU C 437 -20.98 -26.41 13.48
CA LEU C 437 -20.63 -26.37 14.92
C LEU C 437 -21.63 -25.48 15.66
N MET C 438 -21.90 -24.27 15.14
CA MET C 438 -22.88 -23.37 15.74
C MET C 438 -24.23 -24.05 15.90
N ASP C 439 -24.65 -24.77 14.85
CA ASP C 439 -25.95 -25.50 14.91
C ASP C 439 -25.91 -26.50 16.07
N PHE C 440 -24.82 -27.27 16.18
CA PHE C 440 -24.72 -28.26 17.23
C PHE C 440 -24.83 -27.63 18.61
N ALA C 441 -24.13 -26.52 18.83
CA ALA C 441 -24.20 -25.83 20.12
C ALA C 441 -25.62 -25.36 20.40
N MET C 442 -26.27 -24.76 19.41
CA MET C 442 -27.63 -24.24 19.60
C MET C 442 -28.60 -25.36 19.94
N ASN C 443 -28.52 -26.48 19.21
CA ASN C 443 -29.44 -27.59 19.45
C ASN C 443 -29.18 -28.24 20.80
N SER C 444 -27.90 -28.36 21.20
CA SER C 444 -27.60 -28.88 22.53
C SER C 444 -28.17 -27.99 23.62
N LEU C 445 -28.07 -26.67 23.45
CA LEU C 445 -28.63 -25.76 24.44
C LEU C 445 -30.15 -25.89 24.50
N TYR C 446 -30.82 -26.05 23.35
CA TYR C 446 -32.27 -26.24 23.36
C TYR C 446 -32.65 -27.54 24.08
N LEU C 447 -31.91 -28.62 23.83
CA LEU C 447 -32.20 -29.88 24.49
C LEU C 447 -32.01 -29.77 26.00
N ALA C 448 -30.95 -29.07 26.42
CA ALA C 448 -30.73 -28.85 27.85
C ALA C 448 -31.86 -28.03 28.46
N THR C 449 -32.35 -27.03 27.74
CA THR C 449 -33.47 -26.22 28.23
C THR C 449 -34.71 -27.09 28.45
N ILE C 450 -35.03 -27.95 27.47
CA ILE C 450 -36.19 -28.82 27.63
C ILE C 450 -36.02 -29.76 28.81
N SER C 451 -34.82 -30.36 28.93
CA SER C 451 -34.58 -31.31 30.01
C SER C 451 -34.69 -30.64 31.37
N LEU C 452 -34.19 -29.42 31.50
CA LEU C 452 -34.29 -28.71 32.78
C LEU C 452 -35.72 -28.29 33.07
N LYS C 453 -36.49 -27.90 32.03
CA LYS C 453 -37.87 -27.51 32.24
C LYS C 453 -38.70 -28.68 32.76
N ILE C 454 -38.44 -29.89 32.27
CA ILE C 454 -39.21 -31.08 32.70
C ILE C 454 -38.97 -31.33 34.19
N VAL C 455 -37.70 -31.29 34.63
CA VAL C 455 -37.36 -31.62 36.06
C VAL C 455 -38.06 -30.63 37.00
N ALA C 456 -38.04 -29.34 36.67
CA ALA C 456 -38.60 -28.32 37.59
C ALA C 456 -40.09 -28.57 37.78
N TYR C 457 -40.81 -28.89 36.71
CA TYR C 457 -42.28 -29.06 36.81
C TYR C 457 -42.62 -30.24 37.73
N VAL C 458 -41.93 -31.36 37.55
CA VAL C 458 -42.20 -32.57 38.39
C VAL C 458 -41.79 -32.31 39.84
N LYS C 459 -40.58 -31.75 40.05
CA LYS C 459 -40.05 -31.55 41.42
C LYS C 459 -40.85 -30.51 42.20
N TYR C 460 -41.25 -29.40 41.56
CA TYR C 460 -41.91 -28.30 42.31
C TYR C 460 -43.39 -28.17 41.92
N ASN C 461 -44.28 -28.11 42.92
CA ASN C 461 -45.70 -27.95 42.66
C ASN C 461 -46.25 -26.60 43.09
N GLY C 462 -45.88 -26.11 44.27
CA GLY C 462 -46.41 -24.87 44.79
C GLY C 462 -45.77 -23.64 44.18
N SER C 463 -46.26 -22.48 44.62
CA SER C 463 -45.81 -21.19 44.14
C SER C 463 -45.15 -20.41 45.28
N ARG C 464 -44.07 -19.70 44.95
CA ARG C 464 -43.33 -18.91 45.92
C ARG C 464 -42.93 -17.60 45.26
N PRO C 465 -42.68 -16.56 46.06
CA PRO C 465 -42.13 -15.32 45.50
C PRO C 465 -40.77 -15.59 44.85
N ARG C 466 -40.51 -14.88 43.75
CA ARG C 466 -39.29 -15.13 42.99
C ARG C 466 -38.04 -14.71 43.77
N GLU C 467 -38.17 -13.73 44.68
CA GLU C 467 -37.02 -13.28 45.44
C GLU C 467 -36.59 -14.30 46.48
N GLU C 468 -37.44 -15.28 46.80
CA GLU C 468 -37.09 -16.29 47.79
C GLU C 468 -36.35 -17.48 47.21
N TRP C 469 -36.27 -17.58 45.88
CA TRP C 469 -35.64 -18.73 45.27
C TRP C 469 -34.12 -18.70 45.47
N GLU C 470 -33.51 -19.88 45.42
CA GLU C 470 -32.07 -19.99 45.53
C GLU C 470 -31.41 -19.58 44.21
N MET C 471 -30.08 -19.48 44.24
CA MET C 471 -29.35 -19.08 43.05
C MET C 471 -29.37 -20.20 42.00
N TRP C 472 -29.19 -21.44 42.42
CA TRP C 472 -29.14 -22.59 41.51
C TRP C 472 -30.51 -23.23 41.36
N HIS C 473 -31.52 -22.43 41.02
CA HIS C 473 -32.86 -22.97 40.76
C HIS C 473 -32.97 -23.42 39.31
N PRO C 474 -33.61 -24.57 39.05
CA PRO C 474 -33.69 -25.06 37.67
C PRO C 474 -34.39 -24.11 36.71
N THR C 475 -35.40 -23.38 37.18
CA THR C 475 -36.12 -22.45 36.30
C THR C 475 -35.20 -21.34 35.81
N LEU C 476 -34.37 -20.79 36.70
CA LEU C 476 -33.46 -19.72 36.30
C LEU C 476 -32.43 -20.21 35.30
N ILE C 477 -31.89 -21.41 35.52
CA ILE C 477 -30.92 -21.98 34.58
C ILE C 477 -31.58 -22.22 33.22
N ALA C 478 -32.80 -22.73 33.22
CA ALA C 478 -33.52 -22.96 31.97
C ALA C 478 -33.74 -21.65 31.22
N GLU C 479 -34.12 -20.59 31.94
CA GLU C 479 -34.34 -19.30 31.28
C GLU C 479 -33.04 -18.74 30.70
N ALA C 480 -31.94 -18.86 31.44
CA ALA C 480 -30.66 -18.38 30.92
C ALA C 480 -30.24 -19.16 29.68
N LEU C 481 -30.40 -20.48 29.71
CA LEU C 481 -30.06 -21.30 28.54
C LEU C 481 -30.93 -20.93 27.35
N PHE C 482 -32.22 -20.68 27.59
CA PHE C 482 -33.11 -20.27 26.50
C PHE C 482 -32.68 -18.94 25.90
N ALA C 483 -32.27 -17.99 26.75
CA ALA C 483 -31.81 -16.70 26.23
C ALA C 483 -30.55 -16.86 25.38
N ILE C 484 -29.60 -17.67 25.85
CA ILE C 484 -28.39 -17.91 25.06
C ILE C 484 -28.74 -18.60 23.74
N SER C 485 -29.69 -19.53 23.78
CA SER C 485 -30.13 -20.19 22.56
C SER C 485 -30.75 -19.20 21.58
N ASN C 486 -31.54 -18.25 22.09
CA ASN C 486 -32.11 -17.22 21.23
C ASN C 486 -31.02 -16.39 20.58
N ILE C 487 -30.00 -15.99 21.35
CA ILE C 487 -28.89 -15.23 20.79
C ILE C 487 -28.22 -16.01 19.66
N LEU C 488 -27.94 -17.29 19.91
CA LEU C 488 -27.27 -18.12 18.90
C LEU C 488 -28.14 -18.30 17.66
N SER C 489 -29.45 -18.51 17.86
CA SER C 489 -30.34 -18.74 16.73
C SER C 489 -30.46 -17.51 15.84
N SER C 490 -30.56 -16.32 16.44
CA SER C 490 -30.73 -15.12 15.64
C SER C 490 -29.48 -14.74 14.86
N LEU C 491 -28.32 -15.31 15.20
CA LEU C 491 -27.08 -15.01 14.51
C LEU C 491 -26.83 -15.92 13.31
N ARG C 492 -27.68 -16.92 13.11
CA ARG C 492 -27.50 -17.88 11.98
C ARG C 492 -27.87 -17.20 10.65
N LEU C 493 -28.62 -16.09 10.70
CA LEU C 493 -29.06 -15.44 9.47
C LEU C 493 -27.91 -14.91 8.64
N ILE C 494 -26.72 -14.76 9.23
CA ILE C 494 -25.59 -14.21 8.49
C ILE C 494 -25.09 -15.18 7.42
N SER C 495 -25.38 -16.48 7.58
CA SER C 495 -24.96 -17.46 6.58
C SER C 495 -25.78 -17.38 5.29
N LEU C 496 -26.85 -16.61 5.27
CA LEU C 496 -27.66 -16.43 4.07
C LEU C 496 -27.17 -15.27 3.20
N PHE C 497 -26.07 -14.62 3.60
CA PHE C 497 -25.57 -13.47 2.87
C PHE C 497 -24.83 -13.84 1.59
N THR C 498 -24.40 -15.10 1.46
CA THR C 498 -23.62 -15.50 0.29
C THR C 498 -24.48 -15.57 -0.97
N ALA C 499 -25.80 -15.63 -0.84
CA ALA C 499 -26.68 -15.68 -2.00
C ALA C 499 -26.88 -14.32 -2.66
N ASN C 500 -26.45 -13.24 -2.01
CA ASN C 500 -26.57 -11.89 -2.55
C ASN C 500 -25.28 -11.47 -3.22
N SER C 501 -25.41 -10.64 -4.27
CA SER C 501 -24.24 -10.20 -5.03
C SER C 501 -23.57 -8.97 -4.42
N HIS C 502 -24.26 -8.25 -3.54
CA HIS C 502 -23.68 -7.07 -2.89
C HIS C 502 -23.18 -7.36 -1.48
N LEU C 503 -23.85 -8.25 -0.75
CA LEU C 503 -23.52 -8.54 0.63
C LEU C 503 -22.76 -9.85 0.79
N GLY C 504 -22.47 -10.56 -0.29
CA GLY C 504 -21.79 -11.83 -0.23
C GLY C 504 -20.28 -11.72 -0.12
N PRO C 505 -19.65 -11.03 -1.07
CA PRO C 505 -18.18 -10.86 -0.98
C PRO C 505 -17.73 -10.18 0.30
N LEU C 506 -18.51 -9.21 0.80
CA LEU C 506 -18.16 -8.57 2.06
C LEU C 506 -18.21 -9.56 3.22
N GLN C 507 -19.23 -10.42 3.25
CA GLN C 507 -19.31 -11.44 4.29
C GLN C 507 -18.14 -12.40 4.20
N ILE C 508 -17.76 -12.79 2.99
CA ILE C 508 -16.62 -13.70 2.82
C ILE C 508 -15.34 -13.04 3.31
N SER C 509 -15.14 -11.76 2.97
CA SER C 509 -13.94 -11.05 3.41
C SER C 509 -13.90 -10.93 4.93
N LEU C 510 -15.04 -10.61 5.55
CA LEU C 510 -15.08 -10.53 7.01
C LEU C 510 -14.81 -11.87 7.66
N GLY C 511 -15.35 -12.96 7.08
CA GLY C 511 -15.10 -14.28 7.62
C GLY C 511 -13.68 -14.77 7.42
N ARG C 512 -12.97 -14.23 6.42
CA ARG C 512 -11.58 -14.60 6.21
C ARG C 512 -10.62 -13.85 7.13
N MET C 513 -11.08 -12.80 7.81
CA MET C 513 -10.23 -12.00 8.67
C MET C 513 -10.29 -12.41 10.14
N LEU C 514 -11.00 -13.49 10.46
CA LEU C 514 -11.18 -13.90 11.85
C LEU C 514 -10.07 -14.80 12.37
N LEU C 515 -9.14 -15.23 11.51
CA LEU C 515 -8.07 -16.12 11.96
C LEU C 515 -6.99 -15.35 12.73
N ASP C 516 -6.69 -14.12 12.30
CA ASP C 516 -5.64 -13.33 12.95
C ASP C 516 -6.12 -12.77 14.29
N ILE C 517 -7.43 -12.55 14.43
CA ILE C 517 -7.95 -11.98 15.67
C ILE C 517 -7.72 -12.92 16.84
N LEU C 518 -7.86 -14.24 16.61
CA LEU C 518 -7.54 -15.21 17.65
C LEU C 518 -6.07 -15.16 18.03
N LYS C 519 -5.20 -15.01 17.01
CA LYS C 519 -3.76 -14.91 17.26
C LYS C 519 -3.46 -13.73 18.18
N PHE C 520 -4.10 -12.59 17.93
CA PHE C 520 -3.90 -11.44 18.80
C PHE C 520 -4.54 -11.65 20.18
N LEU C 521 -5.67 -12.35 20.21
CA LEU C 521 -6.37 -12.61 21.46
C LEU C 521 -5.52 -13.42 22.42
N PHE C 522 -4.71 -14.34 21.89
CA PHE C 522 -3.81 -15.10 22.75
C PHE C 522 -2.84 -14.19 23.50
N ILE C 523 -2.19 -13.28 22.77
CA ILE C 523 -1.24 -12.34 23.38
C ILE C 523 -1.95 -11.45 24.39
N TYR C 524 -3.13 -10.95 24.03
CA TYR C 524 -3.87 -10.09 24.96
C TYR C 524 -4.22 -10.85 26.23
N CYS C 525 -4.61 -12.12 26.11
CA CYS C 525 -4.95 -12.91 27.28
C CYS C 525 -3.73 -13.10 28.18
N LEU C 526 -2.56 -13.33 27.59
CA LEU C 526 -1.34 -13.47 28.39
C LEU C 526 -1.05 -12.18 29.16
N VAL C 527 -1.14 -11.04 28.48
CA VAL C 527 -0.87 -9.75 29.15
C VAL C 527 -1.88 -9.51 30.27
N LEU C 528 -3.15 -9.81 30.00
CA LEU C 528 -4.20 -9.63 31.00
C LEU C 528 -3.94 -10.49 32.23
N LEU C 529 -3.54 -11.74 32.02
CA LEU C 529 -3.25 -12.62 33.15
C LEU C 529 -2.08 -12.08 33.97
N ALA C 530 -1.03 -11.60 33.31
CA ALA C 530 0.12 -11.05 34.03
C ALA C 530 -0.30 -9.88 34.93
N PHE C 531 -1.00 -8.91 34.35
CA PHE C 531 -1.35 -7.72 35.13
C PHE C 531 -2.39 -8.05 36.21
N ALA C 532 -3.30 -8.98 35.95
CA ALA C 532 -4.25 -9.39 36.96
C ALA C 532 -3.55 -10.05 38.13
N ASN C 533 -2.57 -10.92 37.85
CA ASN C 533 -1.78 -11.53 38.92
C ASN C 533 -1.13 -10.46 39.77
N GLY C 534 -0.48 -9.48 39.14
CA GLY C 534 0.18 -8.43 39.91
C GLY C 534 -0.78 -7.64 40.77
N LEU C 535 -1.90 -7.18 40.19
CA LEU C 535 -2.83 -6.34 40.93
C LEU C 535 -3.48 -7.11 42.08
N ASN C 536 -3.85 -8.38 41.86
CA ASN C 536 -4.44 -9.16 42.93
C ASN C 536 -3.42 -9.47 44.02
N GLN C 537 -2.15 -9.65 43.66
CA GLN C 537 -1.11 -9.81 44.66
C GLN C 537 -1.00 -8.57 45.52
N LEU C 538 -1.10 -7.38 44.91
CA LEU C 538 -0.95 -6.15 45.67
C LEU C 538 -2.16 -5.90 46.58
N TYR C 539 -3.37 -6.08 46.07
CA TYR C 539 -4.56 -5.52 46.70
C TYR C 539 -5.36 -6.51 47.56
N PHE C 540 -4.89 -7.73 47.75
CA PHE C 540 -5.73 -8.72 48.40
C PHE C 540 -5.74 -8.63 49.93
N TYR C 541 -4.95 -7.74 50.52
CA TYR C 541 -4.90 -7.61 51.97
C TYR C 541 -6.06 -6.79 52.54
N TYR C 542 -6.78 -6.05 51.71
CA TYR C 542 -7.79 -5.10 52.16
C TYR C 542 -9.19 -5.49 51.70
N GLU C 543 -9.52 -6.78 51.81
CA GLU C 543 -10.84 -7.25 51.43
C GLU C 543 -11.85 -6.94 52.53
N THR C 544 -12.94 -6.27 52.17
CA THR C 544 -14.00 -5.94 53.10
C THR C 544 -15.18 -6.90 52.93
N ARG C 545 -16.17 -6.74 53.79
CA ARG C 545 -17.37 -7.57 53.78
C ARG C 545 -18.51 -6.83 53.10
N ALA C 546 -19.53 -7.61 52.70
CA ALA C 546 -20.70 -7.01 52.07
C ALA C 546 -21.50 -6.16 53.04
N ILE C 547 -21.44 -6.49 54.34
CA ILE C 547 -22.20 -5.72 55.33
C ILE C 547 -21.62 -4.33 55.48
N ASP C 548 -20.30 -4.19 55.41
CA ASP C 548 -19.67 -2.89 55.59
C ASP C 548 -20.01 -1.93 54.46
N GLU C 549 -20.21 -2.44 53.26
CA GLU C 549 -20.50 -1.59 52.12
C GLU C 549 -21.95 -1.11 52.15
N PRO C 550 -22.23 0.07 51.59
CA PRO C 550 -23.62 0.54 51.52
C PRO C 550 -24.45 -0.32 50.58
N ASN C 551 -25.76 -0.35 50.84
CA ASN C 551 -26.75 -1.00 49.99
C ASN C 551 -26.56 -2.51 50.11
N ASN C 552 -25.49 -2.91 50.80
CA ASN C 552 -25.04 -4.30 50.88
C ASN C 552 -24.76 -4.83 49.47
N CYS C 553 -23.76 -4.26 48.81
CA CYS C 553 -23.35 -4.65 47.47
C CYS C 553 -21.83 -4.70 47.44
N LYS C 554 -21.27 -5.78 46.91
CA LYS C 554 -19.83 -5.97 46.85
C LYS C 554 -19.42 -6.32 45.43
N GLY C 555 -18.51 -5.53 44.87
CA GLY C 555 -18.04 -5.73 43.51
C GLY C 555 -18.08 -4.46 42.71
N ILE C 556 -17.67 -4.59 41.45
CA ILE C 556 -17.59 -3.44 40.54
C ILE C 556 -18.88 -3.35 39.73
N ARG C 557 -19.89 -4.13 40.13
CA ARG C 557 -21.20 -4.10 39.43
C ARG C 557 -22.22 -3.42 40.37
N CYS C 558 -21.78 -2.41 41.12
CA CYS C 558 -22.67 -1.68 42.07
C CYS C 558 -22.54 -0.19 41.77
N GLU C 559 -23.48 0.63 42.24
CA GLU C 559 -23.46 2.07 41.91
C GLU C 559 -22.14 2.64 42.43
N LYS C 560 -21.71 2.23 43.62
CA LYS C 560 -20.37 2.63 44.15
C LYS C 560 -19.45 1.42 44.02
N GLN C 561 -18.47 1.48 43.11
CA GLN C 561 -17.62 0.28 42.86
C GLN C 561 -16.72 0.02 44.07
N ASN C 562 -16.61 -1.24 44.48
CA ASN C 562 -15.80 -1.60 45.68
C ASN C 562 -15.11 -2.95 45.45
N ASN C 563 -14.03 -3.23 46.17
CA ASN C 563 -13.32 -4.54 46.07
C ASN C 563 -13.08 -4.89 44.60
N ALA C 564 -12.43 -4.00 43.85
CA ALA C 564 -12.14 -4.23 42.44
C ALA C 564 -11.04 -5.27 42.23
N PHE C 565 -10.03 -5.28 43.10
CA PHE C 565 -8.88 -6.16 42.93
C PHE C 565 -8.69 -7.09 44.12
N SER C 566 -9.78 -7.45 44.80
CA SER C 566 -9.70 -8.25 46.01
C SER C 566 -9.65 -9.75 45.74
N THR C 567 -9.94 -10.18 44.52
CA THR C 567 -9.86 -11.59 44.16
C THR C 567 -9.43 -11.71 42.70
N LEU C 568 -8.91 -12.88 42.34
CA LEU C 568 -8.40 -13.08 41.00
C LEU C 568 -9.50 -13.00 39.95
N PHE C 569 -10.64 -13.63 40.22
CA PHE C 569 -11.77 -13.57 39.29
C PHE C 569 -12.27 -12.13 39.15
N GLU C 570 -12.42 -11.43 40.27
CA GLU C 570 -12.86 -10.05 40.23
C GLU C 570 -11.81 -9.16 39.58
N THR C 571 -10.53 -9.44 39.80
CA THR C 571 -9.47 -8.68 39.14
C THR C 571 -9.54 -8.85 37.63
N LEU C 572 -9.75 -10.08 37.16
CA LEU C 572 -9.90 -10.31 35.72
C LEU C 572 -11.10 -9.57 35.16
N GLN C 573 -12.23 -9.62 35.86
CA GLN C 573 -13.42 -8.91 35.40
C GLN C 573 -13.19 -7.41 35.36
N SER C 574 -12.52 -6.86 36.39
CA SER C 574 -12.28 -5.43 36.44
C SER C 574 -11.33 -4.97 35.34
N LEU C 575 -10.29 -5.77 35.06
CA LEU C 575 -9.37 -5.39 34.00
C LEU C 575 -9.98 -5.58 32.62
N PHE C 576 -10.96 -6.47 32.48
CA PHE C 576 -11.66 -6.59 31.20
C PHE C 576 -12.52 -5.37 30.94
N TRP C 577 -13.26 -4.90 31.95
CA TRP C 577 -14.20 -3.81 31.74
C TRP C 577 -13.52 -2.46 31.61
N SER C 578 -12.26 -2.34 32.02
CA SER C 578 -11.54 -1.08 31.88
C SER C 578 -11.16 -0.79 30.43
N VAL C 579 -11.25 -1.79 29.54
CA VAL C 579 -10.99 -1.56 28.13
C VAL C 579 -12.02 -0.64 27.53
N PHE C 580 -13.28 -0.74 27.98
CA PHE C 580 -14.37 0.08 27.49
C PHE C 580 -14.64 1.30 28.37
N GLY C 581 -13.81 1.54 29.37
CA GLY C 581 -13.94 2.72 30.20
C GLY C 581 -15.03 2.67 31.24
N LEU C 582 -15.44 1.48 31.67
CA LEU C 582 -16.54 1.32 32.61
C LEU C 582 -16.06 1.09 34.04
N LEU C 583 -14.77 1.27 34.31
CA LEU C 583 -14.23 1.15 35.65
C LEU C 583 -13.75 2.52 36.12
N ASN C 584 -14.24 2.94 37.28
CA ASN C 584 -13.92 4.26 37.80
C ASN C 584 -12.55 4.26 38.47
N LEU C 585 -11.94 5.44 38.53
CA LEU C 585 -10.56 5.57 39.00
C LEU C 585 -10.42 5.46 40.51
N TYR C 586 -11.50 5.65 41.27
CA TYR C 586 -11.39 5.66 42.73
C TYR C 586 -11.28 4.27 43.32
N VAL C 587 -11.38 3.21 42.51
CA VAL C 587 -11.27 1.84 43.04
C VAL C 587 -9.86 1.49 43.47
N THR C 588 -8.87 2.31 43.11
CA THR C 588 -7.50 2.08 43.53
C THR C 588 -7.22 2.60 44.94
N ASN C 589 -8.14 3.34 45.53
CA ASN C 589 -7.98 3.84 46.89
C ASN C 589 -8.27 2.74 47.90
N VAL C 590 -7.72 2.91 49.09
CA VAL C 590 -7.93 1.97 50.20
C VAL C 590 -8.34 2.75 51.43
N LYS C 591 -9.11 2.11 52.31
CA LYS C 591 -9.64 2.81 53.52
C LYS C 591 -8.49 3.27 54.42
N ALA C 592 -7.47 2.43 54.62
CA ALA C 592 -6.40 2.76 55.53
C ALA C 592 -5.56 3.95 55.07
N ARG C 593 -5.70 4.35 53.81
CA ARG C 593 -5.00 5.51 53.25
C ARG C 593 -3.49 5.36 53.36
N HIS C 594 -2.98 4.33 52.67
CA HIS C 594 -1.56 4.12 52.50
C HIS C 594 -1.16 4.67 51.14
N GLU C 595 -0.48 5.82 51.15
CA GLU C 595 -0.23 6.55 49.91
C GLU C 595 0.68 5.78 48.96
N PHE C 596 1.71 5.12 49.49
CA PHE C 596 2.64 4.39 48.65
C PHE C 596 1.96 3.24 47.93
N THR C 597 1.15 2.45 48.65
CA THR C 597 0.44 1.33 48.04
C THR C 597 -0.54 1.81 46.98
N GLU C 598 -1.28 2.88 47.28
CA GLU C 598 -2.23 3.42 46.31
C GLU C 598 -1.52 3.92 45.06
N PHE C 599 -0.39 4.59 45.23
CA PHE C 599 0.37 5.07 44.08
C PHE C 599 0.89 3.92 43.23
N VAL C 600 1.38 2.86 43.89
CA VAL C 600 1.88 1.70 43.14
C VAL C 600 0.74 1.04 42.36
N GLY C 601 -0.42 0.89 42.99
CA GLY C 601 -1.56 0.31 42.29
C GLY C 601 -2.03 1.16 41.12
N ALA C 602 -2.06 2.49 41.31
CA ALA C 602 -2.45 3.38 40.24
C ALA C 602 -1.46 3.33 39.08
N THR C 603 -0.17 3.22 39.38
CA THR C 603 0.82 3.11 38.32
C THR C 603 0.70 1.79 37.57
N MET C 604 0.42 0.69 38.29
CA MET C 604 0.13 -0.58 37.63
C MET C 604 -1.05 -0.45 36.68
N PHE C 605 -2.14 0.15 37.17
CA PHE C 605 -3.33 0.33 36.35
C PHE C 605 -3.05 1.18 35.12
N GLY C 606 -2.28 2.26 35.29
CA GLY C 606 -1.96 3.13 34.17
C GLY C 606 -1.09 2.45 33.14
N THR C 607 -0.10 1.67 33.59
CA THR C 607 0.73 0.94 32.64
C THR C 607 -0.09 -0.08 31.86
N TYR C 608 -1.00 -0.78 32.54
CA TYR C 608 -1.87 -1.72 31.85
C TYR C 608 -2.73 -0.99 30.82
N ASN C 609 -3.29 0.16 31.20
CA ASN C 609 -4.14 0.92 30.30
C ASN C 609 -3.37 1.35 29.06
N VAL C 610 -2.15 1.86 29.26
CA VAL C 610 -1.34 2.32 28.14
C VAL C 610 -1.04 1.16 27.19
N ILE C 611 -0.57 0.03 27.76
CA ILE C 611 -0.20 -1.11 26.92
C ILE C 611 -1.41 -1.64 26.16
N SER C 612 -2.56 -1.70 26.82
CA SER C 612 -3.74 -2.31 26.20
C SER C 612 -4.38 -1.40 25.16
N LEU C 613 -4.42 -0.09 25.39
CA LEU C 613 -5.21 0.79 24.55
C LEU C 613 -4.41 1.61 23.55
N VAL C 614 -3.11 1.83 23.80
CA VAL C 614 -2.31 2.63 22.89
C VAL C 614 -1.45 1.77 21.96
N VAL C 615 -1.08 0.56 22.39
CA VAL C 615 -0.18 -0.31 21.62
C VAL C 615 -0.97 -1.42 20.92
N LEU C 616 -1.65 -2.26 21.70
CA LEU C 616 -2.23 -3.48 21.14
C LEU C 616 -3.40 -3.20 20.20
N LEU C 617 -4.25 -2.22 20.56
CA LEU C 617 -5.40 -1.92 19.70
C LEU C 617 -4.95 -1.42 18.34
N ASN C 618 -3.97 -0.52 18.32
CA ASN C 618 -3.46 0.00 17.05
C ASN C 618 -2.73 -1.08 16.27
N MET C 619 -2.02 -1.97 16.97
CA MET C 619 -1.38 -3.09 16.31
C MET C 619 -2.40 -3.98 15.61
N LEU C 620 -3.50 -4.28 16.31
CA LEU C 620 -4.57 -5.08 15.72
C LEU C 620 -5.19 -4.38 14.51
N ILE C 621 -5.39 -3.07 14.61
CA ILE C 621 -5.93 -2.31 13.49
C ILE C 621 -5.02 -2.44 12.27
N ALA C 622 -3.71 -2.26 12.49
CA ALA C 622 -2.76 -2.36 11.37
C ALA C 622 -2.75 -3.75 10.77
N MET C 623 -2.74 -4.79 11.62
CA MET C 623 -2.68 -6.15 11.10
C MET C 623 -3.93 -6.49 10.29
N MET C 624 -5.11 -6.07 10.78
CA MET C 624 -6.33 -6.38 10.03
C MET C 624 -6.44 -5.54 8.77
N ASN C 625 -5.89 -4.32 8.77
CA ASN C 625 -5.82 -3.56 7.54
C ASN C 625 -4.97 -4.28 6.49
N ASN C 626 -3.83 -4.82 6.89
CA ASN C 626 -2.94 -5.48 5.90
C ASN C 626 -3.66 -6.71 5.32
N SER C 627 -4.30 -7.50 6.18
CA SER C 627 -4.97 -8.75 5.74
C SER C 627 -6.09 -8.43 4.75
N TYR C 628 -6.87 -7.37 5.00
CA TYR C 628 -8.04 -7.07 4.13
C TYR C 628 -7.55 -6.78 2.71
N GLN C 629 -6.45 -6.03 2.56
CA GLN C 629 -5.97 -5.66 1.21
C GLN C 629 -5.60 -6.92 0.44
N LEU C 630 -4.91 -7.87 1.09
CA LEU C 630 -4.52 -9.13 0.42
C LEU C 630 -5.77 -9.94 0.04
N ILE C 631 -6.74 -10.04 0.94
CA ILE C 631 -7.98 -10.84 0.69
C ILE C 631 -8.79 -10.19 -0.44
N ALA C 632 -8.89 -8.86 -0.44
CA ALA C 632 -9.75 -8.16 -1.43
C ALA C 632 -9.38 -8.53 -2.88
N ASP C 633 -8.14 -8.93 -3.14
CA ASP C 633 -7.77 -9.17 -4.52
C ASP C 633 -8.36 -10.46 -5.09
N HIS C 634 -8.96 -11.31 -4.26
CA HIS C 634 -9.54 -12.57 -4.71
C HIS C 634 -10.93 -12.79 -4.13
N ALA C 635 -11.63 -11.71 -3.79
CA ALA C 635 -12.93 -11.84 -3.12
C ALA C 635 -13.98 -12.43 -4.04
N ASP C 636 -13.96 -12.05 -5.31
CA ASP C 636 -14.99 -12.50 -6.25
C ASP C 636 -14.97 -14.01 -6.42
N ILE C 637 -13.78 -14.60 -6.57
CA ILE C 637 -13.68 -16.02 -6.81
C ILE C 637 -14.12 -16.81 -5.57
N GLU C 638 -13.70 -16.36 -4.38
CA GLU C 638 -14.13 -17.02 -3.16
C GLU C 638 -15.64 -16.93 -2.96
N TRP C 639 -16.22 -15.76 -3.25
CA TRP C 639 -17.66 -15.63 -3.13
C TRP C 639 -18.39 -16.55 -4.10
N LYS C 640 -17.90 -16.65 -5.34
CA LYS C 640 -18.53 -17.54 -6.30
C LYS C 640 -18.40 -18.99 -5.86
N PHE C 641 -17.26 -19.37 -5.30
CA PHE C 641 -17.10 -20.74 -4.81
C PHE C 641 -18.09 -21.04 -3.68
N ALA C 642 -18.22 -20.09 -2.73
CA ALA C 642 -19.15 -20.30 -1.63
C ALA C 642 -20.60 -20.35 -2.11
N ARG C 643 -20.97 -19.47 -3.04
CA ARG C 643 -22.33 -19.48 -3.56
C ARG C 643 -22.62 -20.75 -4.35
N THR C 644 -21.62 -21.26 -5.09
CA THR C 644 -21.80 -22.52 -5.78
C THR C 644 -21.98 -23.67 -4.80
N LYS C 645 -21.24 -23.66 -3.70
CA LYS C 645 -21.44 -24.68 -2.67
C LYS C 645 -22.83 -24.59 -2.06
N LEU C 646 -23.33 -23.36 -1.85
CA LEU C 646 -24.69 -23.20 -1.32
C LEU C 646 -25.73 -23.70 -2.31
N TRP C 647 -25.55 -23.40 -3.60
CA TRP C 647 -26.54 -23.76 -4.61
C TRP C 647 -26.71 -25.27 -4.70
N MET C 648 -25.60 -26.00 -4.74
CA MET C 648 -25.67 -27.45 -4.93
C MET C 648 -26.27 -28.16 -3.73
N SER C 649 -26.40 -27.48 -2.58
CA SER C 649 -27.05 -28.07 -1.43
C SER C 649 -28.55 -28.22 -1.61
N TYR C 650 -29.14 -27.50 -2.56
CA TYR C 650 -30.56 -27.58 -2.83
C TYR C 650 -30.88 -28.34 -4.12
N PHE C 651 -29.86 -28.83 -4.83
CA PHE C 651 -30.12 -29.63 -6.02
C PHE C 651 -30.60 -31.03 -5.65
N ASP C 652 -30.10 -31.56 -4.53
CA ASP C 652 -30.52 -32.89 -4.10
C ASP C 652 -31.98 -32.89 -3.67
N GLU C 653 -32.65 -34.02 -3.86
CA GLU C 653 -34.04 -34.19 -3.47
C GLU C 653 -34.19 -34.93 -2.15
N GLY C 654 -33.09 -35.17 -1.43
CA GLY C 654 -33.18 -35.89 -0.17
C GLY C 654 -33.97 -35.13 0.88
N GLY C 655 -33.62 -33.86 1.09
CA GLY C 655 -34.34 -33.03 2.03
C GLY C 655 -35.12 -31.93 1.34
N THR C 656 -36.45 -32.06 1.32
CA THR C 656 -37.30 -31.09 0.64
C THR C 656 -38.20 -30.31 1.58
N LEU C 657 -38.79 -30.98 2.58
CA LEU C 657 -39.76 -30.30 3.47
C LEU C 657 -39.04 -29.31 4.39
N PRO C 658 -39.67 -28.18 4.76
CA PRO C 658 -39.08 -27.24 5.72
C PRO C 658 -39.06 -27.94 7.09
N PRO C 659 -38.25 -27.51 8.10
CA PRO C 659 -38.19 -28.23 9.38
C PRO C 659 -39.50 -28.58 10.10
N PRO C 660 -40.51 -27.70 10.25
CA PRO C 660 -41.76 -28.11 10.90
C PRO C 660 -42.45 -29.22 10.10
N PHE C 661 -42.38 -29.20 8.77
CA PHE C 661 -43.10 -30.22 7.96
C PHE C 661 -42.28 -31.51 7.87
N ASN C 662 -40.95 -31.44 8.06
CA ASN C 662 -40.10 -32.65 7.88
C ASN C 662 -40.44 -33.74 8.89
N ILE C 663 -40.68 -33.38 10.16
CA ILE C 663 -40.93 -34.41 11.20
C ILE C 663 -42.22 -35.19 10.87
N ILE C 664 -43.25 -34.50 10.38
CA ILE C 664 -44.53 -35.17 10.00
C ILE C 664 -44.23 -36.39 9.13
N SER C 706 -20.97 -48.02 -19.81
CA SER C 706 -20.37 -46.72 -19.61
C SER C 706 -19.18 -46.50 -20.55
N LEU C 707 -18.92 -47.51 -21.40
CA LEU C 707 -17.82 -47.40 -22.35
C LEU C 707 -18.09 -46.32 -23.38
N ILE C 708 -19.36 -46.17 -23.79
CA ILE C 708 -19.69 -45.15 -24.78
C ILE C 708 -19.50 -43.75 -24.21
N GLN C 709 -19.74 -43.59 -22.90
CA GLN C 709 -19.50 -42.30 -22.27
C GLN C 709 -18.02 -41.96 -22.25
N ASN C 710 -17.16 -42.97 -22.06
CA ASN C 710 -15.72 -42.74 -22.09
C ASN C 710 -15.26 -42.36 -23.49
N GLN C 711 -15.89 -42.93 -24.53
CA GLN C 711 -15.50 -42.60 -25.89
C GLN C 711 -15.78 -41.14 -26.22
N HIS C 712 -16.91 -40.61 -25.76
CA HIS C 712 -17.24 -39.22 -26.02
C HIS C 712 -16.36 -38.27 -25.21
N TYR C 713 -15.95 -38.69 -24.01
CA TYR C 713 -15.09 -37.84 -23.20
C TYR C 713 -13.69 -37.73 -23.80
N GLN C 714 -13.18 -38.81 -24.38
CA GLN C 714 -11.84 -38.78 -24.95
C GLN C 714 -11.78 -37.95 -26.22
N GLU C 715 -12.85 -37.92 -27.00
CA GLU C 715 -12.84 -37.12 -28.22
C GLU C 715 -12.90 -35.63 -27.90
N VAL C 716 -13.54 -35.26 -26.80
CA VAL C 716 -13.55 -33.86 -26.38
C VAL C 716 -12.21 -33.46 -25.78
N ILE C 717 -11.61 -34.35 -24.99
CA ILE C 717 -10.33 -34.04 -24.36
C ILE C 717 -9.24 -33.86 -25.40
N ARG C 718 -9.29 -34.65 -26.48
CA ARG C 718 -8.30 -34.52 -27.55
C ARG C 718 -8.39 -33.14 -28.20
N ASN C 719 -9.62 -32.65 -28.42
CA ASN C 719 -9.78 -31.33 -29.03
C ASN C 719 -9.29 -30.23 -28.11
N LEU C 720 -9.58 -30.33 -26.81
CA LEU C 720 -9.16 -29.29 -25.87
C LEU C 720 -7.64 -29.19 -25.79
N VAL C 721 -6.94 -30.33 -25.75
CA VAL C 721 -5.50 -30.32 -25.67
C VAL C 721 -4.89 -29.75 -26.93
N LYS C 722 -5.45 -30.09 -28.10
CA LYS C 722 -4.93 -29.57 -29.36
C LYS C 722 -5.07 -28.05 -29.43
N ARG C 723 -6.19 -27.51 -28.97
CA ARG C 723 -6.36 -26.06 -28.95
C ARG C 723 -5.48 -25.41 -27.88
N TYR C 724 -5.27 -26.08 -26.75
CA TYR C 724 -4.47 -25.50 -25.68
C TYR C 724 -3.02 -25.32 -26.12
N VAL C 725 -2.45 -26.30 -26.81
CA VAL C 725 -1.05 -26.24 -27.22
C VAL C 725 -0.85 -25.10 -28.21
N ALA C 726 -1.76 -24.95 -29.17
CA ALA C 726 -1.63 -23.91 -30.18
C ALA C 726 -1.79 -22.52 -29.58
N ALA C 727 -2.29 -22.42 -28.35
CA ALA C 727 -2.54 -21.12 -27.75
C ALA C 727 -1.34 -20.64 -26.93
N MET C 728 -0.83 -21.49 -26.04
CA MET C 728 0.27 -21.07 -25.17
C MET C 728 1.53 -20.78 -25.97
N ILE C 729 1.69 -21.40 -27.14
CA ILE C 729 2.82 -21.08 -28.01
C ILE C 729 2.71 -19.63 -28.49
N ARG C 730 1.51 -19.19 -28.86
CA ARG C 730 1.34 -17.85 -29.41
C ARG C 730 1.56 -16.77 -28.36
N ASN C 731 1.23 -17.04 -27.09
CA ASN C 731 1.28 -16.01 -26.07
C ASN C 731 2.71 -15.74 -25.61
N SER C 732 3.38 -16.75 -25.06
CA SER C 732 4.71 -16.56 -24.49
C SER C 732 5.83 -17.16 -25.32
N LYS C 733 5.56 -18.27 -26.01
CA LYS C 733 6.62 -18.96 -26.79
C LYS C 733 6.85 -18.20 -28.10
N THR C 734 6.53 -16.91 -28.13
CA THR C 734 6.75 -16.08 -29.36
C THR C 734 7.86 -15.05 -29.08
N HIS C 735 9.01 -15.19 -29.73
CA HIS C 735 10.17 -14.29 -29.45
C HIS C 735 10.63 -13.55 -30.72
N GLU C 736 10.76 -12.23 -30.66
CA GLU C 736 11.27 -11.43 -31.81
C GLU C 736 12.73 -11.83 -32.11
N GLY C 737 13.52 -12.10 -31.06
CA GLY C 737 14.95 -12.42 -31.24
C GLY C 737 15.16 -13.67 -32.08
N LEU C 738 14.31 -14.68 -31.92
CA LEU C 738 14.42 -15.92 -32.73
C LEU C 738 14.21 -15.56 -34.21
N THR C 739 13.26 -14.67 -34.50
CA THR C 739 12.98 -14.25 -35.90
C THR C 739 14.22 -13.54 -36.47
N GLU C 740 14.92 -12.75 -35.65
CA GLU C 740 16.10 -11.97 -36.15
C GLU C 740 17.08 -12.90 -36.89
N GLU C 741 17.54 -13.98 -36.24
CA GLU C 741 18.59 -14.88 -36.88
C GLU C 741 17.98 -15.50 -38.14
N ASN C 742 16.66 -15.74 -38.14
CA ASN C 742 15.98 -16.35 -39.33
C ASN C 742 16.09 -15.42 -40.53
N PHE C 743 15.92 -14.11 -40.32
CA PHE C 743 16.11 -13.11 -41.41
C PHE C 743 17.58 -13.12 -41.84
N LYS C 744 18.50 -13.26 -40.88
CA LYS C 744 19.92 -13.37 -41.32
C LYS C 744 20.09 -14.60 -42.22
N GLU C 745 19.46 -15.72 -41.86
CA GLU C 745 19.54 -16.97 -42.68
C GLU C 745 18.92 -16.74 -44.06
N LEU C 746 17.81 -15.98 -44.12
CA LEU C 746 17.15 -15.65 -45.42
C LEU C 746 18.12 -14.83 -46.29
N LYS C 747 18.84 -13.88 -45.69
CA LYS C 747 19.85 -13.11 -46.47
C LYS C 747 20.96 -14.06 -46.97
N GLN C 748 21.35 -15.02 -46.12
CA GLN C 748 22.36 -16.01 -46.57
C GLN C 748 21.82 -16.81 -47.77
N ASP C 749 20.54 -17.21 -47.71
CA ASP C 749 19.94 -18.03 -48.81
C ASP C 749 19.83 -17.19 -50.08
N ILE C 750 19.46 -15.91 -49.94
CA ILE C 750 19.33 -15.01 -51.12
C ILE C 750 20.70 -14.87 -51.78
N SER C 751 21.76 -14.73 -50.97
CA SER C 751 23.14 -14.62 -51.52
C SER C 751 23.50 -15.90 -52.27
N SER C 752 23.13 -17.07 -51.72
CA SER C 752 23.41 -18.36 -52.39
C SER C 752 22.65 -18.43 -53.72
N PHE C 753 21.41 -17.94 -53.75
CA PHE C 753 20.58 -17.98 -54.98
C PHE C 753 21.17 -17.03 -56.03
N ILE D 18 14.86 37.26 -26.83
CA ILE D 18 16.27 37.60 -26.76
C ILE D 18 17.08 36.62 -27.60
N PRO D 19 17.87 37.14 -28.54
CA PRO D 19 18.60 36.23 -29.45
C PRO D 19 19.71 35.45 -28.76
N LEU D 20 20.44 36.08 -27.84
CA LEU D 20 21.56 35.46 -27.13
C LEU D 20 22.66 35.07 -28.12
N GLN D 21 23.61 34.25 -27.67
CA GLN D 21 24.74 33.85 -28.51
C GLN D 21 25.28 32.53 -28.01
N ILE D 22 26.16 31.93 -28.81
CA ILE D 22 26.79 30.66 -28.47
C ILE D 22 28.01 30.97 -27.62
N VAL D 23 27.84 30.98 -26.30
CA VAL D 23 28.94 31.31 -25.40
C VAL D 23 29.97 30.20 -25.38
N ARG D 24 29.52 28.94 -25.41
CA ARG D 24 30.41 27.79 -25.35
C ARG D 24 30.36 27.04 -26.68
N ALA D 25 31.54 26.81 -27.26
CA ALA D 25 31.64 26.11 -28.53
C ALA D 25 32.83 25.15 -28.52
N GLU D 26 33.19 24.62 -29.68
CA GLU D 26 34.29 23.68 -29.79
C GLU D 26 35.19 24.09 -30.94
N THR D 27 36.49 23.86 -30.77
CA THR D 27 37.45 24.19 -31.81
C THR D 27 37.17 23.39 -33.08
N GLU D 28 37.22 24.07 -34.22
CA GLU D 28 36.94 23.43 -35.49
C GLU D 28 38.06 22.46 -35.88
N LEU D 29 37.69 21.42 -36.63
CA LEU D 29 38.66 20.45 -37.11
C LEU D 29 39.32 20.94 -38.40
N SER D 30 40.62 20.67 -38.51
CA SER D 30 41.37 21.07 -39.69
C SER D 30 41.15 20.08 -40.83
N ALA D 31 41.74 20.39 -41.98
CA ALA D 31 41.61 19.50 -43.14
C ALA D 31 42.20 18.13 -42.85
N GLU D 32 43.38 18.09 -42.24
CA GLU D 32 43.95 16.82 -41.80
C GLU D 32 43.06 16.17 -40.75
N GLU D 33 42.54 16.96 -39.80
CA GLU D 33 41.64 16.43 -38.80
C GLU D 33 40.31 15.98 -39.43
N LYS D 34 39.85 16.69 -40.45
CA LYS D 34 38.65 16.27 -41.16
C LYS D 34 38.87 14.92 -41.84
N ALA D 35 40.02 14.75 -42.50
CA ALA D 35 40.33 13.48 -43.14
C ALA D 35 40.44 12.36 -42.12
N PHE D 36 41.11 12.63 -41.00
CA PHE D 36 41.30 11.64 -39.96
C PHE D 36 40.03 11.48 -39.12
N LEU D 37 39.94 10.33 -38.45
CA LEU D 37 38.83 9.86 -37.63
C LEU D 37 37.59 9.53 -38.45
N ASN D 38 37.56 9.91 -39.73
CA ASN D 38 36.48 9.55 -40.64
C ASN D 38 36.70 8.16 -41.22
N ALA D 39 37.92 7.91 -41.72
CA ALA D 39 38.32 6.55 -42.06
C ALA D 39 38.38 5.66 -40.81
N VAL D 40 38.76 6.25 -39.67
CA VAL D 40 38.82 5.49 -38.43
C VAL D 40 37.42 5.03 -38.02
N GLU D 41 36.43 5.91 -38.14
CA GLU D 41 35.05 5.50 -37.89
C GLU D 41 34.62 4.40 -38.85
N LYS D 42 34.98 4.54 -40.13
CA LYS D 42 34.65 3.51 -41.11
C LYS D 42 35.48 2.24 -40.87
N GLY D 43 36.78 2.41 -40.64
CA GLY D 43 37.63 1.29 -40.29
C GLY D 43 38.13 0.46 -41.45
N ASP D 44 37.94 0.90 -42.69
CA ASP D 44 38.44 0.15 -43.83
C ASP D 44 39.97 0.09 -43.80
N TYR D 45 40.52 -1.11 -44.02
CA TYR D 45 41.96 -1.30 -43.89
C TYR D 45 42.73 -0.64 -45.02
N ALA D 46 42.13 -0.50 -46.21
CA ALA D 46 42.75 0.33 -47.24
C ALA D 46 42.85 1.78 -46.79
N THR D 47 41.79 2.28 -46.16
CA THR D 47 41.86 3.61 -45.55
C THR D 47 42.83 3.63 -44.39
N VAL D 48 43.06 2.48 -43.74
CA VAL D 48 44.08 2.41 -42.70
C VAL D 48 45.48 2.57 -43.31
N LYS D 49 45.72 1.94 -44.46
CA LYS D 49 46.98 2.15 -45.17
C LYS D 49 47.13 3.60 -45.60
N GLN D 50 46.03 4.21 -46.05
CA GLN D 50 46.07 5.63 -46.39
C GLN D 50 46.39 6.49 -45.17
N ALA D 51 45.83 6.14 -44.02
CA ALA D 51 46.14 6.87 -42.79
C ALA D 51 47.60 6.70 -42.39
N LEU D 52 48.15 5.50 -42.58
CA LEU D 52 49.57 5.27 -42.32
C LEU D 52 50.43 6.13 -43.24
N GLN D 53 50.04 6.21 -44.52
CA GLN D 53 50.77 7.06 -45.46
C GLN D 53 50.69 8.52 -45.03
N GLU D 54 49.52 8.97 -44.59
CA GLU D 54 49.37 10.35 -44.12
C GLU D 54 50.23 10.60 -42.88
N ALA D 55 50.30 9.62 -41.98
CA ALA D 55 51.14 9.75 -40.80
C ALA D 55 52.61 9.85 -41.19
N GLU D 56 53.04 9.07 -42.18
CA GLU D 56 54.40 9.19 -42.69
C GLU D 56 54.63 10.57 -43.30
N ILE D 57 53.61 11.11 -43.99
CA ILE D 57 53.70 12.45 -44.54
C ILE D 57 53.90 13.48 -43.43
N TYR D 58 53.18 13.31 -42.32
CA TYR D 58 53.29 14.22 -41.18
C TYR D 58 54.74 14.33 -40.68
N ILE D 63 46.68 12.01 -36.47
CA ILE D 63 47.14 10.89 -35.68
C ILE D 63 46.73 11.05 -34.22
N ASN D 64 47.05 12.20 -33.63
CA ASN D 64 46.63 12.52 -32.27
C ASN D 64 45.39 13.39 -32.22
N CYS D 65 44.78 13.68 -33.37
CA CYS D 65 43.58 14.51 -33.41
C CYS D 65 42.43 13.81 -32.69
N MET D 66 41.59 14.61 -32.03
CA MET D 66 40.50 14.10 -31.21
C MET D 66 39.16 14.57 -31.75
N ASP D 67 38.14 13.74 -31.57
CA ASP D 67 36.77 14.11 -31.90
C ASP D 67 36.27 15.12 -30.88
N PRO D 68 35.17 15.83 -31.18
CA PRO D 68 34.62 16.78 -30.20
C PRO D 68 34.33 16.17 -28.84
N LEU D 69 34.16 14.85 -28.77
CA LEU D 69 34.03 14.17 -27.48
C LEU D 69 35.35 14.08 -26.73
N GLY D 70 36.48 14.44 -27.36
CA GLY D 70 37.77 14.39 -26.73
C GLY D 70 38.52 13.09 -26.90
N ARG D 71 37.94 12.10 -27.56
CA ARG D 71 38.59 10.80 -27.73
C ARG D 71 39.54 10.85 -28.91
N SER D 72 40.78 10.43 -28.69
CA SER D 72 41.78 10.42 -29.75
C SER D 72 41.57 9.22 -30.67
N ALA D 73 42.53 9.01 -31.57
CA ALA D 73 42.44 7.92 -32.53
C ALA D 73 42.47 6.56 -31.83
N LEU D 74 43.30 6.43 -30.79
CA LEU D 74 43.45 5.15 -30.11
C LEU D 74 42.14 4.73 -29.44
N LEU D 75 41.46 5.66 -28.77
CA LEU D 75 40.25 5.32 -28.06
C LEU D 75 39.13 4.92 -29.02
N ILE D 76 38.95 5.67 -30.11
CA ILE D 76 37.90 5.34 -31.07
C ILE D 76 38.23 4.06 -31.81
N ALA D 77 39.53 3.79 -32.02
CA ALA D 77 39.94 2.51 -32.57
C ALA D 77 39.61 1.36 -31.62
N ILE D 78 39.80 1.59 -30.32
CA ILE D 78 39.40 0.60 -29.32
C ILE D 78 37.91 0.34 -29.39
N GLU D 79 37.12 1.41 -29.54
CA GLU D 79 35.68 1.25 -29.69
C GLU D 79 35.33 0.44 -30.93
N ASN D 80 36.05 0.68 -32.04
CA ASN D 80 35.80 -0.07 -33.27
C ASN D 80 36.19 -1.53 -33.16
N GLU D 81 36.96 -1.90 -32.13
CA GLU D 81 37.38 -3.28 -31.89
C GLU D 81 38.13 -3.86 -33.09
N ASN D 82 39.13 -3.14 -33.58
CA ASN D 82 40.01 -3.62 -34.64
C ASN D 82 41.41 -3.69 -34.06
N LEU D 83 41.86 -4.91 -33.74
CA LEU D 83 43.14 -5.07 -33.07
C LEU D 83 44.31 -4.65 -33.96
N GLU D 84 44.21 -4.91 -35.26
CA GLU D 84 45.28 -4.51 -36.18
C GLU D 84 45.44 -3.00 -36.23
N ILE D 85 44.32 -2.26 -36.24
CA ILE D 85 44.37 -0.81 -36.24
C ILE D 85 45.06 -0.30 -34.98
N MET D 86 44.69 -0.86 -33.83
CA MET D 86 45.30 -0.43 -32.56
C MET D 86 46.79 -0.76 -32.55
N GLU D 87 47.18 -1.91 -33.07
CA GLU D 87 48.60 -2.26 -33.15
C GLU D 87 49.36 -1.28 -34.03
N LEU D 88 48.78 -0.92 -35.18
CA LEU D 88 49.45 0.04 -36.06
C LEU D 88 49.55 1.41 -35.41
N LEU D 89 48.53 1.82 -34.66
CA LEU D 89 48.60 3.08 -33.94
C LEU D 89 49.70 3.06 -32.89
N LEU D 90 49.85 1.94 -32.19
CA LEU D 90 50.92 1.83 -31.19
C LEU D 90 52.30 1.88 -31.85
N ASN D 91 52.44 1.28 -33.03
CA ASN D 91 53.70 1.35 -33.75
C ASN D 91 54.06 2.79 -34.12
N HIS D 92 53.05 3.60 -34.46
CA HIS D 92 53.27 5.02 -34.73
C HIS D 92 53.56 5.81 -33.46
N SER D 93 53.41 5.19 -32.29
CA SER D 93 53.77 5.78 -30.99
C SER D 93 52.89 6.97 -30.66
N VAL D 94 51.57 6.82 -30.82
CA VAL D 94 50.64 7.82 -30.34
C VAL D 94 50.59 7.77 -28.82
N TYR D 95 50.04 8.82 -28.22
CA TYR D 95 49.97 8.89 -26.76
C TYR D 95 49.00 7.87 -26.23
N VAL D 96 49.51 6.93 -25.41
CA VAL D 96 48.66 5.89 -24.84
C VAL D 96 47.64 6.50 -23.88
N GLY D 97 48.11 7.34 -22.97
CA GLY D 97 47.21 8.00 -22.02
C GLY D 97 46.47 6.99 -21.17
N ASP D 98 45.15 7.15 -21.11
CA ASP D 98 44.27 6.27 -20.33
C ASP D 98 43.60 5.21 -21.19
N ALA D 99 44.28 4.75 -22.24
CA ALA D 99 43.67 3.78 -23.15
C ALA D 99 43.36 2.47 -22.43
N LEU D 100 44.22 2.05 -21.50
CA LEU D 100 43.96 0.83 -20.75
C LEU D 100 42.69 0.96 -19.91
N LEU D 101 42.50 2.10 -19.25
CA LEU D 101 41.31 2.30 -18.44
C LEU D 101 40.06 2.32 -19.30
N TYR D 102 40.12 2.95 -20.47
CA TYR D 102 38.97 2.98 -21.37
C TYR D 102 38.64 1.59 -21.90
N ALA D 103 39.67 0.80 -22.22
CA ALA D 103 39.45 -0.57 -22.67
C ALA D 103 38.83 -1.41 -21.57
N ILE D 104 39.29 -1.23 -20.33
CA ILE D 104 38.70 -1.95 -19.20
C ILE D 104 37.25 -1.55 -19.00
N ARG D 105 36.96 -0.25 -19.13
CA ARG D 105 35.58 0.22 -19.01
C ARG D 105 34.71 -0.34 -20.13
N LYS D 106 35.25 -0.41 -21.35
CA LYS D 106 34.51 -0.99 -22.46
C LYS D 106 34.33 -2.49 -22.32
N GLU D 107 35.08 -3.13 -21.41
CA GLU D 107 34.95 -4.55 -21.09
C GLU D 107 35.22 -5.44 -22.31
N VAL D 108 36.16 -5.05 -23.16
CA VAL D 108 36.58 -5.86 -24.29
C VAL D 108 37.91 -6.53 -23.95
N VAL D 109 37.91 -7.86 -23.95
CA VAL D 109 39.08 -8.60 -23.49
C VAL D 109 40.23 -8.49 -24.49
N GLY D 110 39.93 -8.52 -25.78
CA GLY D 110 40.98 -8.50 -26.78
C GLY D 110 41.80 -7.22 -26.76
N ALA D 111 41.12 -6.07 -26.64
CA ALA D 111 41.83 -4.80 -26.58
C ALA D 111 42.68 -4.71 -25.31
N VAL D 112 42.15 -5.21 -24.19
CA VAL D 112 42.92 -5.19 -22.95
C VAL D 112 44.17 -6.05 -23.08
N GLU D 113 44.03 -7.24 -23.68
CA GLU D 113 45.20 -8.09 -23.90
C GLU D 113 46.22 -7.43 -24.81
N LEU D 114 45.75 -6.80 -25.88
CA LEU D 114 46.66 -6.13 -26.81
C LEU D 114 47.39 -4.99 -26.13
N LEU D 115 46.67 -4.19 -25.31
CA LEU D 115 47.31 -3.09 -24.60
C LEU D 115 48.32 -3.60 -23.57
N LEU D 116 47.99 -4.72 -22.91
CA LEU D 116 48.94 -5.32 -21.98
C LEU D 116 50.19 -5.79 -22.71
N SER D 117 50.03 -6.37 -23.90
CA SER D 117 51.16 -6.82 -24.69
C SER D 117 51.95 -5.64 -25.25
N PHE D 136 40.44 17.52 -20.20
CA PHE D 136 39.30 16.79 -19.58
C PHE D 136 39.67 15.32 -19.39
N SER D 137 39.70 14.86 -18.14
CA SER D 137 40.00 13.44 -17.85
C SER D 137 38.72 12.74 -17.39
N GLU D 138 38.36 11.62 -18.03
CA GLU D 138 37.09 10.90 -17.69
C GLU D 138 37.14 10.36 -16.26
N PHE D 139 38.29 9.84 -15.82
CA PHE D 139 38.35 9.17 -14.49
C PHE D 139 39.09 10.03 -13.46
N THR D 140 38.77 9.87 -12.17
CA THR D 140 39.48 10.58 -11.13
C THR D 140 40.93 10.11 -11.08
N PRO D 141 41.86 10.99 -10.69
CA PRO D 141 43.29 10.63 -10.76
C PRO D 141 43.69 9.44 -9.90
N ASP D 142 42.91 9.09 -8.87
CA ASP D 142 43.25 7.97 -8.01
C ASP D 142 42.87 6.62 -8.60
N ILE D 143 42.18 6.60 -9.73
CA ILE D 143 41.72 5.34 -10.31
C ILE D 143 42.90 4.59 -10.92
N THR D 144 43.03 3.31 -10.57
CA THR D 144 43.99 2.39 -11.14
C THR D 144 43.27 1.33 -11.96
N PRO D 145 43.97 0.69 -12.91
CA PRO D 145 43.30 -0.33 -13.73
C PRO D 145 42.67 -1.45 -12.93
N ILE D 146 43.32 -1.91 -11.85
CA ILE D 146 42.77 -3.00 -11.06
C ILE D 146 41.51 -2.55 -10.34
N MET D 147 41.51 -1.32 -9.82
CA MET D 147 40.31 -0.81 -9.15
C MET D 147 39.14 -0.70 -10.11
N LEU D 148 39.38 -0.21 -11.33
CA LEU D 148 38.31 -0.11 -12.32
C LEU D 148 37.82 -1.50 -12.71
N ALA D 149 38.73 -2.46 -12.88
CA ALA D 149 38.32 -3.81 -13.23
C ALA D 149 37.47 -4.43 -12.12
N ALA D 150 37.84 -4.20 -10.86
CA ALA D 150 37.02 -4.69 -9.76
C ALA D 150 35.67 -4.00 -9.73
N HIS D 151 35.63 -2.71 -10.09
CA HIS D 151 34.36 -2.00 -10.16
C HIS D 151 33.45 -2.60 -11.22
N THR D 152 34.01 -2.96 -12.38
CA THR D 152 33.20 -3.54 -13.45
C THR D 152 32.76 -4.96 -13.14
N ASN D 153 33.46 -5.66 -12.24
CA ASN D 153 33.13 -7.04 -11.86
C ASN D 153 33.14 -7.97 -13.06
N ASN D 154 34.21 -7.90 -13.86
CA ASN D 154 34.41 -8.79 -14.98
C ASN D 154 35.43 -9.85 -14.59
N TYR D 155 35.00 -11.11 -14.55
CA TYR D 155 35.86 -12.17 -14.02
C TYR D 155 37.10 -12.36 -14.89
N GLU D 156 36.94 -12.33 -16.22
CA GLU D 156 38.06 -12.60 -17.11
C GLU D 156 39.11 -11.50 -17.03
N ILE D 157 38.69 -10.24 -17.05
CA ILE D 157 39.63 -9.14 -17.02
C ILE D 157 40.33 -9.06 -15.67
N ILE D 158 39.59 -9.31 -14.58
CA ILE D 158 40.20 -9.33 -13.26
C ILE D 158 41.22 -10.45 -13.15
N LYS D 159 40.89 -11.62 -13.73
CA LYS D 159 41.85 -12.72 -13.75
C LYS D 159 43.10 -12.35 -14.55
N LEU D 160 42.93 -11.66 -15.67
CA LEU D 160 44.08 -11.23 -16.47
C LEU D 160 44.96 -10.27 -15.69
N LEU D 161 44.37 -9.24 -15.09
CA LEU D 161 45.16 -8.22 -14.40
C LEU D 161 45.83 -8.78 -13.15
N VAL D 162 45.12 -9.63 -12.40
CA VAL D 162 45.66 -10.16 -11.16
C VAL D 162 46.81 -11.14 -11.41
N GLN D 163 46.95 -11.63 -12.64
CA GLN D 163 48.10 -12.45 -12.97
C GLN D 163 49.39 -11.65 -12.93
N LYS D 164 49.31 -10.35 -13.18
CA LYS D 164 50.45 -9.45 -13.13
C LYS D 164 50.82 -9.06 -11.71
N ARG D 165 50.06 -9.52 -10.72
CA ARG D 165 50.32 -9.25 -9.30
C ARG D 165 50.20 -7.76 -8.97
N VAL D 166 49.04 -7.19 -9.28
CA VAL D 166 48.75 -5.82 -8.90
C VAL D 166 48.38 -5.76 -7.41
N THR D 167 48.36 -4.54 -6.87
CA THR D 167 48.04 -4.34 -5.47
C THR D 167 47.02 -3.21 -5.33
N ILE D 168 46.29 -3.24 -4.22
CA ILE D 168 45.33 -2.20 -3.87
C ILE D 168 45.72 -1.65 -2.52
N PRO D 169 45.84 -0.32 -2.37
CA PRO D 169 46.20 0.24 -1.06
C PRO D 169 45.15 -0.10 -0.01
N ARG D 170 45.61 -0.41 1.19
CA ARG D 170 44.70 -0.77 2.26
C ARG D 170 44.15 0.48 2.94
N PRO D 171 42.93 0.40 3.47
CA PRO D 171 42.34 1.55 4.15
C PRO D 171 42.62 1.53 5.66
N HIS D 172 42.62 2.74 6.23
CA HIS D 172 42.85 2.85 7.69
C HIS D 172 41.54 2.56 8.42
N GLN D 173 41.55 2.67 9.74
CA GLN D 173 40.37 2.41 10.54
C GLN D 173 39.35 3.53 10.37
N ILE D 174 38.10 3.22 10.73
CA ILE D 174 37.01 4.18 10.56
C ILE D 174 37.23 5.40 11.47
N ARG D 175 37.93 5.21 12.58
CA ARG D 175 38.17 6.26 13.56
C ARG D 175 39.64 6.64 13.67
N CYS D 176 40.40 6.39 12.60
CA CYS D 176 41.87 6.63 12.62
C CYS D 176 42.19 8.10 12.85
N ASN D 177 43.07 8.38 13.81
CA ASN D 177 43.51 9.74 14.10
C ASN D 177 45.04 9.74 14.05
N CYS D 178 45.56 9.89 12.83
CA CYS D 178 47.04 9.92 12.65
C CYS D 178 47.41 11.18 11.87
N VAL D 179 48.68 11.38 11.58
CA VAL D 179 49.16 12.59 10.91
C VAL D 179 48.65 12.63 9.47
N GLU D 180 48.81 11.53 8.74
CA GLU D 180 48.42 11.51 7.33
C GLU D 180 46.91 11.69 7.16
N CYS D 181 46.13 10.99 7.99
CA CYS D 181 44.65 11.07 7.88
C CYS D 181 44.19 12.51 8.14
N VAL D 182 44.69 13.13 9.21
CA VAL D 182 44.29 14.50 9.54
C VAL D 182 44.74 15.47 8.47
N SER D 183 45.97 15.33 7.98
CA SER D 183 46.47 16.23 6.95
C SER D 183 45.62 16.12 5.69
N SER D 184 45.31 14.90 5.27
CA SER D 184 44.49 14.72 4.07
C SER D 184 43.08 15.28 4.26
N SER D 185 42.48 15.03 5.42
CA SER D 185 41.11 15.49 5.65
C SER D 185 41.03 17.01 5.69
N GLU D 186 41.97 17.67 6.37
CA GLU D 186 41.97 19.13 6.41
C GLU D 186 42.31 19.73 5.05
N VAL D 187 43.28 19.16 4.33
CA VAL D 187 43.67 19.73 3.04
C VAL D 187 42.55 19.56 2.02
N ASP D 188 41.99 18.36 1.91
CA ASP D 188 40.92 18.08 0.94
C ASP D 188 40.10 16.92 1.49
N SER D 189 38.90 17.23 1.99
CA SER D 189 38.05 16.20 2.58
C SER D 189 37.23 15.45 1.55
N LEU D 190 36.74 16.15 0.52
CA LEU D 190 35.93 15.50 -0.50
C LEU D 190 36.73 14.45 -1.26
N ARG D 191 37.96 14.79 -1.64
CA ARG D 191 38.81 13.83 -2.35
C ARG D 191 39.16 12.65 -1.45
N HIS D 192 39.42 12.91 -0.17
CA HIS D 192 39.71 11.84 0.78
C HIS D 192 38.54 10.86 0.87
N SER D 193 37.32 11.40 1.04
CA SER D 193 36.15 10.54 1.14
C SER D 193 35.92 9.76 -0.15
N ARG D 194 36.09 10.42 -1.30
CA ARG D 194 35.89 9.73 -2.58
C ARG D 194 36.91 8.62 -2.77
N SER D 195 38.16 8.86 -2.41
CA SER D 195 39.18 7.81 -2.53
C SER D 195 38.88 6.63 -1.62
N ARG D 196 38.47 6.91 -0.37
CA ARG D 196 38.13 5.82 0.53
C ARG D 196 36.95 5.02 -0.01
N LEU D 197 35.92 5.70 -0.52
CA LEU D 197 34.77 5.00 -1.07
C LEU D 197 35.15 4.17 -2.28
N ASN D 198 36.01 4.70 -3.15
CA ASN D 198 36.44 3.94 -4.32
C ASN D 198 37.21 2.69 -3.91
N ILE D 199 38.09 2.81 -2.92
CA ILE D 199 38.85 1.64 -2.47
C ILE D 199 37.90 0.59 -1.89
N TYR D 200 36.96 1.02 -1.06
CA TYR D 200 36.04 0.06 -0.44
C TYR D 200 35.11 -0.59 -1.46
N LYS D 201 34.73 0.17 -2.49
CA LYS D 201 33.90 -0.40 -3.56
C LYS D 201 34.69 -1.39 -4.40
N ALA D 202 35.97 -1.13 -4.61
CA ALA D 202 36.82 -2.10 -5.32
C ALA D 202 37.01 -3.38 -4.51
N LEU D 203 37.21 -3.25 -3.20
CA LEU D 203 37.49 -4.42 -2.37
C LEU D 203 36.27 -5.34 -2.21
N ALA D 204 35.06 -4.85 -2.49
CA ALA D 204 33.84 -5.61 -2.27
C ALA D 204 33.32 -6.26 -3.54
N SER D 205 34.18 -6.53 -4.50
CA SER D 205 33.75 -7.19 -5.74
C SER D 205 33.70 -8.71 -5.53
N PRO D 206 32.56 -9.35 -5.82
CA PRO D 206 32.49 -10.81 -5.63
C PRO D 206 33.54 -11.58 -6.42
N SER D 207 33.84 -11.15 -7.65
CA SER D 207 34.85 -11.83 -8.45
C SER D 207 36.23 -11.70 -7.83
N LEU D 208 36.58 -10.51 -7.35
CA LEU D 208 37.88 -10.31 -6.69
C LEU D 208 37.98 -11.15 -5.42
N ILE D 209 36.90 -11.19 -4.63
CA ILE D 209 36.89 -12.01 -3.42
C ILE D 209 37.07 -13.48 -3.76
N ALA D 210 36.37 -13.95 -4.80
CA ALA D 210 36.49 -15.34 -5.19
C ALA D 210 37.91 -15.68 -5.65
N LEU D 211 38.52 -14.77 -6.42
CA LEU D 211 39.84 -15.06 -6.98
C LEU D 211 40.94 -14.98 -5.93
N SER D 212 40.94 -13.93 -5.10
CA SER D 212 42.11 -13.59 -4.31
C SER D 212 42.01 -13.89 -2.82
N SER D 213 40.84 -14.29 -2.31
CA SER D 213 40.70 -14.54 -0.89
C SER D 213 40.89 -16.01 -0.57
N GLU D 214 41.54 -16.28 0.56
CA GLU D 214 41.72 -17.65 1.01
C GLU D 214 40.42 -18.23 1.55
N ASP D 215 39.64 -17.42 2.28
CA ASP D 215 38.34 -17.82 2.83
C ASP D 215 37.32 -16.80 2.36
N PRO D 216 36.70 -17.03 1.20
CA PRO D 216 35.74 -16.03 0.68
C PRO D 216 34.55 -15.77 1.59
N ILE D 217 34.06 -16.79 2.30
CA ILE D 217 32.87 -16.61 3.13
C ILE D 217 33.19 -15.70 4.32
N LEU D 218 34.29 -15.97 5.01
CA LEU D 218 34.68 -15.12 6.14
C LEU D 218 35.00 -13.71 5.70
N THR D 219 35.67 -13.59 4.54
CA THR D 219 35.95 -12.26 4.00
C THR D 219 34.66 -11.50 3.71
N ALA D 220 33.67 -12.18 3.12
CA ALA D 220 32.39 -11.54 2.85
C ALA D 220 31.70 -11.11 4.15
N PHE D 221 31.73 -11.97 5.16
CA PHE D 221 31.13 -11.62 6.45
C PHE D 221 31.78 -10.35 7.03
N ARG D 222 33.11 -10.36 7.13
CA ARG D 222 33.82 -9.24 7.74
C ARG D 222 33.65 -7.96 6.93
N LEU D 223 33.72 -8.06 5.60
CA LEU D 223 33.56 -6.87 4.77
C LEU D 223 32.15 -6.31 4.89
N GLY D 224 31.13 -7.18 4.91
CA GLY D 224 29.77 -6.69 5.10
C GLY D 224 29.59 -5.99 6.42
N TRP D 225 30.11 -6.57 7.50
CA TRP D 225 30.00 -5.93 8.81
C TRP D 225 30.71 -4.57 8.82
N GLU D 226 31.93 -4.53 8.29
CA GLU D 226 32.70 -3.28 8.30
C GLU D 226 32.03 -2.21 7.45
N LEU D 227 31.46 -2.60 6.31
CA LEU D 227 30.78 -1.62 5.45
C LEU D 227 29.48 -1.15 6.09
N LYS D 228 28.80 -2.03 6.82
CA LYS D 228 27.61 -1.59 7.56
C LYS D 228 27.97 -0.59 8.64
N GLU D 229 29.12 -0.80 9.29
CA GLU D 229 29.53 0.11 10.40
C GLU D 229 29.95 1.47 9.82
N LEU D 230 30.51 1.48 8.60
CA LEU D 230 30.98 2.73 8.01
C LEU D 230 29.85 3.64 7.57
N SER D 231 28.66 3.07 7.33
CA SER D 231 27.55 3.87 6.84
C SER D 231 27.08 4.88 7.87
N LYS D 232 27.21 4.56 9.16
CA LYS D 232 26.77 5.47 10.21
C LYS D 232 27.74 6.64 10.37
N VAL D 233 29.04 6.38 10.32
CA VAL D 233 30.02 7.45 10.47
C VAL D 233 29.99 8.38 9.26
N GLU D 234 29.98 7.81 8.06
CA GLU D 234 29.96 8.61 6.82
C GLU D 234 28.51 8.75 6.37
N ASN D 235 27.84 9.76 6.92
CA ASN D 235 26.43 9.97 6.63
C ASN D 235 26.19 10.40 5.19
N GLU D 236 27.18 11.04 4.56
CA GLU D 236 27.01 11.53 3.20
C GLU D 236 26.87 10.38 2.22
N PHE D 237 27.57 9.27 2.45
CA PHE D 237 27.55 8.12 1.56
C PHE D 237 26.85 6.91 2.17
N LYS D 238 25.75 7.13 2.89
CA LYS D 238 25.04 6.04 3.57
C LYS D 238 24.52 5.01 2.58
N ALA D 239 23.91 5.47 1.49
CA ALA D 239 23.27 4.56 0.53
C ALA D 239 24.29 3.66 -0.15
N GLU D 240 25.44 4.21 -0.54
CA GLU D 240 26.45 3.42 -1.22
C GLU D 240 26.99 2.31 -0.32
N TYR D 241 27.29 2.65 0.94
CA TYR D 241 27.82 1.65 1.86
C TYR D 241 26.77 0.59 2.18
N GLU D 242 25.51 0.99 2.33
CA GLU D 242 24.45 0.01 2.55
C GLU D 242 24.32 -0.94 1.37
N GLU D 243 24.40 -0.39 0.15
CA GLU D 243 24.32 -1.24 -1.04
C GLU D 243 25.50 -2.21 -1.10
N LEU D 244 26.70 -1.75 -0.76
CA LEU D 244 27.86 -2.63 -0.77
C LEU D 244 27.71 -3.75 0.26
N SER D 245 27.22 -3.42 1.46
CA SER D 245 27.01 -4.45 2.47
C SER D 245 25.97 -5.47 2.01
N GLN D 246 24.88 -5.01 1.40
CA GLN D 246 23.87 -5.92 0.88
C GLN D 246 24.47 -6.83 -0.20
N GLN D 247 25.31 -6.27 -1.07
CA GLN D 247 25.95 -7.08 -2.11
C GLN D 247 26.84 -8.16 -1.51
N CYS D 248 27.60 -7.81 -0.46
CA CYS D 248 28.44 -8.81 0.20
C CYS D 248 27.61 -9.93 0.82
N LYS D 249 26.52 -9.55 1.50
CA LYS D 249 25.64 -10.55 2.10
C LYS D 249 25.06 -11.49 1.03
N LEU D 250 24.61 -10.91 -0.09
CA LEU D 250 24.04 -11.72 -1.15
C LEU D 250 25.07 -12.64 -1.77
N PHE D 251 26.31 -12.17 -1.93
CA PHE D 251 27.36 -13.02 -2.46
C PHE D 251 27.61 -14.22 -1.55
N ALA D 252 27.68 -13.97 -0.24
CA ALA D 252 27.90 -15.08 0.68
C ALA D 252 26.75 -16.10 0.63
N LYS D 253 25.50 -15.59 0.61
CA LYS D 253 24.35 -16.50 0.55
C LYS D 253 24.35 -17.32 -0.73
N ASP D 254 24.62 -16.66 -1.87
CA ASP D 254 24.62 -17.36 -3.14
C ASP D 254 25.77 -18.36 -3.23
N LEU D 255 26.91 -18.07 -2.61
CA LEU D 255 27.98 -19.06 -2.54
C LEU D 255 27.56 -20.27 -1.72
N LEU D 256 26.84 -20.05 -0.62
CA LEU D 256 26.33 -21.18 0.14
C LEU D 256 25.30 -21.98 -0.65
N ASP D 257 24.55 -21.32 -1.52
CA ASP D 257 23.45 -21.96 -2.25
C ASP D 257 23.88 -23.05 -3.22
N GLN D 258 25.19 -23.30 -3.36
CA GLN D 258 25.70 -24.21 -4.39
C GLN D 258 26.18 -25.53 -3.82
N ALA D 259 25.76 -25.90 -2.62
CA ALA D 259 26.10 -27.19 -2.06
C ALA D 259 25.26 -28.30 -2.70
N ARG D 260 25.89 -29.44 -2.99
CA ARG D 260 25.22 -30.54 -3.65
C ARG D 260 25.12 -31.79 -2.80
N SER D 261 25.63 -31.77 -1.57
CA SER D 261 25.54 -32.94 -0.70
C SER D 261 25.61 -32.49 0.75
N SER D 262 25.21 -33.38 1.64
CA SER D 262 25.23 -33.04 3.06
C SER D 262 26.65 -33.02 3.62
N ARG D 263 27.55 -33.84 3.04
CA ARG D 263 28.94 -33.84 3.50
C ARG D 263 29.59 -32.49 3.26
N GLU D 264 29.37 -31.89 2.08
CA GLU D 264 29.90 -30.57 1.81
C GLU D 264 29.32 -29.54 2.76
N LEU D 265 28.02 -29.64 3.06
CA LEU D 265 27.40 -28.69 3.97
C LEU D 265 27.99 -28.80 5.38
N GLU D 266 28.21 -30.03 5.86
CA GLU D 266 28.84 -30.20 7.16
C GLU D 266 30.26 -29.65 7.17
N ILE D 267 31.02 -29.90 6.09
CA ILE D 267 32.38 -29.39 6.02
C ILE D 267 32.39 -27.86 6.07
N ILE D 268 31.47 -27.23 5.32
CA ILE D 268 31.41 -25.77 5.31
C ILE D 268 31.01 -25.23 6.69
N LEU D 269 30.00 -25.83 7.31
CA LEU D 269 29.44 -25.28 8.54
C LEU D 269 30.32 -25.54 9.76
N ASN D 270 31.09 -26.62 9.76
CA ASN D 270 31.88 -26.98 10.93
C ASN D 270 33.31 -26.45 10.89
N HIS D 271 33.66 -25.66 9.89
CA HIS D 271 35.03 -25.18 9.75
C HIS D 271 35.36 -24.18 10.84
N ARG D 272 36.52 -24.36 11.46
CA ARG D 272 37.07 -23.42 12.44
C ARG D 272 38.39 -22.88 11.90
N ASP D 273 38.55 -21.56 11.96
CA ASP D 273 39.75 -20.90 11.44
C ASP D 273 41.02 -21.42 12.11
N ASP D 286 30.59 -28.63 15.97
CA ASP D 286 30.43 -27.53 16.91
C ASP D 286 29.75 -26.34 16.25
N LEU D 287 29.68 -26.36 14.92
CA LEU D 287 29.02 -25.33 14.13
C LEU D 287 29.66 -23.96 14.37
N ALA D 288 30.96 -23.87 14.08
CA ALA D 288 31.69 -22.62 14.28
C ALA D 288 31.29 -21.58 13.24
N LYS D 289 31.15 -21.99 11.98
CA LYS D 289 30.78 -21.04 10.93
C LYS D 289 29.38 -20.49 11.16
N LEU D 290 28.47 -21.32 11.66
CA LEU D 290 27.12 -20.85 11.96
C LEU D 290 27.15 -19.81 13.07
N LYS D 291 27.98 -20.03 14.10
CA LYS D 291 28.11 -19.05 15.18
C LYS D 291 28.72 -17.75 14.67
N VAL D 292 29.70 -17.83 13.78
CA VAL D 292 30.28 -16.62 13.21
C VAL D 292 29.25 -15.87 12.37
N ALA D 293 28.42 -16.60 11.62
CA ALA D 293 27.37 -15.97 10.84
C ALA D 293 26.35 -15.28 11.74
N ILE D 294 25.99 -15.93 12.85
CA ILE D 294 25.04 -15.34 13.80
C ILE D 294 25.64 -14.09 14.42
N LYS D 295 26.93 -14.11 14.74
CA LYS D 295 27.58 -12.97 15.36
C LYS D 295 27.57 -11.74 14.44
N TYR D 296 27.61 -11.94 13.13
CA TYR D 296 27.67 -10.85 12.17
C TYR D 296 26.32 -10.51 11.56
N HIS D 297 25.22 -11.05 12.10
CA HIS D 297 23.87 -10.73 11.68
C HIS D 297 23.63 -11.10 10.21
N GLN D 298 24.02 -12.34 9.86
CA GLN D 298 23.80 -12.85 8.51
C GLN D 298 22.50 -13.65 8.51
N LYS D 299 21.39 -12.92 8.36
CA LYS D 299 20.08 -13.53 8.48
C LYS D 299 19.76 -14.42 7.28
N GLU D 300 20.06 -13.95 6.07
CA GLU D 300 19.75 -14.72 4.88
C GLU D 300 20.60 -15.98 4.79
N PHE D 301 21.86 -15.90 5.23
CA PHE D 301 22.72 -17.08 5.25
C PHE D 301 22.17 -18.13 6.20
N VAL D 302 21.73 -17.72 7.39
CA VAL D 302 21.24 -18.67 8.38
C VAL D 302 19.92 -19.29 7.94
N ALA D 303 19.04 -18.50 7.34
CA ALA D 303 17.69 -18.94 6.99
C ALA D 303 17.65 -19.75 5.70
N GLN D 304 18.78 -20.23 5.21
CA GLN D 304 18.78 -21.06 4.01
C GLN D 304 18.09 -22.39 4.32
N PRO D 305 17.29 -22.93 3.38
CA PRO D 305 16.53 -24.15 3.70
C PRO D 305 17.37 -25.35 4.08
N ASN D 306 18.55 -25.52 3.47
CA ASN D 306 19.38 -26.67 3.79
C ASN D 306 19.99 -26.55 5.19
N CYS D 307 20.47 -25.36 5.54
CA CYS D 307 20.98 -25.13 6.89
C CYS D 307 19.87 -25.29 7.91
N GLN D 308 18.67 -24.81 7.60
CA GLN D 308 17.54 -24.99 8.51
C GLN D 308 17.19 -26.47 8.68
N GLN D 309 17.27 -27.23 7.60
CA GLN D 309 16.99 -28.67 7.68
C GLN D 309 18.02 -29.38 8.56
N LEU D 310 19.30 -29.03 8.40
CA LEU D 310 20.34 -29.60 9.26
C LEU D 310 20.11 -29.22 10.73
N LEU D 311 19.78 -27.95 10.98
CA LEU D 311 19.50 -27.52 12.34
C LEU D 311 18.29 -28.24 12.92
N ALA D 312 17.27 -28.49 12.10
CA ALA D 312 16.09 -29.21 12.56
C ALA D 312 16.43 -30.66 12.91
N THR D 313 17.24 -31.32 12.08
CA THR D 313 17.60 -32.70 12.40
C THR D 313 18.51 -32.77 13.62
N LEU D 314 19.26 -31.69 13.90
CA LEU D 314 20.03 -31.64 15.14
C LEU D 314 19.14 -31.40 16.35
N TRP D 315 18.12 -30.55 16.19
CA TRP D 315 17.29 -30.12 17.31
C TRP D 315 16.29 -31.19 17.72
N TYR D 316 15.76 -31.94 16.76
CA TYR D 316 14.74 -32.95 17.01
C TYR D 316 15.32 -34.32 17.29
N ASP D 317 16.53 -34.39 17.83
CA ASP D 317 17.17 -35.67 18.09
C ASP D 317 16.36 -36.49 19.08
N GLY D 318 16.27 -37.80 18.80
CA GLY D 318 15.50 -38.70 19.62
C GLY D 318 14.06 -38.90 19.19
N PHE D 319 13.56 -38.06 18.27
CA PHE D 319 12.17 -38.13 17.80
C PHE D 319 12.18 -38.23 16.28
N PRO D 320 12.52 -39.40 15.65
CA PRO D 320 12.46 -39.52 14.20
C PRO D 320 11.02 -39.38 13.67
N GLY D 321 10.86 -38.79 12.49
CA GLY D 321 9.52 -38.61 11.90
C GLY D 321 8.59 -37.80 12.79
N TRP D 322 9.12 -36.77 13.44
CA TRP D 322 8.29 -35.89 14.30
C TRP D 322 7.24 -35.18 13.43
N ARG D 323 7.64 -34.72 12.23
CA ARG D 323 6.71 -34.00 11.32
C ARG D 323 5.56 -34.94 10.90
N ARG D 324 5.85 -36.22 10.68
CA ARG D 324 4.83 -37.20 10.22
C ARG D 324 3.71 -37.31 11.26
N LYS D 325 4.04 -37.25 12.56
CA LYS D 325 3.04 -37.46 13.63
C LYS D 325 1.93 -36.40 13.55
N HIS D 326 0.67 -36.79 13.83
CA HIS D 326 -0.47 -35.83 13.83
C HIS D 326 -0.28 -34.85 14.97
N TRP D 327 -0.93 -33.67 14.93
CA TRP D 327 -0.66 -32.68 15.96
C TRP D 327 -1.19 -33.09 17.32
N VAL D 328 -2.23 -33.91 17.37
CA VAL D 328 -2.72 -34.41 18.66
C VAL D 328 -1.66 -35.27 19.32
N VAL D 329 -0.98 -36.12 18.54
CA VAL D 329 0.09 -36.93 19.09
C VAL D 329 1.24 -36.05 19.58
N LYS D 330 1.55 -34.99 18.83
CA LYS D 330 2.58 -34.05 19.27
C LYS D 330 2.22 -33.42 20.61
N LEU D 331 0.98 -32.97 20.75
CA LEU D 331 0.54 -32.34 22.00
C LEU D 331 0.60 -33.33 23.16
N LEU D 332 0.14 -34.56 22.94
CA LEU D 332 0.18 -35.56 24.00
C LEU D 332 1.62 -35.87 24.41
N THR D 333 2.52 -36.01 23.43
CA THR D 333 3.92 -36.29 23.75
C THR D 333 4.55 -35.15 24.53
N CYS D 334 4.29 -33.90 24.11
CA CYS D 334 4.83 -32.76 24.83
C CYS D 334 4.31 -32.72 26.26
N MET D 335 3.01 -32.95 26.45
CA MET D 335 2.45 -32.91 27.80
C MET D 335 3.04 -34.00 28.69
N THR D 336 3.13 -35.23 28.17
CA THR D 336 3.64 -36.30 29.02
C THR D 336 5.14 -36.17 29.28
N ILE D 337 5.90 -35.57 28.36
CA ILE D 337 7.31 -35.35 28.62
C ILE D 337 7.49 -34.24 29.64
N GLY D 338 6.71 -33.16 29.54
CA GLY D 338 6.83 -32.06 30.47
C GLY D 338 6.31 -32.39 31.85
N PHE D 339 5.41 -33.37 31.95
CA PHE D 339 4.89 -33.77 33.26
C PHE D 339 5.99 -34.37 34.13
N LEU D 340 6.90 -35.15 33.54
CA LEU D 340 7.89 -35.91 34.27
C LEU D 340 9.24 -35.19 34.40
N PHE D 341 9.24 -33.86 34.43
CA PHE D 341 10.51 -33.15 34.52
C PHE D 341 11.30 -33.42 35.81
N PRO D 342 10.69 -33.54 37.00
CA PRO D 342 11.52 -33.81 38.18
C PRO D 342 12.21 -35.17 38.14
N MET D 343 11.50 -36.19 37.64
CA MET D 343 12.11 -37.52 37.54
C MET D 343 13.29 -37.51 36.59
N LEU D 344 13.15 -36.86 35.43
CA LEU D 344 14.25 -36.78 34.48
C LEU D 344 15.43 -36.01 35.06
N SER D 345 15.14 -34.90 35.76
CA SER D 345 16.21 -34.12 36.37
C SER D 345 16.96 -34.93 37.42
N ILE D 346 16.23 -35.66 38.26
CA ILE D 346 16.87 -36.48 39.28
C ILE D 346 17.68 -37.60 38.66
N ALA D 347 17.14 -38.24 37.61
CA ALA D 347 17.85 -39.32 36.94
C ALA D 347 19.15 -38.83 36.33
N TYR D 348 19.13 -37.64 35.70
CA TYR D 348 20.36 -37.06 35.19
C TYR D 348 21.32 -36.72 36.32
N LEU D 349 20.78 -36.25 37.45
CA LEU D 349 21.63 -35.91 38.59
C LEU D 349 22.31 -37.13 39.18
N ILE D 350 21.70 -38.31 39.05
CA ILE D 350 22.25 -39.52 39.66
C ILE D 350 23.12 -40.26 38.66
N SER D 351 22.59 -40.53 37.47
CA SER D 351 23.26 -41.35 36.45
C SER D 351 23.31 -40.55 35.15
N PRO D 352 24.29 -39.67 34.99
CA PRO D 352 24.34 -38.81 33.79
C PRO D 352 24.53 -39.59 32.49
N ARG D 353 25.04 -40.82 32.54
CA ARG D 353 25.32 -41.60 31.33
C ARG D 353 24.37 -42.75 31.09
N SER D 354 23.30 -42.89 31.88
CA SER D 354 22.32 -43.92 31.63
C SER D 354 21.29 -43.44 30.60
N ASN D 355 20.30 -44.29 30.31
CA ASN D 355 19.29 -43.93 29.33
C ASN D 355 18.51 -42.70 29.76
N LEU D 356 18.01 -42.72 31.00
CA LEU D 356 17.29 -41.56 31.53
C LEU D 356 18.21 -40.36 31.65
N GLY D 357 19.48 -40.59 32.00
CA GLY D 357 20.43 -39.49 32.05
C GLY D 357 20.67 -38.84 30.70
N LEU D 358 20.79 -39.65 29.64
CA LEU D 358 20.95 -39.08 28.31
C LEU D 358 19.64 -38.52 27.77
N PHE D 359 18.50 -38.89 28.37
CA PHE D 359 17.22 -38.40 27.86
C PHE D 359 17.13 -36.88 27.94
N ILE D 360 17.60 -36.28 29.03
CA ILE D 360 17.49 -34.84 29.21
C ILE D 360 18.55 -34.06 28.45
N LYS D 361 19.55 -34.74 27.87
CA LYS D 361 20.59 -34.04 27.14
C LYS D 361 20.14 -33.61 25.74
N LYS D 362 19.00 -34.09 25.27
CA LYS D 362 18.53 -33.73 23.93
C LYS D 362 17.88 -32.34 23.96
N PRO D 363 18.17 -31.48 22.98
CA PRO D 363 17.74 -30.08 23.09
C PRO D 363 16.23 -29.89 23.24
N PHE D 364 15.42 -30.65 22.51
CA PHE D 364 13.97 -30.44 22.59
C PHE D 364 13.42 -30.84 23.95
N ILE D 365 13.87 -31.97 24.48
CA ILE D 365 13.43 -32.41 25.80
C ILE D 365 13.89 -31.44 26.88
N LYS D 366 15.12 -30.93 26.73
CA LYS D 366 15.65 -29.93 27.66
C LYS D 366 14.79 -28.67 27.64
N PHE D 367 14.42 -28.20 26.44
CA PHE D 367 13.56 -27.03 26.32
C PHE D 367 12.20 -27.28 26.97
N ILE D 368 11.62 -28.45 26.75
CA ILE D 368 10.32 -28.77 27.32
C ILE D 368 10.39 -28.79 28.85
N CYS D 369 11.46 -29.38 29.39
CA CYS D 369 11.62 -29.43 30.85
C CYS D 369 11.78 -28.03 31.43
N HIS D 370 12.57 -27.17 30.77
CA HIS D 370 12.72 -25.81 31.26
C HIS D 370 11.39 -25.06 31.24
N THR D 371 10.62 -25.22 30.16
CA THR D 371 9.32 -24.56 30.09
C THR D 371 8.38 -25.06 31.18
N ALA D 372 8.37 -26.37 31.42
CA ALA D 372 7.52 -26.93 32.47
C ALA D 372 7.91 -26.40 33.84
N SER D 373 9.22 -26.30 34.10
CA SER D 373 9.67 -25.76 35.39
C SER D 373 9.24 -24.30 35.56
N TYR D 374 9.37 -23.50 34.51
CA TYR D 374 8.95 -22.10 34.61
C TYR D 374 7.45 -21.99 34.83
N LEU D 375 6.67 -22.82 34.14
CA LEU D 375 5.22 -22.79 34.33
C LEU D 375 4.83 -23.21 35.73
N THR D 376 5.54 -24.20 36.29
CA THR D 376 5.29 -24.59 37.68
C THR D 376 5.60 -23.44 38.63
N PHE D 377 6.69 -22.71 38.38
CA PHE D 377 7.01 -21.56 39.21
C PHE D 377 5.92 -20.50 39.14
N LEU D 378 5.40 -20.25 37.93
CA LEU D 378 4.32 -19.26 37.80
C LEU D 378 3.07 -19.71 38.53
N PHE D 379 2.72 -21.00 38.42
CA PHE D 379 1.53 -21.50 39.12
C PHE D 379 1.69 -21.40 40.63
N MET D 380 2.90 -21.66 41.13
CA MET D 380 3.15 -21.49 42.56
C MET D 380 3.07 -20.02 42.96
N LEU D 381 3.49 -19.11 42.07
CA LEU D 381 3.34 -17.70 42.33
C LEU D 381 1.87 -17.31 42.45
N LEU D 382 1.00 -17.91 41.62
CA LEU D 382 -0.42 -17.58 41.67
C LEU D 382 -1.07 -18.01 42.99
N LEU D 383 -0.49 -18.98 43.70
CA LEU D 383 -1.09 -19.45 44.94
C LEU D 383 -0.77 -18.55 46.13
N ALA D 384 0.22 -17.67 46.01
CA ALA D 384 0.58 -16.81 47.14
C ALA D 384 -0.50 -15.79 47.42
N SER D 385 -1.21 -15.32 46.38
CA SER D 385 -2.25 -14.31 46.57
C SER D 385 -3.50 -14.87 47.23
N GLN D 386 -3.62 -16.19 47.32
CA GLN D 386 -4.79 -16.79 47.93
C GLN D 386 -4.79 -16.53 49.44
N HIS D 387 -5.95 -16.09 49.97
CA HIS D 387 -6.04 -15.75 51.38
C HIS D 387 -5.88 -16.97 52.29
N ILE D 388 -5.98 -18.18 51.74
CA ILE D 388 -5.81 -19.38 52.56
C ILE D 388 -4.38 -19.47 53.08
N VAL D 389 -3.42 -18.91 52.36
CA VAL D 389 -2.03 -18.95 52.80
C VAL D 389 -1.82 -18.05 54.01
N ARG D 390 -2.38 -16.84 53.98
CA ARG D 390 -2.12 -15.84 55.01
C ARG D 390 -3.10 -16.06 56.17
N THR D 391 -2.55 -16.46 57.32
CA THR D 391 -3.40 -16.69 58.49
C THR D 391 -3.83 -15.37 59.12
N ASP D 392 -2.91 -14.43 59.27
CA ASP D 392 -3.20 -13.14 59.88
C ASP D 392 -2.47 -12.05 59.12
N LEU D 393 -3.03 -10.84 59.16
CA LEU D 393 -2.50 -9.71 58.42
C LEU D 393 -2.07 -8.55 59.33
N HIS D 394 -2.02 -8.76 60.64
CA HIS D 394 -1.67 -7.70 61.57
C HIS D 394 -0.31 -7.92 62.24
N VAL D 395 0.51 -8.82 61.69
CA VAL D 395 1.85 -9.06 62.21
C VAL D 395 2.82 -8.16 61.47
N GLN D 396 3.51 -7.29 62.21
CA GLN D 396 4.42 -6.33 61.59
C GLN D 396 5.58 -7.04 60.91
N GLY D 397 6.28 -7.91 61.64
CA GLY D 397 7.28 -8.77 61.05
C GLY D 397 6.81 -10.21 60.99
N PRO D 398 6.40 -10.66 59.82
CA PRO D 398 5.90 -12.03 59.69
C PRO D 398 6.99 -12.98 59.24
N PRO D 399 6.94 -14.24 59.69
CA PRO D 399 7.86 -15.25 59.16
C PRO D 399 7.40 -15.72 57.79
N PRO D 400 8.29 -16.34 57.01
CA PRO D 400 7.88 -16.85 55.70
C PRO D 400 6.83 -17.94 55.83
N THR D 401 5.93 -17.98 54.85
CA THR D 401 4.87 -18.98 54.80
C THR D 401 5.37 -20.22 54.05
N VAL D 402 4.48 -21.19 53.85
CA VAL D 402 4.86 -22.42 53.14
C VAL D 402 5.12 -22.12 51.67
N VAL D 403 4.22 -21.34 51.05
CA VAL D 403 4.36 -21.05 49.63
C VAL D 403 5.65 -20.28 49.35
N GLU D 404 5.99 -19.32 50.22
CA GLU D 404 7.24 -18.59 50.04
C GLU D 404 8.44 -19.51 50.22
N TRP D 405 8.34 -20.46 51.15
CA TRP D 405 9.43 -21.43 51.33
C TRP D 405 9.62 -22.26 50.07
N MET D 406 8.53 -22.67 49.43
CA MET D 406 8.65 -23.40 48.16
C MET D 406 9.22 -22.50 47.07
N ILE D 407 8.87 -21.22 47.08
CA ILE D 407 9.30 -20.30 45.98
C ILE D 407 10.79 -19.93 46.12
N LEU D 408 11.35 -20.04 47.34
CA LEU D 408 12.76 -19.59 47.55
C LEU D 408 13.78 -20.33 46.69
N PRO D 409 13.77 -21.67 46.51
CA PRO D 409 14.79 -22.33 45.68
C PRO D 409 14.76 -21.86 44.21
N TRP D 410 13.58 -21.66 43.64
CA TRP D 410 13.47 -21.19 42.24
C TRP D 410 14.13 -19.80 42.11
N VAL D 411 13.88 -18.92 43.08
CA VAL D 411 14.43 -17.53 43.00
C VAL D 411 15.96 -17.59 43.02
N LEU D 412 16.53 -18.43 43.89
CA LEU D 412 18.01 -18.58 43.96
C LEU D 412 18.51 -19.17 42.63
N GLY D 413 17.78 -20.14 42.08
CA GLY D 413 18.20 -20.79 40.81
C GLY D 413 18.27 -19.79 39.67
N PHE D 414 17.27 -18.91 39.57
CA PHE D 414 17.25 -17.91 38.51
C PHE D 414 18.42 -16.93 38.65
N ILE D 415 18.72 -16.52 39.88
CA ILE D 415 19.83 -15.60 40.10
C ILE D 415 21.15 -16.23 39.68
N TRP D 416 21.37 -17.50 40.06
CA TRP D 416 22.60 -18.18 39.69
C TRP D 416 22.70 -18.37 38.18
N GLY D 417 21.58 -18.72 37.53
CA GLY D 417 21.59 -18.86 36.08
C GLY D 417 21.94 -17.56 35.38
N GLU D 418 21.37 -16.45 35.86
CA GLU D 418 21.64 -15.12 35.22
C GLU D 418 23.09 -14.71 35.49
N ILE D 419 23.62 -15.06 36.67
CA ILE D 419 25.02 -14.76 36.98
C ILE D 419 25.94 -15.55 36.05
N LYS D 420 25.66 -16.83 35.87
CA LYS D 420 26.47 -17.65 34.99
C LYS D 420 26.42 -17.14 33.55
N GLU D 421 25.22 -16.79 33.08
CA GLU D 421 25.05 -16.28 31.70
C GLU D 421 25.89 -15.01 31.54
N MET D 422 25.76 -14.06 32.46
CA MET D 422 26.49 -12.80 32.36
C MET D 422 27.99 -13.02 32.40
N TRP D 423 28.46 -13.84 33.34
CA TRP D 423 29.90 -14.03 33.50
C TRP D 423 30.50 -14.73 32.29
N ASP D 424 29.81 -15.74 31.75
CA ASP D 424 30.35 -16.48 30.63
C ASP D 424 30.32 -15.64 29.35
N GLY D 425 29.19 -14.99 29.07
CA GLY D 425 29.08 -14.25 27.82
C GLY D 425 29.84 -12.94 27.83
N GLY D 426 30.09 -12.40 29.01
CA GLY D 426 30.67 -11.07 29.10
C GLY D 426 29.59 -10.00 29.16
N PHE D 427 30.01 -8.80 29.57
CA PHE D 427 29.06 -7.71 29.74
C PHE D 427 28.45 -7.28 28.41
N THR D 428 29.27 -7.25 27.36
CA THR D 428 28.79 -6.76 26.06
C THR D 428 27.70 -7.65 25.48
N GLU D 429 27.88 -8.97 25.57
CA GLU D 429 26.92 -9.89 24.98
C GLU D 429 25.61 -9.88 25.75
N TYR D 430 25.66 -9.66 27.06
CA TYR D 430 24.46 -9.75 27.88
C TYR D 430 23.44 -8.67 27.52
N ILE D 431 23.91 -7.45 27.20
CA ILE D 431 22.97 -6.30 26.97
C ILE D 431 22.27 -6.42 25.61
N HIS D 432 22.84 -7.16 24.66
CA HIS D 432 22.27 -7.23 23.29
C HIS D 432 20.84 -7.79 23.30
N ASP D 433 20.54 -8.75 24.19
CA ASP D 433 19.22 -9.44 24.18
C ASP D 433 18.03 -8.50 24.38
N TRP D 434 18.13 -7.51 25.29
CA TRP D 434 16.97 -6.66 25.63
C TRP D 434 16.07 -7.44 26.59
N TRP D 435 15.73 -8.69 26.24
CA TRP D 435 14.95 -9.56 27.17
C TRP D 435 15.73 -9.75 28.47
N ASN D 436 17.07 -9.82 28.38
CA ASN D 436 17.92 -10.07 29.58
C ASN D 436 17.76 -8.92 30.59
N LEU D 437 17.58 -7.70 30.12
CA LEU D 437 17.35 -6.54 31.02
C LEU D 437 16.16 -6.87 31.95
N MET D 438 15.05 -7.37 31.41
CA MET D 438 13.89 -7.75 32.21
C MET D 438 14.27 -8.75 33.28
N ASP D 439 15.12 -9.74 32.91
CA ASP D 439 15.57 -10.76 33.89
C ASP D 439 16.33 -10.07 35.02
N PHE D 440 17.22 -9.15 34.69
CA PHE D 440 18.02 -8.45 35.70
C PHE D 440 17.13 -7.63 36.62
N ALA D 441 16.16 -6.91 36.06
CA ALA D 441 15.27 -6.10 36.88
C ALA D 441 14.46 -6.98 37.83
N MET D 442 13.93 -8.09 37.32
CA MET D 442 13.14 -8.98 38.15
C MET D 442 13.97 -9.58 39.28
N ASN D 443 15.21 -10.00 38.98
CA ASN D 443 16.06 -10.57 40.02
C ASN D 443 16.44 -9.53 41.07
N SER D 444 16.73 -8.30 40.63
CA SER D 444 17.04 -7.23 41.58
C SER D 444 15.86 -6.95 42.50
N LEU D 445 14.65 -6.91 41.94
CA LEU D 445 13.47 -6.67 42.76
C LEU D 445 13.26 -7.81 43.76
N TYR D 446 13.48 -9.06 43.34
CA TYR D 446 13.35 -10.17 44.26
C TYR D 446 14.36 -10.09 45.41
N LEU D 447 15.62 -9.74 45.08
CA LEU D 447 16.63 -9.58 46.11
C LEU D 447 16.26 -8.49 47.09
N ALA D 448 15.77 -7.35 46.58
CA ALA D 448 15.33 -6.27 47.45
C ALA D 448 14.19 -6.70 48.35
N THR D 449 13.24 -7.46 47.79
CA THR D 449 12.13 -7.97 48.59
C THR D 449 12.63 -8.85 49.73
N ILE D 450 13.56 -9.76 49.43
CA ILE D 450 14.07 -10.65 50.47
C ILE D 450 14.78 -9.85 51.56
N SER D 451 15.62 -8.89 51.15
CA SER D 451 16.35 -8.10 52.14
C SER D 451 15.41 -7.30 53.03
N LEU D 452 14.40 -6.67 52.42
CA LEU D 452 13.44 -5.89 53.20
C LEU D 452 12.63 -6.77 54.13
N LYS D 453 12.28 -7.98 53.67
CA LYS D 453 11.54 -8.90 54.53
C LYS D 453 12.37 -9.31 55.74
N ILE D 454 13.67 -9.58 55.54
CA ILE D 454 14.53 -9.93 56.67
C ILE D 454 14.66 -8.75 57.63
N VAL D 455 14.82 -7.54 57.09
CA VAL D 455 14.95 -6.36 57.93
C VAL D 455 13.68 -6.16 58.76
N ALA D 456 12.51 -6.32 58.13
CA ALA D 456 11.25 -6.16 58.85
C ALA D 456 11.08 -7.22 59.93
N TYR D 457 11.49 -8.47 59.63
CA TYR D 457 11.42 -9.53 60.63
C TYR D 457 12.29 -9.21 61.83
N VAL D 458 13.51 -8.71 61.58
CA VAL D 458 14.43 -8.44 62.68
C VAL D 458 13.96 -7.25 63.51
N LYS D 459 13.50 -6.19 62.84
CA LYS D 459 13.23 -4.93 63.54
C LYS D 459 11.97 -5.02 64.38
N TYR D 460 10.83 -5.32 63.76
CA TYR D 460 9.55 -5.34 64.46
C TYR D 460 9.26 -6.73 65.03
N ASN D 461 8.79 -6.75 66.28
CA ASN D 461 8.54 -8.01 66.98
C ASN D 461 7.18 -8.01 67.67
N GLY D 462 6.24 -7.22 67.18
CA GLY D 462 4.93 -7.13 67.81
C GLY D 462 3.83 -6.97 66.79
N SER D 463 2.61 -7.32 67.23
CA SER D 463 1.42 -7.16 66.42
C SER D 463 0.84 -5.76 66.59
N ARG D 464 0.31 -5.22 65.52
CA ARG D 464 -0.20 -3.85 65.50
C ARG D 464 -1.27 -3.76 64.43
N PRO D 465 -2.31 -2.95 64.64
CA PRO D 465 -3.31 -2.75 63.58
C PRO D 465 -2.66 -2.20 62.32
N ARG D 466 -3.11 -2.71 61.17
CA ARG D 466 -2.49 -2.32 59.91
C ARG D 466 -2.75 -0.86 59.56
N GLU D 467 -3.90 -0.33 59.96
CA GLU D 467 -4.21 1.07 59.68
C GLU D 467 -3.35 2.03 60.49
N GLU D 468 -2.68 1.55 61.54
CA GLU D 468 -1.79 2.39 62.32
C GLU D 468 -0.37 2.42 61.80
N TRP D 469 -0.03 1.59 60.81
CA TRP D 469 1.30 1.60 60.25
C TRP D 469 1.56 2.89 59.48
N GLU D 470 2.84 3.28 59.43
CA GLU D 470 3.22 4.49 58.73
C GLU D 470 3.29 4.23 57.22
N MET D 471 3.60 5.28 56.48
CA MET D 471 3.61 5.19 55.02
C MET D 471 4.79 4.38 54.51
N TRP D 472 5.95 4.47 55.15
CA TRP D 472 7.16 3.81 54.69
C TRP D 472 7.51 2.58 55.53
N HIS D 473 6.51 1.82 55.94
CA HIS D 473 6.77 0.58 56.66
C HIS D 473 7.48 -0.41 55.75
N PRO D 474 8.46 -1.16 56.25
CA PRO D 474 9.18 -2.10 55.38
C PRO D 474 8.29 -3.19 54.78
N THR D 475 7.27 -3.64 55.51
CA THR D 475 6.40 -4.69 54.99
C THR D 475 5.63 -4.24 53.76
N LEU D 476 5.12 -3.00 53.77
CA LEU D 476 4.40 -2.49 52.61
C LEU D 476 5.29 -2.39 51.39
N ILE D 477 6.53 -1.91 51.57
CA ILE D 477 7.47 -1.81 50.47
C ILE D 477 7.81 -3.19 49.93
N ALA D 478 8.03 -4.16 50.83
CA ALA D 478 8.31 -5.52 50.37
C ALA D 478 7.16 -6.09 49.56
N GLU D 479 5.92 -5.86 50.03
CA GLU D 479 4.76 -6.38 49.29
C GLU D 479 4.63 -5.74 47.92
N ALA D 480 4.85 -4.42 47.84
CA ALA D 480 4.77 -3.74 46.55
C ALA D 480 5.84 -4.26 45.59
N LEU D 481 7.07 -4.43 46.09
CA LEU D 481 8.13 -4.96 45.23
C LEU D 481 7.84 -6.38 44.79
N PHE D 482 7.25 -7.20 45.67
CA PHE D 482 6.88 -8.55 45.29
C PHE D 482 5.82 -8.55 44.19
N ALA D 483 4.84 -7.65 44.29
CA ALA D 483 3.82 -7.57 43.25
C ALA D 483 4.41 -7.14 41.90
N ILE D 484 5.31 -6.15 41.92
CA ILE D 484 5.95 -5.74 40.68
C ILE D 484 6.79 -6.88 40.10
N SER D 485 7.46 -7.64 40.97
CA SER D 485 8.22 -8.79 40.52
C SER D 485 7.32 -9.83 39.88
N ASN D 486 6.13 -10.05 40.45
CA ASN D 486 5.19 -10.99 39.85
C ASN D 486 4.77 -10.54 38.46
N ILE D 487 4.49 -9.23 38.31
CA ILE D 487 4.13 -8.71 36.99
C ILE D 487 5.25 -8.96 35.99
N LEU D 488 6.49 -8.65 36.39
CA LEU D 488 7.61 -8.83 35.48
C LEU D 488 7.84 -10.29 35.14
N SER D 489 7.67 -11.18 36.12
CA SER D 489 7.89 -12.60 35.89
C SER D 489 6.87 -13.17 34.92
N SER D 490 5.60 -12.77 35.06
CA SER D 490 4.57 -13.35 34.20
C SER D 490 4.71 -12.92 32.74
N LEU D 491 5.37 -11.78 32.49
CA LEU D 491 5.50 -11.28 31.12
C LEU D 491 6.63 -11.94 30.34
N ARG D 492 7.42 -12.81 30.96
CA ARG D 492 8.54 -13.43 30.27
C ARG D 492 8.10 -14.55 29.33
N LEU D 493 6.84 -14.99 29.41
CA LEU D 493 6.37 -16.08 28.57
C LEU D 493 6.26 -15.68 27.09
N ILE D 494 6.36 -14.40 26.77
CA ILE D 494 6.30 -13.99 25.37
C ILE D 494 7.51 -14.50 24.61
N SER D 495 8.66 -14.63 25.29
CA SER D 495 9.88 -15.09 24.63
C SER D 495 9.79 -16.53 24.15
N LEU D 496 8.79 -17.29 24.60
CA LEU D 496 8.60 -18.67 24.15
C LEU D 496 7.75 -18.77 22.90
N PHE D 497 7.29 -17.64 22.36
CA PHE D 497 6.45 -17.66 21.16
C PHE D 497 7.25 -17.92 19.89
N THR D 498 8.57 -17.67 19.91
CA THR D 498 9.38 -17.87 18.72
C THR D 498 9.56 -19.34 18.35
N ALA D 499 9.24 -20.26 19.27
CA ALA D 499 9.35 -21.68 18.98
C ALA D 499 8.17 -22.21 18.16
N ASN D 500 7.11 -21.42 18.01
CA ASN D 500 5.93 -21.81 17.27
C ASN D 500 5.91 -21.12 15.91
N SER D 501 5.48 -21.85 14.89
CA SER D 501 5.44 -21.30 13.53
C SER D 501 4.26 -20.37 13.29
N HIS D 502 3.25 -20.38 14.17
CA HIS D 502 2.08 -19.52 14.01
C HIS D 502 2.23 -18.21 14.77
N LEU D 503 2.63 -18.29 16.05
CA LEU D 503 2.75 -17.11 16.89
C LEU D 503 4.14 -16.48 16.84
N GLY D 504 5.08 -17.09 16.15
CA GLY D 504 6.44 -16.59 16.07
C GLY D 504 6.57 -15.32 15.25
N PRO D 505 6.24 -15.40 13.95
CA PRO D 505 6.36 -14.20 13.10
C PRO D 505 5.55 -13.02 13.58
N LEU D 506 4.37 -13.27 14.15
CA LEU D 506 3.58 -12.17 14.70
C LEU D 506 4.29 -11.52 15.89
N GLN D 507 4.87 -12.33 16.77
CA GLN D 507 5.62 -11.77 17.89
C GLN D 507 6.81 -10.95 17.41
N ILE D 508 7.53 -11.45 16.40
CA ILE D 508 8.67 -10.71 15.87
C ILE D 508 8.21 -9.38 15.27
N SER D 509 7.13 -9.42 14.48
CA SER D 509 6.63 -8.21 13.85
C SER D 509 6.17 -7.19 14.88
N LEU D 510 5.51 -7.64 15.94
CA LEU D 510 5.13 -6.72 17.01
C LEU D 510 6.34 -6.15 17.71
N GLY D 511 7.41 -6.96 17.84
CA GLY D 511 8.64 -6.46 18.42
C GLY D 511 9.28 -5.35 17.60
N ARG D 512 9.31 -5.53 16.28
CA ARG D 512 9.91 -4.51 15.42
C ARG D 512 9.09 -3.22 15.35
N MET D 513 7.83 -3.26 15.77
CA MET D 513 6.99 -2.07 15.69
C MET D 513 7.05 -1.21 16.95
N LEU D 514 7.84 -1.59 17.94
CA LEU D 514 7.91 -0.84 19.19
C LEU D 514 8.91 0.31 19.13
N LEU D 515 9.70 0.41 18.06
CA LEU D 515 10.69 1.48 17.97
C LEU D 515 10.05 2.83 17.63
N ASP D 516 9.04 2.82 16.75
CA ASP D 516 8.41 4.07 16.33
C ASP D 516 7.50 4.65 17.40
N ILE D 517 6.89 3.78 18.21
CA ILE D 517 6.00 4.24 19.26
C ILE D 517 6.74 5.12 20.26
N LEU D 518 8.00 4.78 20.56
CA LEU D 518 8.79 5.59 21.47
C LEU D 518 9.09 6.96 20.88
N LYS D 519 9.39 7.02 19.58
CA LYS D 519 9.60 8.29 18.92
C LYS D 519 8.36 9.15 18.99
N PHE D 520 7.18 8.54 18.83
CA PHE D 520 5.93 9.28 18.99
C PHE D 520 5.75 9.76 20.43
N LEU D 521 6.09 8.89 21.39
CA LEU D 521 5.89 9.23 22.79
C LEU D 521 6.76 10.39 23.24
N PHE D 522 7.93 10.56 22.62
CA PHE D 522 8.76 11.72 22.96
C PHE D 522 8.06 13.04 22.64
N ILE D 523 7.49 13.13 21.44
CA ILE D 523 6.75 14.33 21.04
C ILE D 523 5.52 14.53 21.92
N TYR D 524 4.81 13.44 22.21
CA TYR D 524 3.66 13.56 23.11
C TYR D 524 4.10 14.05 24.48
N CYS D 525 5.27 13.61 24.95
CA CYS D 525 5.78 14.06 26.24
C CYS D 525 6.05 15.55 26.23
N LEU D 526 6.61 16.07 25.14
CA LEU D 526 6.80 17.51 25.04
C LEU D 526 5.48 18.25 25.14
N VAL D 527 4.46 17.78 24.40
CA VAL D 527 3.16 18.46 24.42
C VAL D 527 2.56 18.41 25.81
N LEU D 528 2.63 17.24 26.45
CA LEU D 528 2.08 17.07 27.80
C LEU D 528 2.77 17.98 28.80
N LEU D 529 4.10 18.09 28.72
CA LEU D 529 4.83 18.98 29.62
C LEU D 529 4.40 20.43 29.42
N ALA D 530 4.25 20.86 28.17
CA ALA D 530 3.81 22.23 27.90
C ALA D 530 2.47 22.51 28.55
N PHE D 531 1.48 21.65 28.30
CA PHE D 531 0.13 21.94 28.79
C PHE D 531 0.06 21.79 30.32
N ALA D 532 0.82 20.85 30.89
CA ALA D 532 0.85 20.71 32.34
C ALA D 532 1.43 21.95 32.99
N ASN D 533 2.51 22.49 32.43
CA ASN D 533 3.08 23.72 32.98
C ASN D 533 2.08 24.86 32.91
N GLY D 534 1.39 25.00 31.78
CA GLY D 534 0.40 26.07 31.67
C GLY D 534 -0.72 25.96 32.68
N LEU D 535 -1.30 24.75 32.80
CA LEU D 535 -2.42 24.57 33.72
C LEU D 535 -1.99 24.76 35.17
N ASN D 536 -0.81 24.25 35.55
CA ASN D 536 -0.35 24.42 36.92
C ASN D 536 -0.05 25.89 37.22
N GLN D 537 0.48 26.62 36.23
CA GLN D 537 0.69 28.05 36.43
C GLN D 537 -0.63 28.77 36.65
N LEU D 538 -1.67 28.38 35.93
CA LEU D 538 -2.96 29.06 36.09
C LEU D 538 -3.61 28.74 37.44
N TYR D 539 -3.63 27.46 37.84
CA TYR D 539 -4.51 27.01 38.90
C TYR D 539 -3.85 26.87 40.27
N PHE D 540 -2.58 27.25 40.43
CA PHE D 540 -1.90 26.91 41.68
C PHE D 540 -2.28 27.82 42.84
N TYR D 541 -2.98 28.93 42.60
CA TYR D 541 -3.34 29.82 43.69
C TYR D 541 -4.44 29.26 44.57
N TYR D 542 -5.33 28.43 44.02
CA TYR D 542 -6.51 27.96 44.72
C TYR D 542 -6.32 26.61 45.40
N GLU D 543 -5.09 26.29 45.82
CA GLU D 543 -4.84 25.02 46.49
C GLU D 543 -5.55 25.00 47.84
N THR D 544 -6.22 23.88 48.12
CA THR D 544 -6.97 23.70 49.35
C THR D 544 -6.45 22.48 50.09
N ARG D 545 -6.62 22.49 51.42
CA ARG D 545 -6.12 21.43 52.27
C ARG D 545 -7.07 20.24 52.28
N ALA D 546 -6.55 19.10 52.76
CA ALA D 546 -7.36 17.89 52.80
C ALA D 546 -8.47 17.98 53.85
N ILE D 547 -8.26 18.75 54.91
CA ILE D 547 -9.28 18.88 55.96
C ILE D 547 -10.52 19.57 55.41
N ASP D 548 -10.34 20.55 54.51
CA ASP D 548 -11.46 21.32 53.99
C ASP D 548 -12.30 20.54 52.99
N GLU D 549 -11.88 19.35 52.58
CA GLU D 549 -12.61 18.57 51.59
C GLU D 549 -13.37 17.43 52.26
N PRO D 550 -14.49 16.98 51.66
CA PRO D 550 -15.25 15.89 52.26
C PRO D 550 -14.43 14.61 52.31
N ASN D 551 -14.64 13.82 53.37
CA ASN D 551 -13.97 12.55 53.63
C ASN D 551 -12.46 12.69 53.72
N ASN D 552 -11.94 13.92 53.84
CA ASN D 552 -10.50 14.17 53.91
C ASN D 552 -9.78 13.62 52.68
N CYS D 553 -10.26 14.00 51.49
CA CYS D 553 -9.63 13.68 50.22
C CYS D 553 -8.76 14.84 49.77
N LYS D 554 -7.65 14.52 49.12
CA LYS D 554 -6.97 15.44 48.24
C LYS D 554 -6.51 14.67 47.01
N GLY D 555 -6.82 15.19 45.83
CA GLY D 555 -6.37 14.60 44.59
C GLY D 555 -7.53 14.10 43.77
N ILE D 556 -7.22 13.23 42.79
CA ILE D 556 -8.25 12.76 41.83
C ILE D 556 -8.46 11.25 41.94
N ARG D 557 -8.03 10.62 43.03
CA ARG D 557 -8.28 9.17 43.25
C ARG D 557 -9.53 9.02 44.10
N CYS D 558 -10.30 10.10 44.23
CA CYS D 558 -11.50 10.09 45.12
C CYS D 558 -12.79 10.17 44.29
N GLU D 559 -13.93 9.84 44.91
CA GLU D 559 -15.23 9.90 44.21
C GLU D 559 -15.47 11.35 43.77
N LYS D 560 -15.14 12.32 44.62
CA LYS D 560 -15.25 13.74 44.23
C LYS D 560 -13.84 14.26 43.90
N GLN D 561 -13.48 14.35 42.62
CA GLN D 561 -12.10 14.73 42.23
C GLN D 561 -11.85 16.19 42.63
N ASN D 562 -10.66 16.50 43.14
CA ASN D 562 -10.36 17.88 43.60
C ASN D 562 -8.86 18.16 43.50
N ASN D 563 -8.46 19.43 43.55
CA ASN D 563 -7.05 19.82 43.54
C ASN D 563 -6.29 19.11 42.42
N ALA D 564 -6.90 19.09 41.23
CA ALA D 564 -6.32 18.37 40.11
C ALA D 564 -5.13 19.10 39.49
N PHE D 565 -5.10 20.42 39.59
CA PHE D 565 -4.04 21.23 38.98
C PHE D 565 -3.32 22.09 40.00
N SER D 566 -3.22 21.62 41.24
CA SER D 566 -2.58 22.40 42.30
C SER D 566 -1.08 22.25 42.34
N THR D 567 -0.54 21.10 41.93
CA THR D 567 0.90 20.88 41.88
C THR D 567 1.25 20.30 40.51
N LEU D 568 2.55 20.36 40.18
CA LEU D 568 3.00 19.90 38.88
C LEU D 568 2.87 18.39 38.73
N PHE D 569 3.20 17.64 39.79
CA PHE D 569 3.08 16.19 39.74
C PHE D 569 1.63 15.77 39.57
N GLU D 570 0.73 16.38 40.35
CA GLU D 570 -0.69 16.07 40.24
C GLU D 570 -1.24 16.52 38.88
N THR D 571 -0.74 17.64 38.36
CA THR D 571 -1.16 18.08 37.03
C THR D 571 -0.76 17.08 35.96
N LEU D 572 0.46 16.56 36.04
CA LEU D 572 0.90 15.54 35.10
C LEU D 572 0.05 14.29 35.20
N GLN D 573 -0.25 13.85 36.42
CA GLN D 573 -1.11 12.68 36.59
C GLN D 573 -2.51 12.92 36.03
N SER D 574 -3.06 14.12 36.26
CA SER D 574 -4.39 14.44 35.78
C SER D 574 -4.44 14.48 34.26
N LEU D 575 -3.42 15.06 33.63
CA LEU D 575 -3.39 15.12 32.18
C LEU D 575 -3.14 13.73 31.58
N PHE D 576 -2.43 12.86 32.29
CA PHE D 576 -2.25 11.49 31.82
C PHE D 576 -3.57 10.74 31.78
N TRP D 577 -4.41 10.90 32.81
CA TRP D 577 -5.65 10.15 32.92
C TRP D 577 -6.77 10.70 32.04
N SER D 578 -6.59 11.87 31.43
CA SER D 578 -7.60 12.40 30.54
C SER D 578 -7.61 11.70 29.18
N VAL D 579 -6.52 11.02 28.83
CA VAL D 579 -6.48 10.29 27.57
C VAL D 579 -7.49 9.15 27.58
N PHE D 580 -7.71 8.53 28.73
CA PHE D 580 -8.65 7.43 28.87
C PHE D 580 -10.01 7.87 29.38
N GLY D 581 -10.24 9.18 29.49
CA GLY D 581 -11.54 9.68 29.89
C GLY D 581 -11.92 9.47 31.33
N LEU D 582 -10.94 9.35 32.23
CA LEU D 582 -11.19 9.09 33.64
C LEU D 582 -11.13 10.34 34.49
N LEU D 583 -11.11 11.53 33.89
CA LEU D 583 -11.10 12.79 34.60
C LEU D 583 -12.37 13.54 34.30
N ASN D 584 -13.12 13.90 35.34
CA ASN D 584 -14.40 14.58 35.16
C ASN D 584 -14.20 16.03 34.76
N LEU D 585 -15.26 16.62 34.20
CA LEU D 585 -15.19 17.98 33.67
C LEU D 585 -15.36 19.05 34.74
N TYR D 586 -15.78 18.71 35.95
CA TYR D 586 -15.97 19.72 36.98
C TYR D 586 -14.69 20.06 37.72
N VAL D 587 -13.56 19.42 37.40
CA VAL D 587 -12.30 19.70 38.07
C VAL D 587 -11.73 21.06 37.69
N THR D 588 -12.24 21.68 36.63
CA THR D 588 -11.80 23.02 36.25
C THR D 588 -12.53 24.12 37.01
N ASN D 589 -13.51 23.77 37.84
CA ASN D 589 -14.27 24.77 38.57
C ASN D 589 -13.46 25.32 39.74
N VAL D 590 -13.76 26.57 40.11
CA VAL D 590 -13.10 27.26 41.21
C VAL D 590 -14.15 27.57 42.27
N LYS D 591 -13.78 27.34 43.53
CA LYS D 591 -14.70 27.59 44.63
C LYS D 591 -15.08 29.07 44.71
N ALA D 592 -14.12 29.96 44.47
CA ALA D 592 -14.39 31.39 44.52
C ALA D 592 -15.31 31.86 43.41
N ARG D 593 -15.53 31.03 42.39
CA ARG D 593 -16.41 31.34 41.26
C ARG D 593 -15.95 32.61 40.54
N HIS D 594 -14.76 32.51 39.96
CA HIS D 594 -14.21 33.52 39.07
C HIS D 594 -14.40 33.05 37.63
N GLU D 595 -15.12 33.83 36.82
CA GLU D 595 -15.52 33.38 35.50
C GLU D 595 -14.34 33.34 34.53
N PHE D 596 -13.48 34.35 34.56
CA PHE D 596 -12.37 34.42 33.61
C PHE D 596 -11.41 33.25 33.79
N THR D 597 -11.06 32.95 35.04
CA THR D 597 -10.13 31.86 35.31
C THR D 597 -10.69 30.52 34.87
N GLU D 598 -11.96 30.27 35.17
CA GLU D 598 -12.60 29.01 34.77
C GLU D 598 -12.69 28.91 33.25
N PHE D 599 -13.00 30.02 32.58
CA PHE D 599 -13.07 30.01 31.13
C PHE D 599 -11.71 29.68 30.51
N VAL D 600 -10.64 30.30 31.02
CA VAL D 600 -9.32 30.04 30.49
C VAL D 600 -8.91 28.58 30.75
N GLY D 601 -9.18 28.08 31.95
CA GLY D 601 -8.85 26.70 32.26
C GLY D 601 -9.59 25.71 31.39
N ALA D 602 -10.89 25.94 31.18
CA ALA D 602 -11.67 25.05 30.32
C ALA D 602 -11.17 25.10 28.88
N THR D 603 -10.82 26.28 28.39
CA THR D 603 -10.31 26.39 27.03
C THR D 603 -8.98 25.64 26.88
N MET D 604 -8.08 25.78 27.86
CA MET D 604 -6.81 25.06 27.79
C MET D 604 -7.01 23.56 27.86
N PHE D 605 -7.91 23.09 28.72
CA PHE D 605 -8.19 21.66 28.82
C PHE D 605 -8.77 21.13 27.52
N GLY D 606 -9.69 21.87 26.91
CA GLY D 606 -10.27 21.44 25.64
C GLY D 606 -9.25 21.41 24.52
N THR D 607 -8.37 22.40 24.47
CA THR D 607 -7.31 22.41 23.46
C THR D 607 -6.37 21.21 23.63
N TYR D 608 -5.99 20.92 24.88
CA TYR D 608 -5.15 19.76 25.14
C TYR D 608 -5.84 18.48 24.69
N ASN D 609 -7.12 18.33 25.02
CA ASN D 609 -7.85 17.13 24.64
C ASN D 609 -7.92 16.99 23.12
N VAL D 610 -8.22 18.09 22.41
CA VAL D 610 -8.29 18.04 20.96
C VAL D 610 -6.96 17.61 20.37
N ILE D 611 -5.88 18.25 20.79
CA ILE D 611 -4.56 17.94 20.23
C ILE D 611 -4.18 16.49 20.53
N SER D 612 -4.44 16.03 21.76
CA SER D 612 -3.99 14.70 22.15
C SER D 612 -4.80 13.60 21.48
N LEU D 613 -6.13 13.75 21.41
CA LEU D 613 -6.99 12.63 21.03
C LEU D 613 -7.49 12.70 19.59
N VAL D 614 -7.47 13.86 18.95
CA VAL D 614 -7.98 13.98 17.58
C VAL D 614 -6.88 13.96 16.53
N VAL D 615 -5.70 14.49 16.83
CA VAL D 615 -4.61 14.61 15.86
C VAL D 615 -3.58 13.49 16.05
N LEU D 616 -2.99 13.41 17.24
CA LEU D 616 -1.86 12.51 17.46
C LEU D 616 -2.27 11.05 17.32
N LEU D 617 -3.43 10.67 17.84
CA LEU D 617 -3.84 9.27 17.79
C LEU D 617 -4.06 8.82 16.34
N ASN D 618 -4.70 9.65 15.53
CA ASN D 618 -4.92 9.29 14.12
C ASN D 618 -3.61 9.26 13.35
N MET D 619 -2.71 10.22 13.63
CA MET D 619 -1.40 10.19 13.01
C MET D 619 -0.66 8.90 13.35
N LEU D 620 -0.72 8.48 14.62
CA LEU D 620 -0.09 7.24 15.03
C LEU D 620 -0.72 6.03 14.34
N ILE D 621 -2.04 6.05 14.17
CA ILE D 621 -2.71 4.94 13.49
C ILE D 621 -2.19 4.81 12.06
N ALA D 622 -2.12 5.93 11.34
CA ALA D 622 -1.64 5.89 9.96
C ALA D 622 -0.18 5.43 9.89
N MET D 623 0.66 5.95 10.80
CA MET D 623 2.07 5.58 10.80
C MET D 623 2.26 4.09 11.10
N MET D 624 1.48 3.56 12.05
CA MET D 624 1.59 2.14 12.37
C MET D 624 1.08 1.28 11.23
N ASN D 625 0.04 1.72 10.53
CA ASN D 625 -0.40 1.01 9.33
C ASN D 625 0.74 0.90 8.32
N ASN D 626 1.39 2.02 7.99
CA ASN D 626 2.45 1.99 6.95
C ASN D 626 3.60 1.08 7.39
N SER D 627 4.06 1.21 8.65
CA SER D 627 5.23 0.44 9.12
C SER D 627 4.97 -1.07 9.06
N TYR D 628 3.78 -1.52 9.45
CA TYR D 628 3.51 -2.97 9.50
C TYR D 628 3.63 -3.57 8.10
N GLN D 629 3.15 -2.86 7.08
CA GLN D 629 3.16 -3.42 5.70
C GLN D 629 4.60 -3.69 5.26
N LEU D 630 5.51 -2.74 5.53
CA LEU D 630 6.94 -2.93 5.17
C LEU D 630 7.54 -4.10 5.97
N ILE D 631 7.23 -4.17 7.27
CA ILE D 631 7.79 -5.25 8.16
C ILE D 631 7.28 -6.61 7.70
N ALA D 632 6.00 -6.69 7.32
CA ALA D 632 5.39 -7.99 6.96
C ALA D 632 6.18 -8.69 5.85
N ASP D 633 6.87 -7.95 4.99
CA ASP D 633 7.54 -8.60 3.87
C ASP D 633 8.64 -9.53 4.33
N HIS D 634 9.40 -9.13 5.36
CA HIS D 634 10.57 -9.87 5.80
C HIS D 634 10.34 -10.63 7.11
N ALA D 635 9.10 -11.00 7.40
CA ALA D 635 8.80 -11.65 8.67
C ALA D 635 9.45 -13.03 8.77
N ASP D 636 9.46 -13.78 7.66
CA ASP D 636 9.93 -15.17 7.71
C ASP D 636 11.41 -15.25 8.05
N ILE D 637 12.24 -14.43 7.40
CA ILE D 637 13.68 -14.49 7.63
C ILE D 637 14.02 -14.10 9.06
N GLU D 638 13.40 -13.03 9.56
CA GLU D 638 13.67 -12.60 10.93
C GLU D 638 13.21 -13.64 11.94
N TRP D 639 12.04 -14.25 11.71
CA TRP D 639 11.57 -15.29 12.63
C TRP D 639 12.49 -16.50 12.62
N LYS D 640 12.97 -16.89 11.44
CA LYS D 640 13.87 -18.03 11.37
C LYS D 640 15.21 -17.72 12.04
N PHE D 641 15.71 -16.49 11.89
CA PHE D 641 16.92 -16.10 12.59
C PHE D 641 16.72 -16.17 14.10
N ALA D 642 15.59 -15.66 14.59
CA ALA D 642 15.31 -15.69 16.02
C ALA D 642 15.19 -17.11 16.53
N ARG D 643 14.52 -17.98 15.78
CA ARG D 643 14.37 -19.37 16.21
C ARG D 643 15.69 -20.11 16.19
N THR D 644 16.55 -19.80 15.22
CA THR D 644 17.89 -20.38 15.20
C THR D 644 18.68 -19.94 16.43
N LYS D 645 18.57 -18.66 16.80
CA LYS D 645 19.23 -18.19 18.01
C LYS D 645 18.70 -18.90 19.24
N LEU D 646 17.38 -19.11 19.31
CA LEU D 646 16.79 -19.79 20.46
C LEU D 646 17.23 -21.25 20.54
N TRP D 647 17.29 -21.94 19.39
CA TRP D 647 17.63 -23.36 19.39
C TRP D 647 19.05 -23.59 19.87
N MET D 648 19.99 -22.76 19.42
CA MET D 648 21.41 -23.01 19.70
C MET D 648 21.74 -22.86 21.18
N SER D 649 20.91 -22.15 21.95
CA SER D 649 21.18 -21.99 23.37
C SER D 649 20.98 -23.29 24.16
N TYR D 650 20.27 -24.27 23.58
CA TYR D 650 20.06 -25.54 24.23
C TYR D 650 20.97 -26.65 23.72
N PHE D 651 21.87 -26.33 22.77
CA PHE D 651 22.80 -27.34 22.29
C PHE D 651 23.91 -27.59 23.30
N ASP D 652 24.34 -26.56 24.01
CA ASP D 652 25.44 -26.69 24.96
C ASP D 652 25.02 -27.51 26.17
N GLU D 653 26.03 -28.03 26.89
CA GLU D 653 25.82 -28.86 28.06
C GLU D 653 25.86 -28.09 29.37
N GLY D 654 26.08 -26.78 29.33
CA GLY D 654 26.23 -26.02 30.56
C GLY D 654 24.97 -25.94 31.38
N GLY D 655 23.83 -25.68 30.74
CA GLY D 655 22.59 -25.42 31.44
C GLY D 655 21.57 -26.54 31.38
N THR D 656 22.04 -27.78 31.55
CA THR D 656 21.13 -28.92 31.42
C THR D 656 20.04 -28.92 32.47
N LEU D 657 20.41 -28.69 33.74
CA LEU D 657 19.40 -28.81 34.84
C LEU D 657 18.50 -27.59 34.93
N PRO D 658 17.20 -27.77 35.22
CA PRO D 658 16.25 -26.65 35.35
C PRO D 658 16.49 -25.90 36.67
N PRO D 659 15.88 -24.73 36.93
CA PRO D 659 16.20 -23.91 38.11
C PRO D 659 16.10 -24.45 39.55
N PRO D 660 15.14 -25.31 39.97
CA PRO D 660 15.14 -25.79 41.34
C PRO D 660 16.41 -26.63 41.60
N PHE D 661 16.80 -27.45 40.61
CA PHE D 661 17.84 -28.49 40.76
C PHE D 661 19.23 -27.95 40.41
N ASN D 662 19.31 -26.77 39.79
CA ASN D 662 20.62 -26.22 39.36
C ASN D 662 21.51 -25.90 40.57
N ILE D 663 20.92 -25.41 41.66
CA ILE D 663 21.73 -24.97 42.85
C ILE D 663 22.19 -26.17 43.69
N ILE D 664 21.70 -27.39 43.41
CA ILE D 664 22.05 -28.52 44.26
C ILE D 664 23.51 -28.92 44.04
N SER D 706 44.24 -29.95 12.20
CA SER D 706 44.13 -28.56 11.77
C SER D 706 44.48 -28.42 10.29
N LEU D 707 45.54 -29.09 9.87
CA LEU D 707 45.92 -29.06 8.46
C LEU D 707 45.03 -29.96 7.61
N ILE D 708 44.59 -31.09 8.16
CA ILE D 708 43.73 -32.00 7.40
C ILE D 708 42.35 -31.37 7.19
N GLN D 709 41.84 -30.67 8.21
CA GLN D 709 40.53 -30.04 8.07
C GLN D 709 40.58 -28.84 7.15
N ASN D 710 41.76 -28.21 7.01
CA ASN D 710 41.89 -27.09 6.09
C ASN D 710 41.95 -27.54 4.64
N GLN D 711 42.60 -28.69 4.39
CA GLN D 711 42.69 -29.21 3.03
C GLN D 711 41.32 -29.58 2.50
N HIS D 712 40.48 -30.21 3.34
CA HIS D 712 39.13 -30.56 2.92
C HIS D 712 38.29 -29.31 2.65
N TYR D 713 38.45 -28.28 3.49
CA TYR D 713 37.68 -27.05 3.31
C TYR D 713 38.05 -26.35 2.01
N GLN D 714 39.34 -26.30 1.68
CA GLN D 714 39.76 -25.66 0.44
C GLN D 714 39.29 -26.43 -0.78
N GLU D 715 39.15 -27.76 -0.66
CA GLU D 715 38.60 -28.55 -1.75
C GLU D 715 37.15 -28.20 -2.01
N VAL D 716 36.34 -28.10 -0.95
CA VAL D 716 34.93 -27.80 -1.10
C VAL D 716 34.73 -26.38 -1.62
N ILE D 717 35.54 -25.44 -1.12
CA ILE D 717 35.44 -24.05 -1.57
C ILE D 717 35.75 -23.94 -3.06
N ARG D 718 36.71 -24.75 -3.53
CA ARG D 718 37.07 -24.73 -4.95
C ARG D 718 35.88 -25.12 -5.82
N ASN D 719 35.12 -26.14 -5.42
CA ASN D 719 33.98 -26.59 -6.21
C ASN D 719 32.85 -25.55 -6.20
N LEU D 720 32.58 -24.97 -5.04
CA LEU D 720 31.48 -23.99 -4.95
C LEU D 720 31.77 -22.76 -5.80
N VAL D 721 33.01 -22.28 -5.81
CA VAL D 721 33.35 -21.09 -6.58
C VAL D 721 33.20 -21.37 -8.08
N LYS D 722 33.62 -22.56 -8.51
CA LYS D 722 33.53 -22.90 -9.93
C LYS D 722 32.07 -22.95 -10.39
N ARG D 723 31.19 -23.52 -9.57
CA ARG D 723 29.77 -23.56 -9.92
C ARG D 723 29.17 -22.15 -9.92
N TYR D 724 29.56 -21.32 -8.96
CA TYR D 724 29.00 -19.97 -8.87
C TYR D 724 29.40 -19.13 -10.09
N VAL D 725 30.65 -19.26 -10.54
CA VAL D 725 31.12 -18.47 -11.66
C VAL D 725 30.34 -18.81 -12.92
N ALA D 726 30.13 -20.10 -13.18
CA ALA D 726 29.41 -20.52 -14.37
C ALA D 726 27.97 -20.03 -14.37
N ALA D 727 27.31 -20.07 -13.20
CA ALA D 727 25.91 -19.66 -13.12
C ALA D 727 25.74 -18.18 -13.45
N MET D 728 26.62 -17.33 -12.91
CA MET D 728 26.51 -15.90 -13.16
C MET D 728 26.94 -15.54 -14.58
N ILE D 729 27.83 -16.33 -15.18
CA ILE D 729 28.21 -16.11 -16.57
C ILE D 729 27.02 -16.37 -17.48
N ARG D 730 26.19 -17.37 -17.14
CA ARG D 730 25.07 -17.74 -17.99
C ARG D 730 24.13 -16.58 -18.24
N ASN D 731 23.76 -15.86 -17.18
CA ASN D 731 22.83 -14.74 -17.34
C ASN D 731 23.44 -13.62 -18.16
N SER D 732 24.73 -13.35 -17.97
CA SER D 732 25.38 -12.30 -18.74
C SER D 732 25.64 -12.73 -20.18
N LYS D 733 26.18 -13.92 -20.41
CA LYS D 733 26.75 -14.23 -21.77
C LYS D 733 25.91 -14.79 -22.91
N THR D 734 24.98 -15.72 -22.69
CA THR D 734 24.36 -16.43 -23.85
C THR D 734 23.71 -15.50 -24.89
N HIS D 735 22.86 -14.56 -24.49
CA HIS D 735 22.16 -13.75 -25.51
C HIS D 735 23.17 -12.93 -26.31
N GLU D 736 24.12 -12.30 -25.60
CA GLU D 736 25.09 -11.42 -26.30
C GLU D 736 25.89 -12.28 -27.28
N GLY D 737 26.35 -13.45 -26.83
CA GLY D 737 27.19 -14.28 -27.71
C GLY D 737 26.42 -14.66 -28.95
N LEU D 738 25.16 -15.09 -28.78
CA LEU D 738 24.41 -15.57 -29.96
C LEU D 738 24.25 -14.39 -30.92
N THR D 739 23.88 -13.22 -30.40
CA THR D 739 23.62 -12.08 -31.32
C THR D 739 24.90 -11.74 -32.08
N GLU D 740 26.03 -11.69 -31.36
CA GLU D 740 27.30 -11.28 -32.02
C GLU D 740 27.66 -12.30 -33.11
N GLU D 741 27.54 -13.59 -32.80
CA GLU D 741 27.95 -14.63 -33.79
C GLU D 741 27.05 -14.48 -35.01
N ASN D 742 25.78 -14.14 -34.87
CA ASN D 742 24.93 -14.10 -36.10
C ASN D 742 25.46 -13.08 -37.11
N PHE D 743 25.30 -11.78 -36.80
CA PHE D 743 25.66 -10.73 -37.79
C PHE D 743 27.13 -10.79 -38.19
N LYS D 744 28.04 -11.01 -37.24
CA LYS D 744 29.49 -10.98 -37.60
C LYS D 744 29.77 -12.11 -38.60
N GLU D 745 29.24 -13.31 -38.34
CA GLU D 745 29.50 -14.47 -39.24
C GLU D 745 28.88 -14.15 -40.61
N LEU D 746 27.70 -13.53 -40.60
CA LEU D 746 27.01 -13.20 -41.88
C LEU D 746 27.82 -12.18 -42.70
N LYS D 747 28.48 -11.21 -42.06
CA LYS D 747 29.15 -10.12 -42.84
C LYS D 747 30.58 -10.41 -43.32
N GLN D 748 31.15 -11.59 -43.06
CA GLN D 748 32.58 -11.77 -43.45
C GLN D 748 32.68 -12.97 -44.41
N ASP D 749 31.95 -14.04 -44.13
CA ASP D 749 31.97 -15.25 -44.99
C ASP D 749 31.43 -14.87 -46.38
N ILE D 750 30.36 -14.07 -46.43
CA ILE D 750 29.76 -13.66 -47.73
C ILE D 750 30.80 -12.82 -48.50
N SER D 751 31.50 -11.94 -47.79
CA SER D 751 32.55 -11.10 -48.44
C SER D 751 33.66 -12.00 -49.00
N SER D 752 34.05 -13.03 -48.24
CA SER D 752 35.09 -13.97 -48.71
C SER D 752 34.60 -14.72 -49.96
N PHE D 753 33.33 -15.11 -49.98
CA PHE D 753 32.74 -15.81 -51.15
C PHE D 753 32.74 -14.86 -52.35
#